data_2JPQ
#
_entry.id   2JPQ
#
_entity_poly.entity_id   1
_entity_poly.type   'polypeptide(L)'
_entity_poly.pdbx_seq_one_letter_code
;MPITSKYTDEQVEKILAEVALVLEKHAASPELTLMIAGNIATNVLNQRVAASQRKLIAEKFAQALMSSLETPKTHLEHHH
HHH
;
_entity_poly.pdbx_strand_id   A,B
#
# COMPACT_ATOMS: atom_id res chain seq x y z
N MET A 1 14.35 -1.96 6.59
CA MET A 1 15.02 -3.00 5.78
C MET A 1 15.45 -2.43 4.43
N PRO A 2 16.66 -2.78 3.97
CA PRO A 2 17.24 -2.21 2.75
C PRO A 2 16.81 -2.90 1.46
N ILE A 3 15.65 -3.54 1.48
CA ILE A 3 15.15 -4.22 0.28
C ILE A 3 14.15 -3.34 -0.46
N THR A 4 14.07 -3.53 -1.78
CA THR A 4 13.14 -2.78 -2.64
C THR A 4 13.59 -1.33 -2.85
N SER A 5 14.25 -0.75 -1.86
CA SER A 5 14.67 0.63 -1.94
C SER A 5 15.92 0.80 -2.80
N LYS A 6 17.09 0.83 -2.16
CA LYS A 6 18.37 1.05 -2.85
C LYS A 6 18.47 2.50 -3.37
N TYR A 7 17.35 3.20 -3.38
CA TYR A 7 17.31 4.57 -3.86
C TYR A 7 17.76 5.54 -2.78
N THR A 8 18.10 6.75 -3.19
CA THR A 8 18.53 7.78 -2.26
C THR A 8 17.37 8.16 -1.32
N ASP A 9 17.63 8.10 -0.02
CA ASP A 9 16.60 8.42 0.97
C ASP A 9 16.20 9.88 0.89
N GLU A 10 17.15 10.75 0.53
CA GLU A 10 16.87 12.15 0.24
C GLU A 10 15.75 12.24 -0.79
N GLN A 11 15.93 11.55 -1.90
CA GLN A 11 14.95 11.51 -2.96
C GLN A 11 13.61 10.96 -2.45
N VAL A 12 13.65 9.77 -1.87
CA VAL A 12 12.44 9.10 -1.40
C VAL A 12 11.68 9.95 -0.40
N GLU A 13 12.39 10.46 0.60
CA GLU A 13 11.76 11.23 1.68
C GLU A 13 11.05 12.46 1.15
N LYS A 14 11.68 13.16 0.21
CA LYS A 14 11.10 14.37 -0.35
C LYS A 14 9.87 14.04 -1.19
N ILE A 15 9.87 12.89 -1.86
CA ILE A 15 8.71 12.45 -2.62
C ILE A 15 7.59 12.09 -1.67
N LEU A 16 7.94 11.36 -0.60
CA LEU A 16 6.98 10.99 0.42
C LEU A 16 6.32 12.22 1.02
N ALA A 17 7.14 13.26 1.26
CA ALA A 17 6.64 14.52 1.80
C ALA A 17 5.57 15.12 0.90
N GLU A 18 5.82 15.13 -0.41
CA GLU A 18 4.86 15.68 -1.35
C GLU A 18 3.63 14.79 -1.49
N VAL A 19 3.83 13.49 -1.46
CA VAL A 19 2.72 12.53 -1.55
C VAL A 19 1.81 12.66 -0.33
N ALA A 20 2.42 12.68 0.86
CA ALA A 20 1.67 12.83 2.10
C ALA A 20 1.05 14.23 2.18
N LEU A 21 1.69 15.19 1.54
CA LEU A 21 1.19 16.56 1.49
C LEU A 21 -0.17 16.58 0.79
N VAL A 22 -0.31 15.80 -0.28
CA VAL A 22 -1.56 15.74 -1.03
C VAL A 22 -2.67 15.16 -0.16
N LEU A 23 -2.32 14.20 0.69
CA LEU A 23 -3.27 13.58 1.58
C LEU A 23 -3.70 14.55 2.68
N GLU A 24 -2.72 15.27 3.23
CA GLU A 24 -3.00 16.30 4.23
C GLU A 24 -3.77 17.45 3.59
N LYS A 25 -3.42 17.75 2.36
CA LYS A 25 -4.05 18.80 1.56
C LYS A 25 -5.55 18.58 1.43
N HIS A 26 -5.94 17.31 1.28
CA HIS A 26 -7.34 16.97 1.09
C HIS A 26 -7.95 16.42 2.37
N ALA A 27 -7.23 16.55 3.49
CA ALA A 27 -7.70 16.09 4.80
C ALA A 27 -8.07 14.61 4.78
N ALA A 28 -7.23 13.81 4.13
CA ALA A 28 -7.48 12.38 3.99
C ALA A 28 -7.52 11.68 5.34
N SER A 29 -8.63 11.01 5.59
CA SER A 29 -8.81 10.24 6.82
C SER A 29 -8.02 8.93 6.73
N PRO A 30 -7.78 8.24 7.87
CA PRO A 30 -6.98 7.01 7.92
C PRO A 30 -7.33 5.98 6.83
N GLU A 31 -8.60 5.59 6.75
CA GLU A 31 -9.00 4.58 5.76
C GLU A 31 -8.77 5.10 4.34
N LEU A 32 -9.10 6.36 4.10
CA LEU A 32 -8.85 6.97 2.80
C LEU A 32 -7.36 6.92 2.48
N THR A 33 -6.57 7.32 3.45
CA THR A 33 -5.11 7.32 3.33
C THR A 33 -4.59 5.94 2.89
N LEU A 34 -5.02 4.91 3.61
CA LEU A 34 -4.54 3.57 3.39
C LEU A 34 -5.15 2.98 2.10
N MET A 35 -6.38 3.37 1.80
CA MET A 35 -7.04 2.93 0.58
C MET A 35 -6.39 3.59 -0.64
N ILE A 36 -5.89 4.80 -0.47
CA ILE A 36 -5.09 5.44 -1.51
C ILE A 36 -3.87 4.60 -1.81
N ALA A 37 -3.18 4.17 -0.75
CA ALA A 37 -2.02 3.30 -0.88
C ALA A 37 -2.38 2.00 -1.59
N GLY A 38 -3.55 1.45 -1.25
CA GLY A 38 -4.02 0.25 -1.90
C GLY A 38 -4.21 0.43 -3.39
N ASN A 39 -4.85 1.52 -3.77
CA ASN A 39 -5.06 1.83 -5.18
C ASN A 39 -3.73 2.01 -5.89
N ILE A 40 -2.77 2.62 -5.21
CA ILE A 40 -1.42 2.78 -5.75
C ILE A 40 -0.82 1.41 -6.05
N ALA A 41 -0.78 0.54 -5.04
CA ALA A 41 -0.23 -0.80 -5.20
C ALA A 41 -0.98 -1.58 -6.27
N THR A 42 -2.29 -1.44 -6.29
CA THR A 42 -3.13 -2.08 -7.28
C THR A 42 -2.73 -1.66 -8.70
N ASN A 43 -2.61 -0.35 -8.91
CA ASN A 43 -2.22 0.19 -10.21
C ASN A 43 -0.84 -0.33 -10.62
N VAL A 44 0.08 -0.37 -9.66
CA VAL A 44 1.41 -0.91 -9.92
C VAL A 44 1.29 -2.39 -10.30
N LEU A 45 0.49 -3.13 -9.56
CA LEU A 45 0.30 -4.56 -9.81
C LEU A 45 -0.46 -4.80 -11.12
N ASN A 46 -1.04 -3.76 -11.69
CA ASN A 46 -1.75 -3.90 -12.96
C ASN A 46 -0.87 -3.51 -14.14
N GLN A 47 -0.35 -2.29 -14.12
CA GLN A 47 0.32 -1.75 -15.31
C GLN A 47 1.84 -1.68 -15.17
N ARG A 48 2.35 -1.64 -13.95
CA ARG A 48 3.77 -1.36 -13.74
C ARG A 48 4.60 -2.62 -13.50
N VAL A 49 4.07 -3.56 -12.74
CA VAL A 49 4.83 -4.75 -12.36
C VAL A 49 4.69 -5.83 -13.44
N ALA A 50 5.55 -6.83 -13.38
CA ALA A 50 5.50 -7.96 -14.30
C ALA A 50 4.50 -8.99 -13.79
N ALA A 51 3.93 -9.77 -14.69
CA ALA A 51 2.99 -10.82 -14.31
C ALA A 51 3.64 -11.87 -13.42
N SER A 52 4.79 -12.37 -13.86
CA SER A 52 5.52 -13.37 -13.09
C SER A 52 6.03 -12.78 -11.77
N GLN A 53 6.36 -11.49 -11.80
CA GLN A 53 6.90 -10.81 -10.65
C GLN A 53 5.79 -10.32 -9.73
N ARG A 54 4.56 -10.47 -10.20
CA ARG A 54 3.39 -9.82 -9.59
C ARG A 54 3.09 -10.38 -8.20
N LYS A 55 2.82 -11.68 -8.13
CA LYS A 55 2.45 -12.29 -6.86
C LYS A 55 3.59 -12.19 -5.85
N LEU A 56 4.82 -12.34 -6.33
CA LEU A 56 5.99 -12.25 -5.46
C LEU A 56 6.10 -10.83 -4.89
N ILE A 57 6.04 -9.84 -5.77
CA ILE A 57 6.17 -8.45 -5.36
C ILE A 57 5.01 -8.02 -4.46
N ALA A 58 3.84 -8.62 -4.68
CA ALA A 58 2.69 -8.37 -3.83
C ALA A 58 2.91 -8.95 -2.43
N GLU A 59 3.39 -10.19 -2.36
CA GLU A 59 3.71 -10.83 -1.09
C GLU A 59 4.84 -10.06 -0.40
N LYS A 60 5.83 -9.67 -1.18
CA LYS A 60 6.95 -8.87 -0.68
C LYS A 60 6.44 -7.61 -0.01
N PHE A 61 5.49 -6.96 -0.67
CA PHE A 61 4.90 -5.73 -0.16
C PHE A 61 4.15 -6.00 1.15
N ALA A 62 3.32 -7.04 1.16
CA ALA A 62 2.52 -7.36 2.32
C ALA A 62 3.40 -7.72 3.52
N GLN A 63 4.42 -8.53 3.27
CA GLN A 63 5.33 -8.95 4.34
C GLN A 63 6.13 -7.77 4.87
N ALA A 64 6.55 -6.88 3.98
CA ALA A 64 7.26 -5.67 4.37
C ALA A 64 6.35 -4.76 5.18
N LEU A 65 5.06 -4.79 4.86
CA LEU A 65 4.08 -3.99 5.56
C LEU A 65 3.80 -4.56 6.94
N MET A 66 3.76 -5.89 7.04
CA MET A 66 3.52 -6.57 8.31
C MET A 66 4.64 -6.29 9.30
N SER A 67 5.86 -6.22 8.78
CA SER A 67 7.03 -5.99 9.60
C SER A 67 7.17 -4.50 9.95
N SER A 68 6.62 -3.64 9.10
CA SER A 68 6.59 -2.22 9.36
C SER A 68 5.42 -1.86 10.26
N LEU A 69 4.49 -2.81 10.40
CA LEU A 69 3.40 -2.68 11.34
C LEU A 69 3.94 -2.83 12.75
N GLU A 70 4.18 -1.70 13.40
CA GLU A 70 4.90 -1.72 14.66
C GLU A 70 3.95 -1.68 15.86
N THR A 71 3.48 -2.86 16.23
CA THR A 71 2.81 -3.05 17.50
C THR A 71 3.85 -3.41 18.55
N PRO A 72 3.53 -3.28 19.85
CA PRO A 72 4.45 -3.67 20.93
C PRO A 72 4.89 -5.13 20.80
N LYS A 73 6.13 -5.33 20.36
CA LYS A 73 6.65 -6.67 20.14
C LYS A 73 7.59 -7.08 21.26
N THR A 74 7.08 -7.98 22.09
CA THR A 74 7.87 -8.65 23.10
C THR A 74 8.48 -7.67 24.11
N HIS A 75 7.74 -7.39 25.16
CA HIS A 75 8.24 -6.52 26.22
C HIS A 75 9.24 -7.29 27.07
N LEU A 76 10.47 -6.81 27.11
CA LEU A 76 11.54 -7.47 27.85
C LEU A 76 11.30 -7.38 29.35
N GLU A 77 11.44 -8.51 30.03
CA GLU A 77 11.34 -8.54 31.48
C GLU A 77 12.34 -9.54 32.05
N HIS A 78 12.59 -9.47 33.34
CA HIS A 78 13.60 -10.30 33.96
C HIS A 78 13.05 -10.96 35.24
N HIS A 79 11.83 -11.48 35.15
CA HIS A 79 11.17 -12.06 36.32
C HIS A 79 10.56 -13.41 36.00
N HIS A 80 10.36 -13.69 34.71
CA HIS A 80 9.61 -14.86 34.22
C HIS A 80 8.33 -15.02 35.04
N HIS A 81 7.66 -13.90 35.23
CA HIS A 81 6.51 -13.83 36.13
C HIS A 81 5.25 -14.33 35.43
N HIS A 82 4.33 -14.89 36.22
CA HIS A 82 3.07 -15.35 35.68
C HIS A 82 1.94 -14.42 36.10
N HIS A 83 0.90 -14.35 35.28
CA HIS A 83 -0.25 -13.52 35.58
C HIS A 83 -1.47 -14.06 34.83
N MET B 1 -19.97 -1.24 -1.99
CA MET B 1 -19.56 -2.03 -0.80
C MET B 1 -18.87 -1.13 0.22
N PRO B 2 -19.56 -0.82 1.33
CA PRO B 2 -19.08 0.10 2.34
C PRO B 2 -18.13 -0.55 3.35
N ILE B 3 -17.19 -1.34 2.85
CA ILE B 3 -16.19 -1.97 3.71
C ILE B 3 -15.17 -0.94 4.17
N THR B 4 -15.08 0.14 3.41
CA THR B 4 -14.25 1.27 3.76
C THR B 4 -15.17 2.48 3.95
N SER B 5 -14.77 3.44 4.78
CA SER B 5 -15.53 4.66 5.00
C SER B 5 -15.94 5.28 3.67
N LYS B 6 -17.20 5.66 3.55
CA LYS B 6 -17.74 6.17 2.30
C LYS B 6 -17.31 7.61 2.06
N TYR B 7 -16.14 7.76 1.47
CA TYR B 7 -15.67 9.06 1.03
C TYR B 7 -16.21 9.34 -0.37
N THR B 8 -16.20 10.60 -0.78
CA THR B 8 -16.61 10.96 -2.12
C THR B 8 -15.77 10.21 -3.16
N ASP B 9 -16.44 9.46 -4.02
CA ASP B 9 -15.78 8.61 -5.01
C ASP B 9 -14.90 9.42 -5.97
N GLU B 10 -15.46 10.50 -6.50
CA GLU B 10 -14.74 11.37 -7.41
C GLU B 10 -13.55 12.02 -6.68
N GLN B 11 -13.74 12.28 -5.38
CA GLN B 11 -12.69 12.87 -4.56
C GLN B 11 -11.49 11.93 -4.48
N VAL B 12 -11.77 10.64 -4.24
CA VAL B 12 -10.73 9.63 -4.19
C VAL B 12 -9.94 9.60 -5.49
N GLU B 13 -10.67 9.63 -6.60
CA GLU B 13 -10.05 9.67 -7.93
C GLU B 13 -9.12 10.87 -8.06
N LYS B 14 -9.59 12.03 -7.63
CA LYS B 14 -8.83 13.26 -7.74
C LYS B 14 -7.58 13.23 -6.88
N ILE B 15 -7.71 12.66 -5.68
CA ILE B 15 -6.56 12.51 -4.80
C ILE B 15 -5.52 11.59 -5.44
N LEU B 16 -5.99 10.47 -5.97
CA LEU B 16 -5.12 9.52 -6.66
C LEU B 16 -4.39 10.19 -7.83
N ALA B 17 -5.12 11.02 -8.56
CA ALA B 17 -4.55 11.73 -9.71
C ALA B 17 -3.40 12.63 -9.29
N GLU B 18 -3.59 13.38 -8.21
CA GLU B 18 -2.54 14.27 -7.72
C GLU B 18 -1.36 13.49 -7.16
N VAL B 19 -1.64 12.36 -6.50
CA VAL B 19 -0.58 11.49 -6.00
C VAL B 19 0.24 10.94 -7.15
N ALA B 20 -0.45 10.46 -8.19
CA ALA B 20 0.22 9.94 -9.38
C ALA B 20 1.01 11.03 -10.09
N LEU B 21 0.52 12.26 -9.99
CA LEU B 21 1.21 13.40 -10.56
C LEU B 21 2.54 13.62 -9.85
N VAL B 22 2.55 13.44 -8.53
CA VAL B 22 3.77 13.59 -7.74
C VAL B 22 4.76 12.49 -8.11
N LEU B 23 4.25 11.31 -8.38
CA LEU B 23 5.07 10.18 -8.81
C LEU B 23 5.76 10.52 -10.14
N GLU B 24 4.99 11.02 -11.08
CA GLU B 24 5.52 11.47 -12.37
C GLU B 24 6.47 12.65 -12.16
N LYS B 25 6.10 13.53 -11.25
CA LYS B 25 6.87 14.73 -10.95
C LYS B 25 8.30 14.39 -10.50
N HIS B 26 8.51 13.17 -10.04
CA HIS B 26 9.83 12.73 -9.61
C HIS B 26 10.28 11.46 -10.35
N ALA B 27 9.55 11.12 -11.42
CA ALA B 27 9.87 9.96 -12.24
C ALA B 27 10.00 8.68 -11.41
N ALA B 28 9.07 8.48 -10.49
CA ALA B 28 9.11 7.36 -9.56
C ALA B 28 8.97 6.02 -10.29
N SER B 29 9.91 5.12 -10.03
CA SER B 29 9.89 3.78 -10.59
C SER B 29 8.76 2.96 -9.97
N PRO B 30 8.37 1.82 -10.58
CA PRO B 30 7.35 0.93 -10.04
C PRO B 30 7.65 0.53 -8.60
N GLU B 31 8.88 0.11 -8.35
CA GLU B 31 9.31 -0.28 -7.02
C GLU B 31 9.21 0.90 -6.05
N LEU B 32 9.76 2.05 -6.44
CA LEU B 32 9.70 3.24 -5.61
C LEU B 32 8.25 3.62 -5.33
N THR B 33 7.43 3.60 -6.38
CA THR B 33 6.01 3.91 -6.28
C THR B 33 5.32 3.00 -5.27
N LEU B 34 5.50 1.70 -5.44
CA LEU B 34 4.83 0.73 -4.60
C LEU B 34 5.37 0.79 -3.17
N MET B 35 6.66 1.08 -3.04
CA MET B 35 7.28 1.24 -1.73
C MET B 35 6.76 2.52 -1.06
N ILE B 36 6.47 3.53 -1.86
CA ILE B 36 5.86 4.76 -1.36
C ILE B 36 4.48 4.46 -0.76
N ALA B 37 3.71 3.64 -1.47
CA ALA B 37 2.41 3.19 -0.96
C ALA B 37 2.59 2.46 0.36
N GLY B 38 3.66 1.68 0.45
CA GLY B 38 4.00 0.99 1.68
C GLY B 38 4.27 1.97 2.81
N ASN B 39 5.07 2.99 2.53
CA ASN B 39 5.37 4.04 3.50
C ASN B 39 4.08 4.71 3.98
N ILE B 40 3.16 4.94 3.07
CA ILE B 40 1.86 5.51 3.41
C ILE B 40 1.15 4.65 4.44
N ALA B 41 0.92 3.38 4.09
CA ALA B 41 0.24 2.44 4.97
C ALA B 41 0.97 2.29 6.29
N THR B 42 2.30 2.31 6.22
CA THR B 42 3.13 2.21 7.42
C THR B 42 2.83 3.36 8.37
N ASN B 43 2.80 4.58 7.85
CA ASN B 43 2.50 5.76 8.67
C ASN B 43 1.10 5.68 9.24
N VAL B 44 0.18 5.12 8.46
CA VAL B 44 -1.18 4.89 8.93
C VAL B 44 -1.16 3.96 10.12
N LEU B 45 -0.50 2.81 9.96
CA LEU B 45 -0.46 1.80 11.01
C LEU B 45 0.38 2.25 12.20
N ASN B 46 1.13 3.32 12.03
CA ASN B 46 2.00 3.79 13.10
C ASN B 46 1.42 4.97 13.89
N GLN B 47 0.73 5.89 13.23
CA GLN B 47 0.41 7.16 13.88
C GLN B 47 -0.94 7.67 13.42
N ARG B 48 -1.84 6.75 13.10
CA ARG B 48 -3.06 7.15 12.44
C ARG B 48 -4.20 6.15 12.67
N VAL B 49 -3.92 4.86 12.50
CA VAL B 49 -4.94 3.83 12.65
C VAL B 49 -5.09 3.40 14.11
N ALA B 50 -6.18 2.72 14.41
CA ALA B 50 -6.41 2.17 15.74
C ALA B 50 -5.61 0.88 15.93
N ALA B 51 -5.02 0.71 17.11
CA ALA B 51 -4.27 -0.49 17.44
C ALA B 51 -5.12 -1.75 17.25
N SER B 52 -6.37 -1.70 17.71
CA SER B 52 -7.29 -2.83 17.60
C SER B 52 -7.69 -3.06 16.15
N GLN B 53 -7.75 -1.98 15.38
CA GLN B 53 -8.15 -2.04 13.98
C GLN B 53 -6.96 -2.41 13.11
N ARG B 54 -5.78 -2.28 13.69
CA ARG B 54 -4.52 -2.33 12.94
C ARG B 54 -4.33 -3.64 12.18
N LYS B 55 -4.48 -4.77 12.85
CA LYS B 55 -4.29 -6.06 12.19
C LYS B 55 -5.47 -6.41 11.28
N LEU B 56 -6.66 -5.97 11.68
CA LEU B 56 -7.87 -6.26 10.90
C LEU B 56 -7.83 -5.48 9.59
N ILE B 57 -7.59 -4.17 9.69
CA ILE B 57 -7.59 -3.30 8.52
C ILE B 57 -6.43 -3.66 7.59
N ALA B 58 -5.35 -4.16 8.16
CA ALA B 58 -4.21 -4.60 7.36
C ALA B 58 -4.55 -5.87 6.61
N GLU B 59 -5.25 -6.79 7.27
CA GLU B 59 -5.72 -8.02 6.63
C GLU B 59 -6.74 -7.68 5.56
N LYS B 60 -7.63 -6.75 5.88
CA LYS B 60 -8.62 -6.26 4.94
C LYS B 60 -7.92 -5.66 3.72
N PHE B 61 -6.86 -4.90 3.98
CA PHE B 61 -6.05 -4.31 2.93
C PHE B 61 -5.42 -5.39 2.05
N ALA B 62 -4.71 -6.32 2.68
CA ALA B 62 -4.04 -7.39 1.95
C ALA B 62 -5.03 -8.22 1.13
N GLN B 63 -6.17 -8.54 1.73
CA GLN B 63 -7.20 -9.32 1.06
C GLN B 63 -7.75 -8.54 -0.14
N ALA B 64 -7.99 -7.25 0.06
CA ALA B 64 -8.48 -6.39 -1.02
C ALA B 64 -7.44 -6.27 -2.11
N LEU B 65 -6.17 -6.16 -1.71
CA LEU B 65 -5.08 -6.04 -2.67
C LEU B 65 -4.93 -7.32 -3.48
N MET B 66 -5.16 -8.47 -2.83
CA MET B 66 -5.09 -9.75 -3.52
C MET B 66 -6.23 -9.89 -4.52
N SER B 67 -7.39 -9.37 -4.15
CA SER B 67 -8.57 -9.46 -5.01
C SER B 67 -8.56 -8.34 -6.06
N SER B 68 -7.61 -7.43 -5.94
CA SER B 68 -7.41 -6.39 -6.94
C SER B 68 -6.21 -6.71 -7.81
N LEU B 69 -5.55 -7.82 -7.49
CA LEU B 69 -4.42 -8.29 -8.27
C LEU B 69 -4.95 -8.94 -9.53
N GLU B 70 -4.93 -8.21 -10.63
CA GLU B 70 -5.51 -8.68 -11.87
C GLU B 70 -4.47 -8.91 -12.95
N THR B 71 -4.93 -9.52 -14.03
CA THR B 71 -4.12 -9.84 -15.18
C THR B 71 -5.01 -9.83 -16.42
N PRO B 72 -4.44 -9.84 -17.63
CA PRO B 72 -5.21 -9.90 -18.88
C PRO B 72 -5.89 -11.26 -19.08
N LYS B 73 -6.50 -11.77 -18.01
CA LYS B 73 -7.09 -13.11 -18.02
C LYS B 73 -8.61 -13.05 -18.13
N THR B 74 -9.16 -11.86 -18.28
CA THR B 74 -10.59 -11.70 -18.36
C THR B 74 -11.14 -12.30 -19.65
N HIS B 75 -12.16 -13.13 -19.53
CA HIS B 75 -12.76 -13.80 -20.68
C HIS B 75 -14.27 -13.72 -20.61
N LEU B 76 -14.86 -12.99 -21.55
CA LEU B 76 -16.31 -12.83 -21.64
C LEU B 76 -16.89 -12.27 -20.34
N GLU B 77 -16.75 -10.96 -20.17
CA GLU B 77 -17.31 -10.28 -19.02
C GLU B 77 -18.61 -9.57 -19.40
N HIS B 78 -19.19 -8.82 -18.47
CA HIS B 78 -20.48 -8.20 -18.70
C HIS B 78 -20.36 -6.97 -19.59
N HIS B 79 -19.51 -6.02 -19.19
CA HIS B 79 -19.29 -4.80 -19.97
C HIS B 79 -17.91 -4.23 -19.69
N HIS B 80 -17.29 -3.66 -20.72
CA HIS B 80 -16.00 -3.01 -20.56
C HIS B 80 -16.15 -1.54 -20.20
N HIS B 81 -17.07 -1.26 -19.28
CA HIS B 81 -17.25 0.09 -18.74
C HIS B 81 -16.38 0.23 -17.49
N HIS B 82 -15.33 -0.58 -17.45
CA HIS B 82 -14.41 -0.64 -16.33
C HIS B 82 -12.99 -0.36 -16.84
N HIS B 83 -12.18 0.28 -16.02
CA HIS B 83 -10.80 0.53 -16.37
C HIS B 83 -9.91 -0.37 -15.53
N MET A 1 19.98 -6.77 -11.25
CA MET A 1 19.01 -5.81 -10.70
C MET A 1 18.45 -6.31 -9.37
N PRO A 2 18.59 -5.52 -8.30
CA PRO A 2 18.05 -5.85 -6.99
C PRO A 2 16.52 -5.70 -6.95
N ILE A 3 15.91 -6.20 -5.89
CA ILE A 3 14.47 -6.07 -5.71
C ILE A 3 14.17 -4.96 -4.69
N THR A 4 13.61 -3.86 -5.18
CA THR A 4 13.30 -2.70 -4.35
C THR A 4 14.58 -2.02 -3.90
N SER A 5 15.19 -1.31 -4.83
CA SER A 5 16.42 -0.58 -4.59
C SER A 5 16.22 0.53 -3.58
N LYS A 6 17.17 0.66 -2.67
CA LYS A 6 17.11 1.70 -1.65
C LYS A 6 17.66 2.99 -2.21
N TYR A 7 16.78 3.74 -2.86
CA TYR A 7 17.14 5.01 -3.48
C TYR A 7 17.55 6.05 -2.45
N THR A 8 17.92 7.21 -2.93
CA THR A 8 18.30 8.34 -2.10
C THR A 8 17.17 8.70 -1.11
N ASP A 9 17.52 8.76 0.17
CA ASP A 9 16.54 9.03 1.23
C ASP A 9 15.79 10.33 0.99
N GLU A 10 16.51 11.39 0.64
CA GLU A 10 15.92 12.70 0.42
C GLU A 10 14.87 12.65 -0.68
N GLN A 11 15.09 11.81 -1.69
CA GLN A 11 14.10 11.64 -2.75
C GLN A 11 12.84 11.01 -2.19
N VAL A 12 13.01 9.90 -1.48
CA VAL A 12 11.88 9.17 -0.91
C VAL A 12 11.10 10.03 0.08
N GLU A 13 11.84 10.59 1.04
CA GLU A 13 11.24 11.39 2.11
C GLU A 13 10.38 12.52 1.57
N LYS A 14 10.92 13.28 0.64
CA LYS A 14 10.28 14.51 0.21
C LYS A 14 9.15 14.23 -0.77
N ILE A 15 9.20 13.10 -1.46
CA ILE A 15 8.08 12.69 -2.31
C ILE A 15 6.93 12.24 -1.42
N LEU A 16 7.26 11.49 -0.37
CA LEU A 16 6.28 11.10 0.64
C LEU A 16 5.61 12.34 1.22
N ALA A 17 6.44 13.34 1.52
CA ALA A 17 5.96 14.60 2.08
C ALA A 17 4.93 15.25 1.18
N GLU A 18 5.20 15.27 -0.12
CA GLU A 18 4.30 15.87 -1.09
C GLU A 18 3.02 15.06 -1.22
N VAL A 19 3.15 13.73 -1.29
CA VAL A 19 1.99 12.85 -1.37
C VAL A 19 1.09 13.04 -0.15
N ALA A 20 1.68 13.04 1.03
CA ALA A 20 0.95 13.25 2.27
C ALA A 20 0.36 14.66 2.31
N LEU A 21 1.06 15.60 1.70
CA LEU A 21 0.60 16.99 1.66
C LEU A 21 -0.67 17.10 0.83
N VAL A 22 -0.72 16.37 -0.30
CA VAL A 22 -1.91 16.35 -1.15
C VAL A 22 -3.10 15.80 -0.36
N LEU A 23 -2.84 14.76 0.42
CA LEU A 23 -3.86 14.17 1.26
C LEU A 23 -4.38 15.19 2.27
N GLU A 24 -3.45 15.78 3.02
CA GLU A 24 -3.80 16.77 4.04
C GLU A 24 -4.45 18.00 3.42
N LYS A 25 -4.08 18.29 2.18
CA LYS A 25 -4.59 19.45 1.45
C LYS A 25 -6.08 19.28 1.15
N HIS A 26 -6.48 18.07 0.77
CA HIS A 26 -7.87 17.81 0.41
C HIS A 26 -8.63 17.18 1.57
N ALA A 27 -8.04 17.23 2.75
CA ALA A 27 -8.67 16.71 3.97
C ALA A 27 -8.92 15.20 3.86
N ALA A 28 -7.98 14.49 3.24
CA ALA A 28 -8.08 13.05 3.11
C ALA A 28 -7.92 12.40 4.47
N SER A 29 -8.96 11.73 4.91
CA SER A 29 -9.00 11.10 6.23
C SER A 29 -8.02 9.93 6.30
N PRO A 30 -7.64 9.51 7.52
CA PRO A 30 -6.69 8.40 7.73
C PRO A 30 -7.05 7.15 6.92
N GLU A 31 -8.35 6.87 6.84
CA GLU A 31 -8.84 5.75 6.04
C GLU A 31 -8.43 5.93 4.58
N LEU A 32 -8.74 7.10 4.04
CA LEU A 32 -8.44 7.42 2.66
C LEU A 32 -6.92 7.43 2.42
N THR A 33 -6.16 7.75 3.46
CA THR A 33 -4.72 7.75 3.38
C THR A 33 -4.19 6.37 2.99
N LEU A 34 -4.55 5.38 3.79
CA LEU A 34 -4.11 4.01 3.54
C LEU A 34 -4.86 3.46 2.32
N MET A 35 -6.06 3.99 2.09
CA MET A 35 -6.84 3.65 0.91
C MET A 35 -6.08 4.04 -0.36
N ILE A 36 -5.49 5.23 -0.35
CA ILE A 36 -4.65 5.68 -1.45
C ILE A 36 -3.48 4.72 -1.64
N ALA A 37 -2.84 4.35 -0.54
CA ALA A 37 -1.70 3.43 -0.58
C ALA A 37 -2.06 2.12 -1.28
N GLY A 38 -3.24 1.59 -0.97
CA GLY A 38 -3.71 0.37 -1.60
C GLY A 38 -3.88 0.55 -3.10
N ASN A 39 -4.37 1.71 -3.51
CA ASN A 39 -4.52 2.03 -4.92
C ASN A 39 -3.17 2.13 -5.60
N ILE A 40 -2.17 2.62 -4.86
CA ILE A 40 -0.81 2.71 -5.38
C ILE A 40 -0.27 1.32 -5.70
N ALA A 41 -0.32 0.43 -4.72
CA ALA A 41 0.12 -0.95 -4.90
C ALA A 41 -0.62 -1.62 -6.06
N THR A 42 -1.93 -1.40 -6.11
CA THR A 42 -2.75 -1.98 -7.17
C THR A 42 -2.35 -1.44 -8.54
N ASN A 43 -2.13 -0.12 -8.62
CA ASN A 43 -1.71 0.53 -9.85
C ASN A 43 -0.38 -0.06 -10.34
N VAL A 44 0.52 -0.30 -9.40
CA VAL A 44 1.78 -0.95 -9.72
C VAL A 44 1.53 -2.35 -10.25
N LEU A 45 0.65 -3.09 -9.58
CA LEU A 45 0.29 -4.44 -10.01
C LEU A 45 -0.36 -4.42 -11.39
N ASN A 46 -0.98 -3.29 -11.73
CA ASN A 46 -1.60 -3.12 -13.03
C ASN A 46 -0.55 -2.93 -14.12
N GLN A 47 0.25 -1.88 -14.01
CA GLN A 47 1.17 -1.51 -15.08
C GLN A 47 2.62 -1.51 -14.63
N ARG A 48 2.88 -0.98 -13.44
CA ARG A 48 4.26 -0.76 -12.97
C ARG A 48 4.90 -2.03 -12.42
N VAL A 49 4.55 -3.18 -12.99
CA VAL A 49 5.12 -4.45 -12.56
C VAL A 49 5.09 -5.46 -13.71
N ALA A 50 5.78 -6.57 -13.53
CA ALA A 50 5.84 -7.61 -14.55
C ALA A 50 4.80 -8.69 -14.26
N ALA A 51 4.31 -9.31 -15.32
CA ALA A 51 3.28 -10.35 -15.22
C ALA A 51 3.66 -11.47 -14.26
N SER A 52 4.77 -12.13 -14.53
CA SER A 52 5.21 -13.26 -13.73
C SER A 52 5.71 -12.79 -12.36
N GLN A 53 6.00 -11.50 -12.26
CA GLN A 53 6.55 -10.94 -11.05
C GLN A 53 5.42 -10.58 -10.06
N ARG A 54 4.22 -10.40 -10.60
CA ARG A 54 3.07 -9.93 -9.82
C ARG A 54 2.81 -10.76 -8.57
N LYS A 55 2.88 -12.09 -8.70
CA LYS A 55 2.60 -12.97 -7.58
C LYS A 55 3.60 -12.79 -6.45
N LEU A 56 4.88 -12.66 -6.79
CA LEU A 56 5.91 -12.43 -5.80
C LEU A 56 5.81 -11.01 -5.25
N ILE A 57 5.64 -10.05 -6.14
CA ILE A 57 5.55 -8.64 -5.78
C ILE A 57 4.43 -8.39 -4.78
N ALA A 58 3.24 -8.89 -5.08
CA ALA A 58 2.08 -8.67 -4.22
C ALA A 58 2.25 -9.39 -2.88
N GLU A 59 2.72 -10.63 -2.93
CA GLU A 59 2.86 -11.44 -1.72
C GLU A 59 3.94 -10.87 -0.80
N LYS A 60 5.09 -10.54 -1.37
CA LYS A 60 6.21 -10.03 -0.59
C LYS A 60 5.87 -8.68 0.03
N PHE A 61 5.12 -7.87 -0.71
CA PHE A 61 4.68 -6.58 -0.20
C PHE A 61 3.80 -6.77 1.04
N ALA A 62 2.81 -7.65 0.91
CA ALA A 62 1.89 -7.92 2.01
C ALA A 62 2.63 -8.51 3.21
N GLN A 63 3.53 -9.46 2.94
CA GLN A 63 4.27 -10.12 4.00
C GLN A 63 5.23 -9.14 4.68
N ALA A 64 5.90 -8.31 3.88
CA ALA A 64 6.80 -7.30 4.43
C ALA A 64 6.03 -6.26 5.22
N LEU A 65 4.81 -5.97 4.79
CA LEU A 65 3.94 -5.04 5.50
C LEU A 65 3.59 -5.60 6.88
N MET A 66 3.36 -6.90 6.93
CA MET A 66 3.09 -7.59 8.19
C MET A 66 4.35 -7.66 9.04
N SER A 67 5.49 -7.77 8.38
CA SER A 67 6.77 -7.84 9.07
C SER A 67 7.12 -6.47 9.67
N SER A 68 6.70 -5.41 8.99
CA SER A 68 6.98 -4.05 9.45
C SER A 68 5.79 -3.52 10.26
N LEU A 69 4.83 -4.40 10.51
CA LEU A 69 3.66 -4.05 11.32
C LEU A 69 4.04 -3.98 12.79
N GLU A 70 4.07 -2.76 13.32
CA GLU A 70 4.38 -2.56 14.73
C GLU A 70 3.13 -2.85 15.58
N THR A 71 3.13 -4.01 16.21
CA THR A 71 2.03 -4.40 17.07
C THR A 71 2.27 -3.91 18.50
N PRO A 72 1.22 -3.36 19.14
CA PRO A 72 1.31 -2.87 20.51
C PRO A 72 1.66 -4.01 21.48
N LYS A 73 0.88 -5.08 21.40
CA LYS A 73 1.09 -6.25 22.23
C LYS A 73 0.16 -7.35 21.76
N THR A 74 0.36 -8.54 22.30
CA THR A 74 -0.45 -9.68 21.92
C THR A 74 -1.87 -9.55 22.44
N HIS A 75 -2.83 -9.91 21.60
CA HIS A 75 -4.24 -9.79 21.96
C HIS A 75 -4.69 -10.97 22.81
N LEU A 76 -5.39 -10.66 23.89
CA LEU A 76 -5.92 -11.67 24.77
C LEU A 76 -7.06 -12.43 24.07
N GLU A 77 -6.78 -13.67 23.71
CA GLU A 77 -7.78 -14.52 23.09
C GLU A 77 -8.84 -14.92 24.11
N HIS A 78 -9.95 -14.19 24.10
CA HIS A 78 -11.05 -14.45 25.02
C HIS A 78 -11.74 -15.78 24.68
N HIS A 79 -11.57 -16.22 23.44
CA HIS A 79 -12.05 -17.53 23.02
C HIS A 79 -10.98 -18.20 22.18
N HIS A 80 -10.31 -19.17 22.77
CA HIS A 80 -9.19 -19.85 22.12
C HIS A 80 -9.68 -20.74 20.97
N HIS A 81 -9.15 -20.49 19.79
CA HIS A 81 -9.43 -21.30 18.62
C HIS A 81 -8.27 -21.19 17.64
N HIS A 82 -7.45 -22.22 17.58
CA HIS A 82 -6.32 -22.24 16.67
C HIS A 82 -6.75 -22.80 15.32
N HIS A 83 -6.25 -22.21 14.25
CA HIS A 83 -6.52 -22.74 12.92
C HIS A 83 -5.25 -23.35 12.34
N MET B 1 -20.41 -3.05 0.09
CA MET B 1 -20.39 -1.90 1.02
C MET B 1 -18.98 -1.62 1.50
N PRO B 2 -18.27 -0.69 0.85
CA PRO B 2 -16.90 -0.32 1.21
C PRO B 2 -16.87 0.75 2.29
N ILE B 3 -16.60 0.34 3.52
CA ILE B 3 -16.55 1.26 4.65
C ILE B 3 -15.39 2.25 4.49
N THR B 4 -14.35 1.83 3.77
CA THR B 4 -13.20 2.67 3.52
C THR B 4 -13.56 3.82 2.59
N SER B 5 -14.55 3.61 1.73
CA SER B 5 -14.91 4.60 0.75
C SER B 5 -16.17 5.35 1.19
N LYS B 6 -16.00 6.26 2.14
CA LYS B 6 -17.08 7.13 2.57
C LYS B 6 -16.96 8.48 1.86
N TYR B 7 -16.26 8.45 0.73
CA TYR B 7 -15.99 9.65 -0.03
C TYR B 7 -16.62 9.50 -1.41
N THR B 8 -16.55 10.54 -2.22
CA THR B 8 -17.11 10.48 -3.57
C THR B 8 -16.10 9.83 -4.51
N ASP B 9 -16.59 9.21 -5.58
CA ASP B 9 -15.72 8.50 -6.53
C ASP B 9 -14.75 9.47 -7.18
N GLU B 10 -15.20 10.70 -7.42
CA GLU B 10 -14.36 11.71 -8.02
C GLU B 10 -13.29 12.19 -7.03
N GLN B 11 -13.68 12.29 -5.76
CA GLN B 11 -12.78 12.80 -4.71
C GLN B 11 -11.50 11.98 -4.65
N VAL B 12 -11.67 10.66 -4.60
CA VAL B 12 -10.55 9.74 -4.58
C VAL B 12 -9.78 9.82 -5.89
N GLU B 13 -10.53 9.90 -6.99
CA GLU B 13 -9.96 9.97 -8.32
C GLU B 13 -9.06 11.20 -8.47
N LYS B 14 -9.51 12.32 -7.91
CA LYS B 14 -8.77 13.57 -7.98
C LYS B 14 -7.45 13.42 -7.24
N ILE B 15 -7.54 12.94 -6.01
CA ILE B 15 -6.35 12.76 -5.18
C ILE B 15 -5.37 11.79 -5.83
N LEU B 16 -5.87 10.69 -6.35
CA LEU B 16 -5.04 9.72 -7.06
C LEU B 16 -4.31 10.37 -8.22
N ALA B 17 -5.01 11.21 -8.97
CA ALA B 17 -4.43 11.90 -10.11
C ALA B 17 -3.31 12.84 -9.66
N GLU B 18 -3.55 13.55 -8.56
CA GLU B 18 -2.54 14.45 -8.00
C GLU B 18 -1.31 13.67 -7.56
N VAL B 19 -1.53 12.60 -6.80
CA VAL B 19 -0.44 11.75 -6.34
C VAL B 19 0.34 11.18 -7.52
N ALA B 20 -0.38 10.67 -8.52
CA ALA B 20 0.23 10.12 -9.72
C ALA B 20 1.04 11.19 -10.45
N LEU B 21 0.53 12.41 -10.47
CA LEU B 21 1.24 13.52 -11.09
C LEU B 21 2.57 13.76 -10.38
N VAL B 22 2.56 13.70 -9.05
CA VAL B 22 3.78 13.86 -8.26
C VAL B 22 4.78 12.77 -8.60
N LEU B 23 4.29 11.53 -8.67
CA LEU B 23 5.12 10.38 -9.00
C LEU B 23 5.70 10.52 -10.39
N GLU B 24 4.85 10.81 -11.36
CA GLU B 24 5.29 10.96 -12.74
C GLU B 24 6.26 12.12 -12.91
N LYS B 25 5.99 13.22 -12.20
CA LYS B 25 6.85 14.40 -12.25
C LYS B 25 8.24 14.08 -11.72
N HIS B 26 8.30 13.32 -10.63
CA HIS B 26 9.57 12.96 -10.03
C HIS B 26 10.18 11.74 -10.72
N ALA B 27 9.46 11.20 -11.71
CA ALA B 27 9.89 10.00 -12.43
C ALA B 27 10.07 8.83 -11.49
N ALA B 28 9.08 8.63 -10.63
CA ALA B 28 9.11 7.56 -9.66
C ALA B 28 9.07 6.19 -10.33
N SER B 29 10.12 5.42 -10.11
CA SER B 29 10.23 4.07 -10.63
C SER B 29 9.22 3.15 -9.94
N PRO B 30 8.90 2.00 -10.53
CA PRO B 30 8.00 1.01 -9.94
C PRO B 30 8.40 0.66 -8.50
N GLU B 31 9.69 0.44 -8.29
CA GLU B 31 10.21 0.12 -6.97
C GLU B 31 9.88 1.23 -5.98
N LEU B 32 10.29 2.46 -6.33
CA LEU B 32 10.07 3.63 -5.49
C LEU B 32 8.57 3.82 -5.23
N THR B 33 7.78 3.70 -6.30
CA THR B 33 6.34 3.88 -6.22
C THR B 33 5.72 2.96 -5.17
N LEU B 34 6.02 1.67 -5.26
CA LEU B 34 5.41 0.70 -4.37
C LEU B 34 6.00 0.78 -2.97
N MET B 35 7.29 1.12 -2.90
CA MET B 35 7.95 1.32 -1.61
C MET B 35 7.31 2.50 -0.87
N ILE B 36 6.90 3.50 -1.63
CA ILE B 36 6.16 4.62 -1.08
C ILE B 36 4.84 4.15 -0.49
N ALA B 37 4.11 3.32 -1.23
CA ALA B 37 2.85 2.77 -0.76
C ALA B 37 3.02 2.00 0.54
N GLY B 38 4.09 1.20 0.60
CA GLY B 38 4.38 0.44 1.81
C GLY B 38 4.70 1.35 2.98
N ASN B 39 5.41 2.43 2.72
CA ASN B 39 5.75 3.40 3.76
C ASN B 39 4.48 4.09 4.25
N ILE B 40 3.59 4.43 3.32
CA ILE B 40 2.31 5.04 3.68
C ILE B 40 1.54 4.13 4.63
N ALA B 41 1.36 2.87 4.25
CA ALA B 41 0.61 1.92 5.05
C ALA B 41 1.23 1.76 6.43
N THR B 42 2.55 1.56 6.48
CA THR B 42 3.23 1.37 7.76
C THR B 42 3.17 2.65 8.61
N ASN B 43 3.23 3.80 7.96
CA ASN B 43 3.16 5.08 8.66
C ASN B 43 1.78 5.26 9.29
N VAL B 44 0.75 4.82 8.57
CA VAL B 44 -0.61 4.84 9.10
C VAL B 44 -0.75 3.79 10.21
N LEU B 45 -0.09 2.66 10.03
CA LEU B 45 -0.10 1.62 11.05
C LEU B 45 0.69 2.05 12.28
N ASN B 46 1.42 3.16 12.15
CA ASN B 46 2.07 3.80 13.28
C ASN B 46 1.20 4.92 13.82
N GLN B 47 0.72 5.77 12.92
CA GLN B 47 -0.10 6.91 13.28
C GLN B 47 -1.34 7.00 12.40
N ARG B 48 -2.48 7.30 13.04
CA ARG B 48 -3.78 7.53 12.38
C ARG B 48 -4.60 6.26 12.27
N VAL B 49 -4.20 5.22 12.99
CA VAL B 49 -4.97 3.98 13.01
C VAL B 49 -5.03 3.41 14.43
N ALA B 50 -6.13 2.75 14.75
CA ALA B 50 -6.34 2.20 16.09
C ALA B 50 -5.43 1.01 16.35
N ALA B 51 -4.89 0.94 17.56
CA ALA B 51 -4.06 -0.19 17.99
C ALA B 51 -4.85 -1.50 17.96
N SER B 52 -6.11 -1.43 18.35
CA SER B 52 -6.98 -2.59 18.31
C SER B 52 -7.27 -2.99 16.87
N GLN B 53 -7.32 -2.00 16.00
CA GLN B 53 -7.64 -2.22 14.59
C GLN B 53 -6.37 -2.53 13.80
N ARG B 54 -5.24 -2.48 14.48
CA ARG B 54 -3.93 -2.55 13.84
C ARG B 54 -3.76 -3.78 12.94
N LYS B 55 -3.79 -4.96 13.54
CA LYS B 55 -3.54 -6.20 12.80
C LYS B 55 -4.76 -6.56 11.97
N LEU B 56 -5.93 -6.12 12.44
CA LEU B 56 -7.19 -6.44 11.80
C LEU B 56 -7.29 -5.68 10.47
N ILE B 57 -6.98 -4.39 10.49
CA ILE B 57 -7.06 -3.56 9.30
C ILE B 57 -5.97 -3.94 8.32
N ALA B 58 -4.81 -4.37 8.84
CA ALA B 58 -3.73 -4.85 7.99
C ALA B 58 -4.16 -6.12 7.27
N GLU B 59 -4.86 -6.98 7.99
CA GLU B 59 -5.39 -8.22 7.44
C GLU B 59 -6.38 -7.90 6.32
N LYS B 60 -7.29 -6.98 6.60
CA LYS B 60 -8.30 -6.57 5.62
C LYS B 60 -7.65 -5.99 4.37
N PHE B 61 -6.61 -5.18 4.58
CA PHE B 61 -5.88 -4.56 3.48
C PHE B 61 -5.28 -5.62 2.55
N ALA B 62 -4.68 -6.64 3.14
CA ALA B 62 -4.06 -7.70 2.37
C ALA B 62 -5.09 -8.44 1.52
N GLN B 63 -6.21 -8.79 2.14
CA GLN B 63 -7.30 -9.46 1.42
C GLN B 63 -7.84 -8.56 0.31
N ALA B 64 -7.96 -7.27 0.59
CA ALA B 64 -8.43 -6.31 -0.39
C ALA B 64 -7.44 -6.18 -1.54
N LEU B 65 -6.16 -6.14 -1.20
CA LEU B 65 -5.10 -6.03 -2.19
C LEU B 65 -5.02 -7.28 -3.04
N MET B 66 -5.31 -8.42 -2.43
CA MET B 66 -5.35 -9.70 -3.15
C MET B 66 -6.56 -9.75 -4.07
N SER B 67 -7.57 -8.96 -3.75
CA SER B 67 -8.77 -8.90 -4.56
C SER B 67 -8.56 -7.99 -5.77
N SER B 68 -7.74 -6.96 -5.60
CA SER B 68 -7.43 -6.06 -6.70
C SER B 68 -6.33 -6.65 -7.58
N LEU B 69 -5.50 -7.49 -6.97
CA LEU B 69 -4.47 -8.22 -7.71
C LEU B 69 -5.09 -9.09 -8.79
N GLU B 70 -4.97 -8.65 -10.04
CA GLU B 70 -5.50 -9.39 -11.15
C GLU B 70 -4.61 -10.59 -11.47
N THR B 71 -5.09 -11.77 -11.11
CA THR B 71 -4.37 -13.00 -11.39
C THR B 71 -4.94 -13.68 -12.62
N PRO B 72 -4.07 -14.12 -13.53
CA PRO B 72 -4.48 -14.93 -14.66
C PRO B 72 -4.83 -16.34 -14.22
N LYS B 73 -5.61 -17.04 -15.04
CA LYS B 73 -6.02 -18.42 -14.76
C LYS B 73 -6.89 -18.47 -13.50
N THR B 74 -6.94 -19.63 -12.85
CA THR B 74 -7.71 -19.80 -11.65
C THR B 74 -7.03 -19.14 -10.45
N HIS B 75 -5.92 -19.72 -10.02
CA HIS B 75 -5.17 -19.20 -8.89
C HIS B 75 -3.70 -19.58 -9.02
N LEU B 76 -3.46 -20.80 -9.46
CA LEU B 76 -2.11 -21.27 -9.72
C LEU B 76 -1.74 -20.99 -11.17
N GLU B 77 -0.85 -20.04 -11.37
CA GLU B 77 -0.40 -19.68 -12.71
C GLU B 77 0.57 -20.72 -13.24
N HIS B 78 0.76 -20.74 -14.55
CA HIS B 78 1.70 -21.65 -15.22
C HIS B 78 1.13 -23.07 -15.31
N HIS B 79 0.41 -23.50 -14.27
CA HIS B 79 -0.24 -24.81 -14.22
C HIS B 79 0.78 -25.94 -14.32
N HIS B 80 1.18 -26.49 -13.18
CA HIS B 80 2.13 -27.59 -13.17
C HIS B 80 2.19 -28.27 -11.80
N HIS B 81 1.54 -29.42 -11.69
CA HIS B 81 1.66 -30.27 -10.51
C HIS B 81 1.00 -31.62 -10.78
N HIS B 82 1.68 -32.70 -10.41
CA HIS B 82 1.15 -34.04 -10.64
C HIS B 82 0.21 -34.44 -9.51
N HIS B 83 0.74 -34.53 -8.30
CA HIS B 83 -0.05 -34.89 -7.15
C HIS B 83 -0.52 -33.64 -6.42
N MET A 1 15.00 -10.95 5.19
CA MET A 1 15.28 -9.51 5.05
C MET A 1 14.71 -8.99 3.74
N PRO A 2 13.66 -8.17 3.79
CA PRO A 2 13.05 -7.58 2.60
C PRO A 2 14.05 -6.72 1.83
N ILE A 3 14.60 -7.28 0.76
CA ILE A 3 15.60 -6.60 -0.05
C ILE A 3 14.99 -5.61 -1.02
N THR A 4 14.47 -4.53 -0.47
CA THR A 4 13.89 -3.47 -1.29
C THR A 4 14.94 -2.42 -1.60
N SER A 5 14.96 -1.95 -2.85
CA SER A 5 15.92 -0.94 -3.25
C SER A 5 15.66 0.34 -2.46
N LYS A 6 16.72 0.91 -1.92
CA LYS A 6 16.61 2.10 -1.09
C LYS A 6 16.52 3.36 -1.95
N TYR A 7 17.11 3.31 -3.14
CA TYR A 7 17.09 4.42 -4.08
C TYR A 7 17.67 5.69 -3.46
N THR A 8 17.28 6.84 -4.00
CA THR A 8 17.73 8.12 -3.48
C THR A 8 16.83 8.57 -2.33
N ASP A 9 17.45 8.87 -1.20
CA ASP A 9 16.72 9.19 0.04
C ASP A 9 15.70 10.30 -0.17
N GLU A 10 16.17 11.44 -0.67
CA GLU A 10 15.32 12.61 -0.87
C GLU A 10 14.15 12.32 -1.80
N GLN A 11 14.39 11.51 -2.82
CA GLN A 11 13.33 11.15 -3.77
C GLN A 11 12.16 10.51 -3.03
N VAL A 12 12.48 9.51 -2.22
CA VAL A 12 11.47 8.81 -1.44
C VAL A 12 10.81 9.76 -0.43
N GLU A 13 11.65 10.44 0.35
CA GLU A 13 11.17 11.30 1.43
C GLU A 13 10.30 12.45 0.89
N LYS A 14 10.70 13.05 -0.20
CA LYS A 14 9.98 14.20 -0.73
C LYS A 14 8.63 13.79 -1.30
N ILE A 15 8.59 12.65 -2.00
CA ILE A 15 7.32 12.16 -2.54
C ILE A 15 6.34 11.90 -1.40
N LEU A 16 6.83 11.27 -0.34
CA LEU A 16 6.01 11.00 0.83
C LEU A 16 5.44 12.29 1.43
N ALA A 17 6.32 13.28 1.58
CA ALA A 17 5.94 14.57 2.16
C ALA A 17 4.87 15.27 1.32
N GLU A 18 5.01 15.17 0.01
CA GLU A 18 4.04 15.77 -0.91
C GLU A 18 2.69 15.09 -0.79
N VAL A 19 2.68 13.76 -0.93
CA VAL A 19 1.44 12.98 -0.88
C VAL A 19 0.68 13.22 0.43
N ALA A 20 1.40 13.11 1.54
CA ALA A 20 0.80 13.29 2.87
C ALA A 20 0.15 14.66 3.00
N LEU A 21 0.83 15.69 2.52
CA LEU A 21 0.33 17.05 2.60
C LEU A 21 -0.93 17.21 1.75
N VAL A 22 -0.93 16.60 0.58
CA VAL A 22 -2.10 16.65 -0.31
C VAL A 22 -3.30 16.00 0.36
N LEU A 23 -3.06 14.86 1.00
CA LEU A 23 -4.12 14.14 1.69
C LEU A 23 -4.69 14.98 2.83
N GLU A 24 -3.80 15.49 3.68
CA GLU A 24 -4.21 16.29 4.83
C GLU A 24 -4.85 17.60 4.38
N LYS A 25 -4.39 18.15 3.27
CA LYS A 25 -4.96 19.37 2.71
C LYS A 25 -6.40 19.13 2.26
N HIS A 26 -6.65 17.95 1.69
CA HIS A 26 -8.00 17.60 1.27
C HIS A 26 -8.79 17.02 2.45
N ALA A 27 -8.18 17.06 3.64
CA ALA A 27 -8.80 16.60 4.88
C ALA A 27 -9.15 15.11 4.80
N ALA A 28 -8.26 14.35 4.16
CA ALA A 28 -8.46 12.93 4.01
C ALA A 28 -8.36 12.21 5.35
N SER A 29 -9.24 11.26 5.58
CA SER A 29 -9.17 10.44 6.76
C SER A 29 -8.22 9.27 6.52
N PRO A 30 -7.72 8.63 7.60
CA PRO A 30 -6.80 7.49 7.47
C PRO A 30 -7.30 6.41 6.51
N GLU A 31 -8.62 6.23 6.48
CA GLU A 31 -9.24 5.27 5.57
C GLU A 31 -8.95 5.65 4.12
N LEU A 32 -9.09 6.94 3.80
CA LEU A 32 -8.82 7.44 2.47
C LEU A 32 -7.32 7.42 2.19
N THR A 33 -6.52 7.76 3.21
CA THR A 33 -5.07 7.72 3.09
C THR A 33 -4.59 6.33 2.67
N LEU A 34 -5.07 5.33 3.38
CA LEU A 34 -4.67 3.96 3.13
C LEU A 34 -5.35 3.45 1.86
N MET A 35 -6.51 4.03 1.53
CA MET A 35 -7.20 3.71 0.29
C MET A 35 -6.35 4.15 -0.91
N ILE A 36 -5.73 5.31 -0.78
CA ILE A 36 -4.82 5.81 -1.80
C ILE A 36 -3.65 4.84 -1.97
N ALA A 37 -3.08 4.42 -0.85
CA ALA A 37 -2.00 3.44 -0.86
C ALA A 37 -2.44 2.15 -1.55
N GLY A 38 -3.68 1.74 -1.26
CA GLY A 38 -4.25 0.56 -1.89
C GLY A 38 -4.35 0.72 -3.39
N ASN A 39 -4.86 1.86 -3.83
CA ASN A 39 -4.97 2.14 -5.27
C ASN A 39 -3.60 2.06 -5.94
N ILE A 40 -2.60 2.61 -5.25
CA ILE A 40 -1.23 2.57 -5.75
C ILE A 40 -0.80 1.11 -5.99
N ALA A 41 -0.81 0.31 -4.93
CA ALA A 41 -0.40 -1.08 -5.02
C ALA A 41 -1.25 -1.86 -6.02
N THR A 42 -2.56 -1.62 -5.98
CA THR A 42 -3.48 -2.29 -6.88
C THR A 42 -3.16 -1.98 -8.34
N ASN A 43 -2.93 -0.71 -8.63
CA ASN A 43 -2.65 -0.28 -10.00
C ASN A 43 -1.25 -0.73 -10.44
N VAL A 44 -0.32 -0.80 -9.48
CA VAL A 44 0.99 -1.37 -9.76
C VAL A 44 0.84 -2.83 -10.17
N LEU A 45 0.12 -3.59 -9.35
CA LEU A 45 -0.13 -5.00 -9.63
C LEU A 45 -1.05 -5.17 -10.83
N ASN A 46 -1.66 -4.06 -11.25
CA ASN A 46 -2.58 -4.06 -12.36
C ASN A 46 -1.85 -3.81 -13.67
N GLN A 47 -1.01 -2.79 -13.66
CA GLN A 47 -0.32 -2.35 -14.88
C GLN A 47 1.18 -2.19 -14.66
N ARG A 48 1.55 -1.49 -13.59
CA ARG A 48 2.93 -1.03 -13.40
C ARG A 48 3.82 -2.07 -12.70
N VAL A 49 3.66 -3.34 -13.05
CA VAL A 49 4.53 -4.38 -12.52
C VAL A 49 4.65 -5.53 -13.52
N ALA A 50 5.78 -6.21 -13.49
CA ALA A 50 5.99 -7.35 -14.37
C ALA A 50 5.11 -8.52 -13.95
N ALA A 51 4.65 -9.30 -14.93
CA ALA A 51 3.79 -10.45 -14.66
C ALA A 51 4.47 -11.44 -13.71
N SER A 52 5.76 -11.68 -13.92
CA SER A 52 6.54 -12.54 -13.04
C SER A 52 6.60 -11.94 -11.64
N GLN A 53 6.76 -10.63 -11.59
CA GLN A 53 6.99 -9.94 -10.34
C GLN A 53 5.67 -9.68 -9.61
N ARG A 54 4.57 -9.91 -10.30
CA ARG A 54 3.25 -9.55 -9.81
C ARG A 54 2.92 -10.26 -8.49
N LYS A 55 2.96 -11.58 -8.50
CA LYS A 55 2.64 -12.36 -7.30
C LYS A 55 3.74 -12.19 -6.26
N LEU A 56 4.98 -12.06 -6.74
CA LEU A 56 6.14 -11.98 -5.85
C LEU A 56 6.13 -10.66 -5.08
N ILE A 57 5.93 -9.56 -5.79
CA ILE A 57 6.00 -8.24 -5.18
C ILE A 57 4.79 -8.00 -4.28
N ALA A 58 3.67 -8.64 -4.60
CA ALA A 58 2.49 -8.59 -3.75
C ALA A 58 2.75 -9.31 -2.43
N GLU A 59 3.39 -10.47 -2.54
CA GLU A 59 3.80 -11.24 -1.37
C GLU A 59 4.85 -10.46 -0.58
N LYS A 60 5.79 -9.88 -1.31
CA LYS A 60 6.84 -9.05 -0.74
C LYS A 60 6.22 -7.89 0.05
N PHE A 61 5.32 -7.17 -0.59
CA PHE A 61 4.62 -6.04 0.02
C PHE A 61 4.00 -6.44 1.35
N ALA A 62 3.19 -7.50 1.30
CA ALA A 62 2.45 -7.94 2.47
C ALA A 62 3.39 -8.37 3.59
N GLN A 63 4.35 -9.22 3.28
CA GLN A 63 5.27 -9.70 4.30
C GLN A 63 6.08 -8.56 4.89
N ALA A 64 6.52 -7.63 4.04
CA ALA A 64 7.26 -6.47 4.51
C ALA A 64 6.39 -5.61 5.42
N LEU A 65 5.14 -5.44 5.02
CA LEU A 65 4.17 -4.67 5.78
C LEU A 65 3.97 -5.26 7.17
N MET A 66 3.89 -6.59 7.23
CA MET A 66 3.71 -7.30 8.49
C MET A 66 5.02 -7.34 9.27
N SER A 67 6.13 -7.03 8.61
CA SER A 67 7.42 -6.98 9.27
C SER A 67 7.67 -5.60 9.88
N SER A 68 7.20 -4.57 9.19
CA SER A 68 7.35 -3.20 9.67
C SER A 68 6.18 -2.83 10.57
N LEU A 69 5.29 -3.78 10.77
CA LEU A 69 4.13 -3.60 11.64
C LEU A 69 4.55 -3.63 13.09
N GLU A 70 4.35 -2.54 13.81
CA GLU A 70 4.71 -2.47 15.21
C GLU A 70 3.66 -3.16 16.07
N THR A 71 4.02 -4.31 16.61
CA THR A 71 3.14 -5.07 17.46
C THR A 71 3.75 -5.24 18.85
N PRO A 72 2.96 -4.99 19.91
CA PRO A 72 3.40 -5.20 21.30
C PRO A 72 3.66 -6.66 21.60
N LYS A 73 2.99 -7.53 20.81
CA LYS A 73 3.15 -8.97 20.89
C LYS A 73 2.61 -9.52 22.21
N THR A 74 2.71 -10.83 22.40
CA THR A 74 2.17 -11.46 23.60
C THR A 74 3.18 -11.44 24.73
N HIS A 75 2.71 -11.05 25.92
CA HIS A 75 3.52 -11.11 27.12
C HIS A 75 3.42 -12.50 27.71
N LEU A 76 4.50 -12.98 28.32
CA LEU A 76 4.59 -14.34 28.84
C LEU A 76 4.57 -15.34 27.69
N GLU A 77 5.76 -15.76 27.28
CA GLU A 77 5.95 -16.63 26.12
C GLU A 77 5.72 -15.88 24.81
N HIS A 78 6.34 -16.36 23.74
CA HIS A 78 6.26 -15.68 22.44
C HIS A 78 5.01 -16.09 21.67
N HIS A 79 4.15 -16.85 22.33
CA HIS A 79 2.84 -17.17 21.77
C HIS A 79 1.87 -17.49 22.91
N HIS A 80 1.31 -16.44 23.50
CA HIS A 80 0.44 -16.58 24.66
C HIS A 80 -0.98 -16.95 24.23
N HIS A 81 -1.08 -17.80 23.23
CA HIS A 81 -2.34 -18.27 22.69
C HIS A 81 -2.26 -19.76 22.43
N HIS A 82 -3.40 -20.39 22.19
CA HIS A 82 -3.42 -21.80 21.85
C HIS A 82 -3.10 -21.97 20.37
N HIS A 83 -1.81 -21.89 20.06
CA HIS A 83 -1.33 -21.92 18.70
C HIS A 83 0.18 -22.17 18.72
N MET B 1 -16.91 -2.21 -6.57
CA MET B 1 -17.72 -1.46 -5.57
C MET B 1 -16.84 -1.01 -4.41
N PRO B 2 -17.05 0.22 -3.92
CA PRO B 2 -16.27 0.78 -2.81
C PRO B 2 -16.62 0.12 -1.47
N ILE B 3 -15.70 -0.69 -0.96
CA ILE B 3 -15.90 -1.36 0.32
C ILE B 3 -15.62 -0.42 1.49
N THR B 4 -14.61 0.42 1.34
CA THR B 4 -14.20 1.35 2.39
C THR B 4 -15.17 2.52 2.49
N SER B 5 -14.78 3.57 3.22
CA SER B 5 -15.58 4.78 3.36
C SER B 5 -15.98 5.33 1.99
N LYS B 6 -17.24 5.71 1.87
CA LYS B 6 -17.77 6.16 0.59
C LYS B 6 -17.48 7.64 0.37
N TYR B 7 -16.30 7.91 -0.15
CA TYR B 7 -15.94 9.26 -0.56
C TYR B 7 -16.37 9.49 -1.99
N THR B 8 -16.50 10.75 -2.38
CA THR B 8 -16.80 11.10 -3.75
C THR B 8 -15.72 10.57 -4.69
N ASP B 9 -16.15 9.89 -5.76
CA ASP B 9 -15.23 9.27 -6.70
C ASP B 9 -14.25 10.29 -7.27
N GLU B 10 -14.75 11.49 -7.56
CA GLU B 10 -13.91 12.60 -8.03
C GLU B 10 -12.74 12.84 -7.08
N GLN B 11 -13.04 12.90 -5.79
CA GLN B 11 -12.01 13.16 -4.79
C GLN B 11 -10.89 12.15 -4.87
N VAL B 12 -11.26 10.87 -4.85
CA VAL B 12 -10.28 9.79 -4.89
C VAL B 12 -9.41 9.87 -6.14
N GLU B 13 -10.06 9.90 -7.30
CA GLU B 13 -9.37 9.89 -8.58
C GLU B 13 -8.48 11.12 -8.75
N LYS B 14 -9.00 12.29 -8.38
CA LYS B 14 -8.28 13.54 -8.61
C LYS B 14 -7.17 13.74 -7.58
N ILE B 15 -7.32 13.16 -6.40
CA ILE B 15 -6.22 13.14 -5.44
C ILE B 15 -5.13 12.21 -5.94
N LEU B 16 -5.54 11.07 -6.50
CA LEU B 16 -4.60 10.14 -7.12
C LEU B 16 -3.84 10.83 -8.25
N ALA B 17 -4.54 11.70 -8.98
CA ALA B 17 -3.93 12.45 -10.06
C ALA B 17 -2.82 13.36 -9.53
N GLU B 18 -3.09 14.04 -8.43
CA GLU B 18 -2.10 14.91 -7.80
C GLU B 18 -0.91 14.10 -7.30
N VAL B 19 -1.20 12.94 -6.72
CA VAL B 19 -0.15 12.03 -6.25
C VAL B 19 0.67 11.50 -7.42
N ALA B 20 -0.02 11.15 -8.50
CA ALA B 20 0.63 10.64 -9.70
C ALA B 20 1.62 11.65 -10.27
N LEU B 21 1.27 12.93 -10.20
CA LEU B 21 2.14 13.99 -10.67
C LEU B 21 3.38 14.10 -9.79
N VAL B 22 3.21 13.86 -8.49
CA VAL B 22 4.33 13.83 -7.57
C VAL B 22 5.28 12.69 -7.95
N LEU B 23 4.70 11.56 -8.33
CA LEU B 23 5.47 10.41 -8.78
C LEU B 23 6.18 10.73 -10.10
N GLU B 24 5.48 11.42 -10.98
CA GLU B 24 6.01 11.76 -12.30
C GLU B 24 7.14 12.76 -12.22
N LYS B 25 7.00 13.76 -11.37
CA LYS B 25 8.02 14.79 -11.22
C LYS B 25 9.26 14.26 -10.50
N HIS B 26 9.24 12.97 -10.18
CA HIS B 26 10.40 12.30 -9.63
C HIS B 26 10.66 11.00 -10.38
N ALA B 27 9.88 10.76 -11.43
CA ALA B 27 9.95 9.55 -12.25
C ALA B 27 10.05 8.29 -11.40
N ALA B 28 9.12 8.16 -10.46
CA ALA B 28 9.10 7.02 -9.54
C ALA B 28 9.03 5.68 -10.27
N SER B 29 10.07 4.87 -10.10
CA SER B 29 10.11 3.54 -10.68
C SER B 29 9.12 2.61 -9.98
N PRO B 30 8.75 1.47 -10.61
CA PRO B 30 7.72 0.56 -10.09
C PRO B 30 7.97 0.12 -8.64
N GLU B 31 9.17 -0.37 -8.35
CA GLU B 31 9.50 -0.85 -7.01
C GLU B 31 9.43 0.30 -6.00
N LEU B 32 9.88 1.47 -6.45
CA LEU B 32 9.81 2.68 -5.63
C LEU B 32 8.35 3.05 -5.36
N THR B 33 7.56 3.00 -6.42
CA THR B 33 6.14 3.31 -6.34
C THR B 33 5.43 2.48 -5.28
N LEU B 34 5.61 1.17 -5.38
CA LEU B 34 4.93 0.24 -4.49
C LEU B 34 5.55 0.29 -3.08
N MET B 35 6.84 0.54 -3.00
CA MET B 35 7.52 0.71 -1.73
C MET B 35 6.95 1.89 -0.98
N ILE B 36 6.70 2.98 -1.70
CA ILE B 36 6.10 4.17 -1.12
C ILE B 36 4.71 3.85 -0.56
N ALA B 37 3.92 3.10 -1.31
CA ALA B 37 2.61 2.69 -0.84
C ALA B 37 2.71 1.83 0.42
N GLY B 38 3.73 0.97 0.45
CA GLY B 38 3.98 0.16 1.63
C GLY B 38 4.39 1.00 2.81
N ASN B 39 5.17 2.04 2.53
CA ASN B 39 5.60 2.98 3.56
C ASN B 39 4.38 3.74 4.10
N ILE B 40 3.49 4.12 3.19
CA ILE B 40 2.23 4.77 3.56
C ILE B 40 1.50 3.91 4.58
N ALA B 41 1.20 2.67 4.21
CA ALA B 41 0.48 1.76 5.08
C ALA B 41 1.21 1.59 6.41
N THR B 42 2.51 1.32 6.33
CA THR B 42 3.34 1.11 7.51
C THR B 42 3.24 2.29 8.49
N ASN B 43 3.52 3.49 7.99
CA ASN B 43 3.60 4.67 8.84
C ASN B 43 2.21 5.04 9.37
N VAL B 44 1.20 4.90 8.53
CA VAL B 44 -0.18 5.19 8.93
C VAL B 44 -0.66 4.20 9.99
N LEU B 45 -0.36 2.92 9.80
CA LEU B 45 -0.78 1.89 10.73
C LEU B 45 -0.12 2.06 12.10
N ASN B 46 1.16 2.37 12.09
CA ASN B 46 1.92 2.44 13.33
C ASN B 46 1.71 3.77 14.06
N GLN B 47 1.22 4.78 13.35
CA GLN B 47 1.03 6.10 13.96
C GLN B 47 -0.44 6.51 14.04
N ARG B 48 -1.09 6.59 12.89
CA ARG B 48 -2.36 7.30 12.78
C ARG B 48 -3.56 6.40 13.11
N VAL B 49 -3.47 5.12 12.77
CA VAL B 49 -4.59 4.22 12.99
C VAL B 49 -4.53 3.62 14.40
N ALA B 50 -5.66 3.06 14.84
CA ALA B 50 -5.74 2.45 16.16
C ALA B 50 -4.98 1.13 16.20
N ALA B 51 -4.19 0.91 17.25
CA ALA B 51 -3.48 -0.35 17.43
C ALA B 51 -4.44 -1.54 17.42
N SER B 52 -5.63 -1.35 17.98
CA SER B 52 -6.67 -2.38 17.95
C SER B 52 -7.10 -2.67 16.51
N GLN B 53 -7.11 -1.62 15.70
CA GLN B 53 -7.54 -1.71 14.32
C GLN B 53 -6.38 -2.19 13.44
N ARG B 54 -5.17 -1.97 13.93
CA ARG B 54 -3.94 -2.11 13.16
C ARG B 54 -3.88 -3.43 12.37
N LYS B 55 -4.00 -4.55 13.06
CA LYS B 55 -3.87 -5.84 12.39
C LYS B 55 -5.12 -6.15 11.56
N LEU B 56 -6.28 -5.74 12.06
CA LEU B 56 -7.55 -6.02 11.37
C LEU B 56 -7.63 -5.27 10.05
N ILE B 57 -7.33 -3.97 10.08
CA ILE B 57 -7.37 -3.13 8.91
C ILE B 57 -6.29 -3.58 7.92
N ALA B 58 -5.18 -4.11 8.44
CA ALA B 58 -4.13 -4.66 7.60
C ALA B 58 -4.60 -5.92 6.87
N GLU B 59 -5.27 -6.81 7.60
CA GLU B 59 -5.81 -8.03 7.02
C GLU B 59 -6.85 -7.71 5.94
N LYS B 60 -7.76 -6.78 6.27
CA LYS B 60 -8.75 -6.30 5.32
C LYS B 60 -8.07 -5.78 4.07
N PHE B 61 -7.04 -4.97 4.27
CA PHE B 61 -6.29 -4.36 3.18
C PHE B 61 -5.59 -5.42 2.33
N ALA B 62 -4.86 -6.32 2.99
CA ALA B 62 -4.12 -7.36 2.28
C ALA B 62 -5.06 -8.24 1.47
N GLN B 63 -6.17 -8.63 2.07
CA GLN B 63 -7.15 -9.47 1.40
C GLN B 63 -7.69 -8.77 0.15
N ALA B 64 -8.14 -7.53 0.33
CA ALA B 64 -8.66 -6.74 -0.77
C ALA B 64 -7.62 -6.57 -1.87
N LEU B 65 -6.37 -6.40 -1.47
CA LEU B 65 -5.27 -6.22 -2.42
C LEU B 65 -5.05 -7.50 -3.24
N MET B 66 -5.08 -8.64 -2.57
CA MET B 66 -4.89 -9.93 -3.25
C MET B 66 -6.09 -10.24 -4.14
N SER B 67 -7.25 -9.76 -3.75
CA SER B 67 -8.46 -9.95 -4.54
C SER B 67 -8.41 -9.04 -5.77
N SER B 68 -7.69 -7.93 -5.65
CA SER B 68 -7.55 -6.99 -6.75
C SER B 68 -6.34 -7.33 -7.60
N LEU B 69 -5.55 -8.29 -7.13
CA LEU B 69 -4.39 -8.77 -7.86
C LEU B 69 -4.83 -9.39 -9.19
N GLU B 70 -4.52 -8.71 -10.28
CA GLU B 70 -4.97 -9.14 -11.58
C GLU B 70 -3.89 -9.95 -12.30
N THR B 71 -3.99 -11.26 -12.18
CA THR B 71 -3.11 -12.17 -12.87
C THR B 71 -3.87 -12.86 -14.00
N PRO B 72 -3.27 -12.92 -15.21
CA PRO B 72 -3.87 -13.61 -16.36
C PRO B 72 -4.33 -15.02 -16.01
N LYS B 73 -5.57 -15.34 -16.36
CA LYS B 73 -6.17 -16.61 -16.00
C LYS B 73 -6.37 -17.48 -17.23
N THR B 74 -5.61 -18.56 -17.31
CA THR B 74 -5.69 -19.49 -18.43
C THR B 74 -7.00 -20.25 -18.42
N HIS B 75 -7.51 -20.57 -19.61
CA HIS B 75 -8.81 -21.20 -19.76
C HIS B 75 -9.15 -21.44 -21.23
N LEU B 76 -8.74 -20.51 -22.09
CA LEU B 76 -9.17 -20.52 -23.49
C LEU B 76 -8.27 -21.38 -24.37
N GLU B 77 -7.08 -21.70 -23.90
CA GLU B 77 -6.15 -22.51 -24.67
C GLU B 77 -6.54 -23.98 -24.60
N HIS B 78 -7.41 -24.31 -23.65
CA HIS B 78 -7.87 -25.67 -23.47
C HIS B 78 -8.89 -26.03 -24.55
N HIS B 79 -8.39 -26.34 -25.74
CA HIS B 79 -9.23 -26.62 -26.89
C HIS B 79 -8.75 -27.87 -27.62
N HIS B 80 -9.70 -28.61 -28.17
CA HIS B 80 -9.37 -29.78 -28.99
C HIS B 80 -10.25 -29.82 -30.24
N HIS B 81 -9.59 -30.02 -31.39
CA HIS B 81 -10.24 -29.95 -32.70
C HIS B 81 -10.73 -28.53 -32.96
N HIS B 82 -11.83 -28.17 -32.32
CA HIS B 82 -12.40 -26.84 -32.43
C HIS B 82 -13.34 -26.59 -31.25
N HIS B 83 -13.31 -27.50 -30.29
CA HIS B 83 -14.20 -27.42 -29.14
C HIS B 83 -13.41 -26.99 -27.91
N MET A 1 19.80 -7.41 -8.49
CA MET A 1 18.51 -6.80 -8.87
C MET A 1 18.37 -5.43 -8.24
N PRO A 2 18.34 -4.37 -9.07
CA PRO A 2 18.18 -3.00 -8.61
C PRO A 2 16.71 -2.61 -8.45
N ILE A 3 15.89 -3.59 -8.06
CA ILE A 3 14.46 -3.36 -7.92
C ILE A 3 14.13 -2.63 -6.61
N THR A 4 13.93 -3.37 -5.54
CA THR A 4 13.65 -2.76 -4.25
C THR A 4 14.95 -2.42 -3.54
N SER A 5 15.05 -1.19 -3.09
CA SER A 5 16.18 -0.74 -2.30
C SER A 5 15.72 0.42 -1.44
N LYS A 6 16.53 0.82 -0.47
CA LYS A 6 16.22 1.98 0.34
C LYS A 6 16.46 3.25 -0.47
N TYR A 7 17.20 3.10 -1.58
CA TYR A 7 17.57 4.22 -2.44
C TYR A 7 18.31 5.25 -1.62
N THR A 8 18.28 6.51 -2.04
CA THR A 8 18.79 7.57 -1.20
C THR A 8 17.64 8.11 -0.35
N ASP A 9 17.91 8.35 0.92
CA ASP A 9 16.88 8.66 1.90
C ASP A 9 16.03 9.85 1.49
N GLU A 10 16.65 10.92 1.00
CA GLU A 10 15.92 12.14 0.66
C GLU A 10 15.09 11.98 -0.61
N GLN A 11 15.33 10.91 -1.36
CA GLN A 11 14.50 10.62 -2.52
C GLN A 11 13.13 10.17 -2.03
N VAL A 12 13.13 9.09 -1.27
CA VAL A 12 11.90 8.54 -0.71
C VAL A 12 11.24 9.55 0.21
N GLU A 13 12.05 10.20 1.04
CA GLU A 13 11.57 11.16 2.02
C GLU A 13 10.79 12.30 1.36
N LYS A 14 11.31 12.81 0.25
CA LYS A 14 10.72 13.96 -0.41
C LYS A 14 9.47 13.58 -1.19
N ILE A 15 9.46 12.39 -1.77
CA ILE A 15 8.25 11.90 -2.41
C ILE A 15 7.15 11.71 -1.36
N LEU A 16 7.49 11.07 -0.25
CA LEU A 16 6.54 10.85 0.83
C LEU A 16 6.01 12.17 1.37
N ALA A 17 6.89 13.15 1.53
CA ALA A 17 6.52 14.45 2.05
C ALA A 17 5.43 15.10 1.19
N GLU A 18 5.66 15.15 -0.11
CA GLU A 18 4.72 15.79 -1.02
C GLU A 18 3.41 15.01 -1.08
N VAL A 19 3.50 13.68 -1.07
CA VAL A 19 2.31 12.83 -1.08
C VAL A 19 1.50 13.02 0.20
N ALA A 20 2.19 13.02 1.34
CA ALA A 20 1.53 13.19 2.63
C ALA A 20 0.81 14.53 2.70
N LEU A 21 1.44 15.55 2.13
CA LEU A 21 0.85 16.88 2.08
C LEU A 21 -0.43 16.86 1.23
N VAL A 22 -0.42 16.08 0.15
CA VAL A 22 -1.61 15.93 -0.69
C VAL A 22 -2.75 15.35 0.13
N LEU A 23 -2.43 14.36 0.95
CA LEU A 23 -3.41 13.71 1.81
C LEU A 23 -4.01 14.71 2.79
N GLU A 24 -3.14 15.51 3.41
CA GLU A 24 -3.56 16.53 4.35
C GLU A 24 -4.29 17.68 3.64
N LYS A 25 -3.81 18.00 2.45
CA LYS A 25 -4.36 19.06 1.62
C LYS A 25 -5.79 18.75 1.21
N HIS A 26 -6.08 17.48 0.97
CA HIS A 26 -7.44 17.06 0.62
C HIS A 26 -8.19 16.57 1.85
N ALA A 27 -7.54 16.66 3.01
CA ALA A 27 -8.12 16.22 4.27
C ALA A 27 -8.63 14.78 4.16
N ALA A 28 -7.78 13.91 3.62
CA ALA A 28 -8.13 12.52 3.41
C ALA A 28 -8.20 11.78 4.75
N SER A 29 -9.35 11.16 5.01
CA SER A 29 -9.56 10.37 6.21
C SER A 29 -8.60 9.17 6.22
N PRO A 30 -8.32 8.60 7.41
CA PRO A 30 -7.41 7.47 7.55
C PRO A 30 -7.79 6.30 6.64
N GLU A 31 -9.06 5.96 6.62
CA GLU A 31 -9.54 4.86 5.77
C GLU A 31 -9.31 5.19 4.29
N LEU A 32 -9.65 6.41 3.89
CA LEU A 32 -9.42 6.87 2.51
C LEU A 32 -7.93 6.83 2.19
N THR A 33 -7.12 7.31 3.12
CA THR A 33 -5.68 7.36 2.95
C THR A 33 -5.09 5.98 2.67
N LEU A 34 -5.38 5.03 3.55
CA LEU A 34 -4.81 3.71 3.46
C LEU A 34 -5.40 2.95 2.26
N MET A 35 -6.66 3.23 1.95
CA MET A 35 -7.30 2.65 0.78
C MET A 35 -6.63 3.14 -0.50
N ILE A 36 -6.23 4.41 -0.48
CA ILE A 36 -5.49 4.99 -1.59
C ILE A 36 -4.19 4.25 -1.82
N ALA A 37 -3.46 3.98 -0.73
CA ALA A 37 -2.21 3.23 -0.81
C ALA A 37 -2.43 1.86 -1.46
N GLY A 38 -3.54 1.22 -1.11
CA GLY A 38 -3.87 -0.05 -1.71
C GLY A 38 -4.20 0.08 -3.19
N ASN A 39 -4.85 1.18 -3.54
CA ASN A 39 -5.18 1.45 -4.94
C ASN A 39 -3.90 1.71 -5.73
N ILE A 40 -2.92 2.33 -5.07
CA ILE A 40 -1.61 2.55 -5.68
C ILE A 40 -0.99 1.21 -6.07
N ALA A 41 -0.94 0.29 -5.11
CA ALA A 41 -0.43 -1.06 -5.36
C ALA A 41 -1.23 -1.73 -6.48
N THR A 42 -2.54 -1.57 -6.44
CA THR A 42 -3.42 -2.14 -7.46
C THR A 42 -3.10 -1.54 -8.84
N ASN A 43 -2.90 -0.22 -8.88
CA ASN A 43 -2.53 0.46 -10.12
C ASN A 43 -1.21 -0.08 -10.65
N VAL A 44 -0.26 -0.31 -9.74
CA VAL A 44 1.01 -0.91 -10.10
C VAL A 44 0.77 -2.28 -10.72
N LEU A 45 0.04 -3.12 -10.01
CA LEU A 45 -0.22 -4.49 -10.46
C LEU A 45 -1.03 -4.50 -11.77
N ASN A 46 -1.61 -3.35 -12.11
CA ASN A 46 -2.40 -3.24 -13.32
C ASN A 46 -1.57 -2.81 -14.54
N GLN A 47 -0.88 -1.67 -14.45
CA GLN A 47 -0.28 -1.08 -15.63
C GLN A 47 1.15 -0.67 -15.35
N ARG A 48 1.64 -1.04 -14.19
CA ARG A 48 2.86 -0.44 -13.69
C ARG A 48 3.82 -1.49 -13.16
N VAL A 49 3.68 -2.72 -13.63
CA VAL A 49 4.51 -3.83 -13.18
C VAL A 49 4.49 -4.97 -14.20
N ALA A 50 5.50 -5.82 -14.16
CA ALA A 50 5.56 -6.97 -15.04
C ALA A 50 4.61 -8.06 -14.57
N ALA A 51 3.96 -8.74 -15.51
CA ALA A 51 3.01 -9.79 -15.18
C ALA A 51 3.70 -10.92 -14.41
N SER A 52 4.95 -11.19 -14.78
CA SER A 52 5.75 -12.22 -14.13
C SER A 52 6.06 -11.84 -12.69
N GLN A 53 5.86 -10.57 -12.36
CA GLN A 53 6.32 -10.03 -11.10
C GLN A 53 5.16 -9.70 -10.17
N ARG A 54 3.94 -9.85 -10.66
CA ARG A 54 2.76 -9.36 -9.94
C ARG A 54 2.49 -10.13 -8.65
N LYS A 55 2.75 -11.43 -8.65
CA LYS A 55 2.57 -12.21 -7.42
C LYS A 55 3.69 -11.92 -6.44
N LEU A 56 4.93 -11.93 -6.94
CA LEU A 56 6.09 -11.64 -6.10
C LEU A 56 5.98 -10.25 -5.47
N ILE A 57 5.68 -9.26 -6.30
CA ILE A 57 5.68 -7.87 -5.85
C ILE A 57 4.51 -7.60 -4.90
N ALA A 58 3.40 -8.33 -5.07
CA ALA A 58 2.27 -8.20 -4.17
C ALA A 58 2.60 -8.74 -2.78
N GLU A 59 3.23 -9.91 -2.75
CA GLU A 59 3.65 -10.52 -1.49
C GLU A 59 4.77 -9.71 -0.88
N LYS A 60 5.68 -9.25 -1.73
CA LYS A 60 6.80 -8.41 -1.32
C LYS A 60 6.28 -7.15 -0.61
N PHE A 61 5.19 -6.60 -1.13
CA PHE A 61 4.52 -5.46 -0.54
C PHE A 61 4.05 -5.80 0.88
N ALA A 62 3.28 -6.87 0.99
CA ALA A 62 2.68 -7.27 2.25
C ALA A 62 3.76 -7.56 3.30
N GLN A 63 4.76 -8.36 2.93
CA GLN A 63 5.80 -8.75 3.88
C GLN A 63 6.51 -7.52 4.45
N ALA A 64 6.77 -6.54 3.59
CA ALA A 64 7.44 -5.32 4.02
C ALA A 64 6.53 -4.49 4.93
N LEU A 65 5.25 -4.46 4.58
CA LEU A 65 4.26 -3.70 5.33
C LEU A 65 4.09 -4.26 6.73
N MET A 66 4.04 -5.58 6.84
CA MET A 66 3.90 -6.24 8.14
C MET A 66 5.18 -6.11 8.95
N SER A 67 6.30 -5.93 8.26
CA SER A 67 7.57 -5.72 8.93
C SER A 67 7.63 -4.31 9.53
N SER A 68 6.88 -3.38 8.93
CA SER A 68 6.82 -2.02 9.41
C SER A 68 5.55 -1.76 10.21
N LEU A 69 4.83 -2.84 10.52
CA LEU A 69 3.56 -2.77 11.24
C LEU A 69 3.79 -2.72 12.76
N GLU A 70 5.05 -2.46 13.14
CA GLU A 70 5.48 -2.50 14.55
C GLU A 70 5.47 -3.93 15.07
N THR A 71 4.27 -4.48 15.22
CA THR A 71 4.08 -5.80 15.80
C THR A 71 4.57 -5.83 17.25
N PRO A 72 3.66 -5.56 18.21
CA PRO A 72 4.02 -5.50 19.63
C PRO A 72 4.37 -6.88 20.21
N LYS A 73 5.62 -7.26 20.02
CA LYS A 73 6.12 -8.52 20.56
C LYS A 73 7.01 -8.25 21.77
N THR A 74 6.64 -8.81 22.91
CA THR A 74 7.47 -8.74 24.10
C THR A 74 8.60 -9.76 23.97
N HIS A 75 9.71 -9.50 24.64
CA HIS A 75 10.88 -10.38 24.57
C HIS A 75 10.50 -11.80 24.99
N LEU A 76 9.69 -11.92 26.01
CA LEU A 76 9.12 -13.21 26.37
C LEU A 76 7.60 -13.08 26.42
N GLU A 77 6.95 -13.45 25.31
CA GLU A 77 5.51 -13.39 25.24
C GLU A 77 4.92 -14.77 25.50
N HIS A 78 4.51 -15.47 24.42
CA HIS A 78 3.85 -16.78 24.51
C HIS A 78 2.46 -16.67 25.17
N HIS A 79 2.37 -15.89 26.23
CA HIS A 79 1.12 -15.63 26.90
C HIS A 79 0.28 -14.68 26.05
N HIS A 80 -0.38 -15.25 25.04
CA HIS A 80 -1.19 -14.46 24.10
C HIS A 80 -2.51 -14.10 24.73
N HIS A 81 -2.91 -14.87 25.73
CA HIS A 81 -4.16 -14.65 26.43
C HIS A 81 -4.02 -13.49 27.41
N HIS A 82 -3.78 -12.29 26.86
CA HIS A 82 -3.61 -11.07 27.63
C HIS A 82 -2.30 -11.05 28.41
N HIS A 83 -1.39 -10.16 28.03
CA HIS A 83 -0.15 -9.98 28.75
C HIS A 83 0.06 -8.50 29.06
N MET B 1 -21.71 -2.44 9.20
CA MET B 1 -21.46 -1.25 8.36
C MET B 1 -20.02 -1.27 7.86
N PRO B 2 -19.81 -0.96 6.57
CA PRO B 2 -18.51 -1.05 5.93
C PRO B 2 -17.54 0.02 6.39
N ILE B 3 -16.57 -0.37 7.21
CA ILE B 3 -15.45 0.51 7.52
C ILE B 3 -14.61 0.69 6.26
N THR B 4 -14.11 1.90 6.06
CA THR B 4 -13.43 2.26 4.83
C THR B 4 -14.46 2.33 3.70
N SER B 5 -15.01 3.51 3.52
CA SER B 5 -16.17 3.70 2.69
C SER B 5 -15.83 3.90 1.21
N LYS B 6 -16.83 3.66 0.37
CA LYS B 6 -16.75 4.00 -1.03
C LYS B 6 -16.97 5.50 -1.21
N TYR B 7 -16.00 6.29 -0.77
CA TYR B 7 -16.00 7.72 -1.01
C TYR B 7 -16.27 8.05 -2.48
N THR B 8 -16.71 9.29 -2.71
CA THR B 8 -16.96 9.77 -4.05
C THR B 8 -15.77 9.47 -4.97
N ASP B 9 -16.03 8.71 -6.02
CA ASP B 9 -14.99 8.24 -6.94
C ASP B 9 -14.13 9.40 -7.45
N GLU B 10 -14.78 10.51 -7.78
CA GLU B 10 -14.09 11.71 -8.26
C GLU B 10 -13.02 12.18 -7.27
N GLN B 11 -13.34 12.11 -5.98
CA GLN B 11 -12.41 12.51 -4.93
C GLN B 11 -11.21 11.59 -4.89
N VAL B 12 -11.50 10.29 -4.80
CA VAL B 12 -10.45 9.28 -4.70
C VAL B 12 -9.54 9.33 -5.92
N GLU B 13 -10.15 9.41 -7.11
CA GLU B 13 -9.39 9.47 -8.36
C GLU B 13 -8.48 10.70 -8.39
N LYS B 14 -9.01 11.84 -7.94
CA LYS B 14 -8.26 13.09 -7.98
C LYS B 14 -7.01 13.00 -7.12
N ILE B 15 -7.15 12.47 -5.91
CA ILE B 15 -6.02 12.33 -5.01
C ILE B 15 -5.01 11.33 -5.60
N LEU B 16 -5.52 10.23 -6.13
CA LEU B 16 -4.67 9.22 -6.77
C LEU B 16 -3.86 9.83 -7.89
N ALA B 17 -4.54 10.61 -8.73
CA ALA B 17 -3.90 11.27 -9.87
C ALA B 17 -2.73 12.13 -9.42
N GLU B 18 -2.94 12.91 -8.38
CA GLU B 18 -1.90 13.81 -7.88
C GLU B 18 -0.76 13.02 -7.25
N VAL B 19 -1.10 11.99 -6.48
CA VAL B 19 -0.09 11.14 -5.86
C VAL B 19 0.79 10.49 -6.92
N ALA B 20 0.15 9.96 -7.96
CA ALA B 20 0.87 9.35 -9.07
C ALA B 20 1.72 10.38 -9.79
N LEU B 21 1.20 11.61 -9.91
CA LEU B 21 1.94 12.68 -10.56
C LEU B 21 3.17 13.08 -9.75
N VAL B 22 3.11 12.94 -8.43
CA VAL B 22 4.27 13.21 -7.59
C VAL B 22 5.38 12.21 -7.90
N LEU B 23 4.97 10.99 -8.20
CA LEU B 23 5.90 9.92 -8.54
C LEU B 23 6.48 10.18 -9.93
N GLU B 24 5.62 10.51 -10.88
CA GLU B 24 6.05 10.87 -12.23
C GLU B 24 6.88 12.14 -12.21
N LYS B 25 6.64 12.99 -11.23
CA LYS B 25 7.37 14.23 -11.05
C LYS B 25 8.84 13.97 -10.76
N HIS B 26 9.11 12.98 -9.93
CA HIS B 26 10.49 12.69 -9.51
C HIS B 26 11.05 11.48 -10.26
N ALA B 27 10.33 11.04 -11.29
CA ALA B 27 10.75 9.88 -12.09
C ALA B 27 10.90 8.64 -11.22
N ALA B 28 9.90 8.40 -10.39
CA ALA B 28 9.90 7.25 -9.48
C ALA B 28 9.70 5.94 -10.23
N SER B 29 10.49 4.95 -9.87
CA SER B 29 10.39 3.61 -10.43
C SER B 29 9.11 2.92 -9.96
N PRO B 30 8.69 1.84 -10.63
CA PRO B 30 7.53 1.05 -10.20
C PRO B 30 7.70 0.54 -8.77
N GLU B 31 8.91 0.08 -8.46
CA GLU B 31 9.25 -0.39 -7.13
C GLU B 31 9.14 0.72 -6.11
N LEU B 32 9.74 1.87 -6.41
CA LEU B 32 9.63 3.04 -5.54
C LEU B 32 8.17 3.42 -5.37
N THR B 33 7.43 3.42 -6.47
CA THR B 33 6.00 3.69 -6.48
C THR B 33 5.27 2.84 -5.45
N LEU B 34 5.44 1.54 -5.57
CA LEU B 34 4.74 0.59 -4.72
C LEU B 34 5.25 0.68 -3.28
N MET B 35 6.54 0.96 -3.13
CA MET B 35 7.13 1.11 -1.80
C MET B 35 6.60 2.36 -1.12
N ILE B 36 6.33 3.40 -1.89
CA ILE B 36 5.71 4.61 -1.37
C ILE B 36 4.32 4.29 -0.82
N ALA B 37 3.56 3.50 -1.58
CA ALA B 37 2.25 3.03 -1.13
C ALA B 37 2.37 2.29 0.20
N GLY B 38 3.41 1.47 0.31
CA GLY B 38 3.68 0.78 1.55
C GLY B 38 3.96 1.74 2.69
N ASN B 39 4.80 2.73 2.42
CA ASN B 39 5.15 3.74 3.42
C ASN B 39 3.91 4.53 3.85
N ILE B 40 3.01 4.78 2.90
CA ILE B 40 1.74 5.44 3.21
C ILE B 40 0.95 4.61 4.21
N ALA B 41 0.72 3.34 3.86
CA ALA B 41 -0.01 2.43 4.73
C ALA B 41 0.67 2.31 6.07
N THR B 42 2.00 2.26 6.05
CA THR B 42 2.80 2.18 7.27
C THR B 42 2.48 3.32 8.22
N ASN B 43 2.56 4.56 7.73
CA ASN B 43 2.31 5.74 8.55
C ASN B 43 0.88 5.69 9.11
N VAL B 44 -0.06 5.29 8.27
CA VAL B 44 -1.45 5.14 8.71
C VAL B 44 -1.53 4.07 9.79
N LEU B 45 -0.79 2.99 9.60
CA LEU B 45 -0.76 1.87 10.54
C LEU B 45 0.10 2.21 11.76
N ASN B 46 0.74 3.37 11.75
CA ASN B 46 1.51 3.82 12.90
C ASN B 46 0.70 4.82 13.72
N GLN B 47 0.35 5.94 13.11
CA GLN B 47 -0.25 7.06 13.84
C GLN B 47 -1.76 7.16 13.59
N ARG B 48 -2.18 6.92 12.36
CA ARG B 48 -3.56 7.19 11.97
C ARG B 48 -4.48 5.99 12.17
N VAL B 49 -4.06 5.03 12.97
CA VAL B 49 -4.90 3.86 13.25
C VAL B 49 -4.79 3.46 14.71
N ALA B 50 -5.78 2.72 15.19
CA ALA B 50 -5.78 2.24 16.57
C ALA B 50 -4.97 0.96 16.68
N ALA B 51 -4.33 0.76 17.82
CA ALA B 51 -3.55 -0.44 18.08
C ALA B 51 -4.41 -1.69 17.95
N SER B 52 -5.64 -1.63 18.47
CA SER B 52 -6.57 -2.74 18.39
C SER B 52 -6.98 -2.99 16.94
N GLN B 53 -6.87 -1.97 16.12
CA GLN B 53 -7.30 -2.04 14.73
C GLN B 53 -6.11 -2.39 13.83
N ARG B 54 -4.92 -2.16 14.36
CA ARG B 54 -3.68 -2.21 13.57
C ARG B 54 -3.54 -3.53 12.80
N LYS B 55 -3.58 -4.65 13.51
CA LYS B 55 -3.43 -5.95 12.88
C LYS B 55 -4.62 -6.26 11.96
N LEU B 56 -5.81 -5.98 12.45
CA LEU B 56 -7.03 -6.33 11.73
C LEU B 56 -7.12 -5.57 10.41
N ILE B 57 -6.95 -4.27 10.47
CA ILE B 57 -7.09 -3.44 9.28
C ILE B 57 -5.97 -3.72 8.27
N ALA B 58 -4.78 -4.08 8.78
CA ALA B 58 -3.66 -4.42 7.91
C ALA B 58 -3.90 -5.77 7.24
N GLU B 59 -4.43 -6.72 8.01
CA GLU B 59 -4.75 -8.05 7.49
C GLU B 59 -5.84 -7.93 6.41
N LYS B 60 -6.90 -7.23 6.76
CA LYS B 60 -8.00 -6.97 5.83
C LYS B 60 -7.50 -6.25 4.58
N PHE B 61 -6.59 -5.31 4.78
CA PHE B 61 -5.99 -4.55 3.67
C PHE B 61 -5.29 -5.49 2.69
N ALA B 62 -4.48 -6.39 3.22
CA ALA B 62 -3.77 -7.36 2.39
C ALA B 62 -4.75 -8.24 1.63
N GLN B 63 -5.74 -8.76 2.34
CA GLN B 63 -6.75 -9.61 1.73
C GLN B 63 -7.51 -8.84 0.65
N ALA B 64 -7.79 -7.57 0.93
CA ALA B 64 -8.51 -6.72 -0.02
C ALA B 64 -7.67 -6.42 -1.25
N LEU B 65 -6.36 -6.28 -1.05
CA LEU B 65 -5.44 -6.05 -2.17
C LEU B 65 -5.49 -7.22 -3.12
N MET B 66 -5.49 -8.43 -2.59
CA MET B 66 -5.56 -9.64 -3.40
C MET B 66 -6.94 -9.82 -4.03
N SER B 67 -7.95 -9.20 -3.42
CA SER B 67 -9.31 -9.25 -3.96
C SER B 67 -9.45 -8.22 -5.09
N SER B 68 -8.76 -7.10 -4.93
CA SER B 68 -8.74 -6.05 -5.93
C SER B 68 -7.92 -6.49 -7.14
N LEU B 69 -6.91 -7.31 -6.88
CA LEU B 69 -6.07 -7.89 -7.92
C LEU B 69 -6.91 -8.73 -8.89
N GLU B 70 -6.91 -8.33 -10.15
CA GLU B 70 -7.57 -9.12 -11.18
C GLU B 70 -6.54 -9.88 -11.99
N THR B 71 -6.91 -11.10 -12.40
CA THR B 71 -6.03 -11.98 -13.17
C THR B 71 -5.39 -11.24 -14.36
N PRO B 72 -4.08 -11.44 -14.56
CA PRO B 72 -3.29 -10.73 -15.58
C PRO B 72 -3.57 -11.19 -17.01
N LYS B 73 -4.81 -11.55 -17.30
CA LYS B 73 -5.19 -11.97 -18.64
C LYS B 73 -5.17 -10.80 -19.61
N THR B 74 -5.86 -9.72 -19.23
CA THR B 74 -5.93 -8.49 -20.03
C THR B 74 -6.15 -8.77 -21.51
N HIS B 75 -7.39 -9.09 -21.87
CA HIS B 75 -7.73 -9.43 -23.25
C HIS B 75 -8.72 -8.42 -23.82
N LEU B 76 -8.24 -7.62 -24.78
CA LEU B 76 -9.06 -6.60 -25.43
C LEU B 76 -9.64 -5.60 -24.42
N GLU B 77 -8.79 -4.69 -23.96
CA GLU B 77 -9.25 -3.63 -23.07
C GLU B 77 -9.84 -2.50 -23.90
N HIS B 78 -11.14 -2.30 -23.77
CA HIS B 78 -11.85 -1.32 -24.58
C HIS B 78 -13.18 -0.97 -23.91
N HIS B 79 -13.37 0.32 -23.66
CA HIS B 79 -14.59 0.80 -23.02
C HIS B 79 -15.81 0.49 -23.86
N HIS B 80 -16.88 0.04 -23.21
CA HIS B 80 -18.12 -0.25 -23.90
C HIS B 80 -18.99 1.01 -23.87
N HIS B 81 -18.71 1.85 -22.89
CA HIS B 81 -19.32 3.16 -22.80
C HIS B 81 -18.62 4.09 -23.80
N HIS B 82 -19.36 4.52 -24.82
CA HIS B 82 -18.79 5.35 -25.89
C HIS B 82 -18.17 6.63 -25.34
N HIS B 83 -19.00 7.47 -24.74
CA HIS B 83 -18.55 8.73 -24.19
C HIS B 83 -19.66 9.37 -23.39
N MET A 1 17.10 -1.00 4.69
CA MET A 1 16.55 -2.35 4.47
C MET A 1 16.93 -2.85 3.09
N PRO A 2 17.31 -4.13 2.99
CA PRO A 2 17.74 -4.73 1.71
C PRO A 2 16.61 -4.82 0.69
N ILE A 3 15.39 -4.97 1.19
CA ILE A 3 14.23 -5.11 0.33
C ILE A 3 13.79 -3.78 -0.26
N THR A 4 13.90 -3.68 -1.57
CA THR A 4 13.31 -2.58 -2.34
C THR A 4 14.04 -1.26 -2.19
N SER A 5 14.49 -0.94 -0.99
CA SER A 5 15.11 0.35 -0.71
C SER A 5 16.60 0.33 -1.00
N LYS A 6 16.96 0.87 -2.15
CA LYS A 6 18.36 1.12 -2.49
C LYS A 6 18.49 2.48 -3.15
N TYR A 7 17.49 3.32 -2.91
CA TYR A 7 17.45 4.66 -3.50
C TYR A 7 18.07 5.67 -2.54
N THR A 8 18.01 6.93 -2.91
CA THR A 8 18.45 8.01 -2.05
C THR A 8 17.37 8.32 -1.02
N ASP A 9 17.78 8.42 0.24
CA ASP A 9 16.84 8.64 1.34
C ASP A 9 16.10 9.97 1.14
N GLU A 10 16.81 10.96 0.64
CA GLU A 10 16.26 12.29 0.42
C GLU A 10 15.09 12.27 -0.57
N GLN A 11 15.28 11.58 -1.70
CA GLN A 11 14.23 11.51 -2.71
C GLN A 11 13.00 10.80 -2.17
N VAL A 12 13.23 9.76 -1.37
CA VAL A 12 12.12 9.02 -0.77
C VAL A 12 11.31 9.91 0.17
N GLU A 13 11.99 10.61 1.07
CA GLU A 13 11.29 11.45 2.04
C GLU A 13 10.65 12.66 1.36
N LYS A 14 11.21 13.10 0.23
CA LYS A 14 10.66 14.23 -0.51
C LYS A 14 9.38 13.83 -1.22
N ILE A 15 9.38 12.67 -1.85
CA ILE A 15 8.19 12.17 -2.52
C ILE A 15 7.10 11.88 -1.49
N LEU A 16 7.49 11.24 -0.39
CA LEU A 16 6.55 10.97 0.71
C LEU A 16 5.94 12.26 1.22
N ALA A 17 6.76 13.30 1.35
CA ALA A 17 6.30 14.60 1.84
C ALA A 17 5.21 15.17 0.92
N GLU A 18 5.50 15.21 -0.37
CA GLU A 18 4.55 15.76 -1.34
C GLU A 18 3.27 14.93 -1.40
N VAL A 19 3.42 13.61 -1.38
CA VAL A 19 2.26 12.71 -1.39
C VAL A 19 1.41 12.90 -0.13
N ALA A 20 2.06 12.88 1.03
CA ALA A 20 1.36 13.03 2.30
C ALA A 20 0.71 14.40 2.40
N LEU A 21 1.34 15.40 1.78
CA LEU A 21 0.80 16.75 1.77
C LEU A 21 -0.52 16.79 1.00
N VAL A 22 -0.56 16.13 -0.15
CA VAL A 22 -1.78 16.07 -0.96
C VAL A 22 -2.90 15.40 -0.16
N LEU A 23 -2.54 14.35 0.55
CA LEU A 23 -3.48 13.61 1.40
C LEU A 23 -4.01 14.52 2.51
N GLU A 24 -3.10 15.18 3.20
CA GLU A 24 -3.45 16.08 4.30
C GLU A 24 -4.29 17.25 3.78
N LYS A 25 -3.88 17.81 2.66
CA LYS A 25 -4.56 18.96 2.06
C LYS A 25 -5.99 18.59 1.66
N HIS A 26 -6.18 17.36 1.23
CA HIS A 26 -7.51 16.88 0.84
C HIS A 26 -8.26 16.33 2.04
N ALA A 27 -7.67 16.46 3.22
CA ALA A 27 -8.28 16.01 4.48
C ALA A 27 -8.55 14.51 4.45
N ALA A 28 -7.64 13.76 3.84
CA ALA A 28 -7.77 12.32 3.73
C ALA A 28 -7.75 11.64 5.08
N SER A 29 -8.86 10.99 5.42
CA SER A 29 -8.96 10.24 6.66
C SER A 29 -8.21 8.91 6.50
N PRO A 30 -7.88 8.22 7.63
CA PRO A 30 -7.12 6.96 7.61
C PRO A 30 -7.62 5.97 6.56
N GLU A 31 -8.93 5.73 6.56
CA GLU A 31 -9.56 4.82 5.59
C GLU A 31 -9.22 5.25 4.16
N LEU A 32 -9.43 6.53 3.86
CA LEU A 32 -9.15 7.07 2.54
C LEU A 32 -7.67 6.99 2.23
N THR A 33 -6.85 7.28 3.24
CA THR A 33 -5.40 7.27 3.09
C THR A 33 -4.91 5.89 2.65
N LEU A 34 -5.41 4.86 3.31
CA LEU A 34 -5.03 3.50 2.97
C LEU A 34 -5.64 3.11 1.63
N MET A 35 -6.84 3.60 1.36
CA MET A 35 -7.50 3.37 0.07
C MET A 35 -6.63 3.87 -1.06
N ILE A 36 -6.04 5.05 -0.87
CA ILE A 36 -5.12 5.63 -1.84
C ILE A 36 -3.95 4.69 -2.06
N ALA A 37 -3.32 4.26 -0.97
CA ALA A 37 -2.17 3.35 -1.05
C ALA A 37 -2.53 2.05 -1.75
N GLY A 38 -3.67 1.47 -1.37
CA GLY A 38 -4.15 0.26 -2.03
C GLY A 38 -4.37 0.46 -3.52
N ASN A 39 -4.99 1.57 -3.88
CA ASN A 39 -5.22 1.89 -5.28
C ASN A 39 -3.92 2.07 -6.04
N ILE A 40 -2.93 2.68 -5.39
CA ILE A 40 -1.60 2.84 -5.96
C ILE A 40 -1.03 1.48 -6.35
N ALA A 41 -0.91 0.60 -5.35
CA ALA A 41 -0.37 -0.73 -5.56
C ALA A 41 -1.16 -1.50 -6.61
N THR A 42 -2.48 -1.41 -6.54
CA THR A 42 -3.35 -2.08 -7.49
C THR A 42 -3.04 -1.63 -8.93
N ASN A 43 -3.01 -0.32 -9.15
CA ASN A 43 -2.76 0.24 -10.48
C ASN A 43 -1.39 -0.19 -10.98
N VAL A 44 -0.40 -0.17 -10.08
CA VAL A 44 0.94 -0.60 -10.44
C VAL A 44 0.95 -2.06 -10.86
N LEU A 45 0.30 -2.91 -10.07
CA LEU A 45 0.27 -4.33 -10.38
C LEU A 45 -0.61 -4.62 -11.61
N ASN A 46 -1.41 -3.65 -12.01
CA ASN A 46 -2.22 -3.80 -13.22
C ASN A 46 -1.43 -3.43 -14.46
N GLN A 47 -0.74 -2.30 -14.42
CA GLN A 47 -0.08 -1.76 -15.60
C GLN A 47 1.44 -1.72 -15.47
N ARG A 48 1.93 -1.27 -14.33
CA ARG A 48 3.32 -0.87 -14.19
C ARG A 48 4.26 -2.00 -13.76
N VAL A 49 3.72 -3.15 -13.38
CA VAL A 49 4.57 -4.24 -12.92
C VAL A 49 4.57 -5.38 -13.93
N ALA A 50 5.56 -6.26 -13.83
CA ALA A 50 5.63 -7.42 -14.72
C ALA A 50 4.61 -8.47 -14.32
N ALA A 51 3.97 -9.07 -15.31
CA ALA A 51 2.97 -10.11 -15.11
C ALA A 51 3.44 -11.19 -14.12
N SER A 52 4.66 -11.67 -14.33
CA SER A 52 5.22 -12.73 -13.49
C SER A 52 5.73 -12.19 -12.15
N GLN A 53 5.99 -10.89 -12.10
CA GLN A 53 6.46 -10.24 -10.88
C GLN A 53 5.31 -10.01 -9.92
N ARG A 54 4.09 -9.96 -10.46
CA ARG A 54 2.90 -9.61 -9.69
C ARG A 54 2.76 -10.42 -8.41
N LYS A 55 2.78 -11.74 -8.52
CA LYS A 55 2.56 -12.60 -7.37
C LYS A 55 3.66 -12.40 -6.32
N LEU A 56 4.89 -12.29 -6.79
CA LEU A 56 6.03 -12.16 -5.91
C LEU A 56 6.06 -10.79 -5.24
N ILE A 57 5.93 -9.73 -6.05
CA ILE A 57 6.05 -8.38 -5.54
C ILE A 57 4.90 -8.03 -4.59
N ALA A 58 3.72 -8.59 -4.86
CA ALA A 58 2.56 -8.36 -4.03
C ALA A 58 2.73 -9.01 -2.67
N GLU A 59 3.17 -10.26 -2.68
CA GLU A 59 3.40 -11.00 -1.44
C GLU A 59 4.56 -10.38 -0.68
N LYS A 60 5.60 -9.98 -1.41
CA LYS A 60 6.75 -9.29 -0.84
C LYS A 60 6.30 -8.03 -0.11
N PHE A 61 5.47 -7.25 -0.79
CA PHE A 61 4.96 -6.00 -0.23
C PHE A 61 4.14 -6.25 1.03
N ALA A 62 3.25 -7.23 0.97
CA ALA A 62 2.39 -7.55 2.11
C ALA A 62 3.22 -8.00 3.31
N GLN A 63 4.22 -8.84 3.05
CA GLN A 63 5.09 -9.32 4.13
C GLN A 63 5.94 -8.18 4.68
N ALA A 64 6.34 -7.26 3.82
CA ALA A 64 7.09 -6.08 4.25
C ALA A 64 6.24 -5.17 5.12
N LEU A 65 4.95 -5.15 4.86
CA LEU A 65 4.01 -4.34 5.63
C LEU A 65 3.77 -4.97 7.00
N MET A 66 3.84 -6.30 7.05
CA MET A 66 3.61 -7.02 8.30
C MET A 66 4.86 -7.04 9.17
N SER A 67 6.02 -6.82 8.56
CA SER A 67 7.27 -6.78 9.31
C SER A 67 7.53 -5.36 9.82
N SER A 68 6.96 -4.37 9.14
CA SER A 68 7.04 -2.99 9.59
C SER A 68 5.84 -2.65 10.46
N LEU A 69 5.03 -3.67 10.74
CA LEU A 69 3.84 -3.52 11.56
C LEU A 69 4.22 -3.41 13.04
N GLU A 70 4.28 -2.18 13.53
CA GLU A 70 4.59 -1.95 14.93
C GLU A 70 3.36 -2.16 15.81
N THR A 71 3.31 -3.30 16.45
CA THR A 71 2.29 -3.58 17.43
C THR A 71 2.63 -2.89 18.75
N PRO A 72 1.67 -2.79 19.69
CA PRO A 72 1.90 -2.15 20.99
C PRO A 72 3.10 -2.74 21.74
N LYS A 73 4.22 -2.02 21.71
CA LYS A 73 5.43 -2.46 22.38
C LYS A 73 5.54 -1.76 23.73
N THR A 74 5.03 -2.40 24.76
CA THR A 74 5.02 -1.83 26.09
C THR A 74 6.37 -1.96 26.78
N HIS A 75 6.92 -3.17 26.78
CA HIS A 75 8.19 -3.42 27.43
C HIS A 75 9.35 -3.05 26.51
N LEU A 76 9.14 -3.22 25.21
CA LEU A 76 10.16 -2.91 24.22
C LEU A 76 10.07 -1.45 23.82
N GLU A 77 10.85 -0.61 24.49
CA GLU A 77 10.84 0.82 24.21
C GLU A 77 11.79 1.14 23.05
N HIS A 78 11.22 1.33 21.88
CA HIS A 78 12.01 1.62 20.69
C HIS A 78 12.27 3.12 20.56
N HIS A 79 12.84 3.70 21.62
CA HIS A 79 13.14 5.13 21.64
C HIS A 79 14.50 5.37 20.99
N HIS A 80 14.54 5.22 19.67
CA HIS A 80 15.74 5.57 18.91
C HIS A 80 15.59 6.99 18.38
N HIS A 81 16.40 7.88 18.91
CA HIS A 81 16.24 9.30 18.66
C HIS A 81 16.98 9.73 17.39
N HIS A 82 16.22 10.03 16.34
CA HIS A 82 16.77 10.68 15.16
C HIS A 82 16.20 12.09 15.07
N HIS A 83 15.02 12.26 15.65
CA HIS A 83 14.36 13.56 15.72
C HIS A 83 13.73 13.72 17.09
N MET B 1 -19.88 -4.79 -1.08
CA MET B 1 -19.28 -5.18 0.22
C MET B 1 -18.72 -3.94 0.93
N PRO B 2 -18.77 -3.90 2.26
CA PRO B 2 -18.19 -2.80 3.04
C PRO B 2 -16.67 -2.90 3.12
N ILE B 3 -15.99 -2.42 2.10
CA ILE B 3 -14.54 -2.49 2.03
C ILE B 3 -13.89 -1.33 2.80
N THR B 4 -14.41 -0.13 2.61
CA THR B 4 -13.87 1.06 3.24
C THR B 4 -14.97 2.12 3.37
N SER B 5 -14.77 3.07 4.28
CA SER B 5 -15.71 4.17 4.46
C SER B 5 -15.99 4.88 3.13
N LYS B 6 -17.26 5.09 2.83
CA LYS B 6 -17.66 5.64 1.54
C LYS B 6 -17.52 7.15 1.52
N TYR B 7 -16.34 7.59 1.12
CA TYR B 7 -16.12 9.01 0.82
C TYR B 7 -16.65 9.32 -0.58
N THR B 8 -16.38 10.52 -1.07
CA THR B 8 -16.75 10.90 -2.42
C THR B 8 -15.86 10.20 -3.44
N ASP B 9 -16.49 9.47 -4.35
CA ASP B 9 -15.78 8.66 -5.36
C ASP B 9 -14.85 9.53 -6.21
N GLU B 10 -15.33 10.70 -6.58
CA GLU B 10 -14.54 11.62 -7.40
C GLU B 10 -13.34 12.15 -6.63
N GLN B 11 -13.55 12.45 -5.35
CA GLN B 11 -12.48 12.95 -4.49
C GLN B 11 -11.33 11.96 -4.46
N VAL B 12 -11.68 10.68 -4.28
CA VAL B 12 -10.69 9.61 -4.27
C VAL B 12 -9.89 9.60 -5.56
N GLU B 13 -10.61 9.67 -6.68
CA GLU B 13 -9.98 9.62 -8.00
C GLU B 13 -9.04 10.80 -8.23
N LYS B 14 -9.44 11.98 -7.73
CA LYS B 14 -8.63 13.18 -7.88
C LYS B 14 -7.33 13.06 -7.10
N ILE B 15 -7.44 12.60 -5.86
CA ILE B 15 -6.28 12.43 -5.00
C ILE B 15 -5.29 11.44 -5.63
N LEU B 16 -5.83 10.35 -6.16
CA LEU B 16 -5.00 9.34 -6.83
C LEU B 16 -4.19 9.96 -7.96
N ALA B 17 -4.83 10.83 -8.74
CA ALA B 17 -4.18 11.47 -9.87
C ALA B 17 -3.02 12.34 -9.41
N GLU B 18 -3.25 13.14 -8.37
CA GLU B 18 -2.22 14.03 -7.84
C GLU B 18 -1.06 13.24 -7.23
N VAL B 19 -1.38 12.20 -6.48
CA VAL B 19 -0.37 11.34 -5.89
C VAL B 19 0.46 10.65 -6.98
N ALA B 20 -0.22 10.12 -7.98
CA ALA B 20 0.44 9.44 -9.09
C ALA B 20 1.32 10.43 -9.87
N LEU B 21 0.89 11.67 -9.93
CA LEU B 21 1.63 12.71 -10.64
C LEU B 21 2.96 12.99 -9.94
N VAL B 22 2.95 12.96 -8.60
CA VAL B 22 4.17 13.17 -7.84
C VAL B 22 5.19 12.09 -8.19
N LEU B 23 4.70 10.87 -8.31
CA LEU B 23 5.52 9.73 -8.69
C LEU B 23 6.01 9.91 -10.13
N GLU B 24 5.12 10.37 -10.99
CA GLU B 24 5.43 10.58 -12.40
C GLU B 24 6.50 11.67 -12.56
N LYS B 25 6.25 12.84 -11.98
CA LYS B 25 7.17 13.98 -12.09
C LYS B 25 8.55 13.66 -11.50
N HIS B 26 8.59 12.76 -10.54
CA HIS B 26 9.85 12.36 -9.92
C HIS B 26 10.43 11.11 -10.58
N ALA B 27 9.75 10.63 -11.62
CA ALA B 27 10.17 9.46 -12.38
C ALA B 27 10.45 8.26 -11.46
N ALA B 28 9.50 8.00 -10.56
CA ALA B 28 9.64 6.90 -9.61
C ALA B 28 9.58 5.54 -10.29
N SER B 29 10.43 4.63 -9.84
CA SER B 29 10.45 3.27 -10.35
C SER B 29 9.45 2.40 -9.58
N PRO B 30 9.05 1.25 -10.14
CA PRO B 30 8.04 0.36 -9.52
C PRO B 30 8.28 0.09 -8.03
N GLU B 31 9.49 -0.32 -7.69
CA GLU B 31 9.86 -0.59 -6.30
C GLU B 31 9.64 0.64 -5.42
N LEU B 32 10.18 1.78 -5.86
CA LEU B 32 10.01 3.04 -5.15
C LEU B 32 8.53 3.40 -5.04
N THR B 33 7.75 3.05 -6.07
CA THR B 33 6.32 3.33 -6.10
C THR B 33 5.61 2.62 -4.96
N LEU B 34 5.86 1.33 -4.81
CA LEU B 34 5.24 0.57 -3.73
C LEU B 34 5.86 0.91 -2.40
N MET B 35 7.11 1.36 -2.42
CA MET B 35 7.77 1.85 -1.22
C MET B 35 6.98 3.02 -0.65
N ILE B 36 6.54 3.91 -1.54
CA ILE B 36 5.71 5.04 -1.16
C ILE B 36 4.40 4.55 -0.55
N ALA B 37 3.73 3.64 -1.25
CA ALA B 37 2.46 3.08 -0.79
C ALA B 37 2.61 2.42 0.58
N GLY B 38 3.62 1.55 0.70
CA GLY B 38 3.92 0.91 1.98
C GLY B 38 4.11 1.89 3.11
N ASN B 39 4.96 2.90 2.90
CA ASN B 39 5.22 3.91 3.93
C ASN B 39 3.96 4.63 4.33
N ILE B 40 3.06 4.86 3.37
CA ILE B 40 1.77 5.47 3.67
C ILE B 40 1.01 4.61 4.68
N ALA B 41 0.86 3.33 4.37
CA ALA B 41 0.13 2.42 5.24
C ALA B 41 0.79 2.34 6.61
N THR B 42 2.11 2.14 6.63
CA THR B 42 2.85 2.03 7.88
C THR B 42 2.68 3.28 8.75
N ASN B 43 2.73 4.46 8.13
CA ASN B 43 2.56 5.71 8.87
C ASN B 43 1.17 5.80 9.50
N VAL B 44 0.15 5.37 8.75
CA VAL B 44 -1.22 5.36 9.25
C VAL B 44 -1.40 4.28 10.30
N LEU B 45 -0.70 3.16 10.13
CA LEU B 45 -0.72 2.09 11.11
C LEU B 45 -0.18 2.60 12.45
N ASN B 46 0.72 3.55 12.39
CA ASN B 46 1.28 4.16 13.60
C ASN B 46 0.39 5.31 14.07
N GLN B 47 0.00 6.16 13.13
CA GLN B 47 -0.77 7.36 13.42
C GLN B 47 -2.06 7.38 12.61
N ARG B 48 -3.18 7.55 13.32
CA ARG B 48 -4.53 7.69 12.75
C ARG B 48 -5.27 6.36 12.69
N VAL B 49 -4.76 5.36 13.39
CA VAL B 49 -5.45 4.08 13.48
C VAL B 49 -5.34 3.51 14.89
N ALA B 50 -6.32 2.68 15.26
CA ALA B 50 -6.31 2.04 16.57
C ALA B 50 -5.31 0.88 16.57
N ALA B 51 -4.68 0.62 17.71
CA ALA B 51 -3.77 -0.50 17.85
C ALA B 51 -4.48 -1.82 17.54
N SER B 52 -5.73 -1.93 17.95
CA SER B 52 -6.54 -3.10 17.65
C SER B 52 -6.85 -3.16 16.16
N GLN B 53 -7.20 -2.01 15.59
CA GLN B 53 -7.52 -1.91 14.18
C GLN B 53 -6.29 -2.17 13.32
N ARG B 54 -5.14 -1.89 13.90
CA ARG B 54 -3.86 -1.92 13.20
C ARG B 54 -3.65 -3.21 12.39
N LYS B 55 -3.79 -4.36 13.05
CA LYS B 55 -3.57 -5.64 12.39
C LYS B 55 -4.66 -5.91 11.37
N LEU B 56 -5.90 -5.60 11.74
CA LEU B 56 -7.06 -5.88 10.89
C LEU B 56 -7.05 -5.03 9.63
N ILE B 57 -6.78 -3.75 9.78
CA ILE B 57 -6.83 -2.82 8.67
C ILE B 57 -5.67 -3.07 7.71
N ALA B 58 -4.54 -3.52 8.25
CA ALA B 58 -3.39 -3.88 7.42
C ALA B 58 -3.68 -5.16 6.65
N GLU B 59 -4.39 -6.07 7.28
CA GLU B 59 -4.78 -7.32 6.64
C GLU B 59 -5.87 -7.06 5.60
N LYS B 60 -6.80 -6.17 5.95
CA LYS B 60 -7.81 -5.70 4.99
C LYS B 60 -7.13 -5.15 3.74
N PHE B 61 -6.12 -4.31 3.97
CA PHE B 61 -5.34 -3.72 2.89
C PHE B 61 -4.77 -4.81 1.99
N ALA B 62 -4.06 -5.74 2.60
CA ALA B 62 -3.40 -6.82 1.87
C ALA B 62 -4.41 -7.69 1.13
N GLN B 63 -5.48 -8.07 1.81
CA GLN B 63 -6.49 -8.94 1.23
C GLN B 63 -7.16 -8.25 0.05
N ALA B 64 -7.55 -6.99 0.25
CA ALA B 64 -8.21 -6.22 -0.79
C ALA B 64 -7.30 -6.06 -2.00
N LEU B 65 -6.01 -5.85 -1.72
CA LEU B 65 -5.02 -5.71 -2.77
C LEU B 65 -4.93 -6.98 -3.63
N MET B 66 -4.97 -8.12 -2.96
CA MET B 66 -4.91 -9.40 -3.65
C MET B 66 -6.24 -9.72 -4.31
N SER B 67 -7.30 -9.07 -3.82
CA SER B 67 -8.63 -9.27 -4.36
C SER B 67 -8.84 -8.40 -5.60
N SER B 68 -8.08 -7.32 -5.71
CA SER B 68 -8.11 -6.47 -6.89
C SER B 68 -7.03 -6.89 -7.88
N LEU B 69 -6.22 -7.86 -7.47
CA LEU B 69 -5.15 -8.39 -8.30
C LEU B 69 -5.71 -9.29 -9.40
N GLU B 70 -5.60 -8.84 -10.64
CA GLU B 70 -6.03 -9.65 -11.78
C GLU B 70 -4.95 -10.65 -12.16
N THR B 71 -5.26 -11.92 -11.98
CA THR B 71 -4.35 -12.98 -12.37
C THR B 71 -4.77 -13.54 -13.73
N PRO B 72 -3.79 -13.75 -14.65
CA PRO B 72 -4.06 -14.27 -15.99
C PRO B 72 -4.80 -15.61 -15.96
N LYS B 73 -4.57 -16.39 -14.91
CA LYS B 73 -5.26 -17.67 -14.70
C LYS B 73 -5.00 -18.62 -15.87
N THR B 74 -5.92 -19.55 -16.07
CA THR B 74 -5.80 -20.57 -17.10
C THR B 74 -6.23 -20.04 -18.47
N HIS B 75 -6.21 -18.72 -18.64
CA HIS B 75 -6.56 -18.10 -19.91
C HIS B 75 -5.36 -18.17 -20.86
N LEU B 76 -4.23 -18.59 -20.33
CA LEU B 76 -3.03 -18.78 -21.14
C LEU B 76 -3.26 -19.88 -22.18
N GLU B 77 -2.71 -19.67 -23.36
CA GLU B 77 -2.93 -20.60 -24.46
C GLU B 77 -1.76 -21.57 -24.58
N HIS B 78 -2.10 -22.86 -24.60
CA HIS B 78 -1.10 -23.88 -24.84
C HIS B 78 -1.08 -24.24 -26.34
N HIS B 79 -0.34 -23.45 -27.10
CA HIS B 79 -0.32 -23.61 -28.53
C HIS B 79 0.95 -24.32 -28.98
N HIS B 80 2.04 -24.13 -28.24
CA HIS B 80 3.28 -24.80 -28.56
C HIS B 80 3.29 -26.20 -27.96
N HIS B 81 3.18 -27.19 -28.83
CA HIS B 81 3.16 -28.59 -28.40
C HIS B 81 4.26 -29.36 -29.11
N HIS B 82 4.69 -28.83 -30.25
CA HIS B 82 5.78 -29.44 -31.00
C HIS B 82 6.69 -28.36 -31.57
N HIS B 83 6.10 -27.20 -31.81
CA HIS B 83 6.84 -26.01 -32.21
C HIS B 83 6.43 -24.86 -31.32
N MET A 1 20.40 -7.21 1.39
CA MET A 1 20.15 -6.22 0.32
C MET A 1 19.19 -6.79 -0.71
N PRO A 2 17.92 -6.41 -0.65
CA PRO A 2 16.90 -6.88 -1.60
C PRO A 2 16.93 -6.13 -2.92
N ILE A 3 15.97 -6.42 -3.78
CA ILE A 3 15.87 -5.73 -5.07
C ILE A 3 15.40 -4.30 -4.87
N THR A 4 14.71 -4.06 -3.77
CA THR A 4 14.16 -2.75 -3.48
C THR A 4 15.27 -1.80 -3.03
N SER A 5 15.69 -0.92 -3.92
CA SER A 5 16.68 0.09 -3.58
C SER A 5 16.02 1.20 -2.76
N LYS A 6 16.77 1.80 -1.86
CA LYS A 6 16.23 2.83 -0.99
C LYS A 6 16.35 4.21 -1.64
N TYR A 7 17.17 4.29 -2.69
CA TYR A 7 17.38 5.53 -3.45
C TYR A 7 17.98 6.61 -2.54
N THR A 8 18.03 7.84 -3.01
CA THR A 8 18.54 8.93 -2.19
C THR A 8 17.50 9.30 -1.14
N ASP A 9 17.95 9.41 0.10
CA ASP A 9 17.05 9.57 1.25
C ASP A 9 16.18 10.80 1.13
N GLU A 10 16.79 11.93 0.78
CA GLU A 10 16.06 13.19 0.63
C GLU A 10 14.94 13.05 -0.39
N GLN A 11 15.27 12.48 -1.54
CA GLN A 11 14.31 12.30 -2.63
C GLN A 11 13.07 11.56 -2.14
N VAL A 12 13.27 10.39 -1.55
CA VAL A 12 12.15 9.57 -1.07
C VAL A 12 11.35 10.31 0.00
N GLU A 13 12.04 10.91 0.94
CA GLU A 13 11.40 11.57 2.06
C GLU A 13 10.66 12.83 1.61
N LYS A 14 11.22 13.52 0.63
CA LYS A 14 10.60 14.73 0.10
C LYS A 14 9.35 14.40 -0.70
N ILE A 15 9.40 13.31 -1.49
CA ILE A 15 8.24 12.88 -2.25
C ILE A 15 7.10 12.52 -1.31
N LEU A 16 7.45 11.85 -0.21
CA LEU A 16 6.48 11.49 0.82
C LEU A 16 5.84 12.76 1.41
N ALA A 17 6.66 13.78 1.61
CA ALA A 17 6.18 15.05 2.13
C ALA A 17 5.23 15.73 1.15
N GLU A 18 5.56 15.62 -0.14
CA GLU A 18 4.72 16.17 -1.19
C GLU A 18 3.38 15.44 -1.23
N VAL A 19 3.43 14.11 -1.14
CA VAL A 19 2.22 13.30 -1.10
C VAL A 19 1.38 13.64 0.13
N ALA A 20 2.05 13.76 1.28
CA ALA A 20 1.37 14.13 2.52
C ALA A 20 0.71 15.49 2.40
N LEU A 21 1.36 16.40 1.67
CA LEU A 21 0.82 17.73 1.44
C LEU A 21 -0.46 17.65 0.63
N VAL A 22 -0.52 16.69 -0.29
CA VAL A 22 -1.70 16.50 -1.13
C VAL A 22 -2.86 15.98 -0.28
N LEU A 23 -2.53 15.09 0.64
CA LEU A 23 -3.51 14.57 1.59
C LEU A 23 -4.09 15.69 2.43
N GLU A 24 -3.21 16.51 2.97
CA GLU A 24 -3.62 17.66 3.77
C GLU A 24 -4.43 18.64 2.92
N LYS A 25 -4.00 18.82 1.67
CA LYS A 25 -4.62 19.74 0.73
C LYS A 25 -6.11 19.48 0.58
N HIS A 26 -6.50 18.21 0.50
CA HIS A 26 -7.90 17.85 0.30
C HIS A 26 -8.53 17.33 1.58
N ALA A 27 -7.80 17.42 2.68
CA ALA A 27 -8.27 16.95 3.99
C ALA A 27 -8.59 15.45 3.94
N ALA A 28 -7.66 14.68 3.38
CA ALA A 28 -7.81 13.24 3.27
C ALA A 28 -7.81 12.56 4.64
N SER A 29 -8.89 11.86 4.94
CA SER A 29 -9.02 11.15 6.20
C SER A 29 -8.19 9.85 6.15
N PRO A 30 -7.71 9.35 7.31
CA PRO A 30 -6.88 8.14 7.40
C PRO A 30 -7.39 6.96 6.57
N GLU A 31 -8.71 6.74 6.55
CA GLU A 31 -9.29 5.65 5.76
C GLU A 31 -8.95 5.84 4.29
N LEU A 32 -9.13 7.07 3.82
CA LEU A 32 -8.83 7.42 2.45
C LEU A 32 -7.34 7.28 2.17
N THR A 33 -6.53 7.64 3.17
CA THR A 33 -5.08 7.53 3.07
C THR A 33 -4.65 6.10 2.74
N LEU A 34 -5.13 5.15 3.52
CA LEU A 34 -4.75 3.75 3.33
C LEU A 34 -5.47 3.16 2.12
N MET A 35 -6.61 3.75 1.77
CA MET A 35 -7.32 3.38 0.55
C MET A 35 -6.45 3.69 -0.67
N ILE A 36 -5.90 4.90 -0.68
CA ILE A 36 -5.03 5.35 -1.75
C ILE A 36 -3.80 4.46 -1.87
N ALA A 37 -3.24 4.06 -0.73
CA ALA A 37 -2.08 3.16 -0.73
C ALA A 37 -2.39 1.86 -1.46
N GLY A 38 -3.59 1.34 -1.23
CA GLY A 38 -4.02 0.12 -1.90
C GLY A 38 -4.24 0.33 -3.38
N ASN A 39 -4.79 1.50 -3.72
CA ASN A 39 -5.01 1.87 -5.11
C ASN A 39 -3.67 1.95 -5.86
N ILE A 40 -2.68 2.54 -5.20
CA ILE A 40 -1.34 2.63 -5.77
C ILE A 40 -0.79 1.24 -6.08
N ALA A 41 -0.76 0.38 -5.06
CA ALA A 41 -0.21 -0.96 -5.19
C ALA A 41 -0.88 -1.72 -6.34
N THR A 42 -2.21 -1.77 -6.32
CA THR A 42 -2.96 -2.50 -7.32
C THR A 42 -2.69 -1.97 -8.74
N ASN A 43 -2.70 -0.65 -8.89
CA ASN A 43 -2.48 -0.04 -10.19
C ASN A 43 -1.08 -0.33 -10.70
N VAL A 44 -0.11 -0.36 -9.79
CA VAL A 44 1.26 -0.73 -10.14
C VAL A 44 1.30 -2.18 -10.59
N LEU A 45 0.57 -3.04 -9.89
CA LEU A 45 0.50 -4.46 -10.24
C LEU A 45 -0.13 -4.63 -11.63
N ASN A 46 -1.06 -3.75 -11.95
CA ASN A 46 -1.74 -3.81 -13.24
C ASN A 46 -0.82 -3.37 -14.36
N GLN A 47 -0.28 -2.16 -14.24
CA GLN A 47 0.36 -1.49 -15.36
C GLN A 47 1.90 -1.58 -15.33
N ARG A 48 2.48 -1.46 -14.15
CA ARG A 48 3.92 -1.21 -14.06
C ARG A 48 4.71 -2.42 -13.56
N VAL A 49 4.11 -3.59 -13.65
CA VAL A 49 4.83 -4.82 -13.27
C VAL A 49 4.43 -5.97 -14.19
N ALA A 50 5.27 -6.99 -14.26
CA ALA A 50 5.02 -8.16 -15.09
C ALA A 50 3.90 -9.02 -14.50
N ALA A 51 3.09 -9.61 -15.37
CA ALA A 51 1.98 -10.46 -14.96
C ALA A 51 2.44 -11.57 -14.01
N SER A 52 3.54 -12.20 -14.35
CA SER A 52 4.07 -13.30 -13.55
C SER A 52 4.72 -12.78 -12.26
N GLN A 53 5.07 -11.50 -12.25
CA GLN A 53 5.71 -10.90 -11.09
C GLN A 53 4.66 -10.43 -10.09
N ARG A 54 3.42 -10.26 -10.57
CA ARG A 54 2.32 -9.73 -9.77
C ARG A 54 2.17 -10.49 -8.45
N LYS A 55 2.18 -11.82 -8.51
CA LYS A 55 2.03 -12.63 -7.31
C LYS A 55 3.16 -12.36 -6.32
N LEU A 56 4.39 -12.50 -6.78
CA LEU A 56 5.56 -12.34 -5.93
C LEU A 56 5.62 -10.92 -5.35
N ILE A 57 5.53 -9.92 -6.21
CA ILE A 57 5.76 -8.54 -5.80
C ILE A 57 4.62 -8.03 -4.90
N ALA A 58 3.44 -8.64 -5.03
CA ALA A 58 2.31 -8.27 -4.18
C ALA A 58 2.48 -8.83 -2.78
N GLU A 59 2.93 -10.08 -2.70
CA GLU A 59 3.20 -10.70 -1.40
C GLU A 59 4.43 -10.07 -0.77
N LYS A 60 5.37 -9.68 -1.64
CA LYS A 60 6.55 -8.92 -1.24
C LYS A 60 6.12 -7.67 -0.47
N PHE A 61 5.08 -7.01 -0.96
CA PHE A 61 4.52 -5.85 -0.29
C PHE A 61 3.94 -6.24 1.08
N ALA A 62 3.08 -7.24 1.08
CA ALA A 62 2.37 -7.63 2.30
C ALA A 62 3.33 -8.13 3.37
N GLN A 63 4.32 -8.93 3.00
CA GLN A 63 5.26 -9.48 3.97
C GLN A 63 6.12 -8.37 4.56
N ALA A 64 6.49 -7.40 3.73
CA ALA A 64 7.25 -6.25 4.21
C ALA A 64 6.40 -5.42 5.16
N LEU A 65 5.15 -5.20 4.76
CA LEU A 65 4.21 -4.44 5.56
C LEU A 65 3.92 -5.14 6.89
N MET A 66 3.77 -6.46 6.81
CA MET A 66 3.46 -7.28 7.98
C MET A 66 4.62 -7.27 8.97
N SER A 67 5.83 -7.07 8.45
CA SER A 67 7.02 -7.03 9.30
C SER A 67 7.25 -5.61 9.83
N SER A 68 6.73 -4.61 9.12
CA SER A 68 6.88 -3.22 9.52
C SER A 68 5.72 -2.81 10.43
N LEU A 69 4.90 -3.78 10.77
CA LEU A 69 3.76 -3.57 11.65
C LEU A 69 4.24 -3.56 13.10
N GLU A 70 4.22 -2.39 13.72
CA GLU A 70 4.64 -2.26 15.10
C GLU A 70 3.44 -2.21 16.04
N THR A 71 3.66 -2.53 17.30
CA THR A 71 2.57 -2.50 18.26
C THR A 71 3.05 -1.87 19.57
N PRO A 72 2.68 -0.60 19.79
CA PRO A 72 3.02 0.15 21.00
C PRO A 72 2.06 -0.19 22.13
N LYS A 73 2.59 -0.76 23.19
CA LYS A 73 1.77 -1.17 24.33
C LYS A 73 1.59 -0.01 25.31
N THR A 74 0.71 -0.18 26.28
CA THR A 74 0.42 0.88 27.23
C THR A 74 1.28 0.74 28.49
N HIS A 75 1.25 -0.44 29.09
CA HIS A 75 2.03 -0.71 30.30
C HIS A 75 2.82 -2.00 30.16
N LEU A 76 3.74 -2.22 31.08
CA LEU A 76 4.59 -3.40 31.06
C LEU A 76 3.95 -4.51 31.90
N GLU A 77 4.33 -5.75 31.62
CA GLU A 77 3.78 -6.91 32.31
C GLU A 77 4.17 -6.94 33.78
N HIS A 78 3.40 -7.69 34.57
CA HIS A 78 3.68 -7.84 35.99
C HIS A 78 4.84 -8.81 36.21
N HIS A 79 5.97 -8.32 36.69
CA HIS A 79 7.06 -9.21 37.07
C HIS A 79 6.79 -9.77 38.47
N HIS A 80 6.07 -8.98 39.27
CA HIS A 80 5.56 -9.42 40.58
C HIS A 80 4.26 -8.68 40.87
N HIS A 81 3.61 -9.03 41.97
CA HIS A 81 2.34 -8.41 42.33
C HIS A 81 2.58 -7.11 43.08
N HIS A 82 2.34 -5.99 42.40
CA HIS A 82 2.35 -4.69 43.05
C HIS A 82 1.16 -3.86 42.57
N HIS A 83 0.23 -4.55 41.91
CA HIS A 83 -0.99 -3.93 41.44
C HIS A 83 -1.90 -4.98 40.82
N MET B 1 -20.61 -4.91 5.08
CA MET B 1 -20.39 -3.47 5.32
C MET B 1 -18.90 -3.15 5.22
N PRO B 2 -18.50 -2.38 4.20
CA PRO B 2 -17.12 -1.94 4.04
C PRO B 2 -16.73 -0.91 5.11
N ILE B 3 -15.75 -1.26 5.95
CA ILE B 3 -15.28 -0.35 6.98
C ILE B 3 -14.66 0.90 6.35
N THR B 4 -14.01 0.71 5.22
CA THR B 4 -13.46 1.81 4.46
C THR B 4 -14.42 2.15 3.32
N SER B 5 -15.23 3.18 3.52
CA SER B 5 -16.19 3.60 2.52
C SER B 5 -15.48 4.21 1.32
N LYS B 6 -16.13 4.17 0.17
CA LYS B 6 -15.54 4.70 -1.06
C LYS B 6 -15.61 6.21 -1.08
N TYR B 7 -16.56 6.77 -0.34
CA TYR B 7 -16.76 8.21 -0.26
C TYR B 7 -17.05 8.79 -1.63
N THR B 8 -16.86 10.09 -1.80
CA THR B 8 -17.00 10.72 -3.09
C THR B 8 -15.77 10.40 -3.96
N ASP B 9 -16.00 9.73 -5.07
CA ASP B 9 -14.92 9.32 -5.96
C ASP B 9 -14.24 10.52 -6.59
N GLU B 10 -14.92 11.66 -6.60
CA GLU B 10 -14.31 12.89 -7.11
C GLU B 10 -13.10 13.27 -6.25
N GLN B 11 -13.27 13.15 -4.94
CA GLN B 11 -12.19 13.45 -4.01
C GLN B 11 -11.06 12.42 -4.18
N VAL B 12 -11.44 11.15 -4.19
CA VAL B 12 -10.48 10.06 -4.28
C VAL B 12 -9.71 10.09 -5.59
N GLU B 13 -10.45 10.15 -6.71
CA GLU B 13 -9.87 10.10 -8.04
C GLU B 13 -8.92 11.26 -8.28
N LYS B 14 -9.29 12.45 -7.81
CA LYS B 14 -8.46 13.62 -8.01
C LYS B 14 -7.15 13.52 -7.23
N ILE B 15 -7.24 13.13 -5.97
CA ILE B 15 -6.04 12.96 -5.14
C ILE B 15 -5.11 11.92 -5.74
N LEU B 16 -5.70 10.82 -6.22
CA LEU B 16 -4.92 9.77 -6.87
C LEU B 16 -4.13 10.33 -8.05
N ALA B 17 -4.79 11.16 -8.85
CA ALA B 17 -4.15 11.77 -10.01
C ALA B 17 -3.00 12.68 -9.59
N GLU B 18 -3.23 13.48 -8.55
CA GLU B 18 -2.21 14.38 -8.04
C GLU B 18 -0.99 13.61 -7.55
N VAL B 19 -1.23 12.62 -6.69
CA VAL B 19 -0.15 11.81 -6.14
C VAL B 19 0.62 11.10 -7.25
N ALA B 20 -0.10 10.44 -8.14
CA ALA B 20 0.52 9.71 -9.24
C ALA B 20 1.37 10.63 -10.12
N LEU B 21 0.88 11.85 -10.33
CA LEU B 21 1.59 12.82 -11.14
C LEU B 21 2.88 13.24 -10.45
N VAL B 22 2.82 13.45 -9.14
CA VAL B 22 3.99 13.83 -8.36
C VAL B 22 5.06 12.73 -8.46
N LEU B 23 4.62 11.48 -8.36
CA LEU B 23 5.54 10.35 -8.46
C LEU B 23 6.21 10.32 -9.83
N GLU B 24 5.40 10.49 -10.87
CA GLU B 24 5.90 10.45 -12.23
C GLU B 24 6.74 11.68 -12.53
N LYS B 25 6.40 12.79 -11.89
CA LYS B 25 7.16 14.04 -12.02
C LYS B 25 8.58 13.86 -11.50
N HIS B 26 8.73 13.04 -10.46
CA HIS B 26 10.05 12.79 -9.88
C HIS B 26 10.66 11.51 -10.44
N ALA B 27 10.00 10.94 -11.44
CA ALA B 27 10.50 9.75 -12.13
C ALA B 27 10.63 8.58 -11.16
N ALA B 28 9.60 8.37 -10.36
CA ALA B 28 9.57 7.27 -9.41
C ALA B 28 9.45 5.93 -10.13
N SER B 29 10.43 5.07 -9.92
CA SER B 29 10.42 3.72 -10.46
C SER B 29 9.32 2.89 -9.77
N PRO B 30 8.89 1.77 -10.39
CA PRO B 30 7.83 0.90 -9.83
C PRO B 30 8.07 0.53 -8.37
N GLU B 31 9.28 0.05 -8.06
CA GLU B 31 9.64 -0.30 -6.69
C GLU B 31 9.51 0.89 -5.75
N LEU B 32 10.04 2.04 -6.17
CA LEU B 32 9.93 3.27 -5.38
C LEU B 32 8.46 3.63 -5.17
N THR B 33 7.69 3.55 -6.24
CA THR B 33 6.26 3.84 -6.19
C THR B 33 5.55 2.95 -5.17
N LEU B 34 5.76 1.65 -5.31
CA LEU B 34 5.08 0.69 -4.45
C LEU B 34 5.63 0.76 -3.03
N MET B 35 6.91 1.10 -2.89
CA MET B 35 7.51 1.29 -1.58
C MET B 35 6.89 2.50 -0.88
N ILE B 36 6.57 3.53 -1.65
CA ILE B 36 5.89 4.71 -1.13
C ILE B 36 4.52 4.34 -0.60
N ALA B 37 3.80 3.51 -1.36
CA ALA B 37 2.50 3.00 -0.93
C ALA B 37 2.66 2.19 0.36
N GLY B 38 3.75 1.45 0.44
CA GLY B 38 4.06 0.70 1.65
C GLY B 38 4.31 1.61 2.84
N ASN B 39 5.09 2.67 2.61
CA ASN B 39 5.36 3.66 3.65
C ASN B 39 4.07 4.24 4.18
N ILE B 40 3.16 4.59 3.27
CA ILE B 40 1.86 5.14 3.64
C ILE B 40 1.14 4.19 4.59
N ALA B 41 0.93 2.95 4.14
CA ALA B 41 0.24 1.96 4.95
C ALA B 41 0.92 1.74 6.29
N THR B 42 2.25 1.66 6.26
CA THR B 42 3.04 1.42 7.47
C THR B 42 2.80 2.53 8.51
N ASN B 43 2.99 3.78 8.11
CA ASN B 43 2.83 4.91 9.02
C ASN B 43 1.38 5.02 9.50
N VAL B 44 0.43 4.68 8.63
CA VAL B 44 -0.97 4.71 9.02
C VAL B 44 -1.28 3.61 10.03
N LEU B 45 -0.80 2.40 9.76
CA LEU B 45 -1.05 1.26 10.65
C LEU B 45 -0.39 1.46 12.01
N ASN B 46 0.78 2.05 12.04
CA ASN B 46 1.53 2.19 13.28
C ASN B 46 1.10 3.41 14.08
N GLN B 47 0.52 4.41 13.43
CA GLN B 47 0.26 5.67 14.09
C GLN B 47 -1.21 6.09 14.03
N ARG B 48 -1.80 6.07 12.84
CA ARG B 48 -3.13 6.65 12.65
C ARG B 48 -4.26 5.68 13.01
N VAL B 49 -4.12 4.42 12.61
CA VAL B 49 -5.21 3.45 12.76
C VAL B 49 -5.33 2.95 14.19
N ALA B 50 -6.53 2.51 14.56
CA ALA B 50 -6.80 1.99 15.89
C ALA B 50 -5.92 0.80 16.22
N ALA B 51 -5.28 0.86 17.39
CA ALA B 51 -4.45 -0.25 17.89
C ALA B 51 -5.18 -1.58 17.84
N SER B 52 -6.42 -1.62 18.31
CA SER B 52 -7.20 -2.86 18.36
C SER B 52 -7.65 -3.29 16.96
N GLN B 53 -7.50 -2.40 15.99
CA GLN B 53 -7.94 -2.66 14.62
C GLN B 53 -6.71 -2.89 13.74
N ARG B 54 -5.55 -2.71 14.34
CA ARG B 54 -4.28 -2.66 13.60
C ARG B 54 -3.98 -3.97 12.88
N LYS B 55 -4.01 -5.06 13.64
CA LYS B 55 -3.66 -6.38 13.11
C LYS B 55 -4.69 -6.82 12.08
N LEU B 56 -5.95 -6.57 12.39
CA LEU B 56 -7.05 -7.00 11.56
C LEU B 56 -7.09 -6.23 10.24
N ILE B 57 -7.05 -4.90 10.33
CA ILE B 57 -7.19 -4.08 9.13
C ILE B 57 -6.01 -4.25 8.19
N ALA B 58 -4.83 -4.55 8.76
CA ALA B 58 -3.65 -4.81 7.96
C ALA B 58 -3.82 -6.10 7.17
N GLU B 59 -4.39 -7.11 7.84
CA GLU B 59 -4.65 -8.39 7.22
C GLU B 59 -5.76 -8.26 6.17
N LYS B 60 -6.82 -7.54 6.53
CA LYS B 60 -7.91 -7.27 5.60
C LYS B 60 -7.41 -6.55 4.35
N PHE B 61 -6.52 -5.59 4.55
CA PHE B 61 -5.93 -4.83 3.45
C PHE B 61 -5.12 -5.74 2.54
N ALA B 62 -4.27 -6.57 3.12
CA ALA B 62 -3.46 -7.49 2.35
C ALA B 62 -4.35 -8.47 1.59
N GLN B 63 -5.40 -8.93 2.25
CA GLN B 63 -6.37 -9.82 1.62
C GLN B 63 -7.00 -9.14 0.42
N ALA B 64 -7.44 -7.90 0.60
CA ALA B 64 -8.07 -7.12 -0.46
C ALA B 64 -7.12 -6.96 -1.64
N LEU B 65 -5.85 -6.71 -1.34
CA LEU B 65 -4.84 -6.55 -2.37
C LEU B 65 -4.66 -7.85 -3.15
N MET B 66 -4.54 -8.96 -2.42
CA MET B 66 -4.41 -10.28 -3.03
C MET B 66 -5.68 -10.65 -3.78
N SER B 67 -6.81 -10.17 -3.30
CA SER B 67 -8.10 -10.44 -3.92
C SER B 67 -8.29 -9.63 -5.20
N SER B 68 -7.49 -8.58 -5.34
CA SER B 68 -7.50 -7.75 -6.54
C SER B 68 -6.36 -8.15 -7.46
N LEU B 69 -5.65 -9.21 -7.09
CA LEU B 69 -4.53 -9.70 -7.86
C LEU B 69 -5.01 -10.68 -8.92
N GLU B 70 -5.04 -10.21 -10.17
CA GLU B 70 -5.53 -11.01 -11.30
C GLU B 70 -4.91 -12.41 -11.33
N THR B 71 -3.59 -12.47 -11.46
CA THR B 71 -2.87 -13.75 -11.55
C THR B 71 -3.12 -14.42 -12.90
N PRO B 72 -2.06 -14.87 -13.60
CA PRO B 72 -2.17 -15.46 -14.96
C PRO B 72 -2.83 -16.82 -15.00
N LYS B 73 -3.81 -17.02 -14.13
CA LYS B 73 -4.55 -18.26 -14.11
C LYS B 73 -6.05 -18.01 -14.00
N THR B 74 -6.42 -16.74 -13.94
CA THR B 74 -7.81 -16.34 -14.02
C THR B 74 -8.17 -16.03 -15.47
N HIS B 75 -7.18 -15.53 -16.20
CA HIS B 75 -7.33 -15.26 -17.61
C HIS B 75 -6.77 -16.40 -18.44
N LEU B 76 -7.57 -17.45 -18.63
CA LEU B 76 -7.13 -18.62 -19.36
C LEU B 76 -8.02 -18.87 -20.58
N GLU B 77 -7.84 -20.02 -21.21
CA GLU B 77 -8.58 -20.38 -22.40
C GLU B 77 -9.93 -21.00 -22.01
N HIS B 78 -9.86 -22.27 -21.62
CA HIS B 78 -11.03 -23.00 -21.18
C HIS B 78 -10.65 -23.86 -19.97
N HIS B 79 -10.47 -23.20 -18.84
CA HIS B 79 -9.99 -23.86 -17.64
C HIS B 79 -11.05 -24.80 -17.06
N HIS B 80 -10.89 -26.08 -17.34
CA HIS B 80 -11.81 -27.10 -16.85
C HIS B 80 -11.06 -28.09 -15.96
N HIS B 81 -11.67 -28.52 -14.87
CA HIS B 81 -11.05 -29.48 -13.98
C HIS B 81 -11.64 -30.86 -14.17
N HIS B 82 -10.83 -31.75 -14.75
CA HIS B 82 -11.19 -33.15 -15.02
C HIS B 82 -12.59 -33.28 -15.63
N HIS B 83 -12.67 -33.03 -16.94
CA HIS B 83 -13.90 -33.21 -17.69
C HIS B 83 -13.65 -32.85 -19.14
N MET A 1 20.13 -9.41 -8.41
CA MET A 1 19.20 -10.55 -8.57
C MET A 1 17.86 -10.26 -7.89
N PRO A 2 17.82 -9.94 -6.58
CA PRO A 2 16.59 -9.52 -5.92
C PRO A 2 16.13 -8.17 -6.44
N ILE A 3 14.83 -8.04 -6.68
CA ILE A 3 14.27 -6.80 -7.20
C ILE A 3 13.89 -5.86 -6.05
N THR A 4 13.54 -4.63 -6.40
CA THR A 4 13.14 -3.62 -5.44
C THR A 4 14.33 -3.14 -4.61
N SER A 5 14.96 -2.08 -5.08
CA SER A 5 16.08 -1.47 -4.37
C SER A 5 15.57 -0.50 -3.31
N LYS A 6 16.48 0.04 -2.51
CA LYS A 6 16.11 0.98 -1.46
C LYS A 6 16.19 2.41 -1.97
N TYR A 7 17.00 2.61 -3.02
CA TYR A 7 17.19 3.91 -3.64
C TYR A 7 17.86 4.90 -2.69
N THR A 8 17.88 6.15 -3.09
CA THR A 8 18.33 7.23 -2.24
C THR A 8 17.25 7.59 -1.22
N ASP A 9 17.58 7.44 0.07
CA ASP A 9 16.65 7.74 1.15
C ASP A 9 16.05 9.12 1.03
N GLU A 10 16.86 10.09 0.62
CA GLU A 10 16.39 11.45 0.40
C GLU A 10 15.21 11.46 -0.57
N GLN A 11 15.38 10.83 -1.72
CA GLN A 11 14.36 10.80 -2.74
C GLN A 11 13.04 10.26 -2.18
N VAL A 12 13.10 9.08 -1.57
CA VAL A 12 11.90 8.44 -1.02
C VAL A 12 11.21 9.36 -0.03
N GLU A 13 11.96 9.86 0.95
CA GLU A 13 11.40 10.66 2.02
C GLU A 13 10.71 11.92 1.49
N LYS A 14 11.36 12.63 0.58
CA LYS A 14 10.83 13.88 0.09
C LYS A 14 9.60 13.67 -0.78
N ILE A 15 9.55 12.55 -1.51
CA ILE A 15 8.38 12.22 -2.30
C ILE A 15 7.19 11.89 -1.38
N LEU A 16 7.50 11.22 -0.28
CA LEU A 16 6.49 10.91 0.74
C LEU A 16 5.90 12.19 1.30
N ALA A 17 6.75 13.19 1.53
CA ALA A 17 6.32 14.49 2.02
C ALA A 17 5.34 15.13 1.05
N GLU A 18 5.60 14.96 -0.25
CA GLU A 18 4.73 15.49 -1.30
C GLU A 18 3.33 14.88 -1.15
N VAL A 19 3.28 13.56 -1.11
CA VAL A 19 2.02 12.83 -1.01
C VAL A 19 1.30 13.19 0.28
N ALA A 20 2.05 13.32 1.36
CA ALA A 20 1.50 13.69 2.66
C ALA A 20 0.78 15.04 2.58
N LEU A 21 1.33 15.96 1.80
CA LEU A 21 0.72 17.28 1.61
C LEU A 21 -0.56 17.16 0.81
N VAL A 22 -0.60 16.22 -0.13
CA VAL A 22 -1.80 15.97 -0.91
C VAL A 22 -2.90 15.43 0.01
N LEU A 23 -2.51 14.56 0.93
CA LEU A 23 -3.43 13.99 1.89
C LEU A 23 -3.92 15.06 2.88
N GLU A 24 -3.04 16.02 3.15
CA GLU A 24 -3.35 17.14 4.03
C GLU A 24 -4.39 18.05 3.39
N LYS A 25 -4.10 18.51 2.18
CA LYS A 25 -4.95 19.47 1.49
C LYS A 25 -6.33 18.90 1.17
N HIS A 26 -6.43 17.59 1.10
CA HIS A 26 -7.72 16.95 0.82
C HIS A 26 -8.36 16.43 2.10
N ALA A 27 -7.63 16.52 3.21
CA ALA A 27 -8.12 16.04 4.52
C ALA A 27 -8.54 14.58 4.43
N ALA A 28 -7.69 13.76 3.82
CA ALA A 28 -8.00 12.36 3.59
C ALA A 28 -8.11 11.56 4.88
N SER A 29 -9.21 10.83 5.02
CA SER A 29 -9.43 9.95 6.17
C SER A 29 -8.44 8.79 6.16
N PRO A 30 -8.24 8.12 7.31
CA PRO A 30 -7.26 7.02 7.45
C PRO A 30 -7.45 5.90 6.41
N GLU A 31 -8.65 5.31 6.36
CA GLU A 31 -8.92 4.25 5.40
C GLU A 31 -8.75 4.75 3.97
N LEU A 32 -9.22 5.96 3.72
CA LEU A 32 -9.04 6.60 2.42
C LEU A 32 -7.55 6.68 2.08
N THR A 33 -6.78 7.17 3.02
CA THR A 33 -5.33 7.27 2.91
C THR A 33 -4.71 5.93 2.53
N LEU A 34 -5.06 4.90 3.27
CA LEU A 34 -4.49 3.58 3.07
C LEU A 34 -5.01 2.95 1.78
N MET A 35 -6.27 3.22 1.44
CA MET A 35 -6.84 2.74 0.19
C MET A 35 -6.14 3.37 -1.00
N ILE A 36 -5.73 4.63 -0.84
CA ILE A 36 -4.94 5.33 -1.84
C ILE A 36 -3.63 4.59 -2.07
N ALA A 37 -2.97 4.21 -0.98
CA ALA A 37 -1.75 3.42 -1.06
C ALA A 37 -2.00 2.11 -1.80
N GLY A 38 -3.12 1.48 -1.48
CA GLY A 38 -3.49 0.25 -2.14
C GLY A 38 -3.79 0.45 -3.61
N ASN A 39 -4.45 1.55 -3.93
CA ASN A 39 -4.77 1.89 -5.30
C ASN A 39 -3.49 2.12 -6.10
N ILE A 40 -2.50 2.75 -5.45
CA ILE A 40 -1.18 2.91 -6.03
C ILE A 40 -0.60 1.55 -6.41
N ALA A 41 -0.51 0.66 -5.43
CA ALA A 41 0.04 -0.67 -5.64
C ALA A 41 -0.73 -1.42 -6.71
N THR A 42 -2.06 -1.31 -6.66
CA THR A 42 -2.92 -1.96 -7.63
C THR A 42 -2.60 -1.50 -9.05
N ASN A 43 -2.46 -0.19 -9.23
CA ASN A 43 -2.11 0.37 -10.54
C ASN A 43 -0.75 -0.16 -11.01
N VAL A 44 0.19 -0.29 -10.07
CA VAL A 44 1.48 -0.88 -10.37
C VAL A 44 1.31 -2.33 -10.80
N LEU A 45 0.47 -3.05 -10.07
CA LEU A 45 0.18 -4.45 -10.38
C LEU A 45 -0.56 -4.57 -11.71
N ASN A 46 -1.19 -3.49 -12.14
CA ASN A 46 -1.94 -3.47 -13.40
C ASN A 46 -1.03 -3.24 -14.59
N GLN A 47 -0.26 -2.16 -14.55
CA GLN A 47 0.46 -1.70 -15.74
C GLN A 47 1.97 -1.62 -15.55
N ARG A 48 2.46 -1.80 -14.32
CA ARG A 48 3.86 -1.52 -14.05
C ARG A 48 4.59 -2.70 -13.40
N VAL A 49 4.12 -3.91 -13.65
CA VAL A 49 4.78 -5.11 -13.12
C VAL A 49 4.52 -6.31 -14.04
N ALA A 50 5.26 -7.40 -13.82
CA ALA A 50 5.10 -8.61 -14.61
C ALA A 50 4.07 -9.54 -13.98
N ALA A 51 3.48 -10.41 -14.80
CA ALA A 51 2.42 -11.31 -14.36
C ALA A 51 2.90 -12.22 -13.23
N SER A 52 4.01 -12.90 -13.45
CA SER A 52 4.57 -13.79 -12.45
C SER A 52 5.03 -13.02 -11.22
N GLN A 53 5.40 -11.76 -11.42
CA GLN A 53 5.96 -10.95 -10.36
C GLN A 53 4.87 -10.36 -9.48
N ARG A 54 3.63 -10.37 -9.96
CA ARG A 54 2.53 -9.75 -9.23
C ARG A 54 2.36 -10.34 -7.83
N LYS A 55 2.17 -11.65 -7.74
CA LYS A 55 1.98 -12.28 -6.43
C LYS A 55 3.26 -12.18 -5.60
N LEU A 56 4.39 -12.33 -6.25
CA LEU A 56 5.68 -12.35 -5.57
C LEU A 56 5.98 -10.96 -4.97
N ILE A 57 5.83 -9.92 -5.77
CA ILE A 57 6.19 -8.57 -5.35
C ILE A 57 5.16 -8.03 -4.35
N ALA A 58 3.91 -8.45 -4.49
CA ALA A 58 2.86 -8.06 -3.57
C ALA A 58 3.04 -8.77 -2.23
N GLU A 59 3.58 -9.98 -2.29
CA GLU A 59 3.88 -10.74 -1.10
C GLU A 59 5.05 -10.10 -0.35
N LYS A 60 6.04 -9.63 -1.11
CA LYS A 60 7.13 -8.86 -0.54
C LYS A 60 6.60 -7.61 0.15
N PHE A 61 5.67 -6.95 -0.53
CA PHE A 61 5.01 -5.77 0.00
C PHE A 61 4.33 -6.09 1.34
N ALA A 62 3.49 -7.11 1.33
CA ALA A 62 2.78 -7.54 2.53
C ALA A 62 3.76 -7.92 3.64
N GLN A 63 4.80 -8.65 3.27
CA GLN A 63 5.82 -9.08 4.21
C GLN A 63 6.50 -7.87 4.86
N ALA A 64 6.87 -6.90 4.03
CA ALA A 64 7.51 -5.69 4.52
C ALA A 64 6.56 -4.89 5.39
N LEU A 65 5.30 -4.85 4.99
CA LEU A 65 4.28 -4.14 5.75
C LEU A 65 4.04 -4.81 7.10
N MET A 66 4.06 -6.15 7.11
CA MET A 66 3.92 -6.90 8.35
C MET A 66 5.13 -6.68 9.25
N SER A 67 6.26 -6.41 8.62
CA SER A 67 7.50 -6.13 9.33
C SER A 67 7.43 -4.77 10.03
N SER A 68 6.98 -3.76 9.29
CA SER A 68 6.91 -2.41 9.82
C SER A 68 5.62 -2.18 10.60
N LEU A 69 4.75 -3.20 10.62
CA LEU A 69 3.55 -3.16 11.44
C LEU A 69 3.91 -3.08 12.91
N GLU A 70 3.74 -1.91 13.50
CA GLU A 70 4.01 -1.74 14.91
C GLU A 70 3.00 -2.49 15.75
N THR A 71 3.51 -3.40 16.57
CA THR A 71 2.72 -4.01 17.61
C THR A 71 3.08 -3.38 18.96
N PRO A 72 2.50 -2.21 19.27
CA PRO A 72 2.86 -1.43 20.45
C PRO A 72 2.28 -2.03 21.72
N LYS A 73 3.16 -2.43 22.63
CA LYS A 73 2.75 -2.97 23.90
C LYS A 73 2.97 -1.94 25.00
N THR A 74 3.17 -0.71 24.58
CA THR A 74 3.39 0.40 25.49
C THR A 74 2.23 1.40 25.41
N HIS A 75 1.26 1.23 26.30
CA HIS A 75 0.12 2.13 26.36
C HIS A 75 -0.15 2.49 27.83
N LEU A 76 0.92 2.76 28.55
CA LEU A 76 0.81 3.12 29.96
C LEU A 76 1.60 4.39 30.24
N GLU A 77 2.91 4.24 30.38
CA GLU A 77 3.79 5.36 30.64
C GLU A 77 4.63 5.66 29.40
N HIS A 78 5.56 6.59 29.52
CA HIS A 78 6.44 6.92 28.40
C HIS A 78 7.90 6.68 28.75
N HIS A 79 8.36 5.47 28.49
CA HIS A 79 9.75 5.11 28.74
C HIS A 79 10.12 3.84 27.96
N HIS A 80 11.30 3.86 27.34
CA HIS A 80 11.73 2.76 26.49
C HIS A 80 12.18 1.57 27.33
N HIS A 81 12.74 1.84 28.49
CA HIS A 81 13.18 0.78 29.39
C HIS A 81 12.22 0.67 30.56
N HIS A 82 12.48 -0.26 31.47
CA HIS A 82 11.64 -0.43 32.64
C HIS A 82 11.85 0.72 33.62
N HIS A 83 10.78 1.10 34.31
CA HIS A 83 10.86 2.18 35.27
C HIS A 83 11.45 1.67 36.58
N MET B 1 -16.63 -1.11 12.83
CA MET B 1 -17.40 -0.14 12.02
C MET B 1 -16.67 0.28 10.74
N PRO B 2 -15.41 0.79 10.83
CA PRO B 2 -14.65 1.22 9.66
C PRO B 2 -14.44 0.10 8.65
N ILE B 3 -15.12 0.20 7.52
CA ILE B 3 -14.94 -0.72 6.42
C ILE B 3 -14.51 0.06 5.19
N THR B 4 -13.49 -0.43 4.50
CA THR B 4 -12.93 0.26 3.36
C THR B 4 -13.97 0.46 2.26
N SER B 5 -14.45 1.68 2.15
CA SER B 5 -15.51 2.01 1.21
C SER B 5 -15.01 2.95 0.13
N LYS B 6 -15.86 3.21 -0.85
CA LYS B 6 -15.50 4.08 -1.97
C LYS B 6 -15.36 5.54 -1.57
N TYR B 7 -15.97 5.92 -0.44
CA TYR B 7 -16.01 7.33 -0.02
C TYR B 7 -16.67 8.16 -1.10
N THR B 8 -16.30 9.43 -1.18
CA THR B 8 -16.68 10.23 -2.32
C THR B 8 -15.69 9.99 -3.46
N ASP B 9 -16.14 9.23 -4.45
CA ASP B 9 -15.28 8.81 -5.58
C ASP B 9 -14.63 10.02 -6.24
N GLU B 10 -15.38 11.12 -6.32
CA GLU B 10 -14.88 12.37 -6.86
C GLU B 10 -13.59 12.78 -6.14
N GLN B 11 -13.66 12.80 -4.82
CA GLN B 11 -12.53 13.18 -3.99
C GLN B 11 -11.38 12.19 -4.19
N VAL B 12 -11.72 10.90 -4.18
CA VAL B 12 -10.73 9.84 -4.38
C VAL B 12 -9.95 10.06 -5.67
N GLU B 13 -10.68 10.27 -6.78
CA GLU B 13 -10.07 10.53 -8.07
C GLU B 13 -9.06 11.65 -8.01
N LYS B 14 -9.50 12.78 -7.49
CA LYS B 14 -8.69 14.00 -7.54
C LYS B 14 -7.46 13.90 -6.65
N ILE B 15 -7.57 13.19 -5.53
CA ILE B 15 -6.41 12.94 -4.70
C ILE B 15 -5.41 12.07 -5.44
N LEU B 16 -5.89 10.93 -5.94
CA LEU B 16 -5.07 10.00 -6.70
C LEU B 16 -4.42 10.69 -7.90
N ALA B 17 -5.21 11.52 -8.57
CA ALA B 17 -4.75 12.23 -9.75
C ALA B 17 -3.54 13.09 -9.44
N GLU B 18 -3.57 13.76 -8.30
CA GLU B 18 -2.45 14.62 -7.90
C GLU B 18 -1.29 13.78 -7.36
N VAL B 19 -1.60 12.68 -6.69
CA VAL B 19 -0.56 11.76 -6.21
C VAL B 19 0.21 11.17 -7.39
N ALA B 20 -0.52 10.74 -8.41
CA ALA B 20 0.09 10.22 -9.62
C ALA B 20 0.92 11.29 -10.32
N LEU B 21 0.47 12.53 -10.20
CA LEU B 21 1.20 13.66 -10.74
C LEU B 21 2.53 13.82 -9.99
N VAL B 22 2.49 13.67 -8.68
CA VAL B 22 3.69 13.75 -7.84
C VAL B 22 4.68 12.65 -8.24
N LEU B 23 4.16 11.45 -8.45
CA LEU B 23 4.98 10.31 -8.84
C LEU B 23 5.68 10.59 -10.17
N GLU B 24 4.95 11.23 -11.07
CA GLU B 24 5.49 11.61 -12.37
C GLU B 24 6.55 12.70 -12.22
N LYS B 25 6.23 13.71 -11.41
CA LYS B 25 7.14 14.83 -11.18
C LYS B 25 8.49 14.37 -10.66
N HIS B 26 8.47 13.46 -9.70
CA HIS B 26 9.70 13.02 -9.06
C HIS B 26 10.29 11.79 -9.76
N ALA B 27 9.70 11.42 -10.90
CA ALA B 27 10.19 10.32 -11.72
C ALA B 27 10.30 9.02 -10.91
N ALA B 28 9.25 8.72 -10.17
CA ALA B 28 9.22 7.53 -9.34
C ALA B 28 9.06 6.27 -10.19
N SER B 29 10.05 5.39 -10.13
CA SER B 29 10.02 4.12 -10.83
C SER B 29 8.93 3.20 -10.24
N PRO B 30 8.53 2.14 -10.97
CA PRO B 30 7.45 1.24 -10.52
C PRO B 30 7.65 0.68 -9.11
N GLU B 31 8.81 0.09 -8.85
CA GLU B 31 9.08 -0.51 -7.56
C GLU B 31 9.21 0.56 -6.48
N LEU B 32 9.76 1.71 -6.85
CA LEU B 32 9.82 2.86 -5.94
C LEU B 32 8.41 3.32 -5.60
N THR B 33 7.57 3.37 -6.62
CA THR B 33 6.17 3.74 -6.46
C THR B 33 5.47 2.82 -5.47
N LEU B 34 5.69 1.51 -5.65
CA LEU B 34 5.03 0.52 -4.82
C LEU B 34 5.61 0.54 -3.39
N MET B 35 6.91 0.83 -3.28
CA MET B 35 7.55 0.97 -1.99
C MET B 35 6.92 2.11 -1.21
N ILE B 36 6.74 3.23 -1.90
CA ILE B 36 6.13 4.42 -1.33
C ILE B 36 4.74 4.14 -0.79
N ALA B 37 3.96 3.34 -1.52
CA ALA B 37 2.65 2.93 -1.07
C ALA B 37 2.76 2.15 0.24
N GLY B 38 3.81 1.36 0.36
CA GLY B 38 4.09 0.64 1.59
C GLY B 38 4.41 1.59 2.73
N ASN B 39 5.18 2.62 2.43
CA ASN B 39 5.51 3.65 3.39
C ASN B 39 4.24 4.32 3.90
N ILE B 40 3.32 4.58 2.97
CA ILE B 40 2.03 5.18 3.31
C ILE B 40 1.28 4.30 4.30
N ALA B 41 1.05 3.04 3.92
CA ALA B 41 0.34 2.09 4.77
C ALA B 41 1.02 1.95 6.13
N THR B 42 2.35 1.95 6.13
CA THR B 42 3.10 1.86 7.37
C THR B 42 2.81 3.06 8.26
N ASN B 43 2.85 4.26 7.69
CA ASN B 43 2.62 5.49 8.46
C ASN B 43 1.21 5.51 9.03
N VAL B 44 0.25 4.99 8.27
CA VAL B 44 -1.11 4.86 8.75
C VAL B 44 -1.14 3.95 9.98
N LEU B 45 -0.47 2.81 9.87
CA LEU B 45 -0.40 1.84 10.96
C LEU B 45 0.33 2.42 12.17
N ASN B 46 1.28 3.31 11.91
CA ASN B 46 2.07 3.93 12.97
C ASN B 46 1.23 4.90 13.80
N GLN B 47 0.52 5.81 13.12
CA GLN B 47 -0.15 6.91 13.81
C GLN B 47 -1.65 6.94 13.55
N ARG B 48 -2.04 6.77 12.30
CA ARG B 48 -3.42 7.04 11.88
C ARG B 48 -4.31 5.80 11.92
N VAL B 49 -4.20 5.02 12.98
CA VAL B 49 -5.06 3.84 13.15
C VAL B 49 -5.11 3.40 14.61
N ALA B 50 -6.24 2.82 15.00
CA ALA B 50 -6.42 2.33 16.36
C ALA B 50 -5.70 1.00 16.56
N ALA B 51 -5.30 0.72 17.80
CA ALA B 51 -4.61 -0.53 18.11
C ALA B 51 -5.42 -1.75 17.71
N SER B 52 -6.68 -1.80 18.12
CA SER B 52 -7.56 -2.93 17.81
C SER B 52 -7.83 -3.01 16.30
N GLN B 53 -7.75 -1.87 15.62
CA GLN B 53 -8.05 -1.81 14.20
C GLN B 53 -6.79 -2.10 13.39
N ARG B 54 -5.65 -1.99 14.03
CA ARG B 54 -4.35 -1.98 13.36
C ARG B 54 -4.11 -3.26 12.55
N LYS B 55 -4.11 -4.41 13.23
CA LYS B 55 -3.84 -5.67 12.56
C LYS B 55 -4.99 -6.08 11.63
N LEU B 56 -6.21 -5.69 11.99
CA LEU B 56 -7.37 -6.03 11.19
C LEU B 56 -7.41 -5.24 9.90
N ILE B 57 -7.13 -3.94 9.99
CA ILE B 57 -7.17 -3.06 8.83
C ILE B 57 -6.03 -3.41 7.88
N ALA B 58 -4.93 -3.91 8.43
CA ALA B 58 -3.80 -4.37 7.63
C ALA B 58 -4.18 -5.61 6.81
N GLU B 59 -4.88 -6.54 7.45
CA GLU B 59 -5.31 -7.76 6.77
C GLU B 59 -6.42 -7.45 5.77
N LYS B 60 -7.32 -6.53 6.13
CA LYS B 60 -8.33 -6.03 5.20
C LYS B 60 -7.68 -5.56 3.91
N PHE B 61 -6.65 -4.75 4.08
CA PHE B 61 -5.90 -4.19 2.96
C PHE B 61 -5.25 -5.30 2.12
N ALA B 62 -4.50 -6.18 2.77
CA ALA B 62 -3.79 -7.23 2.07
C ALA B 62 -4.74 -8.10 1.25
N GLN B 63 -5.91 -8.41 1.81
CA GLN B 63 -6.89 -9.23 1.10
C GLN B 63 -7.35 -8.51 -0.15
N ALA B 64 -7.67 -7.23 0.00
CA ALA B 64 -8.11 -6.41 -1.12
C ALA B 64 -7.03 -6.37 -2.20
N LEU B 65 -5.80 -6.11 -1.79
CA LEU B 65 -4.68 -6.02 -2.70
C LEU B 65 -4.43 -7.37 -3.37
N MET B 66 -4.60 -8.43 -2.60
CA MET B 66 -4.39 -9.80 -3.09
C MET B 66 -5.53 -10.19 -4.02
N SER B 67 -6.65 -9.48 -3.91
CA SER B 67 -7.83 -9.75 -4.71
C SER B 67 -7.85 -8.91 -5.99
N SER B 68 -7.27 -7.71 -5.92
CA SER B 68 -7.15 -6.85 -7.09
C SER B 68 -5.84 -7.13 -7.83
N LEU B 69 -5.22 -8.24 -7.46
CA LEU B 69 -3.91 -8.65 -7.99
C LEU B 69 -4.04 -9.26 -9.40
N GLU B 70 -5.09 -8.84 -10.14
CA GLU B 70 -5.41 -9.39 -11.47
C GLU B 70 -5.93 -10.82 -11.37
N THR B 71 -5.22 -11.63 -10.58
CA THR B 71 -5.57 -13.03 -10.36
C THR B 71 -5.59 -13.82 -11.68
N PRO B 72 -4.40 -14.05 -12.26
CA PRO B 72 -4.26 -14.86 -13.46
C PRO B 72 -3.93 -16.32 -13.11
N LYS B 73 -4.19 -17.22 -14.06
CA LYS B 73 -3.88 -18.65 -13.90
C LYS B 73 -4.80 -19.31 -12.90
N THR B 74 -5.53 -20.28 -13.42
CA THR B 74 -6.38 -21.16 -12.62
C THR B 74 -7.60 -20.44 -12.07
N HIS B 75 -8.72 -20.63 -12.74
CA HIS B 75 -10.00 -20.07 -12.31
C HIS B 75 -11.08 -21.13 -12.28
N LEU B 76 -10.78 -22.29 -12.85
CA LEU B 76 -11.74 -23.38 -12.94
C LEU B 76 -11.87 -24.11 -11.61
N GLU B 77 -13.08 -24.54 -11.30
CA GLU B 77 -13.33 -25.29 -10.07
C GLU B 77 -13.52 -26.78 -10.38
N HIS B 78 -13.76 -27.08 -11.64
CA HIS B 78 -13.94 -28.45 -12.07
C HIS B 78 -12.63 -29.03 -12.59
N HIS B 79 -12.00 -29.85 -11.76
CA HIS B 79 -10.79 -30.56 -12.15
C HIS B 79 -10.92 -32.04 -11.83
N HIS B 80 -10.87 -32.35 -10.55
CA HIS B 80 -10.96 -33.72 -10.08
C HIS B 80 -11.22 -33.70 -8.58
N HIS B 81 -11.76 -34.78 -8.04
CA HIS B 81 -12.00 -34.85 -6.60
C HIS B 81 -10.70 -34.70 -5.84
N HIS B 82 -10.58 -33.60 -5.11
CA HIS B 82 -9.36 -33.28 -4.39
C HIS B 82 -9.18 -34.19 -3.19
N HIS B 83 -8.06 -34.90 -3.18
CA HIS B 83 -7.66 -35.73 -2.06
C HIS B 83 -6.17 -35.99 -2.15
N MET A 1 15.59 -9.08 -10.37
CA MET A 1 14.58 -9.13 -9.29
C MET A 1 14.42 -7.76 -8.64
N PRO A 2 13.17 -7.25 -8.61
CA PRO A 2 12.86 -6.00 -7.93
C PRO A 2 12.86 -6.19 -6.42
N ILE A 3 13.99 -5.95 -5.80
CA ILE A 3 14.14 -6.14 -4.35
C ILE A 3 13.55 -4.97 -3.58
N THR A 4 13.15 -3.94 -4.32
CA THR A 4 12.65 -2.71 -3.73
C THR A 4 13.78 -1.95 -3.05
N SER A 5 14.31 -0.95 -3.74
CA SER A 5 15.43 -0.18 -3.23
C SER A 5 14.93 0.91 -2.27
N LYS A 6 15.80 1.33 -1.38
CA LYS A 6 15.48 2.41 -0.46
C LYS A 6 16.01 3.73 -1.02
N TYR A 7 16.81 3.64 -2.07
CA TYR A 7 17.31 4.80 -2.80
C TYR A 7 17.96 5.82 -1.87
N THR A 8 17.94 7.09 -2.28
CA THR A 8 18.48 8.15 -1.47
C THR A 8 17.41 8.67 -0.52
N ASP A 9 17.81 9.04 0.70
CA ASP A 9 16.88 9.53 1.70
C ASP A 9 16.21 10.82 1.22
N GLU A 10 16.93 11.58 0.40
CA GLU A 10 16.42 12.83 -0.15
C GLU A 10 15.26 12.55 -1.10
N GLN A 11 15.48 11.61 -2.01
CA GLN A 11 14.52 11.28 -3.05
C GLN A 11 13.19 10.84 -2.44
N VAL A 12 13.25 9.81 -1.61
CA VAL A 12 12.06 9.24 -1.01
C VAL A 12 11.34 10.26 -0.12
N GLU A 13 12.10 10.97 0.69
CA GLU A 13 11.54 11.93 1.65
C GLU A 13 10.76 13.03 0.94
N LYS A 14 11.30 13.50 -0.18
CA LYS A 14 10.68 14.61 -0.91
C LYS A 14 9.45 14.17 -1.68
N ILE A 15 9.47 12.96 -2.22
CA ILE A 15 8.28 12.45 -2.90
C ILE A 15 7.19 12.19 -1.86
N LEU A 16 7.56 11.56 -0.75
CA LEU A 16 6.63 11.32 0.34
C LEU A 16 6.10 12.64 0.88
N ALA A 17 6.96 13.67 0.91
CA ALA A 17 6.57 14.99 1.37
C ALA A 17 5.38 15.51 0.59
N GLU A 18 5.51 15.52 -0.74
CA GLU A 18 4.44 16.03 -1.59
C GLU A 18 3.22 15.11 -1.54
N VAL A 19 3.44 13.80 -1.62
CA VAL A 19 2.34 12.84 -1.60
C VAL A 19 1.53 12.96 -0.30
N ALA A 20 2.22 12.94 0.83
CA ALA A 20 1.56 13.04 2.13
C ALA A 20 0.94 14.41 2.33
N LEU A 21 1.57 15.42 1.75
CA LEU A 21 1.05 16.79 1.85
C LEU A 21 -0.29 16.88 1.14
N VAL A 22 -0.39 16.25 -0.03
CA VAL A 22 -1.65 16.22 -0.77
C VAL A 22 -2.75 15.58 0.08
N LEU A 23 -2.40 14.47 0.73
CA LEU A 23 -3.34 13.77 1.60
C LEU A 23 -3.75 14.65 2.77
N GLU A 24 -2.77 15.34 3.34
CA GLU A 24 -3.00 16.22 4.48
C GLU A 24 -3.83 17.44 4.08
N LYS A 25 -3.43 18.03 2.97
CA LYS A 25 -4.04 19.26 2.45
C LYS A 25 -5.49 19.03 2.02
N HIS A 26 -5.76 17.85 1.50
CA HIS A 26 -7.13 17.51 1.07
C HIS A 26 -7.90 16.85 2.20
N ALA A 27 -7.29 16.83 3.38
CA ALA A 27 -7.92 16.29 4.60
C ALA A 27 -8.36 14.84 4.42
N ALA A 28 -7.47 14.03 3.87
CA ALA A 28 -7.74 12.61 3.68
C ALA A 28 -7.74 11.88 5.01
N SER A 29 -8.85 11.20 5.30
CA SER A 29 -8.98 10.42 6.52
C SER A 29 -8.02 9.22 6.49
N PRO A 30 -7.73 8.60 7.65
CA PRO A 30 -6.80 7.47 7.75
C PRO A 30 -7.14 6.33 6.79
N GLU A 31 -8.40 5.89 6.77
CA GLU A 31 -8.80 4.77 5.92
C GLU A 31 -8.82 5.15 4.45
N LEU A 32 -9.21 6.40 4.16
CA LEU A 32 -9.10 6.94 2.81
C LEU A 32 -7.65 6.93 2.36
N THR A 33 -6.78 7.39 3.23
CA THR A 33 -5.35 7.41 2.99
C THR A 33 -4.82 6.01 2.67
N LEU A 34 -5.19 5.05 3.51
CA LEU A 34 -4.71 3.69 3.37
C LEU A 34 -5.28 3.02 2.12
N MET A 35 -6.52 3.38 1.78
CA MET A 35 -7.15 2.86 0.57
C MET A 35 -6.39 3.37 -0.65
N ILE A 36 -5.97 4.63 -0.61
CA ILE A 36 -5.18 5.20 -1.68
C ILE A 36 -3.85 4.45 -1.84
N ALA A 37 -3.23 4.11 -0.71
CA ALA A 37 -1.99 3.33 -0.73
C ALA A 37 -2.22 1.99 -1.43
N GLY A 38 -3.31 1.33 -1.08
CA GLY A 38 -3.66 0.07 -1.71
C GLY A 38 -3.97 0.24 -3.18
N ASN A 39 -4.60 1.35 -3.52
CA ASN A 39 -4.94 1.66 -4.90
C ASN A 39 -3.67 1.85 -5.71
N ILE A 40 -2.68 2.50 -5.11
CA ILE A 40 -1.37 2.67 -5.75
C ILE A 40 -0.78 1.31 -6.10
N ALA A 41 -0.70 0.42 -5.10
CA ALA A 41 -0.18 -0.93 -5.32
C ALA A 41 -1.00 -1.65 -6.38
N THR A 42 -2.32 -1.54 -6.28
CA THR A 42 -3.23 -2.16 -7.24
C THR A 42 -2.93 -1.69 -8.66
N ASN A 43 -2.81 -0.39 -8.85
CA ASN A 43 -2.55 0.18 -10.17
C ASN A 43 -1.24 -0.36 -10.74
N VAL A 44 -0.20 -0.34 -9.92
CA VAL A 44 1.11 -0.84 -10.32
C VAL A 44 1.05 -2.32 -10.68
N LEU A 45 0.41 -3.11 -9.82
CA LEU A 45 0.32 -4.56 -10.03
C LEU A 45 -0.45 -4.90 -11.29
N ASN A 46 -1.43 -4.07 -11.63
CA ASN A 46 -2.28 -4.34 -12.78
C ASN A 46 -1.59 -3.99 -14.10
N GLN A 47 -0.89 -2.86 -14.13
CA GLN A 47 -0.40 -2.34 -15.41
C GLN A 47 1.12 -2.25 -15.48
N ARG A 48 1.79 -1.96 -14.38
CA ARG A 48 3.19 -1.55 -14.43
C ARG A 48 4.15 -2.60 -13.86
N VAL A 49 3.67 -3.84 -13.74
CA VAL A 49 4.53 -4.91 -13.25
C VAL A 49 4.27 -6.19 -14.05
N ALA A 50 5.18 -7.15 -13.92
CA ALA A 50 5.06 -8.42 -14.65
C ALA A 50 4.04 -9.34 -14.00
N ALA A 51 3.30 -10.08 -14.82
CA ALA A 51 2.29 -11.02 -14.34
C ALA A 51 2.90 -12.03 -13.38
N SER A 52 4.04 -12.59 -13.76
CA SER A 52 4.75 -13.56 -12.94
C SER A 52 5.19 -12.92 -11.62
N GLN A 53 5.45 -11.62 -11.67
CA GLN A 53 6.02 -10.92 -10.54
C GLN A 53 4.94 -10.44 -9.58
N ARG A 54 3.70 -10.40 -10.05
CA ARG A 54 2.59 -9.82 -9.28
C ARG A 54 2.46 -10.41 -7.89
N LYS A 55 2.26 -11.72 -7.81
CA LYS A 55 2.05 -12.38 -6.52
C LYS A 55 3.29 -12.21 -5.64
N LEU A 56 4.45 -12.33 -6.24
CA LEU A 56 5.72 -12.29 -5.51
C LEU A 56 5.98 -10.89 -4.96
N ILE A 57 5.83 -9.88 -5.81
CA ILE A 57 6.15 -8.51 -5.44
C ILE A 57 5.09 -7.93 -4.48
N ALA A 58 3.85 -8.39 -4.62
CA ALA A 58 2.79 -8.01 -3.71
C ALA A 58 3.01 -8.64 -2.35
N GLU A 59 3.55 -9.86 -2.36
CA GLU A 59 3.90 -10.54 -1.13
C GLU A 59 5.07 -9.84 -0.45
N LYS A 60 6.01 -9.35 -1.25
CA LYS A 60 7.09 -8.51 -0.73
C LYS A 60 6.51 -7.30 0.00
N PHE A 61 5.53 -6.68 -0.64
CA PHE A 61 4.83 -5.52 -0.08
C PHE A 61 4.19 -5.88 1.26
N ALA A 62 3.38 -6.94 1.24
CA ALA A 62 2.65 -7.35 2.43
C ALA A 62 3.58 -7.69 3.58
N GLN A 63 4.62 -8.48 3.30
CA GLN A 63 5.55 -8.90 4.34
C GLN A 63 6.34 -7.71 4.87
N ALA A 64 6.74 -6.81 3.96
CA ALA A 64 7.47 -5.60 4.36
C ALA A 64 6.58 -4.72 5.23
N LEU A 65 5.29 -4.73 4.93
CA LEU A 65 4.32 -3.98 5.70
C LEU A 65 4.15 -4.59 7.09
N MET A 66 4.11 -5.92 7.15
CA MET A 66 3.87 -6.62 8.41
C MET A 66 5.15 -6.70 9.25
N SER A 67 6.27 -6.36 8.64
CA SER A 67 7.54 -6.35 9.35
C SER A 67 7.85 -4.95 9.89
N SER A 68 7.28 -3.93 9.25
CA SER A 68 7.44 -2.55 9.71
C SER A 68 6.29 -2.19 10.66
N LEU A 69 5.17 -2.88 10.49
CA LEU A 69 4.01 -2.72 11.36
C LEU A 69 4.37 -3.04 12.80
N GLU A 70 3.99 -2.17 13.72
CA GLU A 70 4.28 -2.39 15.13
C GLU A 70 3.11 -3.04 15.85
N THR A 71 3.01 -4.35 15.68
CA THR A 71 2.10 -5.17 16.44
C THR A 71 2.80 -5.65 17.72
N PRO A 72 2.11 -6.38 18.61
CA PRO A 72 2.77 -7.01 19.76
C PRO A 72 3.91 -7.93 19.31
N LYS A 73 5.13 -7.50 19.59
CA LYS A 73 6.32 -8.19 19.08
C LYS A 73 6.98 -9.02 20.16
N THR A 74 6.99 -10.32 19.97
CA THR A 74 7.75 -11.19 20.85
C THR A 74 9.22 -11.14 20.45
N HIS A 75 10.05 -10.63 21.34
CA HIS A 75 11.45 -10.38 21.03
C HIS A 75 12.29 -11.60 21.36
N LEU A 76 11.78 -12.78 21.02
CA LEU A 76 12.46 -14.02 21.34
C LEU A 76 12.76 -14.81 20.06
N GLU A 77 14.04 -14.98 19.77
CA GLU A 77 14.47 -15.88 18.71
C GLU A 77 15.64 -16.72 19.19
N HIS A 78 15.43 -18.01 19.27
CA HIS A 78 16.48 -18.91 19.72
C HIS A 78 16.52 -20.15 18.85
N HIS A 79 17.51 -20.22 17.99
CA HIS A 79 17.71 -21.40 17.16
C HIS A 79 18.82 -22.26 17.76
N HIS A 80 18.56 -23.56 17.89
CA HIS A 80 19.58 -24.48 18.37
C HIS A 80 20.62 -24.68 17.27
N HIS A 81 20.12 -24.77 16.04
CA HIS A 81 20.94 -24.73 14.84
C HIS A 81 20.06 -24.76 13.60
N HIS A 82 19.23 -25.79 13.50
CA HIS A 82 18.33 -25.92 12.36
C HIS A 82 16.95 -25.40 12.71
N HIS A 83 16.62 -25.49 13.98
CA HIS A 83 15.33 -25.06 14.48
C HIS A 83 15.55 -24.07 15.61
N MET B 1 -19.12 -0.92 -8.09
CA MET B 1 -18.00 -1.33 -7.20
C MET B 1 -17.44 -0.11 -6.47
N PRO B 2 -17.73 0.01 -5.17
CA PRO B 2 -17.25 1.12 -4.37
C PRO B 2 -15.87 0.84 -3.75
N ILE B 3 -15.33 1.82 -3.05
CA ILE B 3 -14.06 1.67 -2.37
C ILE B 3 -14.25 1.73 -0.86
N THR B 4 -13.16 1.90 -0.12
CA THR B 4 -13.22 1.99 1.33
C THR B 4 -14.05 3.19 1.77
N SER B 5 -15.21 2.89 2.37
CA SER B 5 -16.15 3.92 2.82
C SER B 5 -16.80 4.63 1.63
N LYS B 6 -17.85 5.40 1.87
CA LYS B 6 -18.53 6.10 0.80
C LYS B 6 -17.84 7.42 0.48
N TYR B 7 -16.68 7.33 -0.17
CA TYR B 7 -15.98 8.50 -0.63
C TYR B 7 -16.32 8.78 -2.08
N THR B 8 -16.53 10.04 -2.39
CA THR B 8 -16.76 10.47 -3.75
C THR B 8 -15.59 10.06 -4.64
N ASP B 9 -15.86 9.23 -5.64
CA ASP B 9 -14.81 8.71 -6.51
C ASP B 9 -14.13 9.83 -7.28
N GLU B 10 -14.88 10.91 -7.52
CA GLU B 10 -14.32 12.11 -8.13
C GLU B 10 -13.18 12.66 -7.27
N GLN B 11 -13.45 12.77 -5.97
CA GLN B 11 -12.46 13.24 -5.01
C GLN B 11 -11.24 12.34 -4.98
N VAL B 12 -11.47 11.04 -4.80
CA VAL B 12 -10.40 10.06 -4.73
C VAL B 12 -9.58 10.08 -6.02
N GLU B 13 -10.27 10.17 -7.15
CA GLU B 13 -9.61 10.20 -8.46
C GLU B 13 -8.66 11.40 -8.55
N LYS B 14 -9.12 12.53 -8.05
CA LYS B 14 -8.31 13.75 -8.06
C LYS B 14 -7.07 13.60 -7.20
N ILE B 15 -7.25 13.05 -6.00
CA ILE B 15 -6.13 12.84 -5.10
C ILE B 15 -5.14 11.85 -5.72
N LEU B 16 -5.67 10.80 -6.32
CA LEU B 16 -4.84 9.81 -7.01
C LEU B 16 -4.07 10.46 -8.15
N ALA B 17 -4.74 11.34 -8.90
CA ALA B 17 -4.11 12.05 -10.00
C ALA B 17 -2.97 12.93 -9.49
N GLU B 18 -3.19 13.57 -8.35
CA GLU B 18 -2.15 14.40 -7.72
C GLU B 18 -0.96 13.54 -7.33
N VAL B 19 -1.22 12.44 -6.63
CA VAL B 19 -0.17 11.53 -6.19
C VAL B 19 0.60 10.97 -7.38
N ALA B 20 -0.13 10.47 -8.37
CA ALA B 20 0.49 9.91 -9.57
C ALA B 20 1.30 10.98 -10.30
N LEU B 21 0.82 12.21 -10.25
CA LEU B 21 1.52 13.32 -10.86
C LEU B 21 2.84 13.58 -10.13
N VAL B 22 2.79 13.55 -8.80
CA VAL B 22 4.00 13.73 -8.00
C VAL B 22 5.03 12.65 -8.31
N LEU B 23 4.54 11.43 -8.50
CA LEU B 23 5.40 10.30 -8.85
C LEU B 23 6.10 10.56 -10.17
N GLU B 24 5.32 10.93 -11.19
CA GLU B 24 5.86 11.21 -12.52
C GLU B 24 6.71 12.49 -12.50
N LYS B 25 6.30 13.43 -11.66
CA LYS B 25 7.01 14.68 -11.46
C LYS B 25 8.44 14.43 -10.97
N HIS B 26 8.59 13.42 -10.13
CA HIS B 26 9.91 13.08 -9.60
C HIS B 26 10.51 11.90 -10.36
N ALA B 27 9.85 11.48 -11.44
CA ALA B 27 10.31 10.38 -12.29
C ALA B 27 10.53 9.09 -11.50
N ALA B 28 9.60 8.81 -10.60
CA ALA B 28 9.70 7.63 -9.74
C ALA B 28 9.58 6.33 -10.54
N SER B 29 10.23 5.29 -10.04
CA SER B 29 10.18 3.98 -10.67
C SER B 29 9.01 3.16 -10.09
N PRO B 30 8.62 2.05 -10.74
CA PRO B 30 7.48 1.22 -10.31
C PRO B 30 7.61 0.72 -8.88
N GLU B 31 8.75 0.14 -8.52
CA GLU B 31 8.93 -0.42 -7.18
C GLU B 31 9.09 0.68 -6.14
N LEU B 32 9.70 1.80 -6.53
CA LEU B 32 9.77 2.98 -5.67
C LEU B 32 8.35 3.46 -5.37
N THR B 33 7.54 3.53 -6.42
CA THR B 33 6.13 3.90 -6.31
C THR B 33 5.41 3.01 -5.32
N LEU B 34 5.60 1.70 -5.48
CA LEU B 34 4.92 0.72 -4.64
C LEU B 34 5.46 0.78 -3.21
N MET B 35 6.76 1.05 -3.07
CA MET B 35 7.37 1.19 -1.75
C MET B 35 6.80 2.41 -1.04
N ILE B 36 6.57 3.47 -1.80
CA ILE B 36 5.93 4.67 -1.28
C ILE B 36 4.56 4.35 -0.70
N ALA B 37 3.79 3.56 -1.43
CA ALA B 37 2.48 3.10 -0.97
C ALA B 37 2.62 2.34 0.35
N GLY B 38 3.69 1.57 0.46
CA GLY B 38 3.99 0.85 1.68
C GLY B 38 4.17 1.79 2.86
N ASN B 39 4.99 2.83 2.66
CA ASN B 39 5.25 3.82 3.71
C ASN B 39 3.95 4.49 4.16
N ILE B 40 3.06 4.74 3.20
CA ILE B 40 1.75 5.31 3.52
C ILE B 40 0.99 4.39 4.47
N ALA B 41 0.82 3.13 4.06
CA ALA B 41 0.10 2.16 4.88
C ALA B 41 0.79 1.97 6.23
N THR B 42 2.11 1.96 6.23
CA THR B 42 2.89 1.79 7.45
C THR B 42 2.55 2.88 8.46
N ASN B 43 2.64 4.14 8.03
CA ASN B 43 2.38 5.28 8.91
C ASN B 43 0.95 5.21 9.46
N VAL B 44 -0.01 4.93 8.58
CA VAL B 44 -1.41 4.86 8.97
C VAL B 44 -1.64 3.73 9.96
N LEU B 45 -1.12 2.55 9.66
CA LEU B 45 -1.33 1.39 10.51
C LEU B 45 -0.65 1.54 11.87
N ASN B 46 0.40 2.34 11.93
CA ASN B 46 1.13 2.52 13.18
C ASN B 46 0.60 3.71 13.97
N GLN B 47 0.39 4.84 13.31
CA GLN B 47 0.10 6.09 14.01
C GLN B 47 -1.31 6.62 13.76
N ARG B 48 -2.08 6.01 12.86
CA ARG B 48 -3.39 6.55 12.52
C ARG B 48 -4.49 5.47 12.53
N VAL B 49 -4.26 4.39 13.26
CA VAL B 49 -5.28 3.35 13.40
C VAL B 49 -5.19 2.70 14.78
N ALA B 50 -6.27 2.08 15.23
CA ALA B 50 -6.34 1.46 16.55
C ALA B 50 -5.48 0.20 16.59
N ALA B 51 -4.89 -0.07 17.75
CA ALA B 51 -4.05 -1.26 17.92
C ALA B 51 -4.85 -2.54 17.72
N SER B 52 -6.05 -2.59 18.29
CA SER B 52 -6.93 -3.74 18.12
C SER B 52 -7.36 -3.88 16.66
N GLN B 53 -7.46 -2.75 15.98
CA GLN B 53 -7.90 -2.72 14.60
C GLN B 53 -6.72 -2.96 13.67
N ARG B 54 -5.52 -2.76 14.20
CA ARG B 54 -4.29 -2.71 13.41
C ARG B 54 -4.11 -3.94 12.52
N LYS B 55 -4.04 -5.12 13.12
CA LYS B 55 -3.78 -6.33 12.36
C LYS B 55 -5.05 -6.83 11.65
N LEU B 56 -6.20 -6.34 12.10
CA LEU B 56 -7.46 -6.75 11.50
C LEU B 56 -7.70 -5.98 10.21
N ILE B 57 -7.47 -4.68 10.25
CA ILE B 57 -7.68 -3.81 9.11
C ILE B 57 -6.57 -4.03 8.08
N ALA B 58 -5.39 -4.42 8.57
CA ALA B 58 -4.28 -4.77 7.70
C ALA B 58 -4.55 -6.10 7.01
N GLU B 59 -5.23 -7.00 7.72
CA GLU B 59 -5.62 -8.28 7.15
C GLU B 59 -6.60 -8.03 6.00
N LYS B 60 -7.55 -7.14 6.24
CA LYS B 60 -8.52 -6.75 5.22
C LYS B 60 -7.81 -6.10 4.04
N PHE B 61 -6.93 -5.17 4.35
CA PHE B 61 -6.18 -4.43 3.33
C PHE B 61 -5.40 -5.38 2.43
N ALA B 62 -4.64 -6.28 3.04
CA ALA B 62 -3.81 -7.22 2.29
C ALA B 62 -4.68 -8.12 1.42
N GLN B 63 -5.73 -8.67 2.00
CA GLN B 63 -6.61 -9.56 1.28
C GLN B 63 -7.35 -8.83 0.16
N ALA B 64 -7.73 -7.58 0.43
CA ALA B 64 -8.40 -6.76 -0.57
C ALA B 64 -7.46 -6.45 -1.73
N LEU B 65 -6.19 -6.23 -1.40
CA LEU B 65 -5.17 -5.97 -2.40
C LEU B 65 -5.06 -7.14 -3.37
N MET B 66 -5.02 -8.35 -2.83
CA MET B 66 -4.95 -9.56 -3.65
C MET B 66 -6.24 -9.81 -4.39
N SER B 67 -7.35 -9.32 -3.85
CA SER B 67 -8.64 -9.48 -4.49
C SER B 67 -8.79 -8.47 -5.63
N SER B 68 -8.06 -7.37 -5.54
CA SER B 68 -8.07 -6.37 -6.58
C SER B 68 -6.87 -6.55 -7.51
N LEU B 69 -6.09 -7.59 -7.22
CA LEU B 69 -4.96 -7.95 -8.06
C LEU B 69 -5.47 -8.82 -9.21
N GLU B 70 -5.15 -8.40 -10.43
CA GLU B 70 -5.62 -9.12 -11.60
C GLU B 70 -4.83 -10.42 -11.79
N THR B 71 -5.56 -11.49 -12.03
CA THR B 71 -4.96 -12.79 -12.24
C THR B 71 -4.95 -13.16 -13.72
N PRO B 72 -3.89 -13.84 -14.18
CA PRO B 72 -3.77 -14.29 -15.56
C PRO B 72 -4.63 -15.51 -15.83
N LYS B 73 -5.75 -15.31 -16.51
CA LYS B 73 -6.68 -16.38 -16.79
C LYS B 73 -6.19 -17.21 -17.96
N THR B 74 -5.76 -18.42 -17.66
CA THR B 74 -5.31 -19.35 -18.69
C THR B 74 -6.51 -19.96 -19.41
N HIS B 75 -7.43 -20.52 -18.63
CA HIS B 75 -8.68 -21.03 -19.17
C HIS B 75 -9.76 -20.94 -18.11
N LEU B 76 -10.95 -20.54 -18.52
CA LEU B 76 -12.05 -20.32 -17.60
C LEU B 76 -12.61 -21.65 -17.07
N GLU B 77 -12.39 -21.88 -15.79
CA GLU B 77 -12.87 -23.09 -15.12
C GLU B 77 -14.19 -22.80 -14.41
N HIS B 78 -15.29 -23.30 -14.97
CA HIS B 78 -16.62 -23.05 -14.44
C HIS B 78 -17.14 -24.28 -13.71
N HIS B 79 -16.22 -25.11 -13.21
CA HIS B 79 -16.57 -26.40 -12.63
C HIS B 79 -17.20 -27.26 -13.72
N HIS B 80 -16.47 -27.34 -14.84
CA HIS B 80 -17.01 -27.95 -16.04
C HIS B 80 -16.81 -29.47 -16.06
N HIS B 81 -17.88 -30.17 -16.41
CA HIS B 81 -17.87 -31.63 -16.62
C HIS B 81 -17.73 -32.40 -15.31
N HIS B 82 -16.66 -32.16 -14.57
CA HIS B 82 -16.42 -32.87 -13.33
C HIS B 82 -17.30 -32.31 -12.22
N HIS B 83 -16.80 -31.29 -11.53
CA HIS B 83 -17.49 -30.64 -10.42
C HIS B 83 -16.49 -29.78 -9.67
N MET A 1 15.28 4.94 6.36
CA MET A 1 16.10 3.77 5.96
C MET A 1 15.53 3.14 4.69
N PRO A 2 16.38 2.86 3.69
CA PRO A 2 15.97 2.16 2.47
C PRO A 2 15.51 0.73 2.76
N ILE A 3 14.19 0.54 2.76
CA ILE A 3 13.62 -0.77 3.04
C ILE A 3 13.48 -1.62 1.78
N THR A 4 12.88 -1.04 0.74
CA THR A 4 12.69 -1.73 -0.51
C THR A 4 13.81 -1.34 -1.48
N SER A 5 14.93 -2.06 -1.38
CA SER A 5 16.15 -1.74 -2.13
C SER A 5 16.77 -0.43 -1.62
N LYS A 6 18.04 -0.21 -1.90
CA LYS A 6 18.73 0.98 -1.44
C LYS A 6 18.35 2.20 -2.28
N TYR A 7 17.20 2.77 -1.99
CA TYR A 7 16.82 4.04 -2.56
C TYR A 7 17.21 5.16 -1.63
N THR A 8 17.72 6.24 -2.22
CA THR A 8 18.13 7.41 -1.45
C THR A 8 17.00 7.89 -0.53
N ASP A 9 17.23 7.78 0.77
CA ASP A 9 16.22 8.06 1.79
C ASP A 9 15.64 9.46 1.61
N GLU A 10 16.51 10.44 1.38
CA GLU A 10 16.06 11.79 1.13
C GLU A 10 15.08 11.84 -0.03
N GLN A 11 15.46 11.21 -1.15
CA GLN A 11 14.65 11.23 -2.37
C GLN A 11 13.23 10.74 -2.08
N VAL A 12 13.13 9.61 -1.39
CA VAL A 12 11.85 9.05 -1.02
C VAL A 12 11.09 10.02 -0.12
N GLU A 13 11.80 10.57 0.86
CA GLU A 13 11.22 11.49 1.82
C GLU A 13 10.73 12.78 1.13
N LYS A 14 11.43 13.20 0.08
CA LYS A 14 11.03 14.40 -0.66
C LYS A 14 9.70 14.16 -1.35
N ILE A 15 9.59 13.03 -2.04
CA ILE A 15 8.37 12.66 -2.74
C ILE A 15 7.24 12.47 -1.72
N LEU A 16 7.56 11.82 -0.62
CA LEU A 16 6.59 11.62 0.46
C LEU A 16 6.10 12.96 1.01
N ALA A 17 6.99 13.95 1.05
CA ALA A 17 6.62 15.28 1.51
C ALA A 17 5.57 15.89 0.59
N GLU A 18 5.81 15.82 -0.71
CA GLU A 18 4.85 16.35 -1.68
C GLU A 18 3.52 15.59 -1.61
N VAL A 19 3.60 14.27 -1.56
CA VAL A 19 2.39 13.42 -1.47
C VAL A 19 1.61 13.72 -0.19
N ALA A 20 2.34 13.88 0.91
CA ALA A 20 1.72 14.19 2.20
C ALA A 20 0.93 15.49 2.14
N LEU A 21 1.45 16.46 1.40
CA LEU A 21 0.77 17.74 1.27
C LEU A 21 -0.49 17.60 0.44
N VAL A 22 -0.49 16.67 -0.51
CA VAL A 22 -1.68 16.38 -1.31
C VAL A 22 -2.76 15.79 -0.42
N LEU A 23 -2.36 14.90 0.47
CA LEU A 23 -3.28 14.28 1.42
C LEU A 23 -3.76 15.31 2.43
N GLU A 24 -2.85 16.18 2.87
CA GLU A 24 -3.17 17.18 3.88
C GLU A 24 -4.19 18.18 3.37
N LYS A 25 -4.02 18.66 2.15
CA LYS A 25 -4.93 19.66 1.58
C LYS A 25 -6.32 19.07 1.34
N HIS A 26 -6.40 17.77 1.18
CA HIS A 26 -7.68 17.10 0.98
C HIS A 26 -8.25 16.61 2.31
N ALA A 27 -7.47 16.77 3.38
CA ALA A 27 -7.88 16.34 4.72
C ALA A 27 -8.25 14.86 4.71
N ALA A 28 -7.42 14.06 4.05
CA ALA A 28 -7.67 12.63 3.89
C ALA A 28 -7.70 11.91 5.24
N SER A 29 -8.73 11.11 5.45
CA SER A 29 -8.84 10.30 6.67
C SER A 29 -7.85 9.14 6.61
N PRO A 30 -7.56 8.48 7.75
CA PRO A 30 -6.66 7.33 7.80
C PRO A 30 -7.04 6.24 6.79
N GLU A 31 -8.33 5.91 6.73
CA GLU A 31 -8.80 4.87 5.81
C GLU A 31 -8.70 5.35 4.36
N LEU A 32 -9.04 6.61 4.10
CA LEU A 32 -8.91 7.17 2.75
C LEU A 32 -7.45 7.15 2.32
N THR A 33 -6.59 7.60 3.22
CA THR A 33 -5.15 7.57 3.00
C THR A 33 -4.67 6.17 2.64
N LEU A 34 -5.07 5.20 3.45
CA LEU A 34 -4.63 3.83 3.27
C LEU A 34 -5.27 3.22 2.02
N MET A 35 -6.52 3.59 1.75
CA MET A 35 -7.21 3.12 0.56
C MET A 35 -6.52 3.64 -0.70
N ILE A 36 -5.98 4.84 -0.63
CA ILE A 36 -5.19 5.40 -1.73
C ILE A 36 -3.93 4.57 -1.96
N ALA A 37 -3.28 4.17 -0.86
CA ALA A 37 -2.10 3.31 -0.96
C ALA A 37 -2.44 2.00 -1.65
N GLY A 38 -3.62 1.46 -1.32
CA GLY A 38 -4.10 0.25 -1.97
C GLY A 38 -4.33 0.45 -3.46
N ASN A 39 -4.88 1.60 -3.81
CA ASN A 39 -5.09 1.95 -5.21
C ASN A 39 -3.75 2.04 -5.94
N ILE A 40 -2.75 2.64 -5.27
CA ILE A 40 -1.41 2.75 -5.83
C ILE A 40 -0.86 1.37 -6.19
N ALA A 41 -0.83 0.47 -5.20
CA ALA A 41 -0.33 -0.87 -5.42
C ALA A 41 -1.10 -1.59 -6.52
N THR A 42 -2.43 -1.63 -6.41
CA THR A 42 -3.27 -2.32 -7.39
C THR A 42 -3.01 -1.81 -8.81
N ASN A 43 -2.90 -0.50 -8.94
CA ASN A 43 -2.67 0.14 -10.24
C ASN A 43 -1.32 -0.29 -10.81
N VAL A 44 -0.29 -0.23 -9.98
CA VAL A 44 1.06 -0.63 -10.37
C VAL A 44 1.12 -2.13 -10.67
N LEU A 45 0.36 -2.90 -9.90
CA LEU A 45 0.30 -4.35 -10.11
C LEU A 45 -0.32 -4.67 -11.46
N ASN A 46 -1.15 -3.77 -11.97
CA ASN A 46 -1.73 -3.96 -13.29
C ASN A 46 -0.85 -3.35 -14.37
N GLN A 47 -0.31 -2.17 -14.09
CA GLN A 47 0.57 -1.50 -15.04
C GLN A 47 1.78 -0.91 -14.32
N ARG A 48 2.96 -1.08 -14.95
CA ARG A 48 4.26 -0.63 -14.46
C ARG A 48 4.94 -1.72 -13.64
N VAL A 49 4.44 -2.95 -13.76
CA VAL A 49 5.08 -4.09 -13.14
C VAL A 49 5.01 -5.31 -14.05
N ALA A 50 5.90 -6.28 -13.84
CA ALA A 50 5.91 -7.50 -14.63
C ALA A 50 4.84 -8.47 -14.15
N ALA A 51 4.50 -9.45 -14.98
CA ALA A 51 3.52 -10.46 -14.60
C ALA A 51 4.13 -11.46 -13.62
N SER A 52 5.37 -11.84 -13.88
CA SER A 52 6.10 -12.73 -13.00
C SER A 52 6.30 -12.06 -11.64
N GLN A 53 6.48 -10.75 -11.68
CA GLN A 53 6.76 -9.97 -10.48
C GLN A 53 5.47 -9.53 -9.83
N ARG A 54 4.35 -9.75 -10.51
CA ARG A 54 3.07 -9.19 -10.11
C ARG A 54 2.64 -9.66 -8.71
N LYS A 55 2.35 -10.94 -8.57
CA LYS A 55 1.93 -11.46 -7.27
C LYS A 55 3.11 -11.56 -6.33
N LEU A 56 4.29 -11.74 -6.91
CA LEU A 56 5.51 -11.88 -6.12
C LEU A 56 5.81 -10.59 -5.37
N ILE A 57 5.76 -9.47 -6.08
CA ILE A 57 6.04 -8.17 -5.49
C ILE A 57 4.93 -7.79 -4.52
N ALA A 58 3.71 -8.21 -4.83
CA ALA A 58 2.56 -7.96 -3.95
C ALA A 58 2.73 -8.70 -2.63
N GLU A 59 3.16 -9.95 -2.70
CA GLU A 59 3.36 -10.76 -1.52
C GLU A 59 4.57 -10.28 -0.73
N LYS A 60 5.64 -9.91 -1.45
CA LYS A 60 6.82 -9.32 -0.82
C LYS A 60 6.45 -8.03 -0.10
N PHE A 61 5.58 -7.25 -0.75
CA PHE A 61 5.08 -6.01 -0.19
C PHE A 61 4.33 -6.26 1.11
N ALA A 62 3.38 -7.20 1.07
CA ALA A 62 2.59 -7.54 2.25
C ALA A 62 3.49 -7.97 3.40
N GLN A 63 4.51 -8.74 3.09
CA GLN A 63 5.45 -9.19 4.11
C GLN A 63 6.22 -8.01 4.69
N ALA A 64 6.72 -7.15 3.81
CA ALA A 64 7.46 -5.96 4.23
C ALA A 64 6.59 -5.07 5.12
N LEU A 65 5.32 -4.98 4.77
CA LEU A 65 4.37 -4.19 5.54
C LEU A 65 4.19 -4.76 6.94
N MET A 66 4.10 -6.08 7.02
CA MET A 66 3.97 -6.76 8.33
C MET A 66 5.29 -6.70 9.08
N SER A 67 6.40 -6.68 8.33
CA SER A 67 7.73 -6.60 8.90
C SER A 67 7.99 -5.19 9.48
N SER A 68 7.20 -4.23 9.04
CA SER A 68 7.32 -2.87 9.56
C SER A 68 6.09 -2.51 10.40
N LEU A 69 5.31 -3.53 10.72
CA LEU A 69 4.11 -3.36 11.54
C LEU A 69 4.42 -3.65 13.00
N GLU A 70 4.46 -2.61 13.81
CA GLU A 70 4.76 -2.76 15.23
C GLU A 70 3.58 -3.36 15.98
N THR A 71 3.66 -4.65 16.24
CA THR A 71 2.69 -5.33 17.07
C THR A 71 3.40 -6.05 18.21
N PRO A 72 3.64 -5.34 19.33
CA PRO A 72 4.28 -5.93 20.50
C PRO A 72 3.29 -6.70 21.37
N LYS A 73 2.14 -6.10 21.62
CA LYS A 73 1.11 -6.69 22.47
C LYS A 73 -0.15 -5.85 22.39
N THR A 74 -1.23 -6.38 22.96
CA THR A 74 -2.45 -5.60 23.12
C THR A 74 -2.93 -5.72 24.57
N HIS A 75 -2.88 -6.95 25.11
CA HIS A 75 -3.16 -7.23 26.51
C HIS A 75 -3.13 -8.74 26.73
N LEU A 76 -2.29 -9.18 27.67
CA LEU A 76 -2.13 -10.60 27.94
C LEU A 76 -3.34 -11.12 28.72
N GLU A 77 -3.27 -10.99 30.04
CA GLU A 77 -4.35 -11.40 30.93
C GLU A 77 -4.71 -12.88 30.76
N HIS A 78 -3.72 -13.67 30.37
CA HIS A 78 -3.85 -15.12 30.34
C HIS A 78 -2.79 -15.71 31.27
N HIS A 79 -3.20 -16.46 32.27
CA HIS A 79 -2.27 -16.94 33.28
C HIS A 79 -2.06 -18.44 33.14
N HIS A 80 -3.10 -19.22 33.46
CA HIS A 80 -3.04 -20.68 33.48
C HIS A 80 -2.08 -21.19 34.56
N HIS A 81 -2.32 -22.40 35.04
CA HIS A 81 -1.43 -22.99 36.03
C HIS A 81 -0.57 -24.07 35.37
N HIS A 82 -1.05 -24.61 34.25
CA HIS A 82 -0.28 -25.59 33.51
C HIS A 82 0.44 -24.91 32.34
N HIS A 83 -0.31 -24.51 31.33
CA HIS A 83 0.27 -23.88 30.15
C HIS A 83 -0.85 -23.30 29.28
N MET B 1 -16.25 -4.85 11.56
CA MET B 1 -15.60 -3.82 10.73
C MET B 1 -15.95 -4.06 9.26
N PRO B 2 -16.56 -3.07 8.61
CA PRO B 2 -17.00 -3.18 7.22
C PRO B 2 -15.89 -2.82 6.24
N ILE B 3 -16.27 -2.47 5.01
CA ILE B 3 -15.31 -2.00 4.03
C ILE B 3 -14.82 -0.60 4.40
N THR B 4 -13.94 -0.08 3.58
CA THR B 4 -13.49 1.29 3.75
C THR B 4 -14.39 2.23 2.95
N SER B 5 -14.94 3.23 3.62
CA SER B 5 -15.78 4.22 2.97
C SER B 5 -15.03 4.85 1.80
N LYS B 6 -15.63 4.80 0.62
CA LYS B 6 -14.97 5.28 -0.58
C LYS B 6 -15.12 6.78 -0.72
N TYR B 7 -16.05 7.35 0.05
CA TYR B 7 -16.28 8.80 0.05
C TYR B 7 -16.69 9.26 -1.34
N THR B 8 -16.38 10.52 -1.65
CA THR B 8 -16.59 11.04 -2.98
C THR B 8 -15.66 10.38 -3.97
N ASP B 9 -16.19 9.47 -4.79
CA ASP B 9 -15.42 8.75 -5.79
C ASP B 9 -14.72 9.71 -6.73
N GLU B 10 -15.44 10.77 -7.09
CA GLU B 10 -14.91 11.83 -7.96
C GLU B 10 -13.62 12.37 -7.39
N GLN B 11 -13.63 12.68 -6.10
CA GLN B 11 -12.49 13.29 -5.45
C GLN B 11 -11.35 12.29 -5.32
N VAL B 12 -11.68 11.05 -4.98
CA VAL B 12 -10.67 10.00 -4.84
C VAL B 12 -9.92 9.82 -6.15
N GLU B 13 -10.66 9.79 -7.26
CA GLU B 13 -10.07 9.73 -8.59
C GLU B 13 -9.09 10.89 -8.80
N LYS B 14 -9.49 12.06 -8.35
CA LYS B 14 -8.67 13.26 -8.52
C LYS B 14 -7.42 13.21 -7.64
N ILE B 15 -7.58 12.80 -6.38
CA ILE B 15 -6.45 12.70 -5.46
C ILE B 15 -5.44 11.67 -5.97
N LEU B 16 -5.96 10.55 -6.46
CA LEU B 16 -5.11 9.51 -7.04
C LEU B 16 -4.28 10.07 -8.19
N ALA B 17 -4.90 10.92 -9.00
CA ALA B 17 -4.21 11.56 -10.11
C ALA B 17 -3.12 12.49 -9.60
N GLU B 18 -3.45 13.27 -8.57
CA GLU B 18 -2.50 14.18 -7.96
C GLU B 18 -1.28 13.41 -7.45
N VAL B 19 -1.54 12.34 -6.70
CA VAL B 19 -0.46 11.51 -6.16
C VAL B 19 0.35 10.87 -7.28
N ALA B 20 -0.34 10.26 -8.24
CA ALA B 20 0.32 9.58 -9.35
C ALA B 20 1.16 10.56 -10.16
N LEU B 21 0.69 11.80 -10.27
CA LEU B 21 1.42 12.83 -11.00
C LEU B 21 2.72 13.16 -10.28
N VAL B 22 2.68 13.21 -8.95
CA VAL B 22 3.89 13.46 -8.16
C VAL B 22 4.90 12.34 -8.37
N LEU B 23 4.39 11.11 -8.46
CA LEU B 23 5.23 9.94 -8.70
C LEU B 23 5.91 10.04 -10.05
N GLU B 24 5.11 10.32 -11.08
CA GLU B 24 5.62 10.45 -12.43
C GLU B 24 6.43 11.73 -12.59
N LYS B 25 6.19 12.69 -11.72
CA LYS B 25 6.93 13.94 -11.69
C LYS B 25 8.40 13.69 -11.36
N HIS B 26 8.65 12.68 -10.54
CA HIS B 26 10.01 12.32 -10.15
C HIS B 26 10.46 11.06 -10.87
N ALA B 27 9.61 10.57 -11.78
CA ALA B 27 9.90 9.36 -12.55
C ALA B 27 10.17 8.18 -11.62
N ALA B 28 9.32 8.06 -10.61
CA ALA B 28 9.46 7.01 -9.61
C ALA B 28 9.26 5.63 -10.23
N SER B 29 10.28 4.77 -10.08
CA SER B 29 10.21 3.41 -10.56
C SER B 29 9.24 2.59 -9.71
N PRO B 30 8.73 1.46 -10.24
CA PRO B 30 7.77 0.59 -9.54
C PRO B 30 8.13 0.34 -8.07
N GLU B 31 9.39 -0.02 -7.81
CA GLU B 31 9.83 -0.27 -6.43
C GLU B 31 9.59 0.97 -5.57
N LEU B 32 10.05 2.11 -6.05
CA LEU B 32 9.93 3.37 -5.33
C LEU B 32 8.46 3.75 -5.14
N THR B 33 7.70 3.65 -6.23
CA THR B 33 6.27 3.96 -6.20
C THR B 33 5.53 3.11 -5.17
N LEU B 34 5.75 1.80 -5.23
CA LEU B 34 5.06 0.88 -4.34
C LEU B 34 5.62 1.01 -2.93
N MET B 35 6.90 1.34 -2.81
CA MET B 35 7.53 1.59 -1.52
C MET B 35 6.84 2.76 -0.83
N ILE B 36 6.51 3.77 -1.61
CA ILE B 36 5.81 4.95 -1.11
C ILE B 36 4.42 4.57 -0.60
N ALA B 37 3.73 3.74 -1.36
CA ALA B 37 2.43 3.22 -0.93
C ALA B 37 2.59 2.45 0.38
N GLY B 38 3.68 1.71 0.48
CA GLY B 38 4.00 1.00 1.70
C GLY B 38 4.24 1.94 2.86
N ASN B 39 5.02 2.98 2.63
CA ASN B 39 5.30 3.99 3.63
C ASN B 39 4.00 4.60 4.15
N ILE B 40 3.06 4.82 3.24
CA ILE B 40 1.73 5.32 3.59
C ILE B 40 1.04 4.34 4.54
N ALA B 41 0.85 3.11 4.08
CA ALA B 41 0.17 2.09 4.86
C ALA B 41 0.85 1.85 6.19
N THR B 42 2.19 1.81 6.18
CA THR B 42 2.96 1.59 7.39
C THR B 42 2.64 2.63 8.45
N ASN B 43 2.72 3.90 8.08
CA ASN B 43 2.50 4.98 9.04
C ASN B 43 1.07 4.92 9.59
N VAL B 44 0.12 4.64 8.71
CA VAL B 44 -1.27 4.50 9.12
C VAL B 44 -1.44 3.33 10.09
N LEU B 45 -0.89 2.18 9.73
CA LEU B 45 -1.04 0.99 10.55
C LEU B 45 -0.28 1.10 11.88
N ASN B 46 0.64 2.04 11.97
CA ASN B 46 1.41 2.23 13.19
C ASN B 46 0.85 3.32 14.07
N GLN B 47 0.62 4.50 13.49
CA GLN B 47 0.31 5.69 14.27
C GLN B 47 -1.02 6.33 13.89
N ARG B 48 -1.78 5.68 13.01
CA ARG B 48 -3.08 6.21 12.62
C ARG B 48 -4.18 5.19 12.85
N VAL B 49 -3.86 4.13 13.56
CA VAL B 49 -4.83 3.09 13.84
C VAL B 49 -4.60 2.50 15.23
N ALA B 50 -5.66 1.99 15.84
CA ALA B 50 -5.59 1.41 17.17
C ALA B 50 -4.87 0.07 17.13
N ALA B 51 -4.22 -0.30 18.22
CA ALA B 51 -3.54 -1.59 18.32
C ALA B 51 -4.50 -2.75 18.09
N SER B 52 -5.71 -2.62 18.62
CA SER B 52 -6.74 -3.65 18.45
C SER B 52 -7.18 -3.71 16.99
N GLN B 53 -7.10 -2.58 16.32
CA GLN B 53 -7.58 -2.45 14.96
C GLN B 53 -6.46 -2.68 13.96
N ARG B 54 -5.26 -2.84 14.49
CA ARG B 54 -4.04 -2.85 13.68
C ARG B 54 -4.04 -3.99 12.66
N LYS B 55 -4.02 -5.23 13.13
CA LYS B 55 -4.01 -6.37 12.21
C LYS B 55 -5.35 -6.49 11.49
N LEU B 56 -6.42 -6.04 12.13
CA LEU B 56 -7.75 -6.12 11.53
C LEU B 56 -7.81 -5.25 10.28
N ILE B 57 -7.36 -4.01 10.42
CA ILE B 57 -7.42 -3.05 9.32
C ILE B 57 -6.34 -3.36 8.28
N ALA B 58 -5.24 -3.97 8.73
CA ALA B 58 -4.19 -4.42 7.84
C ALA B 58 -4.68 -5.60 7.00
N GLU B 59 -5.46 -6.47 7.65
CA GLU B 59 -6.05 -7.62 7.00
C GLU B 59 -7.02 -7.17 5.91
N LYS B 60 -7.73 -6.09 6.18
CA LYS B 60 -8.61 -5.48 5.19
C LYS B 60 -7.81 -5.12 3.94
N PHE B 61 -6.74 -4.36 4.16
CA PHE B 61 -5.87 -3.90 3.08
C PHE B 61 -5.29 -5.07 2.29
N ALA B 62 -4.67 -6.00 3.01
CA ALA B 62 -3.99 -7.11 2.37
C ALA B 62 -4.94 -7.98 1.57
N GLN B 63 -6.06 -8.37 2.19
CA GLN B 63 -7.01 -9.24 1.52
C GLN B 63 -7.65 -8.53 0.32
N ALA B 64 -7.98 -7.25 0.49
CA ALA B 64 -8.57 -6.48 -0.59
C ALA B 64 -7.59 -6.37 -1.75
N LEU B 65 -6.32 -6.18 -1.43
CA LEU B 65 -5.28 -6.06 -2.43
C LEU B 65 -5.16 -7.36 -3.22
N MET B 66 -5.31 -8.49 -2.53
CA MET B 66 -5.21 -9.79 -3.16
C MET B 66 -6.48 -10.12 -3.95
N SER B 67 -7.62 -9.67 -3.44
CA SER B 67 -8.89 -9.92 -4.11
C SER B 67 -9.03 -9.04 -5.35
N SER B 68 -8.28 -7.94 -5.38
CA SER B 68 -8.29 -7.05 -6.52
C SER B 68 -7.03 -7.26 -7.36
N LEU B 69 -6.29 -8.31 -7.03
CA LEU B 69 -5.07 -8.66 -7.75
C LEU B 69 -5.40 -9.62 -8.89
N GLU B 70 -4.84 -9.35 -10.06
CA GLU B 70 -5.02 -10.21 -11.23
C GLU B 70 -4.71 -11.67 -10.92
N THR B 71 -3.58 -11.89 -10.25
CA THR B 71 -3.16 -13.22 -9.81
C THR B 71 -2.88 -14.17 -10.99
N PRO B 72 -1.61 -14.28 -11.41
CA PRO B 72 -1.21 -15.15 -12.52
C PRO B 72 -1.21 -16.64 -12.17
N LYS B 73 -2.23 -17.07 -11.45
CA LYS B 73 -2.39 -18.47 -11.10
C LYS B 73 -3.83 -18.93 -11.35
N THR B 74 -4.64 -18.01 -11.85
CA THR B 74 -6.06 -18.25 -12.05
C THR B 74 -6.31 -19.37 -13.04
N HIS B 75 -5.79 -19.22 -14.26
CA HIS B 75 -6.00 -20.21 -15.31
C HIS B 75 -5.06 -21.40 -15.12
N LEU B 76 -4.01 -21.21 -14.32
CA LEU B 76 -3.01 -22.24 -14.12
C LEU B 76 -3.50 -23.31 -13.14
N GLU B 77 -4.33 -22.90 -12.19
CA GLU B 77 -4.79 -23.81 -11.16
C GLU B 77 -6.29 -24.06 -11.29
N HIS B 78 -6.67 -25.30 -11.56
CA HIS B 78 -8.07 -25.68 -11.71
C HIS B 78 -8.42 -26.91 -10.88
N HIS B 79 -9.67 -26.94 -10.43
CA HIS B 79 -10.27 -28.12 -9.77
C HIS B 79 -9.83 -28.24 -8.31
N HIS B 80 -8.71 -27.64 -7.96
CA HIS B 80 -8.26 -27.63 -6.56
C HIS B 80 -8.78 -26.39 -5.86
N HIS B 81 -8.67 -25.25 -6.52
CA HIS B 81 -9.18 -23.99 -5.97
C HIS B 81 -10.69 -24.06 -5.75
N HIS B 82 -11.07 -24.09 -4.49
CA HIS B 82 -12.46 -24.18 -4.10
C HIS B 82 -12.92 -22.89 -3.45
N HIS B 83 -14.10 -22.44 -3.80
CA HIS B 83 -14.72 -21.29 -3.16
C HIS B 83 -15.63 -21.75 -2.04
N MET A 1 18.75 -6.89 1.83
CA MET A 1 17.29 -6.61 1.82
C MET A 1 16.81 -6.13 3.19
N PRO A 2 16.64 -4.82 3.35
CA PRO A 2 16.02 -4.24 4.54
C PRO A 2 14.50 -4.44 4.51
N ILE A 3 13.86 -3.78 3.56
CA ILE A 3 12.43 -3.96 3.30
C ILE A 3 12.16 -3.84 1.80
N THR A 4 12.95 -2.99 1.13
CA THR A 4 12.82 -2.78 -0.30
C THR A 4 14.20 -2.47 -0.88
N SER A 5 14.27 -2.05 -2.14
CA SER A 5 15.55 -1.67 -2.76
C SER A 5 16.09 -0.35 -2.19
N LYS A 6 15.28 0.29 -1.32
CA LYS A 6 15.68 1.51 -0.61
C LYS A 6 15.67 2.75 -1.51
N TYR A 7 16.48 2.73 -2.57
CA TYR A 7 16.70 3.89 -3.43
C TYR A 7 17.34 5.03 -2.62
N THR A 8 17.19 6.25 -3.09
CA THR A 8 17.75 7.40 -2.38
C THR A 8 16.75 7.95 -1.37
N ASP A 9 17.17 8.01 -0.11
CA ASP A 9 16.31 8.46 0.99
C ASP A 9 15.78 9.87 0.75
N GLU A 10 16.64 10.74 0.23
CA GLU A 10 16.24 12.10 -0.12
C GLU A 10 15.06 12.09 -1.09
N GLN A 11 15.12 11.21 -2.07
CA GLN A 11 14.07 11.11 -3.06
C GLN A 11 12.80 10.57 -2.44
N VAL A 12 12.90 9.41 -1.81
CA VAL A 12 11.76 8.73 -1.21
C VAL A 12 11.04 9.63 -0.20
N GLU A 13 11.80 10.20 0.72
CA GLU A 13 11.24 11.03 1.78
C GLU A 13 10.53 12.25 1.20
N LYS A 14 11.15 12.89 0.23
CA LYS A 14 10.62 14.12 -0.34
C LYS A 14 9.39 13.83 -1.21
N ILE A 15 9.36 12.65 -1.81
CA ILE A 15 8.17 12.21 -2.53
C ILE A 15 7.02 12.03 -1.55
N LEU A 16 7.29 11.33 -0.45
CA LEU A 16 6.30 11.12 0.60
C LEU A 16 5.79 12.45 1.14
N ALA A 17 6.71 13.40 1.32
CA ALA A 17 6.37 14.73 1.81
C ALA A 17 5.35 15.40 0.92
N GLU A 18 5.56 15.32 -0.39
CA GLU A 18 4.64 15.93 -1.36
C GLU A 18 3.29 15.23 -1.35
N VAL A 19 3.31 13.90 -1.22
CA VAL A 19 2.08 13.12 -1.13
C VAL A 19 1.31 13.49 0.13
N ALA A 20 2.04 13.58 1.25
CA ALA A 20 1.44 13.95 2.53
C ALA A 20 0.85 15.36 2.47
N LEU A 21 1.46 16.22 1.67
CA LEU A 21 0.96 17.58 1.48
C LEU A 21 -0.37 17.53 0.75
N VAL A 22 -0.46 16.66 -0.25
CA VAL A 22 -1.70 16.48 -1.01
C VAL A 22 -2.80 15.98 -0.08
N LEU A 23 -2.47 14.96 0.70
CA LEU A 23 -3.40 14.38 1.67
C LEU A 23 -3.88 15.43 2.67
N GLU A 24 -2.97 16.32 3.05
CA GLU A 24 -3.28 17.37 4.01
C GLU A 24 -4.20 18.42 3.38
N LYS A 25 -3.78 18.92 2.22
CA LYS A 25 -4.50 19.99 1.54
C LYS A 25 -5.90 19.55 1.12
N HIS A 26 -6.00 18.32 0.63
CA HIS A 26 -7.29 17.80 0.15
C HIS A 26 -8.08 17.19 1.29
N ALA A 27 -7.52 17.24 2.50
CA ALA A 27 -8.18 16.75 3.71
C ALA A 27 -8.56 15.27 3.59
N ALA A 28 -7.63 14.47 3.08
CA ALA A 28 -7.87 13.04 2.90
C ALA A 28 -7.97 12.33 4.25
N SER A 29 -9.08 11.66 4.47
CA SER A 29 -9.31 10.90 5.69
C SER A 29 -8.31 9.73 5.79
N PRO A 30 -8.03 9.26 7.02
CA PRO A 30 -7.10 8.13 7.22
C PRO A 30 -7.47 6.90 6.39
N GLU A 31 -8.75 6.55 6.40
CA GLU A 31 -9.26 5.42 5.63
C GLU A 31 -9.01 5.64 4.15
N LEU A 32 -9.33 6.85 3.68
CA LEU A 32 -9.13 7.22 2.28
C LEU A 32 -7.64 7.16 1.93
N THR A 33 -6.81 7.57 2.87
CA THR A 33 -5.36 7.54 2.68
C THR A 33 -4.87 6.11 2.41
N LEU A 34 -5.24 5.18 3.29
CA LEU A 34 -4.81 3.80 3.15
C LEU A 34 -5.47 3.16 1.92
N MET A 35 -6.68 3.62 1.61
CA MET A 35 -7.39 3.21 0.39
C MET A 35 -6.53 3.50 -0.83
N ILE A 36 -6.03 4.72 -0.88
CA ILE A 36 -5.21 5.19 -1.99
C ILE A 36 -3.94 4.36 -2.11
N ALA A 37 -3.36 3.99 -0.97
CA ALA A 37 -2.18 3.11 -0.96
C ALA A 37 -2.48 1.79 -1.67
N GLY A 38 -3.67 1.25 -1.42
CA GLY A 38 -4.08 0.02 -2.06
C GLY A 38 -4.32 0.21 -3.55
N ASN A 39 -4.83 1.37 -3.91
CA ASN A 39 -5.06 1.70 -5.33
C ASN A 39 -3.74 1.75 -6.06
N ILE A 40 -2.73 2.34 -5.42
CA ILE A 40 -1.38 2.41 -5.98
C ILE A 40 -0.83 1.00 -6.21
N ALA A 41 -0.86 0.18 -5.16
CA ALA A 41 -0.37 -1.18 -5.24
C ALA A 41 -1.03 -1.96 -6.37
N THR A 42 -2.36 -1.93 -6.42
CA THR A 42 -3.12 -2.65 -7.43
C THR A 42 -2.72 -2.21 -8.84
N ASN A 43 -2.68 -0.90 -9.05
CA ASN A 43 -2.37 -0.34 -10.37
C ASN A 43 -0.98 -0.79 -10.85
N VAL A 44 -0.03 -0.81 -9.94
CA VAL A 44 1.31 -1.28 -10.25
C VAL A 44 1.28 -2.77 -10.57
N LEU A 45 0.52 -3.53 -9.78
CA LEU A 45 0.38 -4.97 -9.99
C LEU A 45 -0.29 -5.26 -11.33
N ASN A 46 -0.93 -4.24 -11.89
CA ASN A 46 -1.55 -4.34 -13.21
C ASN A 46 -0.53 -4.06 -14.32
N GLN A 47 0.01 -2.85 -14.32
CA GLN A 47 0.85 -2.39 -15.43
C GLN A 47 2.33 -2.25 -15.05
N ARG A 48 2.60 -1.73 -13.87
CA ARG A 48 3.96 -1.33 -13.51
C ARG A 48 4.80 -2.51 -13.02
N VAL A 49 4.29 -3.72 -13.18
CA VAL A 49 5.03 -4.92 -12.78
C VAL A 49 4.92 -6.00 -13.85
N ALA A 50 5.91 -6.87 -13.91
CA ALA A 50 5.90 -7.99 -14.83
C ALA A 50 4.94 -9.07 -14.34
N ALA A 51 4.30 -9.75 -15.27
CA ALA A 51 3.34 -10.81 -14.95
C ALA A 51 3.95 -11.88 -14.03
N SER A 52 5.20 -12.25 -14.31
CA SER A 52 5.88 -13.28 -13.53
C SER A 52 6.37 -12.74 -12.19
N GLN A 53 6.18 -11.43 -11.97
CA GLN A 53 6.66 -10.81 -10.74
C GLN A 53 5.51 -10.38 -9.85
N ARG A 54 4.28 -10.42 -10.39
CA ARG A 54 3.11 -9.86 -9.70
C ARG A 54 2.98 -10.34 -8.26
N LYS A 55 2.76 -11.63 -8.08
CA LYS A 55 2.51 -12.18 -6.75
C LYS A 55 3.79 -12.19 -5.91
N LEU A 56 4.94 -12.22 -6.57
CA LEU A 56 6.22 -12.24 -5.88
C LEU A 56 6.50 -10.88 -5.26
N ILE A 57 6.29 -9.82 -6.04
CA ILE A 57 6.55 -8.47 -5.58
C ILE A 57 5.48 -8.05 -4.57
N ALA A 58 4.30 -8.64 -4.68
CA ALA A 58 3.23 -8.41 -3.72
C ALA A 58 3.57 -9.06 -2.38
N GLU A 59 4.29 -10.18 -2.45
CA GLU A 59 4.74 -10.86 -1.25
C GLU A 59 5.74 -9.97 -0.52
N LYS A 60 6.65 -9.36 -1.28
CA LYS A 60 7.61 -8.41 -0.73
C LYS A 60 6.88 -7.31 0.02
N PHE A 61 5.89 -6.71 -0.64
CA PHE A 61 5.08 -5.65 -0.07
C PHE A 61 4.41 -6.10 1.22
N ALA A 62 3.68 -7.21 1.14
CA ALA A 62 2.92 -7.73 2.26
C ALA A 62 3.83 -8.13 3.42
N GLN A 63 4.92 -8.83 3.10
CA GLN A 63 5.84 -9.31 4.13
C GLN A 63 6.48 -8.12 4.85
N ALA A 64 6.92 -7.13 4.08
CA ALA A 64 7.51 -5.94 4.64
C ALA A 64 6.50 -5.19 5.50
N LEU A 65 5.25 -5.20 5.06
CA LEU A 65 4.19 -4.53 5.79
C LEU A 65 3.89 -5.26 7.10
N MET A 66 3.95 -6.59 7.06
CA MET A 66 3.74 -7.40 8.26
C MET A 66 4.85 -7.14 9.27
N SER A 67 6.07 -6.98 8.76
CA SER A 67 7.23 -6.72 9.62
C SER A 67 7.20 -5.27 10.12
N SER A 68 6.61 -4.38 9.33
CA SER A 68 6.51 -2.98 9.71
C SER A 68 5.25 -2.74 10.54
N LEU A 69 4.52 -3.82 10.80
CA LEU A 69 3.36 -3.75 11.67
C LEU A 69 3.79 -3.62 13.13
N GLU A 70 4.04 -2.40 13.55
CA GLU A 70 4.43 -2.12 14.91
C GLU A 70 3.20 -2.11 15.80
N THR A 71 2.86 -3.27 16.34
CA THR A 71 1.68 -3.41 17.18
C THR A 71 2.02 -4.12 18.49
N PRO A 72 1.81 -3.44 19.62
CA PRO A 72 2.04 -4.01 20.95
C PRO A 72 1.06 -5.13 21.29
N LYS A 73 1.47 -6.36 21.01
CA LYS A 73 0.68 -7.54 21.36
C LYS A 73 1.60 -8.62 21.92
N THR A 74 2.72 -8.82 21.26
CA THR A 74 3.74 -9.74 21.73
C THR A 74 5.12 -9.19 21.37
N HIS A 75 6.15 -9.70 22.03
CA HIS A 75 7.51 -9.26 21.75
C HIS A 75 8.43 -10.46 21.57
N LEU A 76 7.84 -11.64 21.52
CA LEU A 76 8.60 -12.87 21.43
C LEU A 76 8.73 -13.30 19.97
N GLU A 77 9.96 -13.50 19.53
CA GLU A 77 10.27 -13.83 18.15
C GLU A 77 9.69 -15.18 17.75
N HIS A 78 8.60 -15.15 16.98
CA HIS A 78 8.02 -16.36 16.36
C HIS A 78 7.74 -17.42 17.42
N HIS A 79 6.93 -17.08 18.42
CA HIS A 79 6.66 -17.99 19.52
C HIS A 79 5.57 -18.99 19.15
N HIS A 80 5.85 -19.79 18.11
CA HIS A 80 5.02 -20.91 17.69
C HIS A 80 5.52 -21.45 16.36
N HIS A 81 6.05 -22.65 16.37
CA HIS A 81 6.50 -23.29 15.14
C HIS A 81 5.30 -23.85 14.39
N HIS A 82 5.34 -23.77 13.06
CA HIS A 82 4.26 -24.26 12.23
C HIS A 82 4.22 -25.78 12.26
N HIS A 83 3.01 -26.33 12.28
CA HIS A 83 2.83 -27.77 12.28
C HIS A 83 1.46 -28.12 11.70
N MET B 1 -14.73 5.21 -10.32
CA MET B 1 -15.49 4.09 -9.70
C MET B 1 -15.20 4.00 -8.21
N PRO B 2 -16.23 4.08 -7.36
CA PRO B 2 -16.09 3.91 -5.92
C PRO B 2 -16.01 2.44 -5.52
N ILE B 3 -14.83 2.00 -5.13
CA ILE B 3 -14.61 0.59 -4.78
C ILE B 3 -14.67 0.38 -3.28
N THR B 4 -13.68 0.90 -2.59
CA THR B 4 -13.51 0.70 -1.17
C THR B 4 -14.67 1.30 -0.37
N SER B 5 -14.73 2.62 -0.31
CA SER B 5 -15.76 3.30 0.46
C SER B 5 -16.40 4.38 -0.40
N LYS B 6 -17.57 4.85 0.02
CA LYS B 6 -18.29 5.83 -0.76
C LYS B 6 -17.92 7.24 -0.32
N TYR B 7 -16.80 7.70 -0.82
CA TYR B 7 -16.37 9.08 -0.62
C TYR B 7 -16.88 9.94 -1.77
N THR B 8 -16.65 11.24 -1.67
CA THR B 8 -16.95 12.13 -2.78
C THR B 8 -16.12 11.74 -3.99
N ASP B 9 -16.80 11.45 -5.10
CA ASP B 9 -16.14 10.99 -6.33
C ASP B 9 -15.05 11.95 -6.75
N GLU B 10 -15.35 13.25 -6.67
CA GLU B 10 -14.40 14.30 -6.98
C GLU B 10 -13.13 14.14 -6.15
N GLN B 11 -13.30 14.06 -4.83
CA GLN B 11 -12.17 13.96 -3.90
C GLN B 11 -11.24 12.83 -4.29
N VAL B 12 -11.78 11.61 -4.39
CA VAL B 12 -10.98 10.44 -4.71
C VAL B 12 -10.24 10.62 -6.03
N GLU B 13 -10.97 11.03 -7.05
CA GLU B 13 -10.41 11.18 -8.40
C GLU B 13 -9.24 12.17 -8.39
N LYS B 14 -9.44 13.32 -7.75
CA LYS B 14 -8.45 14.39 -7.79
C LYS B 14 -7.21 13.99 -7.00
N ILE B 15 -7.40 13.42 -5.83
CA ILE B 15 -6.29 13.05 -4.97
C ILE B 15 -5.44 11.96 -5.62
N LEU B 16 -6.08 11.00 -6.29
CA LEU B 16 -5.36 9.96 -7.01
C LEU B 16 -4.49 10.57 -8.10
N ALA B 17 -5.04 11.53 -8.84
CA ALA B 17 -4.30 12.22 -9.89
C ALA B 17 -3.15 13.01 -9.29
N GLU B 18 -3.41 13.65 -8.15
CA GLU B 18 -2.40 14.41 -7.43
C GLU B 18 -1.20 13.54 -7.07
N VAL B 19 -1.47 12.41 -6.41
CA VAL B 19 -0.42 11.49 -5.98
C VAL B 19 0.36 10.95 -7.18
N ALA B 20 -0.37 10.54 -8.22
CA ALA B 20 0.24 10.04 -9.44
C ALA B 20 1.14 11.10 -10.07
N LEU B 21 0.66 12.33 -10.07
CA LEU B 21 1.42 13.45 -10.63
C LEU B 21 2.71 13.65 -9.85
N VAL B 22 2.64 13.54 -8.53
CA VAL B 22 3.82 13.67 -7.68
C VAL B 22 4.86 12.62 -8.04
N LEU B 23 4.39 11.40 -8.31
CA LEU B 23 5.29 10.32 -8.69
C LEU B 23 5.94 10.59 -10.05
N GLU B 24 5.16 11.17 -10.96
CA GLU B 24 5.65 11.50 -12.29
C GLU B 24 6.60 12.70 -12.24
N LYS B 25 6.42 13.57 -11.26
CA LYS B 25 7.31 14.71 -11.05
C LYS B 25 8.72 14.24 -10.71
N HIS B 26 8.82 13.04 -10.15
CA HIS B 26 10.11 12.48 -9.80
C HIS B 26 10.44 11.31 -10.71
N ALA B 27 9.49 10.97 -11.59
CA ALA B 27 9.61 9.81 -12.47
C ALA B 27 9.93 8.56 -11.65
N ALA B 28 9.13 8.34 -10.61
CA ALA B 28 9.35 7.26 -9.65
C ALA B 28 9.37 5.89 -10.32
N SER B 29 10.31 5.04 -9.90
CA SER B 29 10.40 3.69 -10.40
C SER B 29 9.28 2.82 -9.82
N PRO B 30 8.92 1.70 -10.48
CA PRO B 30 7.79 0.85 -10.08
C PRO B 30 7.84 0.40 -8.62
N GLU B 31 8.97 -0.14 -8.18
CA GLU B 31 9.07 -0.63 -6.80
C GLU B 31 9.08 0.54 -5.82
N LEU B 32 9.65 1.66 -6.24
CA LEU B 32 9.61 2.88 -5.45
C LEU B 32 8.16 3.34 -5.27
N THR B 33 7.39 3.21 -6.34
CA THR B 33 5.97 3.52 -6.31
C THR B 33 5.26 2.72 -5.22
N LEU B 34 5.52 1.41 -5.21
CA LEU B 34 4.90 0.53 -4.24
C LEU B 34 5.46 0.80 -2.84
N MET B 35 6.73 1.23 -2.80
CA MET B 35 7.36 1.61 -1.55
C MET B 35 6.63 2.80 -0.92
N ILE B 36 6.24 3.75 -1.75
CA ILE B 36 5.45 4.89 -1.30
C ILE B 36 4.14 4.39 -0.69
N ALA B 37 3.47 3.49 -1.41
CA ALA B 37 2.22 2.89 -0.93
C ALA B 37 2.43 2.18 0.40
N GLY B 38 3.51 1.40 0.48
CA GLY B 38 3.84 0.70 1.71
C GLY B 38 4.05 1.64 2.87
N ASN B 39 4.78 2.72 2.62
CA ASN B 39 5.02 3.73 3.65
C ASN B 39 3.72 4.35 4.13
N ILE B 40 2.82 4.62 3.18
CA ILE B 40 1.50 5.15 3.52
C ILE B 40 0.81 4.24 4.52
N ALA B 41 0.67 2.96 4.18
CA ALA B 41 0.04 2.00 5.05
C ALA B 41 0.76 1.93 6.40
N THR B 42 2.08 1.83 6.35
CA THR B 42 2.90 1.72 7.55
C THR B 42 2.68 2.91 8.51
N ASN B 43 2.59 4.11 7.95
CA ASN B 43 2.41 5.30 8.78
C ASN B 43 0.99 5.38 9.34
N VAL B 44 0.00 5.04 8.52
CA VAL B 44 -1.39 5.04 8.95
C VAL B 44 -1.61 3.97 10.03
N LEU B 45 -0.98 2.82 9.84
CA LEU B 45 -1.05 1.75 10.82
C LEU B 45 -0.37 2.16 12.11
N ASN B 46 0.73 2.88 12.00
CA ASN B 46 1.48 3.33 13.17
C ASN B 46 0.71 4.40 13.94
N GLN B 47 0.38 5.49 13.25
CA GLN B 47 -0.19 6.65 13.92
C GLN B 47 -1.51 7.05 13.28
N ARG B 48 -2.57 6.29 13.59
CA ARG B 48 -3.95 6.60 13.19
C ARG B 48 -4.90 5.47 13.56
N VAL B 49 -4.58 4.26 13.14
CA VAL B 49 -5.44 3.11 13.43
C VAL B 49 -5.21 2.61 14.86
N ALA B 50 -6.21 1.93 15.41
CA ALA B 50 -6.10 1.36 16.73
C ALA B 50 -5.13 0.19 16.74
N ALA B 51 -4.41 0.00 17.84
CA ALA B 51 -3.49 -1.13 17.97
C ALA B 51 -4.24 -2.45 17.82
N SER B 52 -5.45 -2.50 18.36
CA SER B 52 -6.29 -3.68 18.25
C SER B 52 -6.73 -3.91 16.81
N GLN B 53 -6.83 -2.81 16.06
CA GLN B 53 -7.34 -2.86 14.70
C GLN B 53 -6.18 -2.93 13.71
N ARG B 54 -4.97 -2.81 14.24
CA ARG B 54 -3.78 -2.63 13.41
C ARG B 54 -3.56 -3.79 12.46
N LYS B 55 -3.39 -4.99 13.00
CA LYS B 55 -3.14 -6.16 12.16
C LYS B 55 -4.44 -6.61 11.47
N LEU B 56 -5.58 -6.33 12.10
CA LEU B 56 -6.86 -6.71 11.55
C LEU B 56 -7.19 -5.92 10.29
N ILE B 57 -6.99 -4.62 10.35
CA ILE B 57 -7.28 -3.74 9.22
C ILE B 57 -6.22 -3.95 8.13
N ALA B 58 -5.02 -4.37 8.55
CA ALA B 58 -3.96 -4.71 7.62
C ALA B 58 -4.28 -6.02 6.91
N GLU B 59 -4.81 -6.98 7.67
CA GLU B 59 -5.24 -8.26 7.10
C GLU B 59 -6.33 -8.02 6.05
N LYS B 60 -7.33 -7.24 6.44
CA LYS B 60 -8.40 -6.84 5.51
C LYS B 60 -7.82 -6.22 4.26
N PHE B 61 -6.90 -5.28 4.44
CA PHE B 61 -6.23 -4.61 3.34
C PHE B 61 -5.48 -5.60 2.45
N ALA B 62 -4.68 -6.45 3.08
CA ALA B 62 -3.86 -7.41 2.35
C ALA B 62 -4.73 -8.37 1.56
N GLN B 63 -5.76 -8.92 2.19
CA GLN B 63 -6.65 -9.86 1.51
C GLN B 63 -7.41 -9.17 0.39
N ALA B 64 -7.82 -7.93 0.63
CA ALA B 64 -8.50 -7.14 -0.40
C ALA B 64 -7.56 -6.89 -1.57
N LEU B 65 -6.30 -6.59 -1.25
CA LEU B 65 -5.28 -6.40 -2.27
C LEU B 65 -5.07 -7.68 -3.07
N MET B 66 -5.04 -8.81 -2.36
CA MET B 66 -4.85 -10.12 -3.00
C MET B 66 -6.11 -10.52 -3.78
N SER B 67 -7.23 -9.89 -3.46
CA SER B 67 -8.47 -10.14 -4.18
C SER B 67 -8.47 -9.38 -5.51
N SER B 68 -7.94 -8.16 -5.48
CA SER B 68 -7.88 -7.33 -6.67
C SER B 68 -6.64 -7.68 -7.50
N LEU B 69 -5.72 -8.40 -6.89
CA LEU B 69 -4.55 -8.89 -7.58
C LEU B 69 -4.95 -9.90 -8.64
N GLU B 70 -4.51 -9.65 -9.87
CA GLU B 70 -4.85 -10.50 -10.99
C GLU B 70 -4.26 -11.91 -10.83
N THR B 71 -3.01 -12.07 -11.25
CA THR B 71 -2.34 -13.37 -11.23
C THR B 71 -3.18 -14.43 -11.95
N PRO B 72 -3.09 -14.46 -13.29
CA PRO B 72 -3.88 -15.36 -14.12
C PRO B 72 -3.28 -16.75 -14.20
N LYS B 73 -4.12 -17.75 -14.04
CA LYS B 73 -3.68 -19.13 -14.14
C LYS B 73 -4.29 -19.76 -15.38
N THR B 74 -3.81 -19.31 -16.53
CA THR B 74 -4.32 -19.76 -17.81
C THR B 74 -3.78 -21.15 -18.16
N HIS B 75 -2.65 -21.51 -17.54
CA HIS B 75 -2.03 -22.82 -17.71
C HIS B 75 -1.53 -23.04 -19.13
N LEU B 76 -0.21 -23.10 -19.29
CA LEU B 76 0.39 -23.30 -20.60
C LEU B 76 1.05 -24.67 -20.69
N GLU B 77 0.42 -25.57 -21.41
CA GLU B 77 1.02 -26.87 -21.71
C GLU B 77 2.16 -26.66 -22.70
N HIS B 78 3.38 -26.64 -22.19
CA HIS B 78 4.52 -26.28 -23.03
C HIS B 78 5.56 -27.37 -23.07
N HIS B 79 5.13 -28.63 -22.91
CA HIS B 79 6.06 -29.75 -23.01
C HIS B 79 6.18 -30.21 -24.47
N HIS B 80 5.49 -29.49 -25.36
CA HIS B 80 5.69 -29.68 -26.78
C HIS B 80 6.93 -28.91 -27.21
N HIS B 81 7.30 -27.97 -26.35
CA HIS B 81 8.53 -27.21 -26.50
C HIS B 81 9.58 -27.82 -25.58
N HIS B 82 10.53 -28.55 -26.16
CA HIS B 82 11.44 -29.41 -25.40
C HIS B 82 10.70 -30.63 -24.88
N HIS B 83 10.78 -31.72 -25.63
CA HIS B 83 10.11 -32.96 -25.26
C HIS B 83 11.01 -33.85 -24.41
N MET A 1 20.58 -9.49 -0.92
CA MET A 1 19.43 -9.32 -1.84
C MET A 1 18.60 -8.11 -1.46
N PRO A 2 18.64 -7.06 -2.29
CA PRO A 2 17.82 -5.88 -2.07
C PRO A 2 16.36 -6.12 -2.46
N ILE A 3 15.45 -5.88 -1.52
CA ILE A 3 14.04 -6.08 -1.78
C ILE A 3 13.51 -4.95 -2.66
N THR A 4 14.05 -3.77 -2.45
CA THR A 4 13.72 -2.61 -3.26
C THR A 4 14.92 -1.66 -3.32
N SER A 5 15.95 -2.10 -4.05
CA SER A 5 17.24 -1.40 -4.13
C SER A 5 17.62 -0.71 -2.80
N LYS A 6 17.39 0.60 -2.72
CA LYS A 6 17.63 1.37 -1.51
C LYS A 6 17.29 2.83 -1.76
N TYR A 7 17.79 3.36 -2.87
CA TYR A 7 17.62 4.76 -3.23
C TYR A 7 18.26 5.69 -2.19
N THR A 8 18.14 6.97 -2.42
CA THR A 8 18.57 7.95 -1.45
C THR A 8 17.41 8.34 -0.55
N ASP A 9 17.71 8.51 0.73
CA ASP A 9 16.69 8.86 1.72
C ASP A 9 16.05 10.20 1.38
N GLU A 10 16.83 11.04 0.71
CA GLU A 10 16.35 12.34 0.26
C GLU A 10 15.18 12.20 -0.69
N GLN A 11 15.39 11.39 -1.73
CA GLN A 11 14.39 11.17 -2.76
C GLN A 11 13.12 10.61 -2.17
N VAL A 12 13.26 9.58 -1.35
CA VAL A 12 12.11 8.94 -0.72
C VAL A 12 11.34 9.92 0.15
N GLU A 13 12.06 10.60 1.04
CA GLU A 13 11.44 11.52 1.99
C GLU A 13 10.70 12.65 1.27
N LYS A 14 11.34 13.21 0.25
CA LYS A 14 10.77 14.35 -0.48
C LYS A 14 9.51 13.95 -1.22
N ILE A 15 9.51 12.76 -1.81
CA ILE A 15 8.32 12.28 -2.54
C ILE A 15 7.21 11.92 -1.55
N LEU A 16 7.58 11.31 -0.43
CA LEU A 16 6.62 11.00 0.62
C LEU A 16 5.95 12.28 1.11
N ALA A 17 6.75 13.32 1.30
CA ALA A 17 6.25 14.62 1.73
C ALA A 17 5.24 15.16 0.74
N GLU A 18 5.52 15.01 -0.54
CA GLU A 18 4.61 15.44 -1.59
C GLU A 18 3.27 14.76 -1.45
N VAL A 19 3.29 13.43 -1.38
CA VAL A 19 2.06 12.64 -1.23
C VAL A 19 1.33 13.02 0.06
N ALA A 20 2.08 13.14 1.14
CA ALA A 20 1.52 13.48 2.44
C ALA A 20 0.85 14.85 2.40
N LEU A 21 1.44 15.79 1.68
CA LEU A 21 0.86 17.12 1.56
C LEU A 21 -0.42 17.09 0.76
N VAL A 22 -0.48 16.23 -0.26
CA VAL A 22 -1.69 16.06 -1.04
C VAL A 22 -2.81 15.53 -0.16
N LEU A 23 -2.46 14.57 0.69
CA LEU A 23 -3.42 14.00 1.63
C LEU A 23 -3.86 15.04 2.65
N GLU A 24 -2.88 15.82 3.13
CA GLU A 24 -3.13 16.84 4.14
C GLU A 24 -4.02 17.95 3.56
N LYS A 25 -3.68 18.42 2.37
CA LYS A 25 -4.42 19.51 1.72
C LYS A 25 -5.84 19.08 1.37
N HIS A 26 -6.07 17.79 1.23
CA HIS A 26 -7.40 17.27 0.91
C HIS A 26 -8.07 16.69 2.16
N ALA A 27 -7.40 16.83 3.31
CA ALA A 27 -7.93 16.36 4.60
C ALA A 27 -8.28 14.88 4.55
N ALA A 28 -7.40 14.08 3.95
CA ALA A 28 -7.65 12.66 3.78
C ALA A 28 -7.55 11.91 5.12
N SER A 29 -8.61 11.20 5.45
CA SER A 29 -8.64 10.40 6.67
C SER A 29 -7.81 9.12 6.51
N PRO A 30 -7.47 8.45 7.62
CA PRO A 30 -6.65 7.23 7.60
C PRO A 30 -7.13 6.17 6.61
N GLU A 31 -8.41 5.84 6.67
CA GLU A 31 -8.98 4.84 5.79
C GLU A 31 -8.79 5.22 4.33
N LEU A 32 -9.09 6.48 4.01
CA LEU A 32 -8.92 6.98 2.65
C LEU A 32 -7.45 6.90 2.25
N THR A 33 -6.58 7.37 3.13
CA THR A 33 -5.15 7.35 2.90
C THR A 33 -4.66 5.93 2.58
N LEU A 34 -5.06 4.98 3.42
CA LEU A 34 -4.61 3.61 3.29
C LEU A 34 -5.25 2.96 2.06
N MET A 35 -6.48 3.35 1.74
CA MET A 35 -7.15 2.86 0.54
C MET A 35 -6.45 3.39 -0.71
N ILE A 36 -5.92 4.60 -0.61
CA ILE A 36 -5.13 5.19 -1.69
C ILE A 36 -3.88 4.36 -1.95
N ALA A 37 -3.25 3.89 -0.89
CA ALA A 37 -2.09 3.00 -1.00
C ALA A 37 -2.48 1.73 -1.77
N GLY A 38 -3.67 1.22 -1.49
CA GLY A 38 -4.17 0.06 -2.20
C GLY A 38 -4.36 0.33 -3.67
N ASN A 39 -4.91 1.51 -3.98
CA ASN A 39 -5.08 1.93 -5.37
C ASN A 39 -3.74 2.00 -6.07
N ILE A 40 -2.74 2.54 -5.37
CA ILE A 40 -1.39 2.63 -5.92
C ILE A 40 -0.87 1.26 -6.31
N ALA A 41 -0.81 0.35 -5.34
CA ALA A 41 -0.29 -0.99 -5.57
C ALA A 41 -1.05 -1.70 -6.70
N THR A 42 -2.36 -1.61 -6.68
CA THR A 42 -3.20 -2.27 -7.67
C THR A 42 -2.87 -1.80 -9.09
N ASN A 43 -2.85 -0.47 -9.29
CA ASN A 43 -2.58 0.10 -10.61
C ASN A 43 -1.19 -0.25 -11.11
N VAL A 44 -0.25 -0.38 -10.16
CA VAL A 44 1.10 -0.80 -10.51
C VAL A 44 1.09 -2.26 -10.94
N LEU A 45 0.41 -3.10 -10.16
CA LEU A 45 0.26 -4.51 -10.48
C LEU A 45 -0.40 -4.70 -11.85
N ASN A 46 -1.29 -3.77 -12.18
CA ASN A 46 -1.98 -3.78 -13.46
C ASN A 46 -1.02 -3.51 -14.60
N GLN A 47 -0.51 -2.27 -14.67
CA GLN A 47 0.17 -1.80 -15.88
C GLN A 47 1.50 -1.10 -15.57
N ARG A 48 2.10 -1.38 -14.44
CA ARG A 48 3.40 -0.79 -14.12
C ARG A 48 4.30 -1.79 -13.40
N VAL A 49 4.10 -3.06 -13.69
CA VAL A 49 4.93 -4.10 -13.10
C VAL A 49 5.00 -5.30 -14.07
N ALA A 50 6.02 -6.12 -13.92
CA ALA A 50 6.16 -7.31 -14.74
C ALA A 50 5.18 -8.39 -14.28
N ALA A 51 4.61 -9.10 -15.24
CA ALA A 51 3.72 -10.22 -14.95
C ALA A 51 4.37 -11.21 -13.99
N SER A 52 5.64 -11.49 -14.23
CA SER A 52 6.39 -12.43 -13.40
C SER A 52 6.67 -11.83 -12.02
N GLN A 53 6.66 -10.51 -11.93
CA GLN A 53 6.97 -9.82 -10.69
C GLN A 53 5.71 -9.64 -9.84
N ARG A 54 4.55 -9.66 -10.50
CA ARG A 54 3.27 -9.34 -9.85
C ARG A 54 3.09 -10.07 -8.52
N LYS A 55 3.25 -11.39 -8.50
CA LYS A 55 3.03 -12.15 -7.28
C LYS A 55 4.15 -11.93 -6.27
N LEU A 56 5.38 -11.87 -6.76
CA LEU A 56 6.54 -11.67 -5.88
C LEU A 56 6.48 -10.31 -5.20
N ILE A 57 6.21 -9.28 -5.98
CA ILE A 57 6.21 -7.92 -5.46
C ILE A 57 5.03 -7.69 -4.52
N ALA A 58 3.95 -8.43 -4.75
CA ALA A 58 2.80 -8.38 -3.86
C ALA A 58 3.09 -9.05 -2.53
N GLU A 59 3.70 -10.24 -2.60
CA GLU A 59 4.08 -10.98 -1.41
C GLU A 59 5.13 -10.18 -0.63
N LYS A 60 6.10 -9.65 -1.37
CA LYS A 60 7.14 -8.79 -0.80
C LYS A 60 6.52 -7.61 -0.06
N PHE A 61 5.54 -6.99 -0.71
CA PHE A 61 4.82 -5.86 -0.13
C PHE A 61 4.15 -6.25 1.17
N ALA A 62 3.37 -7.31 1.12
CA ALA A 62 2.62 -7.78 2.28
C ALA A 62 3.57 -8.16 3.41
N GLN A 63 4.65 -8.88 3.09
CA GLN A 63 5.62 -9.29 4.09
C GLN A 63 6.21 -8.07 4.77
N ALA A 64 6.63 -7.10 3.96
CA ALA A 64 7.23 -5.88 4.47
C ALA A 64 6.24 -5.10 5.32
N LEU A 65 4.98 -5.12 4.91
CA LEU A 65 3.93 -4.43 5.64
C LEU A 65 3.70 -5.08 7.00
N MET A 66 3.75 -6.41 7.03
CA MET A 66 3.55 -7.16 8.27
C MET A 66 4.79 -7.06 9.16
N SER A 67 5.96 -6.96 8.54
CA SER A 67 7.20 -6.85 9.30
C SER A 67 7.40 -5.42 9.79
N SER A 68 6.56 -4.51 9.29
CA SER A 68 6.51 -3.15 9.81
C SER A 68 5.19 -2.91 10.54
N LEU A 69 4.43 -3.99 10.72
CA LEU A 69 3.16 -3.92 11.42
C LEU A 69 3.40 -3.96 12.92
N GLU A 70 3.39 -2.79 13.55
CA GLU A 70 3.62 -2.68 14.98
C GLU A 70 2.54 -3.41 15.77
N THR A 71 2.88 -4.61 16.18
CA THR A 71 2.00 -5.40 17.03
C THR A 71 2.34 -5.11 18.50
N PRO A 72 1.33 -4.78 19.33
CA PRO A 72 1.55 -4.34 20.72
C PRO A 72 2.04 -5.46 21.66
N LYS A 73 3.07 -6.18 21.25
CA LYS A 73 3.71 -7.14 22.13
C LYS A 73 4.80 -6.44 22.92
N THR A 74 4.36 -5.69 23.92
CA THR A 74 5.25 -4.84 24.70
C THR A 74 6.09 -5.64 25.68
N HIS A 75 5.68 -6.89 25.94
CA HIS A 75 6.39 -7.79 26.86
C HIS A 75 6.16 -7.36 28.31
N LEU A 76 5.49 -6.21 28.46
CA LEU A 76 5.25 -5.58 29.77
C LEU A 76 6.56 -5.06 30.36
N GLU A 77 7.46 -5.99 30.71
CA GLU A 77 8.79 -5.65 31.20
C GLU A 77 8.75 -4.79 32.46
N HIS A 78 9.89 -4.21 32.76
CA HIS A 78 10.01 -3.20 33.80
C HIS A 78 10.58 -1.94 33.18
N HIS A 79 9.80 -0.88 33.20
CA HIS A 79 10.07 0.29 32.37
C HIS A 79 11.08 1.24 33.02
N HIS A 80 11.35 1.04 34.30
CA HIS A 80 12.32 1.89 34.98
C HIS A 80 13.73 1.34 34.83
N HIS A 81 14.34 1.67 33.71
CA HIS A 81 15.71 1.27 33.43
C HIS A 81 16.58 2.51 33.31
N HIS A 82 15.94 3.68 33.40
CA HIS A 82 16.57 4.98 33.18
C HIS A 82 17.01 5.11 31.73
N HIS A 83 18.09 4.44 31.38
CA HIS A 83 18.55 4.35 30.00
C HIS A 83 19.00 2.92 29.71
N MET B 1 -21.29 3.12 10.55
CA MET B 1 -20.46 3.63 9.43
C MET B 1 -19.62 2.50 8.84
N PRO B 2 -19.47 2.46 7.51
CA PRO B 2 -18.62 1.48 6.84
C PRO B 2 -17.15 1.90 6.87
N ILE B 3 -16.32 1.13 7.57
CA ILE B 3 -14.90 1.42 7.62
C ILE B 3 -14.28 1.28 6.23
N THR B 4 -13.67 2.36 5.76
CA THR B 4 -13.05 2.40 4.45
C THR B 4 -14.11 2.26 3.35
N SER B 5 -14.73 3.37 3.02
CA SER B 5 -15.77 3.38 2.01
C SER B 5 -15.23 3.98 0.71
N LYS B 6 -16.13 4.26 -0.24
CA LYS B 6 -15.73 4.92 -1.47
C LYS B 6 -15.51 6.41 -1.21
N TYR B 7 -16.08 6.91 -0.11
CA TYR B 7 -16.11 8.34 0.17
C TYR B 7 -16.75 9.07 -1.01
N THR B 8 -16.38 10.31 -1.21
CA THR B 8 -16.72 11.01 -2.43
C THR B 8 -15.75 10.58 -3.53
N ASP B 9 -16.25 9.82 -4.50
CA ASP B 9 -15.41 9.20 -5.53
C ASP B 9 -14.58 10.25 -6.28
N GLU B 10 -15.20 11.38 -6.61
CA GLU B 10 -14.50 12.44 -7.33
C GLU B 10 -13.31 12.95 -6.52
N GLN B 11 -13.48 13.02 -5.20
CA GLN B 11 -12.41 13.46 -4.31
C GLN B 11 -11.24 12.46 -4.38
N VAL B 12 -11.56 11.18 -4.23
CA VAL B 12 -10.56 10.13 -4.31
C VAL B 12 -9.86 10.16 -5.66
N GLU B 13 -10.67 10.29 -6.71
CA GLU B 13 -10.18 10.33 -8.08
C GLU B 13 -9.12 11.41 -8.26
N LYS B 14 -9.39 12.59 -7.71
CA LYS B 14 -8.48 13.73 -7.86
C LYS B 14 -7.23 13.57 -7.02
N ILE B 15 -7.39 13.05 -5.81
CA ILE B 15 -6.24 12.80 -4.94
C ILE B 15 -5.31 11.79 -5.59
N LEU B 16 -5.89 10.70 -6.10
CA LEU B 16 -5.13 9.69 -6.81
C LEU B 16 -4.44 10.30 -8.03
N ALA B 17 -5.15 11.18 -8.72
CA ALA B 17 -4.62 11.87 -9.89
C ALA B 17 -3.37 12.65 -9.54
N GLU B 18 -3.44 13.45 -8.48
CA GLU B 18 -2.32 14.27 -8.04
C GLU B 18 -1.17 13.39 -7.55
N VAL B 19 -1.47 12.42 -6.71
CA VAL B 19 -0.46 11.51 -6.18
C VAL B 19 0.24 10.76 -7.32
N ALA B 20 -0.54 10.23 -8.24
CA ALA B 20 0.02 9.52 -9.39
C ALA B 20 0.85 10.46 -10.27
N LEU B 21 0.43 11.72 -10.34
CA LEU B 21 1.17 12.70 -11.10
C LEU B 21 2.51 12.99 -10.45
N VAL B 22 2.52 13.07 -9.13
CA VAL B 22 3.76 13.28 -8.39
C VAL B 22 4.75 12.16 -8.67
N LEU B 23 4.23 10.94 -8.73
CA LEU B 23 5.04 9.77 -9.04
C LEU B 23 5.66 9.91 -10.43
N GLU B 24 4.82 10.28 -11.39
CA GLU B 24 5.26 10.48 -12.77
C GLU B 24 6.23 11.65 -12.87
N LYS B 25 5.83 12.77 -12.27
CA LYS B 25 6.61 14.01 -12.29
C LYS B 25 8.01 13.79 -11.69
N HIS B 26 8.11 12.94 -10.67
CA HIS B 26 9.40 12.68 -10.02
C HIS B 26 10.09 11.47 -10.63
N ALA B 27 9.47 10.88 -11.65
CA ALA B 27 10.00 9.70 -12.32
C ALA B 27 10.23 8.56 -11.32
N ALA B 28 9.22 8.28 -10.51
CA ALA B 28 9.29 7.21 -9.53
C ALA B 28 9.17 5.85 -10.20
N SER B 29 10.15 4.99 -9.94
CA SER B 29 10.14 3.64 -10.47
C SER B 29 9.07 2.79 -9.79
N PRO B 30 8.62 1.70 -10.43
CA PRO B 30 7.62 0.79 -9.86
C PRO B 30 8.02 0.32 -8.46
N GLU B 31 9.30 0.02 -8.28
CA GLU B 31 9.83 -0.38 -6.98
C GLU B 31 9.55 0.69 -5.94
N LEU B 32 9.90 1.92 -6.29
CA LEU B 32 9.73 3.06 -5.39
C LEU B 32 8.26 3.32 -5.13
N THR B 33 7.49 3.36 -6.22
CA THR B 33 6.05 3.61 -6.16
C THR B 33 5.35 2.66 -5.17
N LEU B 34 5.61 1.37 -5.35
CA LEU B 34 4.92 0.37 -4.56
C LEU B 34 5.44 0.37 -3.12
N MET B 35 6.71 0.71 -2.94
CA MET B 35 7.29 0.79 -1.60
C MET B 35 6.72 2.01 -0.86
N ILE B 36 6.46 3.08 -1.61
CA ILE B 36 5.82 4.26 -1.05
C ILE B 36 4.44 3.91 -0.50
N ALA B 37 3.68 3.12 -1.26
CA ALA B 37 2.37 2.66 -0.83
C ALA B 37 2.49 1.91 0.50
N GLY B 38 3.54 1.10 0.62
CA GLY B 38 3.77 0.37 1.85
C GLY B 38 4.12 1.29 3.00
N ASN B 39 4.89 2.33 2.72
CA ASN B 39 5.29 3.30 3.74
C ASN B 39 4.06 4.06 4.23
N ILE B 40 3.19 4.44 3.29
CA ILE B 40 1.92 5.07 3.64
C ILE B 40 1.13 4.19 4.59
N ALA B 41 0.96 2.92 4.24
CA ALA B 41 0.22 1.98 5.07
C ALA B 41 0.88 1.86 6.44
N THR B 42 2.20 1.76 6.46
CA THR B 42 2.95 1.66 7.70
C THR B 42 2.73 2.91 8.57
N ASN B 43 2.79 4.07 7.94
CA ASN B 43 2.60 5.33 8.64
C ASN B 43 1.17 5.44 9.17
N VAL B 44 0.23 4.90 8.40
CA VAL B 44 -1.15 4.82 8.82
C VAL B 44 -1.28 3.89 10.03
N LEU B 45 -0.62 2.74 9.94
CA LEU B 45 -0.64 1.75 11.02
C LEU B 45 -0.04 2.32 12.30
N ASN B 46 0.79 3.36 12.16
CA ASN B 46 1.43 3.97 13.32
C ASN B 46 0.68 5.21 13.83
N GLN B 47 0.46 6.19 12.95
CA GLN B 47 0.02 7.52 13.39
C GLN B 47 -1.41 7.80 13.00
N ARG B 48 -2.11 6.78 12.53
CA ARG B 48 -3.45 6.97 12.01
C ARG B 48 -4.44 5.99 12.63
N VAL B 49 -4.09 4.72 12.60
CA VAL B 49 -5.00 3.66 13.03
C VAL B 49 -4.93 3.42 14.53
N ALA B 50 -5.98 2.82 15.07
CA ALA B 50 -6.02 2.46 16.48
C ALA B 50 -5.26 1.15 16.71
N ALA B 51 -4.78 0.95 17.93
CA ALA B 51 -4.01 -0.24 18.28
C ALA B 51 -4.81 -1.52 18.04
N SER B 52 -6.07 -1.51 18.43
CA SER B 52 -6.93 -2.68 18.27
C SER B 52 -7.35 -2.88 16.83
N GLN B 53 -7.10 -1.86 16.00
CA GLN B 53 -7.50 -1.88 14.60
C GLN B 53 -6.31 -2.25 13.72
N ARG B 54 -5.15 -2.40 14.35
CA ARG B 54 -3.88 -2.55 13.65
C ARG B 54 -3.89 -3.71 12.65
N LYS B 55 -4.07 -4.91 13.15
CA LYS B 55 -3.94 -6.11 12.32
C LYS B 55 -5.21 -6.31 11.49
N LEU B 56 -6.35 -5.89 12.04
CA LEU B 56 -7.62 -6.00 11.33
C LEU B 56 -7.59 -5.15 10.07
N ILE B 57 -7.17 -3.90 10.22
CA ILE B 57 -7.16 -2.97 9.09
C ILE B 57 -6.11 -3.39 8.06
N ALA B 58 -5.01 -3.96 8.54
CA ALA B 58 -3.97 -4.48 7.66
C ALA B 58 -4.48 -5.69 6.89
N GLU B 59 -5.18 -6.57 7.59
CA GLU B 59 -5.78 -7.75 6.98
C GLU B 59 -6.80 -7.34 5.93
N LYS B 60 -7.67 -6.41 6.31
CA LYS B 60 -8.70 -5.89 5.43
C LYS B 60 -8.07 -5.31 4.16
N PHE B 61 -6.94 -4.64 4.34
CA PHE B 61 -6.21 -4.04 3.23
C PHE B 61 -5.60 -5.12 2.35
N ALA B 62 -4.85 -6.01 2.96
CA ALA B 62 -4.15 -7.07 2.24
C ALA B 62 -5.12 -7.95 1.48
N GLN B 63 -6.23 -8.31 2.12
CA GLN B 63 -7.23 -9.18 1.51
C GLN B 63 -7.86 -8.50 0.29
N ALA B 64 -8.12 -7.20 0.42
CA ALA B 64 -8.68 -6.43 -0.69
C ALA B 64 -7.67 -6.33 -1.82
N LEU B 65 -6.40 -6.16 -1.46
CA LEU B 65 -5.32 -6.08 -2.44
C LEU B 65 -5.18 -7.41 -3.18
N MET B 66 -5.30 -8.51 -2.44
CA MET B 66 -5.26 -9.84 -3.04
C MET B 66 -6.41 -10.03 -4.01
N SER B 67 -7.58 -9.54 -3.62
CA SER B 67 -8.78 -9.67 -4.44
C SER B 67 -8.69 -8.76 -5.68
N SER B 68 -7.82 -7.77 -5.63
CA SER B 68 -7.64 -6.86 -6.76
C SER B 68 -6.41 -7.25 -7.58
N LEU B 69 -5.70 -8.27 -7.11
CA LEU B 69 -4.49 -8.73 -7.79
C LEU B 69 -4.87 -9.63 -8.95
N GLU B 70 -4.79 -9.08 -10.16
CA GLU B 70 -5.06 -9.87 -11.35
C GLU B 70 -3.83 -10.70 -11.72
N THR B 71 -3.71 -11.85 -11.06
CA THR B 71 -2.63 -12.77 -11.32
C THR B 71 -2.82 -13.47 -12.66
N PRO B 72 -1.73 -13.66 -13.43
CA PRO B 72 -1.78 -14.34 -14.71
C PRO B 72 -2.26 -15.80 -14.56
N LYS B 73 -3.49 -16.04 -14.95
CA LYS B 73 -4.07 -17.37 -14.83
C LYS B 73 -4.25 -18.02 -16.20
N THR B 74 -4.80 -19.21 -16.20
CA THR B 74 -4.88 -20.04 -17.39
C THR B 74 -6.15 -19.80 -18.20
N HIS B 75 -6.74 -18.61 -18.07
CA HIS B 75 -7.91 -18.28 -18.87
C HIS B 75 -7.46 -17.74 -20.23
N LEU B 76 -8.20 -18.09 -21.27
CA LEU B 76 -7.88 -17.62 -22.61
C LEU B 76 -8.15 -16.13 -22.71
N GLU B 77 -7.12 -15.38 -23.11
CA GLU B 77 -7.23 -13.94 -23.22
C GLU B 77 -8.04 -13.56 -24.46
N HIS B 78 -9.35 -13.67 -24.34
CA HIS B 78 -10.28 -13.30 -25.39
C HIS B 78 -11.70 -13.33 -24.83
N HIS B 79 -11.80 -13.11 -23.53
CA HIS B 79 -13.07 -13.13 -22.81
C HIS B 79 -13.06 -12.02 -21.77
N HIS B 80 -13.90 -11.02 -21.94
CA HIS B 80 -13.89 -9.87 -21.05
C HIS B 80 -15.30 -9.37 -20.74
N HIS B 81 -15.54 -9.09 -19.48
CA HIS B 81 -16.79 -8.49 -19.03
C HIS B 81 -16.49 -7.43 -17.97
N HIS B 82 -17.27 -6.37 -17.95
CA HIS B 82 -17.09 -5.32 -16.96
C HIS B 82 -17.99 -5.59 -15.76
N HIS B 83 -17.63 -5.03 -14.61
CA HIS B 83 -18.40 -5.24 -13.41
C HIS B 83 -19.23 -4.00 -13.11
N MET A 1 18.74 -11.14 1.99
CA MET A 1 17.98 -10.86 0.75
C MET A 1 17.65 -9.38 0.65
N PRO A 2 18.16 -8.71 -0.39
CA PRO A 2 17.89 -7.28 -0.63
C PRO A 2 16.41 -7.00 -0.84
N ILE A 3 15.83 -6.21 0.05
CA ILE A 3 14.42 -5.88 -0.03
C ILE A 3 14.20 -4.52 -0.68
N THR A 4 13.96 -4.53 -1.99
CA THR A 4 13.67 -3.31 -2.75
C THR A 4 14.93 -2.45 -2.90
N SER A 5 15.03 -1.77 -4.04
CA SER A 5 16.18 -0.93 -4.33
C SER A 5 16.30 0.19 -3.30
N LYS A 6 17.37 0.14 -2.52
CA LYS A 6 17.65 1.16 -1.53
C LYS A 6 18.13 2.44 -2.19
N TYR A 7 17.19 3.31 -2.50
CA TYR A 7 17.51 4.64 -2.99
C TYR A 7 17.95 5.53 -1.83
N THR A 8 18.14 6.81 -2.09
CA THR A 8 18.53 7.72 -1.02
C THR A 8 17.33 8.07 -0.17
N ASP A 9 17.54 8.19 1.14
CA ASP A 9 16.46 8.48 2.07
C ASP A 9 15.79 9.80 1.71
N GLU A 10 16.59 10.76 1.26
CA GLU A 10 16.10 12.09 0.88
C GLU A 10 15.15 11.99 -0.30
N GLN A 11 15.50 11.16 -1.28
CA GLN A 11 14.70 11.01 -2.49
C GLN A 11 13.28 10.58 -2.14
N VAL A 12 13.19 9.51 -1.36
CA VAL A 12 11.92 9.00 -0.91
C VAL A 12 11.24 10.00 0.02
N GLU A 13 12.02 10.59 0.92
CA GLU A 13 11.53 11.58 1.88
C GLU A 13 10.81 12.72 1.16
N LYS A 14 11.41 13.21 0.09
CA LYS A 14 10.85 14.33 -0.65
C LYS A 14 9.57 13.95 -1.37
N ILE A 15 9.57 12.77 -1.98
CA ILE A 15 8.38 12.30 -2.67
C ILE A 15 7.27 12.02 -1.67
N LEU A 16 7.62 11.35 -0.57
CA LEU A 16 6.67 11.07 0.51
C LEU A 16 6.08 12.37 1.05
N ALA A 17 6.94 13.36 1.25
CA ALA A 17 6.51 14.65 1.78
C ALA A 17 5.43 15.28 0.90
N GLU A 18 5.62 15.22 -0.42
CA GLU A 18 4.64 15.80 -1.34
C GLU A 18 3.37 14.95 -1.41
N VAL A 19 3.52 13.64 -1.33
CA VAL A 19 2.35 12.75 -1.31
C VAL A 19 1.52 12.99 -0.05
N ALA A 20 2.20 13.07 1.08
CA ALA A 20 1.53 13.36 2.35
C ALA A 20 0.90 14.74 2.33
N LEU A 21 1.55 15.67 1.64
CA LEU A 21 1.04 17.03 1.49
C LEU A 21 -0.30 17.00 0.77
N VAL A 22 -0.42 16.15 -0.25
CA VAL A 22 -1.67 15.99 -0.98
C VAL A 22 -2.77 15.50 -0.05
N LEU A 23 -2.45 14.46 0.72
CA LEU A 23 -3.41 13.87 1.65
C LEU A 23 -3.79 14.88 2.73
N GLU A 24 -2.83 15.71 3.10
CA GLU A 24 -3.04 16.74 4.11
C GLU A 24 -4.05 17.77 3.60
N LYS A 25 -3.84 18.26 2.38
CA LYS A 25 -4.73 19.26 1.78
C LYS A 25 -6.17 18.77 1.74
N HIS A 26 -6.36 17.49 1.49
CA HIS A 26 -7.69 16.92 1.33
C HIS A 26 -8.21 16.37 2.66
N ALA A 27 -7.36 16.42 3.69
CA ALA A 27 -7.72 15.93 5.02
C ALA A 27 -8.17 14.47 4.96
N ALA A 28 -7.40 13.66 4.26
CA ALA A 28 -7.74 12.26 4.06
C ALA A 28 -7.73 11.49 5.37
N SER A 29 -8.80 10.73 5.59
CA SER A 29 -8.91 9.89 6.77
C SER A 29 -8.11 8.59 6.57
N PRO A 30 -7.75 7.89 7.66
CA PRO A 30 -6.92 6.67 7.61
C PRO A 30 -7.34 5.67 6.53
N GLU A 31 -8.63 5.37 6.43
CA GLU A 31 -9.10 4.39 5.43
C GLU A 31 -8.81 4.90 4.02
N LEU A 32 -9.04 6.19 3.82
CA LEU A 32 -8.81 6.83 2.53
C LEU A 32 -7.31 6.90 2.23
N THR A 33 -6.51 6.99 3.29
CA THR A 33 -5.07 7.01 3.14
C THR A 33 -4.58 5.70 2.54
N LEU A 34 -5.05 4.58 3.09
CA LEU A 34 -4.70 3.28 2.55
C LEU A 34 -5.48 2.98 1.28
N MET A 35 -6.58 3.67 1.09
CA MET A 35 -7.32 3.60 -0.17
C MET A 35 -6.40 4.00 -1.31
N ILE A 36 -5.73 5.13 -1.11
CA ILE A 36 -4.79 5.65 -2.10
C ILE A 36 -3.63 4.67 -2.29
N ALA A 37 -2.98 4.31 -1.18
CA ALA A 37 -1.83 3.41 -1.23
C ALA A 37 -2.17 2.06 -1.85
N GLY A 38 -3.30 1.49 -1.43
CA GLY A 38 -3.77 0.26 -2.02
C GLY A 38 -3.93 0.36 -3.52
N ASN A 39 -4.57 1.42 -3.99
CA ASN A 39 -4.77 1.66 -5.42
C ASN A 39 -3.44 1.82 -6.13
N ILE A 40 -2.46 2.42 -5.43
CA ILE A 40 -1.12 2.54 -5.97
C ILE A 40 -0.54 1.16 -6.28
N ALA A 41 -0.56 0.29 -5.27
CA ALA A 41 -0.07 -1.07 -5.42
C ALA A 41 -0.82 -1.81 -6.51
N THR A 42 -2.15 -1.66 -6.53
CA THR A 42 -2.98 -2.28 -7.54
C THR A 42 -2.56 -1.83 -8.94
N ASN A 43 -2.38 -0.52 -9.12
CA ASN A 43 -1.98 0.02 -10.42
C ASN A 43 -0.61 -0.52 -10.83
N VAL A 44 0.26 -0.72 -9.84
CA VAL A 44 1.55 -1.34 -10.09
C VAL A 44 1.35 -2.78 -10.57
N LEU A 45 0.49 -3.51 -9.88
CA LEU A 45 0.18 -4.89 -10.26
C LEU A 45 -0.52 -4.94 -11.62
N ASN A 46 -1.15 -3.85 -11.99
CA ASN A 46 -1.88 -3.77 -13.25
C ASN A 46 -0.94 -3.54 -14.44
N GLN A 47 -0.07 -2.54 -14.33
CA GLN A 47 0.72 -2.11 -15.48
C GLN A 47 2.20 -1.89 -15.17
N ARG A 48 2.57 -1.89 -13.89
CA ARG A 48 3.93 -1.51 -13.50
C ARG A 48 4.73 -2.69 -12.98
N VAL A 49 4.32 -3.91 -13.30
CA VAL A 49 5.00 -5.09 -12.77
C VAL A 49 4.92 -6.25 -13.76
N ALA A 50 5.58 -7.35 -13.43
CA ALA A 50 5.61 -8.51 -14.30
C ALA A 50 4.56 -9.53 -13.87
N ALA A 51 4.03 -10.26 -14.86
CA ALA A 51 2.98 -11.26 -14.62
C ALA A 51 3.37 -12.26 -13.54
N SER A 52 4.45 -12.99 -13.76
CA SER A 52 4.88 -14.04 -12.83
C SER A 52 5.39 -13.45 -11.52
N GLN A 53 5.73 -12.17 -11.55
CA GLN A 53 6.32 -11.52 -10.40
C GLN A 53 5.24 -10.95 -9.47
N ARG A 54 4.03 -10.79 -10.02
CA ARG A 54 2.93 -10.12 -9.32
C ARG A 54 2.69 -10.68 -7.91
N LYS A 55 2.55 -12.00 -7.81
CA LYS A 55 2.26 -12.63 -6.52
C LYS A 55 3.37 -12.35 -5.50
N LEU A 56 4.62 -12.51 -5.93
CA LEU A 56 5.76 -12.29 -5.04
C LEU A 56 5.89 -10.80 -4.70
N ILE A 57 5.57 -9.96 -5.67
CA ILE A 57 5.59 -8.52 -5.48
C ILE A 57 4.58 -8.09 -4.41
N ALA A 58 3.36 -8.61 -4.51
CA ALA A 58 2.32 -8.34 -3.53
C ALA A 58 2.70 -8.92 -2.17
N GLU A 59 3.29 -10.12 -2.20
CA GLU A 59 3.75 -10.80 -1.00
C GLU A 59 4.81 -9.98 -0.28
N LYS A 60 5.83 -9.55 -1.03
CA LYS A 60 6.93 -8.79 -0.46
C LYS A 60 6.42 -7.47 0.12
N PHE A 61 5.44 -6.89 -0.56
CA PHE A 61 4.85 -5.64 -0.11
C PHE A 61 4.08 -5.83 1.19
N ALA A 62 3.21 -6.83 1.22
CA ALA A 62 2.43 -7.14 2.41
C ALA A 62 3.35 -7.54 3.57
N GLN A 63 4.38 -8.30 3.25
CA GLN A 63 5.35 -8.74 4.24
C GLN A 63 6.12 -7.54 4.78
N ALA A 64 6.41 -6.58 3.91
CA ALA A 64 7.10 -5.36 4.31
C ALA A 64 6.28 -4.60 5.35
N LEU A 65 4.96 -4.59 5.15
CA LEU A 65 4.04 -3.98 6.09
C LEU A 65 4.13 -4.64 7.46
N MET A 66 4.09 -5.97 7.46
CA MET A 66 4.09 -6.72 8.72
C MET A 66 5.46 -6.70 9.38
N SER A 67 6.51 -6.59 8.56
CA SER A 67 7.87 -6.57 9.08
C SER A 67 8.23 -5.19 9.62
N SER A 68 7.69 -4.15 8.98
CA SER A 68 7.95 -2.78 9.42
C SER A 68 6.86 -2.31 10.38
N LEU A 69 6.02 -3.25 10.79
CA LEU A 69 4.91 -2.96 11.69
C LEU A 69 5.42 -2.51 13.06
N GLU A 70 5.56 -1.20 13.21
CA GLU A 70 6.07 -0.61 14.44
C GLU A 70 4.96 -0.50 15.48
N THR A 71 4.89 -1.48 16.36
CA THR A 71 3.95 -1.44 17.46
C THR A 71 4.44 -0.47 18.54
N PRO A 72 3.51 0.25 19.20
CA PRO A 72 3.85 1.25 20.22
C PRO A 72 4.69 0.67 21.35
N LYS A 73 5.97 1.02 21.36
CA LYS A 73 6.88 0.57 22.40
C LYS A 73 7.07 1.67 23.43
N THR A 74 6.75 1.38 24.67
CA THR A 74 6.86 2.36 25.73
C THR A 74 8.30 2.53 26.20
N HIS A 75 9.12 3.14 25.36
CA HIS A 75 10.45 3.54 25.76
C HIS A 75 10.44 5.04 26.05
N LEU A 76 9.31 5.65 25.72
CA LEU A 76 9.07 7.05 26.05
C LEU A 76 8.68 7.13 27.52
N GLU A 77 9.62 7.47 28.37
CA GLU A 77 9.43 7.32 29.79
C GLU A 77 9.13 8.63 30.49
N HIS A 78 8.79 9.67 29.73
CA HIS A 78 8.42 10.95 30.33
C HIS A 78 6.99 10.87 30.88
N HIS A 79 6.76 9.85 31.70
CA HIS A 79 5.45 9.60 32.29
C HIS A 79 5.62 9.09 33.72
N HIS A 80 6.23 7.93 33.85
CA HIS A 80 6.40 7.29 35.15
C HIS A 80 7.84 7.39 35.63
N HIS A 81 8.76 7.67 34.71
CA HIS A 81 10.18 7.82 35.04
C HIS A 81 10.44 9.20 35.64
N HIS A 82 9.64 9.56 36.63
CA HIS A 82 9.78 10.83 37.32
C HIS A 82 9.08 10.73 38.67
N HIS A 83 9.87 10.48 39.71
CA HIS A 83 9.33 10.30 41.05
C HIS A 83 9.59 11.52 41.89
N MET B 1 -18.49 -2.98 1.20
CA MET B 1 -17.44 -2.08 0.67
C MET B 1 -16.75 -2.71 -0.53
N PRO B 2 -16.36 -1.90 -1.51
CA PRO B 2 -15.62 -2.39 -2.69
C PRO B 2 -14.34 -3.11 -2.29
N ILE B 3 -13.55 -2.46 -1.44
CA ILE B 3 -12.33 -3.06 -0.90
C ILE B 3 -12.10 -2.60 0.55
N THR B 4 -11.53 -1.42 0.71
CA THR B 4 -11.32 -0.83 2.01
C THR B 4 -12.58 -0.13 2.50
N SER B 5 -13.09 0.77 1.66
CA SER B 5 -14.29 1.51 1.94
C SER B 5 -14.89 1.99 0.62
N LYS B 6 -15.98 2.73 0.67
CA LYS B 6 -16.56 3.26 -0.56
C LYS B 6 -16.12 4.71 -0.79
N TYR B 7 -16.29 5.54 0.24
CA TYR B 7 -15.99 6.98 0.15
C TYR B 7 -16.70 7.64 -1.03
N THR B 8 -16.27 8.86 -1.33
CA THR B 8 -16.81 9.61 -2.45
C THR B 8 -15.84 9.51 -3.63
N ASP B 9 -16.34 9.06 -4.77
CA ASP B 9 -15.52 8.85 -5.96
C ASP B 9 -14.80 10.12 -6.39
N GLU B 10 -15.49 11.25 -6.29
CA GLU B 10 -14.88 12.54 -6.62
C GLU B 10 -13.60 12.75 -5.82
N GLN B 11 -13.73 12.67 -4.50
CA GLN B 11 -12.62 12.91 -3.60
C GLN B 11 -11.46 11.96 -3.90
N VAL B 12 -11.78 10.67 -4.03
CA VAL B 12 -10.76 9.65 -4.28
C VAL B 12 -10.02 9.91 -5.61
N GLU B 13 -10.79 10.17 -6.67
CA GLU B 13 -10.22 10.38 -8.00
C GLU B 13 -9.22 11.53 -7.98
N LYS B 14 -9.61 12.65 -7.38
CA LYS B 14 -8.78 13.85 -7.39
C LYS B 14 -7.53 13.67 -6.54
N ILE B 15 -7.64 12.91 -5.45
CA ILE B 15 -6.49 12.64 -4.61
C ILE B 15 -5.51 11.73 -5.35
N LEU B 16 -6.03 10.65 -5.96
CA LEU B 16 -5.21 9.75 -6.73
C LEU B 16 -4.47 10.49 -7.84
N ALA B 17 -5.18 11.42 -8.48
CA ALA B 17 -4.61 12.23 -9.54
C ALA B 17 -3.39 13.01 -9.05
N GLU B 18 -3.50 13.62 -7.88
CA GLU B 18 -2.40 14.41 -7.34
C GLU B 18 -1.26 13.51 -6.85
N VAL B 19 -1.60 12.39 -6.23
CA VAL B 19 -0.58 11.44 -5.76
C VAL B 19 0.21 10.89 -6.94
N ALA B 20 -0.50 10.50 -7.98
CA ALA B 20 0.14 10.00 -9.19
C ALA B 20 0.95 11.11 -9.86
N LEU B 21 0.46 12.35 -9.74
CA LEU B 21 1.14 13.51 -10.28
C LEU B 21 2.49 13.71 -9.59
N VAL B 22 2.52 13.50 -8.27
CA VAL B 22 3.75 13.62 -7.51
C VAL B 22 4.76 12.58 -7.98
N LEU B 23 4.27 11.37 -8.19
CA LEU B 23 5.11 10.27 -8.67
C LEU B 23 5.64 10.59 -10.06
N GLU B 24 4.76 11.09 -10.92
CA GLU B 24 5.12 11.45 -12.28
C GLU B 24 6.13 12.60 -12.29
N LYS B 25 5.93 13.56 -11.40
CA LYS B 25 6.77 14.76 -11.33
C LYS B 25 8.20 14.41 -10.92
N HIS B 26 8.37 13.25 -10.30
CA HIS B 26 9.71 12.78 -9.93
C HIS B 26 10.12 11.60 -10.81
N ALA B 27 9.21 11.21 -11.71
CA ALA B 27 9.40 10.04 -12.56
C ALA B 27 9.73 8.81 -11.73
N ALA B 28 8.92 8.58 -10.70
CA ALA B 28 9.14 7.46 -9.79
C ALA B 28 8.91 6.14 -10.51
N SER B 29 9.89 5.26 -10.43
CA SER B 29 9.80 3.95 -11.05
C SER B 29 8.89 3.04 -10.23
N PRO B 30 8.37 1.95 -10.83
CA PRO B 30 7.49 1.00 -10.16
C PRO B 30 7.96 0.60 -8.76
N GLU B 31 9.23 0.24 -8.64
CA GLU B 31 9.80 -0.17 -7.35
C GLU B 31 9.61 0.93 -6.32
N LEU B 32 10.00 2.14 -6.70
CA LEU B 32 9.91 3.29 -5.83
C LEU B 32 8.44 3.61 -5.52
N THR B 33 7.62 3.57 -6.57
CA THR B 33 6.19 3.81 -6.46
C THR B 33 5.55 2.93 -5.40
N LEU B 34 5.77 1.62 -5.54
CA LEU B 34 5.14 0.65 -4.67
C LEU B 34 5.72 0.71 -3.26
N MET B 35 7.01 0.97 -3.17
CA MET B 35 7.66 1.10 -1.86
C MET B 35 7.11 2.33 -1.12
N ILE B 36 6.93 3.42 -1.85
CA ILE B 36 6.37 4.64 -1.27
C ILE B 36 4.99 4.38 -0.69
N ALA B 37 4.16 3.64 -1.42
CA ALA B 37 2.84 3.27 -0.92
C ALA B 37 2.96 2.44 0.35
N GLY B 38 4.04 1.66 0.45
CA GLY B 38 4.30 0.88 1.63
C GLY B 38 4.59 1.76 2.83
N ASN B 39 5.40 2.80 2.63
CA ASN B 39 5.69 3.76 3.68
C ASN B 39 4.41 4.44 4.14
N ILE B 40 3.54 4.76 3.19
CA ILE B 40 2.25 5.38 3.48
C ILE B 40 1.43 4.50 4.42
N ALA B 41 1.16 3.28 3.99
CA ALA B 41 0.34 2.35 4.74
C ALA B 41 0.95 2.07 6.12
N THR B 42 2.24 1.76 6.13
CA THR B 42 2.93 1.42 7.36
C THR B 42 2.87 2.57 8.37
N ASN B 43 3.16 3.78 7.91
CA ASN B 43 3.16 4.95 8.79
C ASN B 43 1.79 5.17 9.42
N VAL B 44 0.74 4.98 8.63
CA VAL B 44 -0.62 5.09 9.13
C VAL B 44 -0.91 3.97 10.12
N LEU B 45 -0.45 2.77 9.81
CA LEU B 45 -0.60 1.63 10.71
C LEU B 45 0.07 1.90 12.04
N ASN B 46 1.03 2.83 12.04
CA ASN B 46 1.73 3.22 13.26
C ASN B 46 0.97 4.28 14.03
N GLN B 47 0.61 5.37 13.36
CA GLN B 47 0.14 6.56 14.09
C GLN B 47 -1.24 7.08 13.67
N ARG B 48 -1.84 6.57 12.62
CA ARG B 48 -3.12 7.11 12.17
C ARG B 48 -4.28 6.13 12.40
N VAL B 49 -4.07 4.86 12.10
CA VAL B 49 -5.12 3.87 12.24
C VAL B 49 -5.41 3.59 13.71
N ALA B 50 -6.60 3.09 14.00
CA ALA B 50 -6.98 2.74 15.36
C ALA B 50 -6.12 1.59 15.89
N ALA B 51 -5.74 1.69 17.15
CA ALA B 51 -4.89 0.67 17.78
C ALA B 51 -5.57 -0.69 17.81
N SER B 52 -6.89 -0.69 17.89
CA SER B 52 -7.64 -1.94 17.95
C SER B 52 -8.02 -2.41 16.55
N GLN B 53 -7.52 -1.72 15.53
CA GLN B 53 -7.89 -2.04 14.16
C GLN B 53 -6.65 -2.31 13.30
N ARG B 54 -5.48 -2.32 13.95
CA ARG B 54 -4.19 -2.41 13.23
C ARG B 54 -4.13 -3.62 12.30
N LYS B 55 -4.09 -4.82 12.89
CA LYS B 55 -3.88 -6.05 12.13
C LYS B 55 -5.09 -6.37 11.27
N LEU B 56 -6.26 -6.02 11.77
CA LEU B 56 -7.51 -6.29 11.06
C LEU B 56 -7.55 -5.52 9.75
N ILE B 57 -7.20 -4.24 9.80
CA ILE B 57 -7.25 -3.40 8.63
C ILE B 57 -6.13 -3.77 7.65
N ALA B 58 -5.02 -4.27 8.18
CA ALA B 58 -3.92 -4.72 7.34
C ALA B 58 -4.35 -5.95 6.55
N GLU B 59 -5.19 -6.78 7.16
CA GLU B 59 -5.76 -7.93 6.49
C GLU B 59 -6.64 -7.48 5.34
N LYS B 60 -7.48 -6.48 5.58
CA LYS B 60 -8.37 -5.95 4.56
C LYS B 60 -7.58 -5.23 3.46
N PHE B 61 -6.47 -4.62 3.84
CA PHE B 61 -5.60 -3.96 2.89
C PHE B 61 -5.00 -4.98 1.92
N ALA B 62 -4.46 -6.05 2.49
CA ALA B 62 -3.92 -7.14 1.68
C ALA B 62 -5.05 -7.80 0.89
N GLN B 63 -6.20 -7.93 1.54
CA GLN B 63 -7.42 -8.40 0.89
C GLN B 63 -7.71 -7.59 -0.36
N ALA B 64 -7.66 -6.27 -0.23
CA ALA B 64 -7.89 -5.36 -1.35
C ALA B 64 -6.95 -5.69 -2.51
N LEU B 65 -5.69 -5.90 -2.19
CA LEU B 65 -4.69 -6.24 -3.20
C LEU B 65 -4.98 -7.58 -3.86
N MET B 66 -5.29 -8.60 -3.04
CA MET B 66 -5.55 -9.93 -3.56
C MET B 66 -6.87 -9.97 -4.33
N SER B 67 -7.80 -9.12 -3.92
CA SER B 67 -9.11 -9.06 -4.54
C SER B 67 -9.06 -8.27 -5.85
N SER B 68 -8.00 -7.47 -6.02
CA SER B 68 -7.82 -6.73 -7.26
C SER B 68 -6.68 -7.34 -8.08
N LEU B 69 -6.17 -8.48 -7.61
CA LEU B 69 -5.11 -9.19 -8.30
C LEU B 69 -5.68 -9.92 -9.51
N GLU B 70 -5.73 -9.24 -10.63
CA GLU B 70 -6.28 -9.81 -11.85
C GLU B 70 -5.33 -10.86 -12.42
N THR B 71 -5.72 -12.11 -12.27
CA THR B 71 -4.96 -13.21 -12.83
C THR B 71 -5.56 -13.64 -14.17
N PRO B 72 -4.97 -13.18 -15.28
CA PRO B 72 -5.56 -13.34 -16.62
C PRO B 72 -5.30 -14.71 -17.23
N LYS B 73 -5.26 -15.72 -16.39
CA LYS B 73 -5.06 -17.08 -16.85
C LYS B 73 -6.40 -17.78 -17.07
N THR B 74 -7.45 -17.17 -16.57
CA THR B 74 -8.80 -17.67 -16.77
C THR B 74 -9.50 -16.90 -17.88
N HIS B 75 -8.80 -16.70 -18.99
CA HIS B 75 -9.26 -15.84 -20.08
C HIS B 75 -9.51 -14.45 -19.51
N LEU B 76 -8.45 -13.85 -18.97
CA LEU B 76 -8.54 -12.68 -18.11
C LEU B 76 -9.39 -13.06 -16.89
N GLU B 77 -10.68 -12.79 -16.95
CA GLU B 77 -11.61 -13.30 -15.96
C GLU B 77 -12.99 -13.38 -16.59
N HIS B 78 -13.17 -14.41 -17.39
CA HIS B 78 -14.42 -14.64 -18.11
C HIS B 78 -15.41 -15.41 -17.23
N HIS B 79 -14.92 -15.86 -16.08
CA HIS B 79 -15.72 -16.65 -15.15
C HIS B 79 -16.79 -15.79 -14.48
N HIS B 80 -18.02 -15.88 -14.99
CA HIS B 80 -19.17 -15.18 -14.41
C HIS B 80 -18.99 -13.66 -14.52
N HIS B 81 -18.20 -13.24 -15.50
CA HIS B 81 -17.91 -11.80 -15.73
C HIS B 81 -17.04 -11.21 -14.64
N HIS B 82 -16.06 -10.43 -15.06
CA HIS B 82 -15.32 -9.59 -14.14
C HIS B 82 -16.00 -8.22 -14.09
N HIS B 83 -16.79 -7.96 -15.12
CA HIS B 83 -17.58 -6.75 -15.24
C HIS B 83 -18.80 -7.04 -16.11
N MET A 1 19.57 -3.57 8.07
CA MET A 1 19.59 -3.86 6.61
C MET A 1 18.29 -3.38 5.97
N PRO A 2 18.36 -2.27 5.21
CA PRO A 2 17.19 -1.70 4.56
C PRO A 2 16.65 -2.58 3.45
N ILE A 3 15.34 -2.73 3.40
CA ILE A 3 14.69 -3.56 2.39
C ILE A 3 14.51 -2.77 1.10
N THR A 4 14.19 -3.49 0.02
CA THR A 4 14.06 -2.88 -1.31
C THR A 4 15.41 -2.28 -1.74
N SER A 5 15.42 -1.49 -2.80
CA SER A 5 16.63 -0.83 -3.24
C SER A 5 16.95 0.37 -2.35
N LYS A 6 15.94 0.74 -1.53
CA LYS A 6 15.95 1.90 -0.61
C LYS A 6 16.15 3.25 -1.32
N TYR A 7 16.98 3.27 -2.35
CA TYR A 7 17.18 4.45 -3.19
C TYR A 7 17.79 5.61 -2.40
N THR A 8 17.63 6.80 -2.95
CA THR A 8 18.13 8.02 -2.34
C THR A 8 17.13 8.57 -1.34
N ASP A 9 17.58 8.75 -0.11
CA ASP A 9 16.73 9.19 1.00
C ASP A 9 15.94 10.45 0.67
N GLU A 10 16.62 11.44 0.10
CA GLU A 10 15.99 12.70 -0.24
C GLU A 10 14.83 12.51 -1.21
N GLN A 11 15.10 11.87 -2.34
CA GLN A 11 14.06 11.63 -3.34
C GLN A 11 12.88 10.89 -2.73
N VAL A 12 13.15 9.79 -2.05
CA VAL A 12 12.10 8.98 -1.44
C VAL A 12 11.25 9.81 -0.46
N GLU A 13 11.92 10.47 0.46
CA GLU A 13 11.25 11.20 1.54
C GLU A 13 10.47 12.41 0.99
N LYS A 14 11.04 13.11 0.03
CA LYS A 14 10.40 14.31 -0.50
C LYS A 14 9.25 13.96 -1.44
N ILE A 15 9.30 12.76 -2.01
CA ILE A 15 8.15 12.23 -2.74
C ILE A 15 7.00 12.02 -1.77
N LEU A 16 7.32 11.41 -0.63
CA LEU A 16 6.34 11.21 0.44
C LEU A 16 5.79 12.55 0.91
N ALA A 17 6.67 13.54 0.97
CA ALA A 17 6.28 14.89 1.40
C ALA A 17 5.15 15.44 0.54
N GLU A 18 5.29 15.36 -0.78
CA GLU A 18 4.24 15.82 -1.68
C GLU A 18 2.97 14.98 -1.52
N VAL A 19 3.14 13.67 -1.41
CA VAL A 19 2.00 12.77 -1.24
C VAL A 19 1.23 13.11 0.02
N ALA A 20 1.95 13.27 1.13
CA ALA A 20 1.35 13.62 2.41
C ALA A 20 0.68 14.99 2.32
N LEU A 21 1.25 15.88 1.53
CA LEU A 21 0.69 17.21 1.33
C LEU A 21 -0.67 17.10 0.65
N VAL A 22 -0.77 16.22 -0.35
CA VAL A 22 -2.03 16.01 -1.05
C VAL A 22 -3.08 15.44 -0.09
N LEU A 23 -2.64 14.52 0.78
CA LEU A 23 -3.51 13.93 1.77
C LEU A 23 -4.00 14.98 2.76
N GLU A 24 -3.06 15.81 3.23
CA GLU A 24 -3.37 16.90 4.13
C GLU A 24 -4.33 17.90 3.48
N LYS A 25 -4.00 18.28 2.25
CA LYS A 25 -4.78 19.26 1.49
C LYS A 25 -6.23 18.83 1.34
N HIS A 26 -6.45 17.54 1.08
CA HIS A 26 -7.80 17.04 0.87
C HIS A 26 -8.40 16.54 2.18
N ALA A 27 -7.67 16.69 3.28
CA ALA A 27 -8.12 16.26 4.60
C ALA A 27 -8.54 14.80 4.60
N ALA A 28 -7.68 13.96 4.01
CA ALA A 28 -7.97 12.54 3.86
C ALA A 28 -8.03 11.82 5.21
N SER A 29 -9.14 11.13 5.44
CA SER A 29 -9.33 10.34 6.65
C SER A 29 -8.32 9.18 6.69
N PRO A 30 -8.06 8.60 7.87
CA PRO A 30 -7.06 7.53 8.04
C PRO A 30 -7.23 6.36 7.08
N GLU A 31 -8.40 5.73 7.06
CA GLU A 31 -8.62 4.59 6.17
C GLU A 31 -8.62 5.05 4.71
N LEU A 32 -9.12 6.26 4.46
CA LEU A 32 -9.05 6.84 3.12
C LEU A 32 -7.59 6.98 2.68
N THR A 33 -6.75 7.37 3.61
CA THR A 33 -5.31 7.44 3.39
C THR A 33 -4.76 6.06 2.99
N LEU A 34 -5.16 5.04 3.74
CA LEU A 34 -4.63 3.70 3.56
C LEU A 34 -5.20 3.04 2.30
N MET A 35 -6.47 3.29 2.00
CA MET A 35 -7.09 2.74 0.81
C MET A 35 -6.46 3.33 -0.45
N ILE A 36 -6.02 4.60 -0.34
CA ILE A 36 -5.31 5.26 -1.42
C ILE A 36 -3.96 4.58 -1.65
N ALA A 37 -3.28 4.23 -0.57
CA ALA A 37 -2.04 3.47 -0.66
C ALA A 37 -2.30 2.13 -1.36
N GLY A 38 -3.44 1.53 -1.04
CA GLY A 38 -3.83 0.29 -1.68
C GLY A 38 -4.06 0.48 -3.16
N ASN A 39 -4.75 1.56 -3.52
CA ASN A 39 -4.99 1.90 -4.92
C ASN A 39 -3.68 2.05 -5.67
N ILE A 40 -2.71 2.69 -5.02
CA ILE A 40 -1.38 2.86 -5.59
C ILE A 40 -0.75 1.50 -5.90
N ALA A 41 -0.69 0.63 -4.89
CA ALA A 41 -0.13 -0.69 -5.06
C ALA A 41 -0.88 -1.47 -6.13
N THR A 42 -2.20 -1.32 -6.15
CA THR A 42 -3.05 -1.98 -7.13
C THR A 42 -2.62 -1.60 -8.56
N ASN A 43 -2.45 -0.30 -8.80
CA ASN A 43 -2.05 0.17 -10.12
C ASN A 43 -0.67 -0.38 -10.47
N VAL A 44 0.24 -0.35 -9.51
CA VAL A 44 1.58 -0.89 -9.71
C VAL A 44 1.52 -2.37 -10.07
N LEU A 45 0.76 -3.12 -9.30
CA LEU A 45 0.65 -4.56 -9.47
C LEU A 45 -0.06 -4.91 -10.77
N ASN A 46 -0.80 -3.98 -11.34
CA ASN A 46 -1.54 -4.26 -12.55
C ASN A 46 -0.82 -3.74 -13.81
N GLN A 47 -0.25 -2.54 -13.73
CA GLN A 47 0.30 -1.91 -14.93
C GLN A 47 1.81 -1.65 -14.84
N ARG A 48 2.39 -1.76 -13.65
CA ARG A 48 3.79 -1.35 -13.46
C ARG A 48 4.68 -2.49 -13.01
N VAL A 49 4.20 -3.72 -13.10
CA VAL A 49 4.98 -4.87 -12.68
C VAL A 49 4.81 -6.02 -13.67
N ALA A 50 5.74 -6.97 -13.62
CA ALA A 50 5.68 -8.15 -14.48
C ALA A 50 4.61 -9.11 -14.00
N ALA A 51 3.89 -9.70 -14.95
CA ALA A 51 2.85 -10.69 -14.63
C ALA A 51 3.40 -11.82 -13.77
N SER A 52 4.57 -12.32 -14.12
CA SER A 52 5.21 -13.39 -13.37
C SER A 52 5.58 -12.93 -11.96
N GLN A 53 5.76 -11.63 -11.82
CA GLN A 53 6.25 -11.07 -10.57
C GLN A 53 5.11 -10.44 -9.79
N ARG A 54 3.90 -10.53 -10.34
CA ARG A 54 2.76 -9.79 -9.85
C ARG A 54 2.43 -10.14 -8.40
N LYS A 55 1.99 -11.37 -8.17
CA LYS A 55 1.57 -11.76 -6.83
C LYS A 55 2.80 -12.03 -5.95
N LEU A 56 3.93 -12.33 -6.59
CA LEU A 56 5.18 -12.53 -5.88
C LEU A 56 5.57 -11.24 -5.16
N ILE A 57 5.64 -10.16 -5.93
CA ILE A 57 6.06 -8.87 -5.40
C ILE A 57 5.02 -8.32 -4.41
N ALA A 58 3.76 -8.70 -4.63
CA ALA A 58 2.68 -8.31 -3.73
C ALA A 58 2.81 -9.01 -2.39
N GLU A 59 3.11 -10.30 -2.45
CA GLU A 59 3.29 -11.11 -1.24
C GLU A 59 4.54 -10.64 -0.50
N LYS A 60 5.60 -10.38 -1.27
CA LYS A 60 6.84 -9.84 -0.73
C LYS A 60 6.59 -8.52 -0.01
N PHE A 61 5.71 -7.70 -0.58
CA PHE A 61 5.33 -6.43 0.01
C PHE A 61 4.57 -6.65 1.32
N ALA A 62 3.59 -7.55 1.30
CA ALA A 62 2.78 -7.82 2.49
C ALA A 62 3.65 -8.27 3.65
N GLN A 63 4.65 -9.10 3.35
CA GLN A 63 5.60 -9.56 4.37
C GLN A 63 6.34 -8.38 4.98
N ALA A 64 6.77 -7.46 4.12
CA ALA A 64 7.50 -6.28 4.56
C ALA A 64 6.59 -5.36 5.37
N LEU A 65 5.35 -5.23 4.93
CA LEU A 65 4.38 -4.38 5.61
C LEU A 65 4.03 -4.96 6.98
N MET A 66 4.08 -6.28 7.09
CA MET A 66 3.82 -6.94 8.36
C MET A 66 4.98 -6.73 9.32
N SER A 67 6.19 -6.59 8.79
CA SER A 67 7.36 -6.36 9.63
C SER A 67 7.51 -4.89 10.00
N SER A 68 6.85 -4.00 9.26
CA SER A 68 6.86 -2.57 9.59
C SER A 68 5.66 -2.22 10.46
N LEU A 69 4.79 -3.20 10.68
CA LEU A 69 3.63 -3.05 11.53
C LEU A 69 4.08 -3.05 12.99
N GLU A 70 4.03 -1.87 13.62
CA GLU A 70 4.45 -1.73 14.99
C GLU A 70 3.32 -1.97 15.98
N THR A 71 3.60 -2.81 16.95
CA THR A 71 2.66 -3.15 18.01
C THR A 71 3.12 -2.50 19.32
N PRO A 72 2.35 -2.66 20.43
CA PRO A 72 2.78 -2.17 21.74
C PRO A 72 4.06 -2.87 22.22
N LYS A 73 5.20 -2.28 21.88
CA LYS A 73 6.50 -2.85 22.22
C LYS A 73 7.10 -2.13 23.42
N THR A 74 6.29 -1.31 24.08
CA THR A 74 6.76 -0.56 25.23
C THR A 74 5.97 -0.98 26.48
N HIS A 75 6.05 -0.16 27.54
CA HIS A 75 5.33 -0.41 28.80
C HIS A 75 6.04 -1.47 29.65
N LEU A 76 7.03 -2.14 29.07
CA LEU A 76 7.76 -3.19 29.78
C LEU A 76 8.91 -2.60 30.59
N GLU A 77 9.05 -1.28 30.56
CA GLU A 77 10.08 -0.60 31.34
C GLU A 77 9.48 0.01 32.60
N HIS A 78 8.25 0.47 32.50
CA HIS A 78 7.56 1.03 33.66
C HIS A 78 6.96 -0.08 34.52
N HIS A 79 7.65 -0.41 35.59
CA HIS A 79 7.15 -1.37 36.56
C HIS A 79 7.32 -0.81 37.97
N HIS A 80 6.23 -0.74 38.72
CA HIS A 80 6.33 -0.37 40.12
C HIS A 80 6.72 -1.61 40.91
N HIS A 81 6.42 -2.77 40.35
CA HIS A 81 6.82 -4.04 40.92
C HIS A 81 7.57 -4.85 39.88
N HIS A 82 8.86 -5.05 40.09
CA HIS A 82 9.67 -5.81 39.15
C HIS A 82 9.38 -7.31 39.28
N HIS A 83 9.59 -8.04 38.21
CA HIS A 83 9.42 -9.48 38.23
C HIS A 83 10.78 -10.15 38.31
N MET B 1 -15.99 -7.69 -5.39
CA MET B 1 -16.69 -6.99 -4.29
C MET B 1 -16.07 -5.61 -4.08
N PRO B 2 -16.92 -4.57 -3.94
CA PRO B 2 -16.47 -3.19 -3.79
C PRO B 2 -15.63 -2.97 -2.54
N ILE B 3 -14.62 -2.11 -2.64
CA ILE B 3 -13.77 -1.78 -1.51
C ILE B 3 -14.39 -0.66 -0.69
N THR B 4 -13.75 -0.30 0.42
CA THR B 4 -14.23 0.77 1.27
C THR B 4 -14.21 2.09 0.53
N SER B 5 -15.27 2.86 0.67
CA SER B 5 -15.38 4.15 0.00
C SER B 5 -16.34 5.08 0.73
N LYS B 6 -17.39 5.51 0.03
CA LYS B 6 -18.33 6.50 0.55
C LYS B 6 -17.61 7.84 0.82
N TYR B 7 -16.45 7.99 0.19
CA TYR B 7 -15.67 9.22 0.29
C TYR B 7 -15.73 9.96 -1.05
N THR B 8 -16.81 9.68 -1.79
CA THR B 8 -16.99 10.09 -3.19
C THR B 8 -15.89 9.51 -4.08
N ASP B 9 -16.30 8.89 -5.18
CA ASP B 9 -15.37 8.32 -6.14
C ASP B 9 -14.53 9.43 -6.75
N GLU B 10 -15.16 10.58 -6.92
CA GLU B 10 -14.53 11.75 -7.53
C GLU B 10 -13.35 12.24 -6.70
N GLN B 11 -13.57 12.45 -5.41
CA GLN B 11 -12.53 12.96 -4.52
C GLN B 11 -11.31 12.04 -4.54
N VAL B 12 -11.57 10.74 -4.37
CA VAL B 12 -10.51 9.74 -4.37
C VAL B 12 -9.76 9.77 -5.71
N GLU B 13 -10.52 9.76 -6.79
CA GLU B 13 -9.95 9.81 -8.14
C GLU B 13 -9.01 11.01 -8.29
N LYS B 14 -9.47 12.17 -7.84
CA LYS B 14 -8.69 13.39 -7.96
C LYS B 14 -7.43 13.33 -7.12
N ILE B 15 -7.55 12.81 -5.90
CA ILE B 15 -6.39 12.66 -5.03
C ILE B 15 -5.36 11.73 -5.65
N LEU B 16 -5.83 10.57 -6.12
CA LEU B 16 -4.97 9.59 -6.75
C LEU B 16 -4.22 10.20 -7.94
N ALA B 17 -4.95 10.96 -8.75
CA ALA B 17 -4.36 11.60 -9.93
C ALA B 17 -3.21 12.53 -9.54
N GLU B 18 -3.43 13.31 -8.48
CA GLU B 18 -2.41 14.26 -8.04
C GLU B 18 -1.20 13.52 -7.46
N VAL B 19 -1.46 12.48 -6.66
CA VAL B 19 -0.41 11.67 -6.08
C VAL B 19 0.42 10.97 -7.16
N ALA B 20 -0.27 10.47 -8.18
CA ALA B 20 0.39 9.81 -9.30
C ALA B 20 1.34 10.76 -10.01
N LEU B 21 0.90 12.01 -10.19
CA LEU B 21 1.72 13.03 -10.83
C LEU B 21 2.94 13.36 -10.00
N VAL B 22 2.82 13.22 -8.68
CA VAL B 22 3.96 13.40 -7.78
C VAL B 22 5.04 12.38 -8.11
N LEU B 23 4.63 11.12 -8.18
CA LEU B 23 5.53 10.03 -8.47
C LEU B 23 6.13 10.19 -9.87
N GLU B 24 5.26 10.52 -10.82
CA GLU B 24 5.67 10.75 -12.20
C GLU B 24 6.70 11.87 -12.29
N LYS B 25 6.43 12.98 -11.60
CA LYS B 25 7.28 14.17 -11.65
C LYS B 25 8.69 13.86 -11.15
N HIS B 26 8.80 13.00 -10.14
CA HIS B 26 10.12 12.68 -9.57
C HIS B 26 10.75 11.51 -10.29
N ALA B 27 10.06 10.99 -11.32
CA ALA B 27 10.54 9.82 -12.07
C ALA B 27 10.71 8.63 -11.13
N ALA B 28 9.72 8.41 -10.27
CA ALA B 28 9.77 7.35 -9.28
C ALA B 28 9.74 5.98 -9.94
N SER B 29 10.68 5.13 -9.54
CA SER B 29 10.75 3.77 -10.04
C SER B 29 9.56 2.95 -9.53
N PRO B 30 9.20 1.84 -10.22
CA PRO B 30 8.08 0.98 -9.82
C PRO B 30 8.21 0.49 -8.38
N GLU B 31 9.38 -0.05 -8.02
CA GLU B 31 9.64 -0.52 -6.66
C GLU B 31 9.46 0.63 -5.67
N LEU B 32 10.05 1.78 -6.00
CA LEU B 32 9.95 2.97 -5.17
C LEU B 32 8.49 3.37 -5.00
N THR B 33 7.74 3.34 -6.09
CA THR B 33 6.32 3.69 -6.07
C THR B 33 5.54 2.82 -5.09
N LEU B 34 5.71 1.51 -5.21
CA LEU B 34 4.98 0.58 -4.37
C LEU B 34 5.47 0.68 -2.93
N MET B 35 6.74 1.05 -2.76
CA MET B 35 7.30 1.25 -1.44
C MET B 35 6.74 2.54 -0.83
N ILE B 36 6.43 3.52 -1.67
CA ILE B 36 5.74 4.72 -1.23
C ILE B 36 4.41 4.35 -0.61
N ALA B 37 3.68 3.46 -1.29
CA ALA B 37 2.42 2.95 -0.78
C ALA B 37 2.62 2.25 0.56
N GLY B 38 3.72 1.50 0.67
CA GLY B 38 4.06 0.85 1.91
C GLY B 38 4.35 1.84 3.01
N ASN B 39 5.05 2.91 2.67
CA ASN B 39 5.36 3.96 3.62
C ASN B 39 4.07 4.59 4.14
N ILE B 40 3.12 4.82 3.24
CA ILE B 40 1.82 5.36 3.61
C ILE B 40 1.12 4.43 4.60
N ALA B 41 0.99 3.16 4.21
CA ALA B 41 0.34 2.17 5.06
C ALA B 41 1.03 2.07 6.42
N THR B 42 2.36 2.05 6.42
CA THR B 42 3.12 1.98 7.65
C THR B 42 2.87 3.22 8.53
N ASN B 43 2.83 4.39 7.89
CA ASN B 43 2.53 5.63 8.59
C ASN B 43 1.17 5.55 9.25
N VAL B 44 0.20 4.98 8.54
CA VAL B 44 -1.13 4.77 9.08
C VAL B 44 -1.07 3.78 10.24
N LEU B 45 -0.32 2.71 10.06
CA LEU B 45 -0.18 1.68 11.10
C LEU B 45 0.56 2.22 12.32
N ASN B 46 1.25 3.34 12.15
CA ASN B 46 1.96 3.98 13.25
C ASN B 46 1.05 4.91 14.04
N GLN B 47 0.44 5.87 13.36
CA GLN B 47 -0.27 6.94 14.04
C GLN B 47 -1.78 6.92 13.77
N ARG B 48 -2.16 6.48 12.57
CA ARG B 48 -3.52 6.73 12.08
C ARG B 48 -4.40 5.50 12.19
N VAL B 49 -4.07 4.56 13.08
CA VAL B 49 -4.88 3.36 13.22
C VAL B 49 -4.91 2.87 14.67
N ALA B 50 -6.00 2.22 15.04
CA ALA B 50 -6.11 1.61 16.35
C ALA B 50 -5.24 0.36 16.43
N ALA B 51 -4.68 0.09 17.59
CA ALA B 51 -3.89 -1.12 17.81
C ALA B 51 -4.72 -2.37 17.53
N SER B 52 -5.96 -2.37 18.00
CA SER B 52 -6.86 -3.49 17.80
C SER B 52 -7.34 -3.56 16.34
N GLN B 53 -7.13 -2.48 15.62
CA GLN B 53 -7.54 -2.40 14.21
C GLN B 53 -6.33 -2.61 13.30
N ARG B 54 -5.16 -2.64 13.90
CA ARG B 54 -3.90 -2.54 13.16
C ARG B 54 -3.70 -3.73 12.22
N LYS B 55 -3.80 -4.94 12.73
CA LYS B 55 -3.58 -6.11 11.90
C LYS B 55 -4.81 -6.37 11.02
N LEU B 56 -5.97 -5.98 11.54
CA LEU B 56 -7.22 -6.11 10.80
C LEU B 56 -7.22 -5.23 9.55
N ILE B 57 -6.85 -3.98 9.71
CA ILE B 57 -6.84 -3.03 8.62
C ILE B 57 -5.73 -3.38 7.62
N ALA B 58 -4.67 -4.00 8.13
CA ALA B 58 -3.59 -4.49 7.27
C ALA B 58 -4.08 -5.67 6.44
N GLU B 59 -4.90 -6.51 7.06
CA GLU B 59 -5.51 -7.64 6.37
C GLU B 59 -6.48 -7.15 5.31
N LYS B 60 -7.33 -6.19 5.71
CA LYS B 60 -8.24 -5.53 4.78
C LYS B 60 -7.47 -5.00 3.58
N PHE B 61 -6.37 -4.31 3.85
CA PHE B 61 -5.49 -3.78 2.82
C PHE B 61 -5.05 -4.90 1.86
N ALA B 62 -4.42 -5.92 2.43
CA ALA B 62 -3.88 -7.03 1.64
C ALA B 62 -4.97 -7.71 0.81
N GLN B 63 -6.11 -8.00 1.42
CA GLN B 63 -7.18 -8.70 0.74
C GLN B 63 -7.80 -7.84 -0.36
N ALA B 64 -8.07 -6.58 -0.06
CA ALA B 64 -8.64 -5.66 -1.04
C ALA B 64 -7.68 -5.47 -2.20
N LEU B 65 -6.40 -5.41 -1.87
CA LEU B 65 -5.34 -5.28 -2.86
C LEU B 65 -5.35 -6.45 -3.83
N MET B 66 -5.41 -7.66 -3.30
CA MET B 66 -5.31 -8.86 -4.12
C MET B 66 -6.66 -9.25 -4.72
N SER B 67 -7.73 -8.61 -4.23
CA SER B 67 -9.04 -8.77 -4.83
C SER B 67 -9.16 -7.87 -6.05
N SER B 68 -8.38 -6.78 -6.03
CA SER B 68 -8.34 -5.85 -7.15
C SER B 68 -7.14 -6.13 -8.04
N LEU B 69 -6.48 -7.25 -7.76
CA LEU B 69 -5.33 -7.69 -8.53
C LEU B 69 -5.80 -8.32 -9.84
N GLU B 70 -5.49 -7.68 -10.96
CA GLU B 70 -5.93 -8.18 -12.25
C GLU B 70 -5.09 -9.38 -12.67
N THR B 71 -5.61 -10.57 -12.42
CA THR B 71 -4.96 -11.79 -12.86
C THR B 71 -5.82 -12.50 -13.88
N PRO B 72 -5.52 -12.31 -15.18
CA PRO B 72 -6.26 -12.96 -16.27
C PRO B 72 -6.09 -14.46 -16.24
N LYS B 73 -7.08 -15.16 -15.69
CA LYS B 73 -7.02 -16.61 -15.59
C LYS B 73 -8.18 -17.23 -16.33
N THR B 74 -7.96 -18.43 -16.85
CA THR B 74 -8.99 -19.13 -17.59
C THR B 74 -9.95 -19.85 -16.64
N HIS B 75 -11.21 -19.91 -17.04
CA HIS B 75 -12.22 -20.60 -16.27
C HIS B 75 -12.24 -22.08 -16.67
N LEU B 76 -13.38 -22.74 -16.53
CA LEU B 76 -13.48 -24.12 -16.98
C LEU B 76 -13.43 -24.17 -18.51
N GLU B 77 -12.22 -24.26 -19.05
CA GLU B 77 -12.01 -24.23 -20.48
C GLU B 77 -12.24 -25.61 -21.08
N HIS B 78 -11.69 -26.62 -20.42
CA HIS B 78 -11.76 -27.99 -20.92
C HIS B 78 -12.37 -28.91 -19.88
N HIS B 79 -12.95 -30.00 -20.35
CA HIS B 79 -13.55 -30.99 -19.48
C HIS B 79 -13.44 -32.37 -20.12
N HIS B 80 -12.88 -33.30 -19.37
CA HIS B 80 -12.62 -34.65 -19.88
C HIS B 80 -13.83 -35.54 -19.62
N HIS B 81 -14.56 -35.86 -20.68
CA HIS B 81 -15.67 -36.79 -20.58
C HIS B 81 -15.45 -37.97 -21.53
N HIS B 82 -14.90 -37.67 -22.70
CA HIS B 82 -14.59 -38.72 -23.68
C HIS B 82 -13.42 -38.29 -24.57
N HIS B 83 -12.31 -38.98 -24.41
CA HIS B 83 -11.16 -38.78 -25.28
C HIS B 83 -10.95 -40.01 -26.15
N MET A 1 19.17 -7.50 4.08
CA MET A 1 18.26 -7.90 3.00
C MET A 1 17.82 -6.70 2.19
N PRO A 2 18.31 -6.59 0.94
CA PRO A 2 17.95 -5.48 0.04
C PRO A 2 16.51 -5.59 -0.44
N ILE A 3 15.66 -4.75 0.11
CA ILE A 3 14.25 -4.73 -0.28
C ILE A 3 13.98 -3.58 -1.25
N THR A 4 13.46 -3.91 -2.43
CA THR A 4 13.11 -2.93 -3.46
C THR A 4 14.37 -2.30 -4.07
N SER A 5 14.95 -1.35 -3.36
CA SER A 5 16.13 -0.62 -3.83
C SER A 5 16.60 0.32 -2.73
N LYS A 6 17.65 1.07 -3.01
CA LYS A 6 18.17 2.03 -2.05
C LYS A 6 17.54 3.39 -2.30
N TYR A 7 17.72 3.89 -3.53
CA TYR A 7 17.25 5.21 -3.94
C TYR A 7 17.82 6.34 -3.08
N THR A 8 17.56 7.55 -3.53
CA THR A 8 17.91 8.75 -2.79
C THR A 8 16.89 8.94 -1.67
N ASP A 9 17.35 8.89 -0.42
CA ASP A 9 16.44 8.93 0.72
C ASP A 9 15.77 10.30 0.84
N GLU A 10 16.48 11.36 0.48
CA GLU A 10 15.86 12.69 0.45
C GLU A 10 14.79 12.71 -0.62
N GLN A 11 15.11 12.12 -1.76
CA GLN A 11 14.18 12.05 -2.89
C GLN A 11 12.90 11.35 -2.47
N VAL A 12 13.03 10.20 -1.84
CA VAL A 12 11.88 9.45 -1.33
C VAL A 12 11.12 10.29 -0.31
N GLU A 13 11.85 10.96 0.57
CA GLU A 13 11.24 11.80 1.59
C GLU A 13 10.42 12.92 0.97
N LYS A 14 10.97 13.57 -0.06
CA LYS A 14 10.28 14.69 -0.70
C LYS A 14 9.03 14.19 -1.41
N ILE A 15 9.13 13.00 -1.99
CA ILE A 15 7.97 12.37 -2.62
C ILE A 15 6.89 12.10 -1.58
N LEU A 16 7.27 11.43 -0.51
CA LEU A 16 6.35 11.10 0.58
C LEU A 16 5.73 12.37 1.15
N ALA A 17 6.54 13.41 1.30
CA ALA A 17 6.08 14.68 1.86
C ALA A 17 4.99 15.29 1.00
N GLU A 18 5.23 15.38 -0.30
CA GLU A 18 4.24 15.92 -1.22
C GLU A 18 2.97 15.09 -1.23
N VAL A 19 3.13 13.77 -1.26
CA VAL A 19 2.00 12.86 -1.23
C VAL A 19 1.19 13.04 0.04
N ALA A 20 1.89 13.09 1.17
CA ALA A 20 1.23 13.28 2.46
C ALA A 20 0.54 14.63 2.52
N LEU A 21 1.13 15.64 1.89
CA LEU A 21 0.54 16.96 1.84
C LEU A 21 -0.75 16.95 1.02
N VAL A 22 -0.76 16.14 -0.04
CA VAL A 22 -1.96 15.99 -0.86
C VAL A 22 -3.09 15.43 -0.01
N LEU A 23 -2.74 14.47 0.83
CA LEU A 23 -3.69 13.85 1.73
C LEU A 23 -4.16 14.87 2.77
N GLU A 24 -3.23 15.63 3.31
CA GLU A 24 -3.54 16.68 4.27
C GLU A 24 -4.43 17.74 3.62
N LYS A 25 -4.03 18.18 2.43
CA LYS A 25 -4.78 19.15 1.65
C LYS A 25 -6.25 18.75 1.46
N HIS A 26 -6.49 17.47 1.21
CA HIS A 26 -7.85 17.00 0.92
C HIS A 26 -8.49 16.39 2.16
N ALA A 27 -7.83 16.52 3.31
CA ALA A 27 -8.34 16.00 4.59
C ALA A 27 -8.60 14.49 4.50
N ALA A 28 -7.68 13.78 3.87
CA ALA A 28 -7.81 12.34 3.67
C ALA A 28 -7.71 11.57 4.97
N SER A 29 -8.82 10.92 5.33
CA SER A 29 -8.88 10.09 6.53
C SER A 29 -7.92 8.90 6.41
N PRO A 30 -7.52 8.31 7.54
CA PRO A 30 -6.65 7.12 7.54
C PRO A 30 -7.16 6.03 6.61
N GLU A 31 -8.46 5.79 6.62
CA GLU A 31 -9.10 4.81 5.75
C GLU A 31 -8.83 5.15 4.29
N LEU A 32 -9.14 6.39 3.92
CA LEU A 32 -8.93 6.87 2.56
C LEU A 32 -7.45 6.87 2.21
N THR A 33 -6.61 7.12 3.20
CA THR A 33 -5.16 7.14 2.99
C THR A 33 -4.67 5.76 2.54
N LEU A 34 -5.11 4.72 3.23
CA LEU A 34 -4.72 3.37 2.87
C LEU A 34 -5.38 2.96 1.56
N MET A 35 -6.55 3.53 1.29
CA MET A 35 -7.22 3.32 0.02
C MET A 35 -6.35 3.81 -1.12
N ILE A 36 -5.72 4.97 -0.93
CA ILE A 36 -4.79 5.51 -1.90
C ILE A 36 -3.64 4.52 -2.13
N ALA A 37 -3.06 4.04 -1.03
CA ALA A 37 -1.97 3.08 -1.11
C ALA A 37 -2.41 1.81 -1.84
N GLY A 38 -3.57 1.29 -1.48
CA GLY A 38 -4.12 0.14 -2.16
C GLY A 38 -4.31 0.37 -3.65
N ASN A 39 -4.82 1.54 -4.00
CA ASN A 39 -4.99 1.90 -5.41
C ASN A 39 -3.66 1.94 -6.13
N ILE A 40 -2.66 2.52 -5.48
CA ILE A 40 -1.31 2.58 -6.02
C ILE A 40 -0.79 1.17 -6.31
N ALA A 41 -0.78 0.33 -5.28
CA ALA A 41 -0.29 -1.04 -5.41
C ALA A 41 -1.05 -1.79 -6.50
N THR A 42 -2.37 -1.66 -6.51
CA THR A 42 -3.21 -2.34 -7.49
C THR A 42 -2.85 -1.90 -8.91
N ASN A 43 -2.69 -0.59 -9.12
CA ASN A 43 -2.35 -0.08 -10.45
C ASN A 43 -0.96 -0.52 -10.87
N VAL A 44 -0.05 -0.60 -9.92
CA VAL A 44 1.29 -1.12 -10.19
C VAL A 44 1.19 -2.60 -10.57
N LEU A 45 0.40 -3.35 -9.81
CA LEU A 45 0.21 -4.77 -10.05
C LEU A 45 -0.44 -5.02 -11.40
N ASN A 46 -1.20 -4.05 -11.88
CA ASN A 46 -1.86 -4.16 -13.18
C ASN A 46 -0.93 -3.76 -14.32
N GLN A 47 -0.39 -2.54 -14.24
CA GLN A 47 0.32 -1.96 -15.37
C GLN A 47 1.83 -2.21 -15.32
N ARG A 48 2.47 -1.74 -14.26
CA ARG A 48 3.92 -1.58 -14.26
C ARG A 48 4.69 -2.84 -13.82
N VAL A 49 4.08 -3.67 -13.00
CA VAL A 49 4.79 -4.83 -12.45
C VAL A 49 4.87 -5.97 -13.46
N ALA A 50 5.82 -6.86 -13.26
CA ALA A 50 5.97 -8.05 -14.09
C ALA A 50 4.84 -9.02 -13.86
N ALA A 51 4.30 -9.57 -14.95
CA ALA A 51 3.17 -10.49 -14.90
C ALA A 51 3.38 -11.65 -13.93
N SER A 52 4.57 -12.24 -13.95
CA SER A 52 4.85 -13.38 -13.10
C SER A 52 5.35 -12.93 -11.72
N GLN A 53 5.38 -11.63 -11.51
CA GLN A 53 5.85 -11.09 -10.24
C GLN A 53 4.68 -10.52 -9.44
N ARG A 54 3.52 -10.39 -10.10
CA ARG A 54 2.36 -9.73 -9.51
C ARG A 54 2.03 -10.28 -8.12
N LYS A 55 1.85 -11.59 -8.02
CA LYS A 55 1.46 -12.21 -6.76
C LYS A 55 2.63 -12.20 -5.77
N LEU A 56 3.82 -12.54 -6.25
CA LEU A 56 5.01 -12.60 -5.39
C LEU A 56 5.30 -11.25 -4.76
N ILE A 57 5.28 -10.19 -5.55
CA ILE A 57 5.65 -8.88 -5.06
C ILE A 57 4.56 -8.34 -4.13
N ALA A 58 3.32 -8.73 -4.37
CA ALA A 58 2.22 -8.37 -3.48
C ALA A 58 2.36 -9.11 -2.16
N GLU A 59 2.78 -10.38 -2.24
CA GLU A 59 3.07 -11.19 -1.06
C GLU A 59 4.21 -10.56 -0.25
N LYS A 60 5.25 -10.13 -0.96
CA LYS A 60 6.39 -9.49 -0.33
C LYS A 60 6.01 -8.13 0.25
N PHE A 61 5.13 -7.42 -0.45
CA PHE A 61 4.62 -6.15 0.04
C PHE A 61 3.93 -6.33 1.39
N ALA A 62 3.04 -7.30 1.46
CA ALA A 62 2.32 -7.58 2.70
C ALA A 62 3.28 -7.96 3.81
N GLN A 63 4.29 -8.78 3.49
CA GLN A 63 5.28 -9.19 4.46
C GLN A 63 6.07 -7.99 4.96
N ALA A 64 6.59 -7.20 4.04
CA ALA A 64 7.38 -6.03 4.39
C ALA A 64 6.57 -5.06 5.23
N LEU A 65 5.28 -4.97 4.93
CA LEU A 65 4.37 -4.12 5.70
C LEU A 65 4.29 -4.61 7.14
N MET A 66 4.08 -5.92 7.31
CA MET A 66 3.98 -6.52 8.64
C MET A 66 5.31 -6.41 9.37
N SER A 67 6.40 -6.64 8.64
CA SER A 67 7.74 -6.57 9.20
C SER A 67 8.13 -5.14 9.58
N SER A 68 7.41 -4.16 9.05
CA SER A 68 7.66 -2.77 9.38
C SER A 68 6.62 -2.27 10.37
N LEU A 69 5.73 -3.16 10.78
CA LEU A 69 4.67 -2.80 11.72
C LEU A 69 5.16 -2.88 13.17
N GLU A 70 5.57 -1.74 13.70
CA GLU A 70 5.84 -1.64 15.13
C GLU A 70 4.56 -1.25 15.84
N THR A 71 3.83 -2.26 16.29
CA THR A 71 2.55 -2.05 16.94
C THR A 71 2.71 -1.92 18.45
N PRO A 72 2.55 -0.70 18.99
CA PRO A 72 2.62 -0.47 20.42
C PRO A 72 1.35 -0.96 21.13
N LYS A 73 1.39 -2.20 21.60
CA LYS A 73 0.26 -2.77 22.30
C LYS A 73 0.36 -2.45 23.79
N THR A 74 -0.72 -1.95 24.36
CA THR A 74 -0.77 -1.67 25.78
C THR A 74 -0.90 -2.97 26.57
N HIS A 75 0.23 -3.63 26.75
CA HIS A 75 0.27 -4.95 27.38
C HIS A 75 1.66 -5.13 28.01
N LEU A 76 2.20 -4.04 28.54
CA LEU A 76 3.56 -4.02 29.06
C LEU A 76 3.64 -4.71 30.43
N GLU A 77 4.42 -5.79 30.47
CA GLU A 77 4.74 -6.50 31.71
C GLU A 77 3.56 -7.28 32.27
N HIS A 78 3.76 -8.58 32.46
CA HIS A 78 2.78 -9.44 33.10
C HIS A 78 3.32 -10.85 33.26
N HIS A 79 3.94 -11.37 32.20
CA HIS A 79 4.57 -12.68 32.26
C HIS A 79 5.49 -12.88 31.05
N HIS A 80 6.53 -13.67 31.23
CA HIS A 80 7.38 -14.09 30.13
C HIS A 80 7.30 -15.60 30.01
N HIS A 81 7.72 -16.13 28.86
CA HIS A 81 7.62 -17.56 28.56
C HIS A 81 6.16 -17.96 28.34
N HIS A 82 5.95 -18.93 27.47
CA HIS A 82 4.60 -19.40 27.18
C HIS A 82 4.20 -20.47 28.19
N HIS A 83 3.18 -20.16 28.97
CA HIS A 83 2.70 -21.07 30.00
C HIS A 83 1.31 -20.65 30.44
N MET B 1 -16.19 -1.56 -6.64
CA MET B 1 -15.69 -2.48 -5.60
C MET B 1 -15.44 -1.74 -4.30
N PRO B 2 -16.39 -1.78 -3.36
CA PRO B 2 -16.24 -1.13 -2.05
C PRO B 2 -15.26 -1.87 -1.15
N ILE B 3 -13.99 -1.48 -1.20
CA ILE B 3 -12.97 -2.09 -0.36
C ILE B 3 -12.89 -1.38 0.99
N THR B 4 -13.24 -0.10 1.00
CA THR B 4 -13.24 0.69 2.21
C THR B 4 -14.23 1.84 2.04
N SER B 5 -15.52 1.54 2.24
CA SER B 5 -16.60 2.47 1.97
C SER B 5 -16.63 2.79 0.47
N LYS B 6 -17.47 3.75 0.09
CA LYS B 6 -17.50 4.21 -1.28
C LYS B 6 -17.31 5.73 -1.33
N TYR B 7 -16.08 6.13 -1.03
CA TYR B 7 -15.69 7.53 -1.14
C TYR B 7 -15.99 8.09 -2.53
N THR B 8 -16.24 9.40 -2.58
CA THR B 8 -16.54 10.08 -3.82
C THR B 8 -15.44 9.86 -4.87
N ASP B 9 -15.84 9.32 -6.01
CA ASP B 9 -14.93 9.03 -7.12
C ASP B 9 -14.05 10.22 -7.45
N GLU B 10 -14.66 11.39 -7.59
CA GLU B 10 -13.94 12.61 -7.92
C GLU B 10 -12.90 12.95 -6.85
N GLN B 11 -13.32 12.89 -5.59
CA GLN B 11 -12.43 13.22 -4.48
C GLN B 11 -11.18 12.34 -4.50
N VAL B 12 -11.39 11.03 -4.65
CA VAL B 12 -10.30 10.09 -4.72
C VAL B 12 -9.44 10.34 -5.94
N GLU B 13 -10.09 10.63 -7.06
CA GLU B 13 -9.38 10.97 -8.30
C GLU B 13 -8.47 12.17 -8.09
N LYS B 14 -8.99 13.18 -7.42
CA LYS B 14 -8.23 14.40 -7.13
C LYS B 14 -6.95 14.06 -6.39
N ILE B 15 -7.09 13.23 -5.36
CA ILE B 15 -5.96 12.82 -4.55
C ILE B 15 -4.99 11.96 -5.36
N LEU B 16 -5.51 10.93 -6.01
CA LEU B 16 -4.68 10.03 -6.81
C LEU B 16 -3.93 10.79 -7.89
N ALA B 17 -4.59 11.76 -8.52
CA ALA B 17 -3.99 12.55 -9.56
C ALA B 17 -2.77 13.32 -9.04
N GLU B 18 -2.94 13.98 -7.89
CA GLU B 18 -1.85 14.74 -7.30
C GLU B 18 -0.72 13.81 -6.84
N VAL B 19 -1.08 12.68 -6.24
CA VAL B 19 -0.09 11.70 -5.79
C VAL B 19 0.73 11.18 -6.97
N ALA B 20 0.05 10.80 -8.04
CA ALA B 20 0.71 10.30 -9.23
C ALA B 20 1.56 11.38 -9.87
N LEU B 21 1.10 12.62 -9.80
CA LEU B 21 1.84 13.76 -10.33
C LEU B 21 3.17 13.91 -9.60
N VAL B 22 3.14 13.70 -8.28
CA VAL B 22 4.36 13.76 -7.48
C VAL B 22 5.33 12.67 -7.92
N LEU B 23 4.80 11.47 -8.11
CA LEU B 23 5.60 10.33 -8.52
C LEU B 23 6.21 10.58 -9.90
N GLU B 24 5.40 11.06 -10.82
CA GLU B 24 5.87 11.34 -12.18
C GLU B 24 6.90 12.48 -12.18
N LYS B 25 6.65 13.49 -11.36
CA LYS B 25 7.53 14.67 -11.29
C LYS B 25 8.90 14.31 -10.72
N HIS B 26 8.97 13.19 -10.01
CA HIS B 26 10.23 12.74 -9.43
C HIS B 26 10.77 11.53 -10.18
N ALA B 27 10.13 11.17 -11.29
CA ALA B 27 10.53 10.05 -12.14
C ALA B 27 10.52 8.73 -11.36
N ALA B 28 9.50 8.54 -10.55
CA ALA B 28 9.37 7.35 -9.73
C ALA B 28 9.13 6.10 -10.59
N SER B 29 10.04 5.15 -10.47
CA SER B 29 9.91 3.88 -11.16
C SER B 29 8.90 2.99 -10.44
N PRO B 30 8.43 1.90 -11.09
CA PRO B 30 7.40 0.99 -10.53
C PRO B 30 7.68 0.55 -9.09
N GLU B 31 8.91 0.13 -8.82
CA GLU B 31 9.27 -0.37 -7.49
C GLU B 31 9.23 0.75 -6.45
N LEU B 32 9.78 1.90 -6.81
CA LEU B 32 9.73 3.08 -5.94
C LEU B 32 8.29 3.49 -5.69
N THR B 33 7.47 3.41 -6.73
CA THR B 33 6.05 3.73 -6.63
C THR B 33 5.37 2.89 -5.55
N LEU B 34 5.57 1.58 -5.64
CA LEU B 34 4.94 0.66 -4.71
C LEU B 34 5.58 0.78 -3.34
N MET B 35 6.86 1.11 -3.30
CA MET B 35 7.56 1.32 -2.04
C MET B 35 7.00 2.56 -1.33
N ILE B 36 6.63 3.58 -2.11
CA ILE B 36 5.96 4.75 -1.56
C ILE B 36 4.66 4.33 -0.88
N ALA B 37 3.87 3.52 -1.59
CA ALA B 37 2.61 3.00 -1.07
C ALA B 37 2.84 2.22 0.24
N GLY B 38 3.94 1.48 0.28
CA GLY B 38 4.30 0.72 1.47
C GLY B 38 4.54 1.61 2.66
N ASN B 39 5.36 2.65 2.48
CA ASN B 39 5.63 3.60 3.54
C ASN B 39 4.36 4.29 4.01
N ILE B 40 3.47 4.60 3.06
CA ILE B 40 2.19 5.19 3.39
C ILE B 40 1.41 4.29 4.35
N ALA B 41 1.17 3.05 3.95
CA ALA B 41 0.43 2.11 4.76
C ALA B 41 1.08 1.91 6.12
N THR B 42 2.40 1.74 6.12
CA THR B 42 3.15 1.54 7.36
C THR B 42 2.90 2.67 8.36
N ASN B 43 3.15 3.89 7.94
CA ASN B 43 3.06 5.05 8.82
C ASN B 43 1.63 5.28 9.31
N VAL B 44 0.65 4.99 8.45
CA VAL B 44 -0.75 5.15 8.81
C VAL B 44 -1.18 4.08 9.81
N LEU B 45 -0.72 2.87 9.60
CA LEU B 45 -1.05 1.77 10.50
C LEU B 45 -0.38 1.96 11.85
N ASN B 46 0.74 2.68 11.86
CA ASN B 46 1.47 2.94 13.10
C ASN B 46 0.85 4.12 13.87
N GLN B 47 0.55 5.20 13.17
CA GLN B 47 0.23 6.46 13.83
C GLN B 47 -1.14 7.04 13.43
N ARG B 48 -2.08 6.18 13.04
CA ARG B 48 -3.42 6.67 12.71
C ARG B 48 -4.52 5.67 13.11
N VAL B 49 -4.35 4.41 12.75
CA VAL B 49 -5.40 3.41 12.97
C VAL B 49 -5.43 2.95 14.43
N ALA B 50 -6.61 2.50 14.87
CA ALA B 50 -6.80 2.02 16.24
C ALA B 50 -5.87 0.84 16.55
N ALA B 51 -5.60 0.63 17.82
CA ALA B 51 -4.67 -0.42 18.26
C ALA B 51 -5.22 -1.81 17.95
N SER B 52 -6.49 -2.02 18.27
CA SER B 52 -7.13 -3.31 18.04
C SER B 52 -7.51 -3.47 16.56
N GLN B 53 -7.57 -2.35 15.85
CA GLN B 53 -7.92 -2.37 14.43
C GLN B 53 -6.66 -2.55 13.59
N ARG B 54 -5.53 -2.29 14.23
CA ARG B 54 -4.23 -2.17 13.54
C ARG B 54 -3.91 -3.39 12.68
N LYS B 55 -3.75 -4.56 13.31
CA LYS B 55 -3.40 -5.76 12.57
C LYS B 55 -4.57 -6.26 11.72
N LEU B 56 -5.78 -6.07 12.23
CA LEU B 56 -6.98 -6.54 11.53
C LEU B 56 -7.14 -5.82 10.19
N ILE B 57 -7.10 -4.50 10.24
CA ILE B 57 -7.28 -3.69 9.03
C ILE B 57 -6.10 -3.89 8.09
N ALA B 58 -4.93 -4.20 8.66
CA ALA B 58 -3.73 -4.46 7.88
C ALA B 58 -3.89 -5.71 7.02
N GLU B 59 -4.41 -6.78 7.62
CA GLU B 59 -4.57 -8.03 6.91
C GLU B 59 -5.82 -8.00 6.03
N LYS B 60 -6.84 -7.24 6.46
CA LYS B 60 -7.99 -6.96 5.59
C LYS B 60 -7.53 -6.27 4.31
N PHE B 61 -6.67 -5.28 4.46
CA PHE B 61 -6.10 -4.55 3.34
C PHE B 61 -5.37 -5.50 2.39
N ALA B 62 -4.58 -6.39 2.97
CA ALA B 62 -3.83 -7.37 2.18
C ALA B 62 -4.78 -8.27 1.39
N GLN B 63 -5.85 -8.73 2.03
CA GLN B 63 -6.84 -9.56 1.37
C GLN B 63 -7.48 -8.79 0.22
N ALA B 64 -7.78 -7.52 0.47
CA ALA B 64 -8.36 -6.65 -0.54
C ALA B 64 -7.42 -6.52 -1.73
N LEU B 65 -6.13 -6.42 -1.44
CA LEU B 65 -5.12 -6.30 -2.50
C LEU B 65 -4.99 -7.61 -3.27
N MET B 66 -5.19 -8.73 -2.57
CA MET B 66 -5.18 -10.04 -3.22
C MET B 66 -6.40 -10.19 -4.11
N SER B 67 -7.47 -9.52 -3.73
CA SER B 67 -8.73 -9.59 -4.45
C SER B 67 -8.77 -8.62 -5.62
N SER B 68 -8.10 -7.47 -5.48
CA SER B 68 -8.00 -6.51 -6.56
C SER B 68 -6.98 -6.98 -7.60
N LEU B 69 -6.06 -7.82 -7.15
CA LEU B 69 -5.06 -8.42 -8.01
C LEU B 69 -5.74 -9.21 -9.13
N GLU B 70 -5.32 -8.94 -10.37
CA GLU B 70 -5.90 -9.56 -11.56
C GLU B 70 -5.93 -11.07 -11.44
N THR B 71 -4.79 -11.65 -11.09
CA THR B 71 -4.63 -13.10 -11.07
C THR B 71 -4.90 -13.67 -12.47
N PRO B 72 -3.90 -13.59 -13.37
CA PRO B 72 -4.06 -13.94 -14.78
C PRO B 72 -4.03 -15.44 -15.05
N LYS B 73 -4.72 -16.18 -14.21
CA LYS B 73 -4.84 -17.62 -14.37
C LYS B 73 -6.30 -18.03 -14.34
N THR B 74 -6.88 -18.12 -13.15
CA THR B 74 -8.27 -18.46 -13.02
C THR B 74 -9.15 -17.22 -13.27
N HIS B 75 -9.23 -16.85 -14.53
CA HIS B 75 -10.04 -15.71 -14.99
C HIS B 75 -10.17 -15.75 -16.49
N LEU B 76 -9.06 -15.99 -17.16
CA LEU B 76 -9.05 -16.05 -18.62
C LEU B 76 -9.08 -17.49 -19.09
N GLU B 77 -10.29 -18.02 -19.24
CA GLU B 77 -10.49 -19.37 -19.72
C GLU B 77 -10.09 -19.47 -21.18
N HIS B 78 -9.21 -20.42 -21.48
CA HIS B 78 -8.65 -20.53 -22.82
C HIS B 78 -9.41 -21.54 -23.66
N HIS B 79 -9.51 -22.77 -23.18
CA HIS B 79 -10.17 -23.82 -23.93
C HIS B 79 -11.04 -24.68 -23.03
N HIS B 80 -12.15 -25.17 -23.58
CA HIS B 80 -13.02 -26.10 -22.86
C HIS B 80 -13.12 -27.38 -23.66
N HIS B 81 -13.25 -27.22 -24.97
CA HIS B 81 -13.30 -28.34 -25.89
C HIS B 81 -11.89 -28.66 -26.36
N HIS B 82 -11.56 -29.94 -26.41
CA HIS B 82 -10.21 -30.36 -26.74
C HIS B 82 -9.99 -30.37 -28.24
N HIS B 83 -8.83 -29.88 -28.67
CA HIS B 83 -8.44 -29.93 -30.06
C HIS B 83 -6.94 -30.20 -30.17
N MET A 1 18.86 -8.37 -2.45
CA MET A 1 17.80 -7.52 -3.01
C MET A 1 18.36 -6.16 -3.43
N PRO A 2 18.49 -5.92 -4.74
CA PRO A 2 18.99 -4.66 -5.27
C PRO A 2 17.89 -3.64 -5.56
N ILE A 3 16.68 -4.14 -5.76
CA ILE A 3 15.56 -3.28 -6.13
C ILE A 3 14.84 -2.73 -4.90
N THR A 4 14.76 -3.52 -3.84
CA THR A 4 14.07 -3.10 -2.64
C THR A 4 15.07 -2.68 -1.58
N SER A 5 15.09 -1.39 -1.30
CA SER A 5 15.98 -0.83 -0.30
C SER A 5 15.41 0.51 0.14
N LYS A 6 16.18 1.29 0.89
CA LYS A 6 15.71 2.59 1.35
C LYS A 6 15.75 3.59 0.18
N TYR A 7 16.47 3.22 -0.88
CA TYR A 7 16.69 4.09 -2.03
C TYR A 7 17.45 5.34 -1.61
N THR A 8 17.48 6.34 -2.47
CA THR A 8 17.98 7.64 -2.09
C THR A 8 16.96 8.29 -1.16
N ASP A 9 17.20 8.20 0.13
CA ASP A 9 16.25 8.64 1.14
C ASP A 9 15.89 10.11 1.00
N GLU A 10 16.76 10.88 0.36
CA GLU A 10 16.47 12.27 0.05
C GLU A 10 15.26 12.34 -0.88
N GLN A 11 15.36 11.65 -2.01
CA GLN A 11 14.30 11.60 -3.01
C GLN A 11 13.01 11.04 -2.39
N VAL A 12 13.15 9.94 -1.65
CA VAL A 12 12.01 9.28 -1.05
C VAL A 12 11.28 10.22 -0.08
N GLU A 13 12.04 10.91 0.76
CA GLU A 13 11.46 11.85 1.73
C GLU A 13 10.65 12.92 1.02
N LYS A 14 11.22 13.48 -0.05
CA LYS A 14 10.58 14.56 -0.79
C LYS A 14 9.29 14.08 -1.43
N ILE A 15 9.31 12.86 -1.96
CA ILE A 15 8.12 12.27 -2.55
C ILE A 15 7.04 12.06 -1.49
N LEU A 16 7.42 11.41 -0.40
CA LEU A 16 6.48 11.13 0.70
C LEU A 16 5.93 12.44 1.28
N ALA A 17 6.79 13.43 1.45
CA ALA A 17 6.41 14.71 2.02
C ALA A 17 5.31 15.39 1.21
N GLU A 18 5.46 15.36 -0.11
CA GLU A 18 4.47 15.97 -0.99
C GLU A 18 3.16 15.18 -0.97
N VAL A 19 3.25 13.86 -0.95
CA VAL A 19 2.06 13.02 -0.87
C VAL A 19 1.31 13.29 0.43
N ALA A 20 2.03 13.34 1.54
CA ALA A 20 1.44 13.62 2.85
C ALA A 20 0.83 15.02 2.87
N LEU A 21 1.49 15.96 2.20
CA LEU A 21 1.01 17.31 2.09
C LEU A 21 -0.33 17.33 1.33
N VAL A 22 -0.41 16.55 0.26
CA VAL A 22 -1.64 16.44 -0.52
C VAL A 22 -2.76 15.88 0.34
N LEU A 23 -2.42 14.89 1.16
CA LEU A 23 -3.38 14.28 2.07
C LEU A 23 -3.96 15.33 3.01
N GLU A 24 -3.08 16.10 3.64
CA GLU A 24 -3.50 17.15 4.55
C GLU A 24 -4.24 18.26 3.80
N LYS A 25 -3.72 18.63 2.64
CA LYS A 25 -4.25 19.72 1.84
C LYS A 25 -5.68 19.44 1.39
N HIS A 26 -5.99 18.17 1.15
CA HIS A 26 -7.32 17.79 0.71
C HIS A 26 -8.13 17.17 1.85
N ALA A 27 -7.61 17.28 3.08
CA ALA A 27 -8.30 16.79 4.27
C ALA A 27 -8.59 15.29 4.18
N ALA A 28 -7.66 14.55 3.59
CA ALA A 28 -7.84 13.12 3.40
C ALA A 28 -7.82 12.37 4.72
N SER A 29 -8.93 11.69 5.01
CA SER A 29 -9.06 10.90 6.23
C SER A 29 -8.03 9.75 6.22
N PRO A 30 -7.56 9.32 7.42
CA PRO A 30 -6.60 8.20 7.54
C PRO A 30 -7.04 6.96 6.78
N GLU A 31 -8.32 6.64 6.86
CA GLU A 31 -8.89 5.51 6.12
C GLU A 31 -8.74 5.73 4.61
N LEU A 32 -9.09 6.93 4.17
CA LEU A 32 -8.96 7.31 2.78
C LEU A 32 -7.49 7.22 2.34
N THR A 33 -6.59 7.62 3.23
CA THR A 33 -5.16 7.56 2.99
C THR A 33 -4.71 6.14 2.64
N LEU A 34 -5.12 5.19 3.46
CA LEU A 34 -4.71 3.81 3.29
C LEU A 34 -5.41 3.18 2.08
N MET A 35 -6.65 3.60 1.85
CA MET A 35 -7.41 3.12 0.70
C MET A 35 -6.75 3.60 -0.60
N ILE A 36 -6.18 4.80 -0.55
CA ILE A 36 -5.42 5.33 -1.68
C ILE A 36 -4.19 4.47 -1.94
N ALA A 37 -3.50 4.07 -0.87
CA ALA A 37 -2.35 3.19 -0.99
C ALA A 37 -2.72 1.88 -1.66
N GLY A 38 -3.94 1.43 -1.40
CA GLY A 38 -4.46 0.23 -2.04
C GLY A 38 -4.57 0.39 -3.54
N ASN A 39 -5.13 1.54 -3.97
CA ASN A 39 -5.25 1.84 -5.38
C ASN A 39 -3.87 1.87 -6.04
N ILE A 40 -2.91 2.46 -5.35
CA ILE A 40 -1.54 2.52 -5.84
C ILE A 40 -1.00 1.12 -6.09
N ALA A 41 -0.98 0.29 -5.05
CA ALA A 41 -0.47 -1.07 -5.15
C ALA A 41 -1.20 -1.85 -6.23
N THR A 42 -2.53 -1.77 -6.24
CA THR A 42 -3.35 -2.50 -7.19
C THR A 42 -2.99 -2.13 -8.63
N ASN A 43 -2.88 -0.84 -8.91
CA ASN A 43 -2.60 -0.38 -10.28
C ASN A 43 -1.17 -0.74 -10.68
N VAL A 44 -0.23 -0.63 -9.74
CA VAL A 44 1.15 -1.03 -9.99
C VAL A 44 1.21 -2.52 -10.34
N LEU A 45 0.55 -3.33 -9.52
CA LEU A 45 0.48 -4.78 -9.75
C LEU A 45 -0.26 -5.10 -11.06
N ASN A 46 -1.08 -4.16 -11.49
CA ASN A 46 -1.96 -4.37 -12.62
C ASN A 46 -1.28 -3.98 -13.94
N GLN A 47 -0.83 -2.74 -14.03
CA GLN A 47 -0.36 -2.19 -15.30
C GLN A 47 1.08 -1.69 -15.24
N ARG A 48 1.73 -1.82 -14.09
CA ARG A 48 3.06 -1.25 -13.91
C ARG A 48 4.05 -2.27 -13.35
N VAL A 49 3.76 -3.55 -13.53
CA VAL A 49 4.64 -4.60 -13.03
C VAL A 49 4.65 -5.78 -14.00
N ALA A 50 5.48 -6.78 -13.72
CA ALA A 50 5.56 -7.96 -14.56
C ALA A 50 4.69 -9.07 -13.99
N ALA A 51 4.03 -9.82 -14.86
CA ALA A 51 3.17 -10.93 -14.44
C ALA A 51 3.94 -11.95 -13.59
N SER A 52 5.11 -12.36 -14.06
CA SER A 52 5.92 -13.34 -13.35
C SER A 52 6.52 -12.75 -12.08
N GLN A 53 6.47 -11.43 -11.99
CA GLN A 53 7.02 -10.73 -10.84
C GLN A 53 5.88 -10.24 -9.95
N ARG A 54 4.66 -10.43 -10.42
CA ARG A 54 3.49 -9.79 -9.84
C ARG A 54 3.17 -10.32 -8.46
N LYS A 55 2.90 -11.61 -8.34
CA LYS A 55 2.54 -12.17 -7.04
C LYS A 55 3.73 -12.13 -6.11
N LEU A 56 4.93 -12.25 -6.66
CA LEU A 56 6.16 -12.20 -5.89
C LEU A 56 6.34 -10.80 -5.30
N ILE A 57 6.07 -9.80 -6.11
CA ILE A 57 6.14 -8.41 -5.68
C ILE A 57 5.01 -8.08 -4.72
N ALA A 58 3.88 -8.77 -4.88
CA ALA A 58 2.77 -8.67 -3.94
C ALA A 58 3.15 -9.25 -2.59
N GLU A 59 3.79 -10.42 -2.62
CA GLU A 59 4.32 -11.07 -1.42
C GLU A 59 5.28 -10.11 -0.72
N LYS A 60 6.13 -9.47 -1.52
CA LYS A 60 7.09 -8.49 -1.02
C LYS A 60 6.38 -7.43 -0.19
N PHE A 61 5.40 -6.78 -0.82
CA PHE A 61 4.64 -5.71 -0.18
C PHE A 61 4.00 -6.18 1.11
N ALA A 62 3.29 -7.29 1.03
CA ALA A 62 2.53 -7.80 2.17
C ALA A 62 3.46 -8.24 3.30
N GLN A 63 4.49 -9.01 2.98
CA GLN A 63 5.39 -9.52 4.00
C GLN A 63 6.21 -8.41 4.62
N ALA A 64 6.60 -7.42 3.81
CA ALA A 64 7.32 -6.26 4.33
C ALA A 64 6.39 -5.44 5.22
N LEU A 65 5.15 -5.30 4.79
CA LEU A 65 4.14 -4.57 5.55
C LEU A 65 3.85 -5.29 6.87
N MET A 66 3.68 -6.60 6.79
CA MET A 66 3.33 -7.42 7.95
C MET A 66 4.49 -7.51 8.93
N SER A 67 5.72 -7.50 8.44
CA SER A 67 6.89 -7.55 9.30
C SER A 67 7.16 -6.17 9.91
N SER A 68 6.61 -5.14 9.29
CA SER A 68 6.73 -3.78 9.82
C SER A 68 5.55 -3.46 10.73
N LEU A 69 4.57 -4.37 10.74
CA LEU A 69 3.43 -4.25 11.62
C LEU A 69 3.87 -4.58 13.05
N GLU A 70 3.85 -3.55 13.90
CA GLU A 70 4.38 -3.64 15.27
C GLU A 70 3.99 -4.94 15.96
N THR A 71 2.68 -5.14 16.16
CA THR A 71 2.14 -6.33 16.84
C THR A 71 2.86 -6.64 18.15
N PRO A 72 2.39 -6.06 19.28
CA PRO A 72 2.98 -6.31 20.60
C PRO A 72 2.97 -7.78 20.95
N LYS A 73 4.11 -8.28 21.44
CA LYS A 73 4.25 -9.70 21.72
C LYS A 73 4.37 -9.93 23.22
N THR A 74 3.86 -11.06 23.66
CA THR A 74 3.64 -11.29 25.08
C THR A 74 4.56 -12.36 25.64
N HIS A 75 5.50 -11.94 26.48
CA HIS A 75 6.34 -12.87 27.22
C HIS A 75 6.49 -12.41 28.66
N LEU A 76 7.56 -11.65 28.94
CA LEU A 76 7.80 -11.07 30.28
C LEU A 76 7.73 -12.12 31.38
N GLU A 77 8.10 -13.36 31.05
CA GLU A 77 7.95 -14.46 31.99
C GLU A 77 9.28 -15.07 32.41
N HIS A 78 9.98 -15.69 31.46
CA HIS A 78 11.15 -16.54 31.73
C HIS A 78 10.70 -17.87 32.36
N HIS A 79 9.71 -17.78 33.25
CA HIS A 79 9.14 -18.93 33.94
C HIS A 79 10.10 -19.45 35.00
N HIS A 80 9.63 -20.42 35.78
CA HIS A 80 10.43 -20.93 36.90
C HIS A 80 11.38 -22.03 36.44
N HIS A 81 12.61 -21.96 36.92
CA HIS A 81 13.63 -22.96 36.59
C HIS A 81 14.42 -23.28 37.85
N HIS A 82 15.58 -23.88 37.66
CA HIS A 82 16.53 -24.08 38.75
C HIS A 82 17.96 -23.85 38.24
N HIS A 83 18.19 -24.25 36.99
CA HIS A 83 19.47 -24.06 36.33
C HIS A 83 19.31 -24.40 34.86
N MET B 1 -18.10 6.62 13.31
CA MET B 1 -17.28 7.04 12.15
C MET B 1 -17.02 5.85 11.24
N PRO B 2 -17.44 5.95 9.96
CA PRO B 2 -17.24 4.89 8.98
C PRO B 2 -15.78 4.74 8.57
N ILE B 3 -15.30 3.50 8.57
CA ILE B 3 -13.92 3.23 8.23
C ILE B 3 -13.71 3.22 6.70
N THR B 4 -12.56 2.67 6.29
CA THR B 4 -12.20 2.57 4.88
C THR B 4 -13.36 2.11 4.01
N SER B 5 -13.72 2.94 3.05
CA SER B 5 -14.81 2.65 2.12
C SER B 5 -14.51 3.31 0.78
N LYS B 6 -15.48 3.31 -0.12
CA LYS B 6 -15.29 3.92 -1.44
C LYS B 6 -15.25 5.44 -1.33
N TYR B 7 -16.15 5.99 -0.52
CA TYR B 7 -16.33 7.44 -0.40
C TYR B 7 -16.69 8.03 -1.76
N THR B 8 -16.42 9.31 -1.95
CA THR B 8 -16.62 9.93 -3.24
C THR B 8 -15.41 9.66 -4.14
N ASP B 9 -15.58 8.71 -5.06
CA ASP B 9 -14.50 8.30 -5.96
C ASP B 9 -14.06 9.45 -6.85
N GLU B 10 -14.89 10.48 -6.92
CA GLU B 10 -14.57 11.70 -7.65
C GLU B 10 -13.37 12.38 -7.00
N GLN B 11 -13.45 12.54 -5.68
CA GLN B 11 -12.38 13.16 -4.92
C GLN B 11 -11.16 12.25 -4.88
N VAL B 12 -11.41 10.96 -4.68
CA VAL B 12 -10.34 9.96 -4.66
C VAL B 12 -9.52 10.04 -5.94
N GLU B 13 -10.21 10.12 -7.07
CA GLU B 13 -9.56 10.26 -8.37
C GLU B 13 -8.69 11.51 -8.39
N LYS B 14 -9.22 12.62 -7.88
CA LYS B 14 -8.51 13.88 -7.89
C LYS B 14 -7.24 13.79 -7.06
N ILE B 15 -7.35 13.21 -5.86
CA ILE B 15 -6.20 13.06 -4.98
C ILE B 15 -5.19 12.10 -5.59
N LEU B 16 -5.68 11.05 -6.25
CA LEU B 16 -4.80 10.13 -6.97
C LEU B 16 -4.05 10.86 -8.07
N ALA B 17 -4.74 11.76 -8.76
CA ALA B 17 -4.13 12.56 -9.82
C ALA B 17 -3.05 13.48 -9.24
N GLU B 18 -3.29 13.98 -8.04
CA GLU B 18 -2.30 14.80 -7.33
C GLU B 18 -1.03 14.00 -7.11
N VAL B 19 -1.19 12.82 -6.49
CA VAL B 19 -0.06 11.95 -6.18
C VAL B 19 0.62 11.46 -7.46
N ALA B 20 -0.19 11.09 -8.45
CA ALA B 20 0.32 10.60 -9.72
C ALA B 20 1.21 11.65 -10.40
N LEU B 21 0.81 12.91 -10.29
CA LEU B 21 1.60 14.00 -10.85
C LEU B 21 2.93 14.11 -10.12
N VAL B 22 2.89 14.01 -8.80
CA VAL B 22 4.09 14.07 -7.97
C VAL B 22 5.04 12.94 -8.35
N LEU B 23 4.50 11.72 -8.45
CA LEU B 23 5.29 10.55 -8.79
C LEU B 23 5.87 10.67 -10.19
N GLU B 24 5.08 11.18 -11.12
CA GLU B 24 5.55 11.36 -12.49
C GLU B 24 6.63 12.43 -12.55
N LYS B 25 6.42 13.52 -11.83
CA LYS B 25 7.37 14.63 -11.79
C LYS B 25 8.70 14.19 -11.18
N HIS B 26 8.63 13.34 -10.16
CA HIS B 26 9.83 12.81 -9.52
C HIS B 26 10.34 11.58 -10.23
N ALA B 27 9.67 11.20 -11.32
CA ALA B 27 10.05 10.05 -12.15
C ALA B 27 10.14 8.77 -11.33
N ALA B 28 9.13 8.54 -10.51
CA ALA B 28 9.09 7.36 -9.66
C ALA B 28 8.96 6.08 -10.48
N SER B 29 9.81 5.11 -10.18
CA SER B 29 9.75 3.80 -10.80
C SER B 29 8.74 2.92 -10.05
N PRO B 30 8.20 1.87 -10.70
CA PRO B 30 7.19 0.97 -10.12
C PRO B 30 7.53 0.52 -8.69
N GLU B 31 8.74 0.00 -8.51
CA GLU B 31 9.21 -0.44 -7.20
C GLU B 31 9.11 0.70 -6.17
N LEU B 32 9.60 1.87 -6.58
CA LEU B 32 9.57 3.06 -5.74
C LEU B 32 8.13 3.48 -5.44
N THR B 33 7.30 3.51 -6.46
CA THR B 33 5.89 3.86 -6.33
C THR B 33 5.19 2.95 -5.32
N LEU B 34 5.37 1.64 -5.49
CA LEU B 34 4.73 0.68 -4.63
C LEU B 34 5.31 0.75 -3.23
N MET B 35 6.59 1.06 -3.13
CA MET B 35 7.24 1.25 -1.84
C MET B 35 6.69 2.48 -1.14
N ILE B 36 6.29 3.48 -1.92
CA ILE B 36 5.61 4.66 -1.36
C ILE B 36 4.31 4.22 -0.70
N ALA B 37 3.54 3.40 -1.41
CA ALA B 37 2.29 2.86 -0.86
C ALA B 37 2.56 2.05 0.40
N GLY B 38 3.67 1.31 0.39
CA GLY B 38 4.08 0.57 1.57
C GLY B 38 4.34 1.46 2.75
N ASN B 39 5.08 2.55 2.51
CA ASN B 39 5.36 3.53 3.55
C ASN B 39 4.07 4.17 4.04
N ILE B 40 3.16 4.44 3.11
CA ILE B 40 1.84 4.99 3.44
C ILE B 40 1.12 4.06 4.42
N ALA B 41 0.92 2.82 4.01
CA ALA B 41 0.21 1.84 4.82
C ALA B 41 0.88 1.66 6.18
N THR B 42 2.20 1.51 6.19
CA THR B 42 2.94 1.31 7.42
C THR B 42 2.77 2.49 8.37
N ASN B 43 2.92 3.70 7.85
CA ASN B 43 2.84 4.91 8.67
C ASN B 43 1.42 5.10 9.21
N VAL B 44 0.42 4.71 8.42
CA VAL B 44 -0.97 4.73 8.89
C VAL B 44 -1.12 3.73 10.02
N LEU B 45 -0.57 2.53 9.82
CA LEU B 45 -0.61 1.49 10.84
C LEU B 45 0.18 1.91 12.08
N ASN B 46 1.04 2.88 11.92
CA ASN B 46 1.83 3.39 13.03
C ASN B 46 1.09 4.51 13.77
N GLN B 47 0.89 5.64 13.10
CA GLN B 47 0.52 6.86 13.79
C GLN B 47 -0.88 7.36 13.46
N ARG B 48 -1.67 6.60 12.70
CA ARG B 48 -3.00 7.08 12.34
C ARG B 48 -4.12 6.09 12.68
N VAL B 49 -3.83 4.80 12.64
CA VAL B 49 -4.86 3.80 12.90
C VAL B 49 -4.94 3.46 14.39
N ALA B 50 -6.08 2.94 14.81
CA ALA B 50 -6.27 2.52 16.20
C ALA B 50 -5.54 1.20 16.47
N ALA B 51 -5.13 1.00 17.72
CA ALA B 51 -4.42 -0.23 18.12
C ALA B 51 -5.19 -1.48 17.73
N SER B 52 -6.46 -1.55 18.14
CA SER B 52 -7.31 -2.70 17.84
C SER B 52 -7.48 -2.86 16.33
N GLN B 53 -7.54 -1.74 15.63
CA GLN B 53 -7.81 -1.74 14.21
C GLN B 53 -6.57 -2.16 13.42
N ARG B 54 -5.41 -1.93 14.03
CA ARG B 54 -4.12 -2.10 13.36
C ARG B 54 -3.99 -3.46 12.65
N LYS B 55 -4.15 -4.52 13.40
CA LYS B 55 -3.98 -5.87 12.87
C LYS B 55 -5.09 -6.22 11.88
N LEU B 56 -6.30 -5.80 12.21
CA LEU B 56 -7.46 -6.12 11.38
C LEU B 56 -7.39 -5.40 10.03
N ILE B 57 -7.15 -4.09 10.08
CA ILE B 57 -7.18 -3.27 8.88
C ILE B 57 -6.04 -3.65 7.93
N ALA B 58 -4.88 -4.00 8.50
CA ALA B 58 -3.73 -4.42 7.70
C ALA B 58 -4.02 -5.74 6.99
N GLU B 59 -4.68 -6.65 7.71
CA GLU B 59 -5.00 -7.96 7.18
C GLU B 59 -6.11 -7.86 6.14
N LYS B 60 -7.13 -7.06 6.45
CA LYS B 60 -8.21 -6.79 5.50
C LYS B 60 -7.65 -6.19 4.22
N PHE B 61 -6.76 -5.23 4.39
CA PHE B 61 -6.12 -4.54 3.26
C PHE B 61 -5.35 -5.53 2.38
N ALA B 62 -4.52 -6.36 3.01
CA ALA B 62 -3.72 -7.32 2.29
C ALA B 62 -4.60 -8.31 1.52
N GLN B 63 -5.66 -8.78 2.16
CA GLN B 63 -6.57 -9.72 1.53
C GLN B 63 -7.33 -9.03 0.39
N ALA B 64 -7.75 -7.80 0.62
CA ALA B 64 -8.44 -7.02 -0.41
C ALA B 64 -7.53 -6.80 -1.61
N LEU B 65 -6.26 -6.56 -1.33
CA LEU B 65 -5.25 -6.36 -2.36
C LEU B 65 -5.06 -7.64 -3.18
N MET B 66 -4.96 -8.77 -2.50
CA MET B 66 -4.77 -10.06 -3.16
C MET B 66 -6.00 -10.46 -3.96
N SER B 67 -7.16 -10.04 -3.49
CA SER B 67 -8.41 -10.31 -4.17
C SER B 67 -8.51 -9.47 -5.45
N SER B 68 -7.99 -8.25 -5.38
CA SER B 68 -8.03 -7.32 -6.51
C SER B 68 -6.80 -7.52 -7.39
N LEU B 69 -5.97 -8.50 -7.05
CA LEU B 69 -4.78 -8.80 -7.81
C LEU B 69 -5.16 -9.46 -9.13
N GLU B 70 -5.18 -8.67 -10.19
CA GLU B 70 -5.50 -9.18 -11.51
C GLU B 70 -4.29 -9.87 -12.12
N THR B 71 -4.33 -11.19 -12.14
CA THR B 71 -3.28 -11.97 -12.75
C THR B 71 -3.85 -13.27 -13.29
N PRO B 72 -3.42 -13.70 -14.49
CA PRO B 72 -3.90 -14.92 -15.12
C PRO B 72 -3.16 -16.17 -14.65
N LYS B 73 -3.21 -17.22 -15.47
CA LYS B 73 -2.50 -18.48 -15.23
C LYS B 73 -3.16 -19.30 -14.12
N THR B 74 -4.36 -18.92 -13.71
CA THR B 74 -5.12 -19.73 -12.78
C THR B 74 -5.63 -20.97 -13.50
N HIS B 75 -5.89 -20.80 -14.80
CA HIS B 75 -6.24 -21.89 -15.72
C HIS B 75 -7.54 -22.58 -15.33
N LEU B 76 -8.63 -22.09 -15.89
CA LEU B 76 -9.92 -22.76 -15.74
C LEU B 76 -9.89 -24.10 -16.45
N GLU B 77 -10.37 -25.13 -15.78
CA GLU B 77 -10.26 -26.48 -16.31
C GLU B 77 -11.60 -27.03 -16.74
N HIS B 78 -11.54 -27.97 -17.67
CA HIS B 78 -12.69 -28.72 -18.10
C HIS B 78 -12.34 -30.20 -18.16
N HIS B 79 -11.13 -30.53 -17.74
CA HIS B 79 -10.69 -31.91 -17.61
C HIS B 79 -11.42 -32.54 -16.43
N HIS B 80 -12.41 -33.36 -16.73
CA HIS B 80 -13.26 -33.93 -15.70
C HIS B 80 -12.76 -35.28 -15.23
N HIS B 81 -13.36 -35.75 -14.15
CA HIS B 81 -13.11 -37.09 -13.64
C HIS B 81 -14.03 -38.07 -14.36
N HIS B 82 -13.70 -39.34 -14.30
CA HIS B 82 -14.55 -40.36 -14.86
C HIS B 82 -15.38 -40.98 -13.76
N HIS B 83 -16.69 -40.88 -13.88
CA HIS B 83 -17.58 -41.42 -12.87
C HIS B 83 -18.14 -42.75 -13.35
N MET A 1 19.64 -1.70 5.29
CA MET A 1 20.26 -1.79 3.95
C MET A 1 19.22 -1.59 2.86
N PRO A 2 19.64 -1.12 1.67
CA PRO A 2 18.73 -0.93 0.54
C PRO A 2 18.22 -2.27 0.00
N ILE A 3 17.02 -2.64 0.42
CA ILE A 3 16.44 -3.92 0.02
C ILE A 3 15.76 -3.83 -1.34
N THR A 4 15.31 -2.64 -1.69
CA THR A 4 14.66 -2.42 -2.98
C THR A 4 15.33 -1.29 -3.74
N SER A 5 16.54 -1.56 -4.23
CA SER A 5 17.36 -0.59 -4.95
C SER A 5 17.81 0.55 -4.03
N LYS A 6 19.07 0.94 -4.15
CA LYS A 6 19.60 2.02 -3.34
C LYS A 6 19.15 3.38 -3.89
N TYR A 7 17.95 3.79 -3.50
CA TYR A 7 17.42 5.09 -3.88
C TYR A 7 17.86 6.15 -2.88
N THR A 8 17.60 7.40 -3.20
CA THR A 8 17.87 8.50 -2.29
C THR A 8 16.88 8.50 -1.14
N ASP A 9 17.39 8.22 0.06
CA ASP A 9 16.56 8.13 1.27
C ASP A 9 15.77 9.42 1.48
N GLU A 10 16.46 10.55 1.30
CA GLU A 10 15.83 11.84 1.43
C GLU A 10 14.72 12.04 0.41
N GLN A 11 14.98 11.68 -0.85
CA GLN A 11 14.00 11.91 -1.91
C GLN A 11 12.74 11.10 -1.66
N VAL A 12 12.89 9.83 -1.29
CA VAL A 12 11.74 8.99 -0.99
C VAL A 12 10.90 9.63 0.10
N GLU A 13 11.58 10.13 1.13
CA GLU A 13 10.91 10.80 2.24
C GLU A 13 10.20 12.07 1.74
N LYS A 14 10.86 12.80 0.85
CA LYS A 14 10.28 14.04 0.32
C LYS A 14 9.06 13.75 -0.55
N ILE A 15 9.15 12.71 -1.38
CA ILE A 15 8.01 12.30 -2.20
C ILE A 15 6.83 11.92 -1.32
N LEU A 16 7.12 11.13 -0.29
CA LEU A 16 6.12 10.74 0.69
C LEU A 16 5.54 11.97 1.38
N ALA A 17 6.41 12.94 1.66
CA ALA A 17 6.00 14.20 2.29
C ALA A 17 5.05 14.98 1.39
N GLU A 18 5.38 15.06 0.09
CA GLU A 18 4.52 15.75 -0.87
C GLU A 18 3.15 15.07 -0.97
N VAL A 19 3.17 13.74 -1.06
CA VAL A 19 1.94 12.96 -1.12
C VAL A 19 1.13 13.15 0.18
N ALA A 20 1.80 13.00 1.31
CA ALA A 20 1.15 13.15 2.61
C ALA A 20 0.62 14.57 2.80
N LEU A 21 1.28 15.54 2.19
CA LEU A 21 0.85 16.93 2.26
C LEU A 21 -0.51 17.09 1.60
N VAL A 22 -0.68 16.49 0.43
CA VAL A 22 -1.93 16.55 -0.30
C VAL A 22 -3.04 15.86 0.51
N LEU A 23 -2.70 14.72 1.10
CA LEU A 23 -3.64 13.97 1.92
C LEU A 23 -3.99 14.75 3.18
N GLU A 24 -2.98 15.37 3.78
CA GLU A 24 -3.15 16.10 5.02
C GLU A 24 -4.11 17.28 4.83
N LYS A 25 -3.86 18.08 3.81
CA LYS A 25 -4.67 19.27 3.54
C LYS A 25 -6.09 18.89 3.11
N HIS A 26 -6.22 17.74 2.47
CA HIS A 26 -7.53 17.24 2.05
C HIS A 26 -8.24 16.55 3.20
N ALA A 27 -7.56 16.43 4.34
CA ALA A 27 -8.10 15.74 5.51
C ALA A 27 -8.55 14.34 5.15
N ALA A 28 -7.71 13.63 4.41
CA ALA A 28 -8.03 12.29 3.93
C ALA A 28 -8.13 11.32 5.09
N SER A 29 -9.32 10.75 5.27
CA SER A 29 -9.58 9.77 6.31
C SER A 29 -8.63 8.58 6.17
N PRO A 30 -8.32 7.88 7.28
CA PRO A 30 -7.43 6.72 7.25
C PRO A 30 -7.83 5.67 6.22
N GLU A 31 -9.11 5.32 6.19
CA GLU A 31 -9.62 4.35 5.21
C GLU A 31 -9.34 4.86 3.79
N LEU A 32 -9.62 6.13 3.56
CA LEU A 32 -9.41 6.75 2.25
C LEU A 32 -7.92 6.77 1.91
N THR A 33 -7.11 7.27 2.83
CA THR A 33 -5.67 7.34 2.65
C THR A 33 -5.08 5.98 2.32
N LEU A 34 -5.44 4.98 3.10
CA LEU A 34 -4.89 3.65 2.94
C LEU A 34 -5.45 2.97 1.69
N MET A 35 -6.68 3.30 1.33
CA MET A 35 -7.27 2.79 0.09
C MET A 35 -6.54 3.37 -1.11
N ILE A 36 -6.11 4.62 -0.99
CA ILE A 36 -5.30 5.26 -2.02
C ILE A 36 -4.00 4.49 -2.22
N ALA A 37 -3.39 4.08 -1.11
CA ALA A 37 -2.18 3.26 -1.16
C ALA A 37 -2.46 1.94 -1.88
N GLY A 38 -3.64 1.38 -1.62
CA GLY A 38 -4.06 0.17 -2.29
C GLY A 38 -4.31 0.39 -3.76
N ASN A 39 -4.89 1.54 -4.08
CA ASN A 39 -5.18 1.91 -5.47
C ASN A 39 -3.88 1.93 -6.26
N ILE A 40 -2.84 2.52 -5.66
CA ILE A 40 -1.52 2.55 -6.25
C ILE A 40 -1.01 1.13 -6.50
N ALA A 41 -0.96 0.33 -5.42
CA ALA A 41 -0.45 -1.04 -5.50
C ALA A 41 -1.20 -1.84 -6.56
N THR A 42 -2.53 -1.76 -6.54
CA THR A 42 -3.36 -2.48 -7.49
C THR A 42 -2.95 -2.17 -8.92
N ASN A 43 -2.96 -0.89 -9.26
CA ASN A 43 -2.69 -0.47 -10.63
C ASN A 43 -1.27 -0.87 -11.06
N VAL A 44 -0.32 -0.71 -10.15
CA VAL A 44 1.07 -1.04 -10.43
C VAL A 44 1.24 -2.55 -10.64
N LEU A 45 0.57 -3.33 -9.81
CA LEU A 45 0.62 -4.78 -9.94
C LEU A 45 -0.05 -5.23 -11.24
N ASN A 46 -1.22 -4.66 -11.51
CA ASN A 46 -2.04 -5.04 -12.65
C ASN A 46 -1.40 -4.65 -13.98
N GLN A 47 -0.91 -3.41 -14.07
CA GLN A 47 -0.51 -2.86 -15.36
C GLN A 47 0.90 -2.28 -15.35
N ARG A 48 1.80 -2.84 -14.56
CA ARG A 48 3.18 -2.36 -14.54
C ARG A 48 4.17 -3.46 -14.16
N VAL A 49 3.88 -4.20 -13.10
CA VAL A 49 4.78 -5.24 -12.64
C VAL A 49 4.57 -6.51 -13.46
N ALA A 50 5.62 -7.31 -13.56
CA ALA A 50 5.56 -8.57 -14.28
C ALA A 50 4.59 -9.53 -13.60
N ALA A 51 3.81 -10.26 -14.39
CA ALA A 51 2.88 -11.26 -13.86
C ALA A 51 3.63 -12.32 -13.07
N SER A 52 4.82 -12.68 -13.55
CA SER A 52 5.68 -13.65 -12.88
C SER A 52 6.16 -13.09 -11.53
N GLN A 53 6.18 -11.77 -11.43
CA GLN A 53 6.65 -11.09 -10.23
C GLN A 53 5.48 -10.72 -9.32
N ARG A 54 4.30 -10.64 -9.93
CA ARG A 54 3.12 -10.05 -9.32
C ARG A 54 2.81 -10.65 -7.94
N LYS A 55 2.77 -11.97 -7.86
CA LYS A 55 2.42 -12.62 -6.61
C LYS A 55 3.55 -12.48 -5.59
N LEU A 56 4.78 -12.61 -6.07
CA LEU A 56 5.96 -12.58 -5.21
C LEU A 56 6.15 -11.17 -4.64
N ILE A 57 6.01 -10.17 -5.49
CA ILE A 57 6.22 -8.79 -5.08
C ILE A 57 5.08 -8.33 -4.17
N ALA A 58 3.91 -8.96 -4.30
CA ALA A 58 2.79 -8.68 -3.41
C ALA A 58 3.10 -9.20 -2.00
N GLU A 59 3.75 -10.36 -1.95
CA GLU A 59 4.21 -10.92 -0.67
C GLU A 59 5.21 -9.97 -0.03
N LYS A 60 6.13 -9.45 -0.85
CA LYS A 60 7.13 -8.49 -0.39
C LYS A 60 6.45 -7.26 0.21
N PHE A 61 5.42 -6.79 -0.47
CA PHE A 61 4.65 -5.63 -0.03
C PHE A 61 4.03 -5.89 1.34
N ALA A 62 3.29 -6.98 1.45
CA ALA A 62 2.65 -7.37 2.71
C ALA A 62 3.69 -7.56 3.80
N GLN A 63 4.79 -8.23 3.47
CA GLN A 63 5.86 -8.48 4.42
C GLN A 63 6.46 -7.18 4.93
N ALA A 64 6.67 -6.21 4.03
CA ALA A 64 7.23 -4.92 4.40
C ALA A 64 6.33 -4.24 5.44
N LEU A 65 5.03 -4.26 5.18
CA LEU A 65 4.05 -3.69 6.11
C LEU A 65 4.14 -4.37 7.47
N MET A 66 4.16 -5.69 7.47
CA MET A 66 4.15 -6.46 8.71
C MET A 66 5.47 -6.32 9.48
N SER A 67 6.56 -6.21 8.75
CA SER A 67 7.88 -6.16 9.38
C SER A 67 8.17 -4.78 9.98
N SER A 68 7.54 -3.75 9.43
CA SER A 68 7.73 -2.40 9.96
C SER A 68 6.50 -1.95 10.77
N LEU A 69 5.60 -2.88 11.05
CA LEU A 69 4.39 -2.59 11.78
C LEU A 69 4.67 -2.48 13.27
N GLU A 70 4.16 -1.43 13.89
CA GLU A 70 4.27 -1.25 15.34
C GLU A 70 3.38 -2.26 16.07
N THR A 71 3.97 -3.37 16.44
CA THR A 71 3.25 -4.38 17.19
C THR A 71 3.36 -4.12 18.70
N PRO A 72 2.34 -4.52 19.47
CA PRO A 72 2.34 -4.33 20.92
C PRO A 72 3.34 -5.23 21.64
N LYS A 73 4.63 -4.96 21.44
CA LYS A 73 5.68 -5.71 22.10
C LYS A 73 6.11 -5.00 23.38
N THR A 74 5.30 -4.03 23.78
CA THR A 74 5.52 -3.30 25.01
C THR A 74 5.09 -4.13 26.22
N HIS A 75 6.02 -4.93 26.72
CA HIS A 75 5.74 -5.77 27.88
C HIS A 75 6.85 -5.59 28.91
N LEU A 76 6.69 -4.59 29.76
CA LEU A 76 7.69 -4.24 30.75
C LEU A 76 7.09 -3.33 31.80
N GLU A 77 7.57 -3.43 33.02
CA GLU A 77 7.12 -2.55 34.09
C GLU A 77 8.32 -1.79 34.64
N HIS A 78 8.44 -0.52 34.26
CA HIS A 78 9.54 0.33 34.72
C HIS A 78 9.07 1.27 35.83
N HIS A 79 8.11 0.80 36.62
CA HIS A 79 7.53 1.61 37.68
C HIS A 79 8.21 1.28 39.01
N HIS A 80 8.43 -0.01 39.24
CA HIS A 80 9.08 -0.49 40.44
C HIS A 80 9.91 -1.72 40.14
N HIS A 81 9.43 -2.55 39.21
CA HIS A 81 10.10 -3.81 38.89
C HIS A 81 11.45 -3.58 38.23
N HIS A 82 11.48 -2.83 37.14
CA HIS A 82 12.74 -2.54 36.48
C HIS A 82 12.90 -1.03 36.28
N HIS A 83 13.39 -0.37 37.31
CA HIS A 83 13.65 1.06 37.25
C HIS A 83 14.92 1.37 38.03
N MET B 1 -19.42 1.93 -3.16
CA MET B 1 -19.56 0.53 -2.70
C MET B 1 -19.76 0.51 -1.19
N PRO B 2 -20.59 -0.42 -0.66
CA PRO B 2 -20.82 -0.55 0.79
C PRO B 2 -19.54 -0.67 1.60
N ILE B 3 -18.49 -1.19 0.98
CA ILE B 3 -17.19 -1.31 1.64
C ILE B 3 -16.12 -0.56 0.85
N THR B 4 -15.05 -0.16 1.53
CA THR B 4 -13.91 0.50 0.91
C THR B 4 -14.27 1.89 0.38
N SER B 5 -14.85 1.95 -0.81
CA SER B 5 -15.11 3.22 -1.46
C SER B 5 -16.52 3.71 -1.15
N LYS B 6 -16.64 4.46 -0.05
CA LYS B 6 -17.93 5.03 0.35
C LYS B 6 -17.88 6.55 0.21
N TYR B 7 -16.88 7.04 -0.51
CA TYR B 7 -16.56 8.47 -0.50
C TYR B 7 -16.81 9.08 -1.87
N THR B 8 -16.42 10.34 -2.01
CA THR B 8 -16.52 11.04 -3.29
C THR B 8 -15.53 10.46 -4.30
N ASP B 9 -16.06 9.80 -5.32
CA ASP B 9 -15.25 9.21 -6.38
C ASP B 9 -14.36 10.27 -7.01
N GLU B 10 -14.92 11.46 -7.15
CA GLU B 10 -14.20 12.60 -7.71
C GLU B 10 -12.92 12.84 -6.93
N GLN B 11 -13.04 13.05 -5.63
CA GLN B 11 -11.88 13.39 -4.81
C GLN B 11 -10.85 12.27 -4.83
N VAL B 12 -11.30 11.02 -4.79
CA VAL B 12 -10.40 9.88 -4.87
C VAL B 12 -9.54 9.99 -6.14
N GLU B 13 -10.20 10.21 -7.27
CA GLU B 13 -9.51 10.32 -8.55
C GLU B 13 -8.58 11.52 -8.58
N LYS B 14 -9.07 12.67 -8.11
CA LYS B 14 -8.30 13.91 -8.20
C LYS B 14 -7.06 13.85 -7.31
N ILE B 15 -7.18 13.19 -6.15
CA ILE B 15 -6.03 13.02 -5.27
C ILE B 15 -5.02 12.07 -5.90
N LEU B 16 -5.52 10.96 -6.44
CA LEU B 16 -4.66 10.01 -7.14
C LEU B 16 -3.90 10.69 -8.26
N ALA B 17 -4.56 11.63 -8.94
CA ALA B 17 -3.94 12.40 -10.00
C ALA B 17 -2.80 13.25 -9.45
N GLU B 18 -3.05 13.93 -8.33
CA GLU B 18 -2.02 14.78 -7.71
C GLU B 18 -0.85 13.93 -7.24
N VAL B 19 -1.15 12.79 -6.66
CA VAL B 19 -0.11 11.86 -6.21
C VAL B 19 0.69 11.35 -7.41
N ALA B 20 -0.01 11.03 -8.49
CA ALA B 20 0.64 10.58 -9.70
C ALA B 20 1.54 11.65 -10.28
N LEU B 21 1.16 12.91 -10.09
CA LEU B 21 1.96 14.03 -10.54
C LEU B 21 3.27 14.10 -9.77
N VAL B 22 3.24 13.75 -8.50
CA VAL B 22 4.45 13.71 -7.68
C VAL B 22 5.37 12.60 -8.19
N LEU B 23 4.78 11.46 -8.49
CA LEU B 23 5.51 10.33 -9.07
C LEU B 23 6.07 10.71 -10.42
N GLU B 24 5.25 11.37 -11.23
CA GLU B 24 5.64 11.83 -12.55
C GLU B 24 6.80 12.83 -12.46
N LYS B 25 6.70 13.73 -11.49
CA LYS B 25 7.68 14.79 -11.31
C LYS B 25 9.05 14.20 -10.96
N HIS B 26 9.07 13.22 -10.08
CA HIS B 26 10.32 12.61 -9.65
C HIS B 26 10.74 11.47 -10.57
N ALA B 27 9.89 11.14 -11.54
CA ALA B 27 10.13 10.04 -12.46
C ALA B 27 10.32 8.73 -11.70
N ALA B 28 9.40 8.48 -10.78
CA ALA B 28 9.47 7.32 -9.89
C ALA B 28 9.37 6.01 -10.66
N SER B 29 10.30 5.10 -10.37
CA SER B 29 10.27 3.75 -10.93
C SER B 29 9.10 2.96 -10.35
N PRO B 30 8.60 1.94 -11.07
CA PRO B 30 7.46 1.12 -10.62
C PRO B 30 7.60 0.61 -9.19
N GLU B 31 8.74 0.02 -8.87
CA GLU B 31 8.97 -0.51 -7.53
C GLU B 31 9.04 0.63 -6.51
N LEU B 32 9.61 1.76 -6.91
CA LEU B 32 9.66 2.93 -6.06
C LEU B 32 8.24 3.40 -5.77
N THR B 33 7.42 3.43 -6.81
CA THR B 33 6.01 3.79 -6.70
C THR B 33 5.29 2.87 -5.72
N LEU B 34 5.45 1.57 -5.91
CA LEU B 34 4.76 0.59 -5.09
C LEU B 34 5.30 0.59 -3.66
N MET B 35 6.60 0.78 -3.52
CA MET B 35 7.22 0.86 -2.20
C MET B 35 6.75 2.11 -1.47
N ILE B 36 6.48 3.17 -2.23
CA ILE B 36 5.89 4.38 -1.68
C ILE B 36 4.49 4.10 -1.12
N ALA B 37 3.70 3.36 -1.88
CA ALA B 37 2.37 2.95 -1.43
C ALA B 37 2.46 2.18 -0.12
N GLY B 38 3.47 1.33 -0.02
CA GLY B 38 3.71 0.59 1.20
C GLY B 38 4.01 1.51 2.37
N ASN B 39 4.86 2.49 2.13
CA ASN B 39 5.21 3.48 3.15
C ASN B 39 3.97 4.25 3.60
N ILE B 40 3.09 4.58 2.65
CA ILE B 40 1.84 5.27 2.98
C ILE B 40 1.03 4.43 3.96
N ALA B 41 0.72 3.19 3.56
CA ALA B 41 -0.04 2.27 4.39
C ALA B 41 0.63 2.09 5.76
N THR B 42 1.94 1.88 5.75
CA THR B 42 2.69 1.67 6.99
C THR B 42 2.59 2.88 7.91
N ASN B 43 2.70 4.08 7.35
CA ASN B 43 2.57 5.31 8.14
C ASN B 43 1.18 5.36 8.76
N VAL B 44 0.16 5.02 7.97
CA VAL B 44 -1.21 4.98 8.46
C VAL B 44 -1.35 3.94 9.57
N LEU B 45 -0.79 2.76 9.34
CA LEU B 45 -0.89 1.65 10.30
C LEU B 45 -0.16 1.96 11.60
N ASN B 46 0.79 2.86 11.56
CA ASN B 46 1.58 3.17 12.76
C ASN B 46 1.08 4.44 13.45
N GLN B 47 0.73 5.46 12.68
CA GLN B 47 0.34 6.75 13.27
C GLN B 47 -1.17 7.00 13.22
N ARG B 48 -1.81 6.61 12.12
CA ARG B 48 -3.16 7.09 11.85
C ARG B 48 -4.21 6.01 12.06
N VAL B 49 -3.90 5.01 12.88
CA VAL B 49 -4.86 3.95 13.17
C VAL B 49 -4.69 3.46 14.61
N ALA B 50 -5.70 2.76 15.12
CA ALA B 50 -5.66 2.22 16.46
C ALA B 50 -4.71 1.03 16.56
N ALA B 51 -4.08 0.86 17.71
CA ALA B 51 -3.09 -0.19 17.92
C ALA B 51 -3.68 -1.58 17.71
N SER B 52 -4.91 -1.77 18.16
CA SER B 52 -5.58 -3.05 18.04
C SER B 52 -6.14 -3.24 16.62
N GLN B 53 -6.28 -2.13 15.90
CA GLN B 53 -6.84 -2.18 14.56
C GLN B 53 -5.74 -2.48 13.53
N ARG B 54 -4.48 -2.21 13.92
CA ARG B 54 -3.34 -2.28 12.99
C ARG B 54 -3.35 -3.55 12.15
N LYS B 55 -3.34 -4.70 12.80
CA LYS B 55 -3.24 -5.96 12.08
C LYS B 55 -4.53 -6.28 11.34
N LEU B 56 -5.67 -6.00 11.97
CA LEU B 56 -6.97 -6.26 11.38
C LEU B 56 -7.11 -5.50 10.07
N ILE B 57 -6.83 -4.20 10.13
CA ILE B 57 -7.00 -3.33 8.98
C ILE B 57 -5.92 -3.60 7.94
N ALA B 58 -4.81 -4.21 8.38
CA ALA B 58 -3.70 -4.53 7.49
C ALA B 58 -4.07 -5.69 6.57
N GLU B 59 -4.62 -6.76 7.15
CA GLU B 59 -5.00 -7.92 6.36
C GLU B 59 -6.33 -7.69 5.66
N LYS B 60 -7.14 -6.81 6.25
CA LYS B 60 -8.34 -6.30 5.57
C LYS B 60 -7.93 -5.64 4.27
N PHE B 61 -6.91 -4.81 4.35
CA PHE B 61 -6.32 -4.16 3.19
C PHE B 61 -5.75 -5.19 2.22
N ALA B 62 -4.92 -6.10 2.75
CA ALA B 62 -4.27 -7.12 1.94
C ALA B 62 -5.28 -7.97 1.19
N GLN B 63 -6.38 -8.33 1.86
CA GLN B 63 -7.41 -9.15 1.25
C GLN B 63 -8.05 -8.41 0.07
N ALA B 64 -8.37 -7.13 0.29
CA ALA B 64 -8.97 -6.31 -0.76
C ALA B 64 -8.02 -6.14 -1.94
N LEU B 65 -6.74 -5.97 -1.63
CA LEU B 65 -5.71 -5.83 -2.65
C LEU B 65 -5.65 -7.08 -3.53
N MET B 66 -5.67 -8.25 -2.89
CA MET B 66 -5.63 -9.51 -3.61
C MET B 66 -6.93 -9.72 -4.40
N SER B 67 -8.02 -9.21 -3.86
CA SER B 67 -9.32 -9.35 -4.49
C SER B 67 -9.38 -8.55 -5.80
N SER B 68 -8.66 -7.43 -5.85
CA SER B 68 -8.68 -6.59 -7.03
C SER B 68 -7.40 -6.76 -7.84
N LEU B 69 -6.64 -7.80 -7.50
CA LEU B 69 -5.38 -8.08 -8.18
C LEU B 69 -5.62 -8.79 -9.51
N GLU B 70 -4.92 -8.34 -10.54
CA GLU B 70 -4.96 -8.97 -11.85
C GLU B 70 -4.35 -10.37 -11.79
N THR B 71 -5.21 -11.37 -11.64
CA THR B 71 -4.77 -12.75 -11.61
C THR B 71 -5.60 -13.58 -12.59
N PRO B 72 -4.97 -14.05 -13.68
CA PRO B 72 -5.63 -14.87 -14.68
C PRO B 72 -6.06 -16.22 -14.13
N LYS B 73 -7.35 -16.35 -13.87
CA LYS B 73 -7.90 -17.57 -13.30
C LYS B 73 -8.21 -18.57 -14.41
N THR B 74 -7.16 -19.14 -14.99
CA THR B 74 -7.31 -20.08 -16.09
C THR B 74 -6.79 -21.46 -15.71
N HIS B 75 -7.23 -22.47 -16.45
CA HIS B 75 -6.76 -23.84 -16.25
C HIS B 75 -5.25 -23.91 -16.43
N LEU B 76 -4.53 -24.11 -15.33
CA LEU B 76 -3.08 -24.03 -15.33
C LEU B 76 -2.46 -25.43 -15.32
N GLU B 77 -2.88 -26.25 -14.36
CA GLU B 77 -2.25 -27.54 -14.16
C GLU B 77 -2.85 -28.60 -15.09
N HIS B 78 -1.96 -29.41 -15.66
CA HIS B 78 -2.34 -30.49 -16.56
C HIS B 78 -1.12 -31.39 -16.79
N HIS B 79 -1.05 -32.50 -16.06
CA HIS B 79 0.15 -33.33 -16.10
C HIS B 79 -0.18 -34.80 -16.36
N HIS B 80 -1.25 -35.09 -17.09
CA HIS B 80 -1.45 -36.43 -17.59
C HIS B 80 -0.44 -36.66 -18.71
N HIS B 81 -0.38 -35.69 -19.62
CA HIS B 81 0.79 -35.51 -20.46
C HIS B 81 1.87 -34.89 -19.58
N HIS B 82 3.04 -35.50 -19.51
CA HIS B 82 4.04 -35.15 -18.51
C HIS B 82 4.29 -33.64 -18.41
N HIS B 83 4.17 -33.14 -17.19
CA HIS B 83 4.40 -31.73 -16.92
C HIS B 83 5.56 -31.60 -15.94
N MET A 1 12.05 -4.11 6.06
CA MET A 1 12.85 -5.00 5.20
C MET A 1 13.73 -4.18 4.25
N PRO A 2 15.05 -4.21 4.46
CA PRO A 2 16.00 -3.37 3.74
C PRO A 2 16.59 -4.03 2.49
N ILE A 3 15.77 -4.73 1.73
CA ILE A 3 16.23 -5.33 0.47
C ILE A 3 15.87 -4.41 -0.68
N THR A 4 14.98 -3.46 -0.41
CA THR A 4 14.46 -2.56 -1.42
C THR A 4 15.55 -1.68 -2.02
N SER A 5 15.39 -1.32 -3.28
CA SER A 5 16.34 -0.47 -3.99
C SER A 5 16.61 0.82 -3.23
N LYS A 6 17.88 1.06 -2.94
CA LYS A 6 18.30 2.25 -2.23
C LYS A 6 18.44 3.40 -3.21
N TYR A 7 17.37 4.14 -3.38
CA TYR A 7 17.40 5.37 -4.17
C TYR A 7 17.88 6.53 -3.30
N THR A 8 17.76 7.73 -3.84
CA THR A 8 18.04 8.93 -3.08
C THR A 8 17.06 9.04 -1.92
N ASP A 9 17.58 8.95 -0.70
CA ASP A 9 16.72 8.92 0.50
C ASP A 9 15.96 10.22 0.69
N GLU A 10 16.59 11.35 0.35
CA GLU A 10 15.88 12.63 0.41
C GLU A 10 14.78 12.68 -0.63
N GLN A 11 15.04 12.12 -1.80
CA GLN A 11 14.03 12.04 -2.85
C GLN A 11 12.77 11.39 -2.32
N VAL A 12 12.91 10.19 -1.77
CA VAL A 12 11.78 9.46 -1.18
C VAL A 12 11.12 10.28 -0.07
N GLU A 13 11.94 10.78 0.84
CA GLU A 13 11.48 11.55 1.99
C GLU A 13 10.64 12.74 1.55
N LYS A 14 11.12 13.46 0.54
CA LYS A 14 10.46 14.66 0.07
C LYS A 14 9.21 14.34 -0.73
N ILE A 15 9.22 13.21 -1.43
CA ILE A 15 8.03 12.75 -2.14
C ILE A 15 6.92 12.43 -1.15
N LEU A 16 7.28 11.70 -0.10
CA LEU A 16 6.32 11.34 0.94
C LEU A 16 5.71 12.59 1.59
N ALA A 17 6.53 13.63 1.72
CA ALA A 17 6.07 14.90 2.29
C ALA A 17 5.01 15.52 1.39
N GLU A 18 5.20 15.41 0.10
CA GLU A 18 4.25 15.93 -0.87
C GLU A 18 2.98 15.08 -0.86
N VAL A 19 3.14 13.76 -0.80
CA VAL A 19 2.00 12.84 -0.77
C VAL A 19 1.11 13.13 0.44
N ALA A 20 1.73 13.32 1.60
CA ALA A 20 1.01 13.65 2.81
C ALA A 20 0.28 14.99 2.66
N LEU A 21 0.98 15.95 2.05
CA LEU A 21 0.41 17.27 1.82
C LEU A 21 -0.82 17.18 0.92
N VAL A 22 -0.77 16.27 -0.04
CA VAL A 22 -1.91 16.03 -0.93
C VAL A 22 -3.12 15.52 -0.14
N LEU A 23 -2.85 14.67 0.83
CA LEU A 23 -3.91 14.09 1.65
C LEU A 23 -4.55 15.15 2.54
N GLU A 24 -3.73 16.04 3.09
CA GLU A 24 -4.24 17.16 3.87
C GLU A 24 -5.08 18.10 3.01
N LYS A 25 -4.68 18.25 1.73
CA LYS A 25 -5.42 19.09 0.78
C LYS A 25 -6.85 18.59 0.59
N HIS A 26 -7.09 17.33 0.94
CA HIS A 26 -8.42 16.74 0.78
C HIS A 26 -8.99 16.25 2.10
N ALA A 27 -8.28 16.54 3.19
CA ALA A 27 -8.68 16.10 4.53
C ALA A 27 -8.93 14.60 4.56
N ALA A 28 -8.00 13.84 3.97
CA ALA A 28 -8.14 12.41 3.83
C ALA A 28 -8.22 11.70 5.17
N SER A 29 -9.13 10.74 5.25
CA SER A 29 -9.27 9.91 6.43
C SER A 29 -8.26 8.77 6.38
N PRO A 30 -8.00 8.10 7.52
CA PRO A 30 -7.11 6.93 7.55
C PRO A 30 -7.55 5.86 6.56
N GLU A 31 -8.86 5.68 6.47
CA GLU A 31 -9.46 4.72 5.56
C GLU A 31 -9.16 5.09 4.11
N LEU A 32 -9.45 6.35 3.76
CA LEU A 32 -9.18 6.87 2.43
C LEU A 32 -7.69 6.83 2.11
N THR A 33 -6.88 7.17 3.11
CA THR A 33 -5.42 7.18 2.97
C THR A 33 -4.90 5.80 2.54
N LEU A 34 -5.38 4.76 3.21
CA LEU A 34 -4.89 3.43 2.94
C LEU A 34 -5.40 2.93 1.60
N MET A 35 -6.58 3.38 1.19
CA MET A 35 -7.11 3.02 -0.11
C MET A 35 -6.28 3.66 -1.21
N ILE A 36 -5.79 4.87 -0.95
CA ILE A 36 -4.85 5.53 -1.86
C ILE A 36 -3.64 4.62 -2.07
N ALA A 37 -3.07 4.16 -0.97
CA ALA A 37 -1.94 3.25 -1.01
C ALA A 37 -2.30 1.95 -1.74
N GLY A 38 -3.47 1.41 -1.41
CA GLY A 38 -3.96 0.21 -2.04
C GLY A 38 -4.12 0.35 -3.54
N ASN A 39 -4.71 1.45 -3.97
CA ASN A 39 -4.92 1.70 -5.39
C ASN A 39 -3.58 1.90 -6.09
N ILE A 40 -2.62 2.51 -5.40
CA ILE A 40 -1.27 2.63 -5.93
C ILE A 40 -0.70 1.25 -6.23
N ALA A 41 -0.71 0.38 -5.22
CA ALA A 41 -0.23 -0.98 -5.37
C ALA A 41 -0.99 -1.71 -6.47
N THR A 42 -2.31 -1.55 -6.47
CA THR A 42 -3.14 -2.19 -7.48
C THR A 42 -2.79 -1.71 -8.88
N ASN A 43 -2.60 -0.40 -9.03
CA ASN A 43 -2.21 0.18 -10.32
C ASN A 43 -0.88 -0.42 -10.79
N VAL A 44 0.04 -0.57 -9.84
CA VAL A 44 1.32 -1.20 -10.12
C VAL A 44 1.09 -2.65 -10.53
N LEU A 45 0.30 -3.38 -9.74
CA LEU A 45 0.00 -4.78 -10.01
C LEU A 45 -0.70 -4.96 -11.35
N ASN A 46 -1.29 -3.88 -11.87
CA ASN A 46 -1.97 -3.93 -13.15
C ASN A 46 -1.01 -3.63 -14.29
N GLN A 47 -0.39 -2.47 -14.27
CA GLN A 47 0.37 -1.99 -15.42
C GLN A 47 1.86 -1.87 -15.13
N ARG A 48 2.23 -1.56 -13.90
CA ARG A 48 3.60 -1.18 -13.58
C ARG A 48 4.41 -2.36 -13.04
N VAL A 49 3.89 -3.57 -13.24
CA VAL A 49 4.60 -4.76 -12.80
C VAL A 49 4.48 -5.85 -13.86
N ALA A 50 5.36 -6.85 -13.79
CA ALA A 50 5.31 -7.98 -14.71
C ALA A 50 4.18 -8.93 -14.30
N ALA A 51 3.57 -9.57 -15.30
CA ALA A 51 2.47 -10.49 -15.06
C ALA A 51 2.88 -11.61 -14.10
N SER A 52 4.08 -12.12 -14.29
CA SER A 52 4.59 -13.21 -13.45
C SER A 52 5.06 -12.69 -12.09
N GLN A 53 4.99 -11.37 -11.90
CA GLN A 53 5.47 -10.77 -10.66
C GLN A 53 4.32 -10.31 -9.77
N ARG A 54 3.13 -10.16 -10.36
CA ARG A 54 1.99 -9.54 -9.67
C ARG A 54 1.77 -10.12 -8.27
N LYS A 55 1.47 -11.40 -8.20
CA LYS A 55 1.11 -12.03 -6.93
C LYS A 55 2.34 -12.11 -6.01
N LEU A 56 3.50 -12.33 -6.60
CA LEU A 56 4.73 -12.47 -5.83
C LEU A 56 5.13 -11.17 -5.16
N ILE A 57 5.10 -10.09 -5.92
CA ILE A 57 5.50 -8.78 -5.40
C ILE A 57 4.47 -8.30 -4.37
N ALA A 58 3.24 -8.76 -4.51
CA ALA A 58 2.20 -8.48 -3.53
C ALA A 58 2.49 -9.19 -2.21
N GLU A 59 2.96 -10.43 -2.30
CA GLU A 59 3.35 -11.18 -1.12
C GLU A 59 4.54 -10.51 -0.42
N LYS A 60 5.54 -10.15 -1.22
CA LYS A 60 6.71 -9.43 -0.71
C LYS A 60 6.27 -8.16 0.04
N PHE A 61 5.36 -7.42 -0.58
CA PHE A 61 4.80 -6.21 0.02
C PHE A 61 4.12 -6.52 1.35
N ALA A 62 3.24 -7.52 1.34
CA ALA A 62 2.50 -7.89 2.53
C ALA A 62 3.43 -8.33 3.66
N GLN A 63 4.43 -9.14 3.32
CA GLN A 63 5.40 -9.62 4.29
C GLN A 63 6.16 -8.46 4.93
N ALA A 64 6.52 -7.48 4.12
CA ALA A 64 7.22 -6.29 4.61
C ALA A 64 6.30 -5.47 5.52
N LEU A 65 5.03 -5.43 5.17
CA LEU A 65 4.05 -4.67 5.94
C LEU A 65 3.80 -5.34 7.30
N MET A 66 3.72 -6.67 7.30
CA MET A 66 3.44 -7.42 8.52
C MET A 66 4.64 -7.39 9.47
N SER A 67 5.84 -7.31 8.91
CA SER A 67 7.04 -7.27 9.73
C SER A 67 7.27 -5.87 10.29
N SER A 68 6.72 -4.88 9.60
CA SER A 68 6.80 -3.49 10.06
C SER A 68 5.60 -3.16 10.94
N LEU A 69 4.71 -4.14 11.10
CA LEU A 69 3.51 -3.96 11.92
C LEU A 69 3.88 -3.98 13.39
N GLU A 70 3.67 -2.85 14.06
CA GLU A 70 4.00 -2.72 15.47
C GLU A 70 2.85 -3.20 16.35
N THR A 71 3.00 -4.39 16.90
CA THR A 71 2.02 -4.92 17.83
C THR A 71 2.72 -5.36 19.11
N PRO A 72 2.69 -4.49 20.14
CA PRO A 72 3.41 -4.71 21.41
C PRO A 72 2.67 -5.64 22.36
N LYS A 73 2.36 -6.84 21.89
CA LYS A 73 1.68 -7.83 22.71
C LYS A 73 2.67 -8.67 23.52
N THR A 74 3.87 -8.14 23.68
CA THR A 74 4.94 -8.84 24.39
C THR A 74 4.77 -8.75 25.90
N HIS A 75 3.91 -7.85 26.35
CA HIS A 75 3.63 -7.71 27.79
C HIS A 75 2.16 -8.01 28.08
N LEU A 76 1.41 -8.34 27.05
CA LEU A 76 -0.02 -8.58 27.19
C LEU A 76 -0.56 -9.36 26.01
N GLU A 77 -1.09 -10.54 26.27
CA GLU A 77 -1.75 -11.32 25.24
C GLU A 77 -3.24 -11.05 25.29
N HIS A 78 -3.93 -11.31 24.18
CA HIS A 78 -5.36 -11.14 24.16
C HIS A 78 -6.00 -12.38 24.79
N HIS A 79 -6.75 -12.16 25.86
CA HIS A 79 -7.24 -13.25 26.70
C HIS A 79 -8.26 -14.12 25.99
N HIS A 80 -7.74 -15.10 25.27
CA HIS A 80 -8.56 -16.18 24.72
C HIS A 80 -8.22 -17.46 25.48
N HIS A 81 -7.50 -17.27 26.57
CA HIS A 81 -7.05 -18.36 27.41
C HIS A 81 -8.10 -18.71 28.45
N HIS A 82 -7.85 -19.79 29.19
CA HIS A 82 -8.77 -20.31 30.20
C HIS A 82 -9.98 -20.97 29.55
N HIS A 83 -10.01 -22.28 29.59
CA HIS A 83 -11.11 -23.05 29.03
C HIS A 83 -11.47 -24.20 29.97
N MET B 1 -20.16 0.94 8.45
CA MET B 1 -19.04 0.10 8.93
C MET B 1 -17.73 0.67 8.42
N PRO B 2 -16.62 0.39 9.10
CA PRO B 2 -15.29 0.90 8.71
C PRO B 2 -14.82 0.36 7.36
N ILE B 3 -15.28 1.01 6.30
CA ILE B 3 -14.86 0.68 4.95
C ILE B 3 -14.55 1.97 4.21
N THR B 4 -13.45 1.96 3.47
CA THR B 4 -13.03 3.13 2.71
C THR B 4 -14.02 3.42 1.57
N SER B 5 -15.04 4.18 1.91
CA SER B 5 -16.08 4.61 0.99
C SER B 5 -16.77 5.82 1.59
N LYS B 6 -17.89 6.25 0.99
CA LYS B 6 -18.64 7.41 1.47
C LYS B 6 -17.89 8.69 1.09
N TYR B 7 -16.91 8.53 0.21
CA TYR B 7 -16.12 9.65 -0.28
C TYR B 7 -16.41 9.85 -1.76
N THR B 8 -16.12 11.02 -2.28
CA THR B 8 -16.24 11.29 -3.71
C THR B 8 -15.29 10.38 -4.50
N ASP B 9 -15.85 9.45 -5.28
CA ASP B 9 -15.04 8.50 -6.03
C ASP B 9 -14.07 9.21 -6.97
N GLU B 10 -14.60 10.17 -7.70
CA GLU B 10 -13.80 10.98 -8.61
C GLU B 10 -12.67 11.67 -7.86
N GLN B 11 -12.99 12.18 -6.68
CA GLN B 11 -12.01 12.86 -5.85
C GLN B 11 -10.90 11.92 -5.44
N VAL B 12 -11.26 10.66 -5.17
CA VAL B 12 -10.28 9.63 -4.86
C VAL B 12 -9.29 9.48 -6.01
N GLU B 13 -9.81 9.44 -7.23
CA GLU B 13 -8.98 9.35 -8.41
C GLU B 13 -8.12 10.60 -8.57
N LYS B 14 -8.68 11.74 -8.21
CA LYS B 14 -7.96 13.01 -8.26
C LYS B 14 -6.78 13.00 -7.28
N ILE B 15 -7.03 12.50 -6.07
CA ILE B 15 -5.98 12.37 -5.07
C ILE B 15 -4.89 11.44 -5.59
N LEU B 16 -5.31 10.31 -6.15
CA LEU B 16 -4.38 9.35 -6.74
C LEU B 16 -3.55 10.03 -7.83
N ALA B 17 -4.22 10.83 -8.65
CA ALA B 17 -3.57 11.55 -9.74
C ALA B 17 -2.52 12.51 -9.19
N GLU B 18 -2.89 13.26 -8.16
CA GLU B 18 -1.96 14.20 -7.52
C GLU B 18 -0.74 13.46 -6.99
N VAL B 19 -0.97 12.35 -6.30
CA VAL B 19 0.11 11.54 -5.76
C VAL B 19 0.99 10.98 -6.90
N ALA B 20 0.33 10.45 -7.93
CA ALA B 20 1.03 9.91 -9.10
C ALA B 20 1.86 10.99 -9.79
N LEU B 21 1.34 12.21 -9.82
CA LEU B 21 2.06 13.33 -10.41
C LEU B 21 3.26 13.71 -9.57
N VAL B 22 3.16 13.54 -8.26
CA VAL B 22 4.29 13.77 -7.36
C VAL B 22 5.39 12.76 -7.68
N LEU B 23 4.97 11.53 -7.92
CA LEU B 23 5.88 10.47 -8.31
C LEU B 23 6.55 10.81 -9.64
N GLU B 24 5.73 11.14 -10.62
CA GLU B 24 6.19 11.47 -11.97
C GLU B 24 7.09 12.70 -11.94
N LYS B 25 6.77 13.63 -11.05
CA LYS B 25 7.54 14.85 -10.86
C LYS B 25 8.99 14.54 -10.49
N HIS B 26 9.19 13.46 -9.76
CA HIS B 26 10.53 13.07 -9.32
C HIS B 26 11.04 11.88 -10.11
N ALA B 27 10.30 11.51 -11.16
CA ALA B 27 10.66 10.40 -12.03
C ALA B 27 10.71 9.08 -11.25
N ALA B 28 9.82 8.94 -10.27
CA ALA B 28 9.77 7.76 -9.43
C ALA B 28 9.48 6.51 -10.24
N SER B 29 10.32 5.49 -10.03
CA SER B 29 10.16 4.20 -10.70
C SER B 29 8.96 3.45 -10.14
N PRO B 30 8.48 2.41 -10.84
CA PRO B 30 7.43 1.53 -10.32
C PRO B 30 7.81 0.94 -8.97
N GLU B 31 9.09 0.65 -8.79
CA GLU B 31 9.62 0.17 -7.54
C GLU B 31 9.38 1.17 -6.42
N LEU B 32 9.79 2.42 -6.65
CA LEU B 32 9.61 3.48 -5.68
C LEU B 32 8.13 3.78 -5.49
N THR B 33 7.37 3.65 -6.56
CA THR B 33 5.92 3.84 -6.51
C THR B 33 5.28 2.93 -5.46
N LEU B 34 5.54 1.64 -5.56
CA LEU B 34 4.95 0.67 -4.65
C LEU B 34 5.60 0.77 -3.27
N MET B 35 6.88 1.13 -3.26
CA MET B 35 7.61 1.34 -2.01
C MET B 35 6.92 2.42 -1.18
N ILE B 36 6.54 3.49 -1.85
CA ILE B 36 5.86 4.60 -1.21
C ILE B 36 4.48 4.20 -0.72
N ALA B 37 3.78 3.36 -1.49
CA ALA B 37 2.49 2.83 -1.07
C ALA B 37 2.64 2.07 0.25
N GLY B 38 3.72 1.30 0.37
CA GLY B 38 4.01 0.59 1.60
C GLY B 38 4.29 1.54 2.74
N ASN B 39 5.05 2.59 2.45
CA ASN B 39 5.34 3.63 3.44
C ASN B 39 4.06 4.26 3.96
N ILE B 40 3.11 4.49 3.06
CA ILE B 40 1.82 5.04 3.43
C ILE B 40 1.10 4.13 4.43
N ALA B 41 0.90 2.86 4.04
CA ALA B 41 0.22 1.90 4.91
C ALA B 41 0.92 1.79 6.26
N THR B 42 2.25 1.74 6.24
CA THR B 42 3.02 1.62 7.46
C THR B 42 2.87 2.86 8.34
N ASN B 43 2.95 4.03 7.74
CA ASN B 43 2.87 5.29 8.48
C ASN B 43 1.48 5.47 9.08
N VAL B 44 0.47 4.97 8.37
CA VAL B 44 -0.89 4.95 8.90
C VAL B 44 -0.94 4.05 10.13
N LEU B 45 -0.31 2.88 10.03
CA LEU B 45 -0.23 1.95 11.15
C LEU B 45 0.49 2.58 12.33
N ASN B 46 1.48 3.42 12.02
CA ASN B 46 2.26 4.11 13.05
C ASN B 46 1.45 5.22 13.69
N GLN B 47 0.85 6.08 12.88
CA GLN B 47 0.19 7.27 13.39
C GLN B 47 -1.33 7.21 13.26
N ARG B 48 -1.81 7.22 12.02
CA ARG B 48 -3.24 7.41 11.75
C ARG B 48 -4.04 6.11 11.87
N VAL B 49 -3.85 5.37 12.95
CA VAL B 49 -4.65 4.18 13.21
C VAL B 49 -4.53 3.78 14.67
N ALA B 50 -5.44 2.93 15.14
CA ALA B 50 -5.40 2.45 16.51
C ALA B 50 -4.65 1.13 16.58
N ALA B 51 -3.94 0.91 17.70
CA ALA B 51 -3.19 -0.32 17.90
C ALA B 51 -4.07 -1.55 17.75
N SER B 52 -5.30 -1.46 18.27
CA SER B 52 -6.26 -2.55 18.18
C SER B 52 -6.69 -2.79 16.74
N GLN B 53 -6.49 -1.80 15.88
CA GLN B 53 -6.94 -1.88 14.50
C GLN B 53 -5.79 -2.30 13.59
N ARG B 54 -4.57 -2.15 14.07
CA ARG B 54 -3.37 -2.34 13.25
C ARG B 54 -3.36 -3.67 12.52
N LYS B 55 -3.45 -4.77 13.24
CA LYS B 55 -3.40 -6.10 12.62
C LYS B 55 -4.60 -6.29 11.69
N LEU B 56 -5.78 -5.91 12.15
CA LEU B 56 -7.01 -6.12 11.39
C LEU B 56 -6.97 -5.35 10.08
N ILE B 57 -6.65 -4.07 10.15
CA ILE B 57 -6.74 -3.19 9.00
C ILE B 57 -5.66 -3.53 7.97
N ALA B 58 -4.51 -4.01 8.43
CA ALA B 58 -3.43 -4.41 7.53
C ALA B 58 -3.76 -5.75 6.87
N GLU B 59 -4.31 -6.66 7.65
CA GLU B 59 -4.72 -7.97 7.15
C GLU B 59 -5.88 -7.81 6.17
N LYS B 60 -6.82 -6.94 6.52
CA LYS B 60 -7.97 -6.66 5.67
C LYS B 60 -7.52 -5.95 4.39
N PHE B 61 -6.44 -5.20 4.51
CA PHE B 61 -5.86 -4.50 3.37
C PHE B 61 -5.27 -5.50 2.38
N ALA B 62 -4.48 -6.44 2.88
CA ALA B 62 -3.88 -7.47 2.05
C ALA B 62 -4.95 -8.28 1.33
N GLN B 63 -6.03 -8.58 2.05
CA GLN B 63 -7.17 -9.32 1.48
C GLN B 63 -7.75 -8.55 0.29
N ALA B 64 -7.99 -7.26 0.50
CA ALA B 64 -8.57 -6.40 -0.51
C ALA B 64 -7.62 -6.22 -1.68
N LEU B 65 -6.33 -6.15 -1.39
CA LEU B 65 -5.31 -5.99 -2.43
C LEU B 65 -5.27 -7.23 -3.32
N MET B 66 -5.50 -8.40 -2.72
CA MET B 66 -5.55 -9.65 -3.48
C MET B 66 -6.82 -9.72 -4.29
N SER B 67 -7.84 -9.00 -3.82
CA SER B 67 -9.12 -8.94 -4.50
C SER B 67 -9.01 -8.09 -5.76
N SER B 68 -8.22 -7.01 -5.70
CA SER B 68 -8.03 -6.12 -6.83
C SER B 68 -6.82 -6.56 -7.67
N LEU B 69 -6.10 -7.55 -7.18
CA LEU B 69 -4.95 -8.08 -7.89
C LEU B 69 -5.39 -8.72 -9.20
N GLU B 70 -4.79 -8.27 -10.31
CA GLU B 70 -5.14 -8.76 -11.62
C GLU B 70 -4.54 -10.15 -11.86
N THR B 71 -5.29 -10.99 -12.54
CA THR B 71 -4.91 -12.39 -12.71
C THR B 71 -4.43 -12.67 -14.14
N PRO B 72 -3.46 -13.57 -14.29
CA PRO B 72 -2.95 -13.98 -15.60
C PRO B 72 -3.96 -14.83 -16.35
N LYS B 73 -4.85 -14.16 -17.07
CA LYS B 73 -5.91 -14.82 -17.83
C LYS B 73 -5.43 -15.15 -19.24
N THR B 74 -4.12 -15.35 -19.36
CA THR B 74 -3.45 -15.66 -20.62
C THR B 74 -3.80 -14.67 -21.74
N HIS B 75 -4.80 -14.99 -22.55
CA HIS B 75 -5.17 -14.12 -23.66
C HIS B 75 -6.68 -14.16 -23.87
N LEU B 76 -7.28 -12.98 -23.96
CA LEU B 76 -8.58 -12.85 -24.58
C LEU B 76 -8.35 -12.87 -26.08
N GLU B 77 -8.50 -14.04 -26.67
CA GLU B 77 -7.93 -14.37 -27.97
C GLU B 77 -8.18 -13.30 -29.03
N HIS B 78 -7.15 -12.46 -29.22
CA HIS B 78 -7.11 -11.46 -30.27
C HIS B 78 -5.64 -11.26 -30.64
N HIS B 79 -5.35 -11.35 -31.93
CA HIS B 79 -3.98 -11.26 -32.47
C HIS B 79 -2.98 -12.15 -31.71
N HIS B 80 -2.62 -13.26 -32.33
CA HIS B 80 -1.66 -14.20 -31.75
C HIS B 80 -0.32 -13.50 -31.47
N HIS B 81 0.01 -12.51 -32.32
CA HIS B 81 1.20 -11.70 -32.12
C HIS B 81 1.13 -10.99 -30.78
N HIS B 82 2.13 -11.24 -29.94
CA HIS B 82 2.15 -10.72 -28.57
C HIS B 82 2.51 -9.25 -28.56
N HIS B 83 3.76 -8.97 -28.88
CA HIS B 83 4.28 -7.61 -28.88
C HIS B 83 5.42 -7.48 -29.88
N MET A 1 14.84 -9.61 3.77
CA MET A 1 14.58 -8.44 4.64
C MET A 1 14.18 -7.21 3.81
N PRO A 2 15.07 -6.67 2.95
CA PRO A 2 14.73 -5.53 2.10
C PRO A 2 13.95 -5.97 0.86
N ILE A 3 12.79 -5.36 0.65
CA ILE A 3 11.97 -5.70 -0.50
C ILE A 3 12.53 -5.05 -1.77
N THR A 4 13.09 -3.85 -1.63
CA THR A 4 13.73 -3.16 -2.72
C THR A 4 14.43 -1.92 -2.20
N SER A 5 15.51 -1.52 -2.86
CA SER A 5 16.32 -0.40 -2.40
C SER A 5 17.18 0.15 -3.54
N LYS A 6 18.30 0.78 -3.18
CA LYS A 6 19.24 1.36 -4.15
C LYS A 6 18.62 2.60 -4.80
N TYR A 7 17.63 3.17 -4.14
CA TYR A 7 17.01 4.40 -4.60
C TYR A 7 17.64 5.60 -3.92
N THR A 8 17.64 6.74 -4.59
CA THR A 8 18.08 7.98 -3.98
C THR A 8 17.09 8.38 -2.87
N ASP A 9 17.61 8.56 -1.66
CA ASP A 9 16.77 8.85 -0.50
C ASP A 9 15.94 10.11 -0.72
N GLU A 10 16.55 11.11 -1.35
CA GLU A 10 15.85 12.35 -1.68
C GLU A 10 14.56 12.06 -2.43
N GLN A 11 14.64 11.20 -3.42
CA GLN A 11 13.48 10.86 -4.24
C GLN A 11 12.36 10.35 -3.35
N VAL A 12 12.68 9.38 -2.49
CA VAL A 12 11.70 8.80 -1.58
C VAL A 12 11.14 9.86 -0.63
N GLU A 13 12.05 10.59 0.00
CA GLU A 13 11.70 11.56 1.03
C GLU A 13 10.77 12.65 0.50
N LYS A 14 11.06 13.14 -0.70
CA LYS A 14 10.31 14.26 -1.25
C LYS A 14 8.94 13.81 -1.75
N ILE A 15 8.89 12.63 -2.35
CA ILE A 15 7.62 12.09 -2.82
C ILE A 15 6.68 11.85 -1.64
N LEU A 16 7.19 11.17 -0.61
CA LEU A 16 6.40 10.90 0.58
C LEU A 16 5.87 12.20 1.19
N ALA A 17 6.71 13.22 1.20
CA ALA A 17 6.34 14.52 1.75
C ALA A 17 5.16 15.11 1.00
N GLU A 18 5.29 15.20 -0.33
CA GLU A 18 4.24 15.81 -1.15
C GLU A 18 2.96 14.97 -1.10
N VAL A 19 3.10 13.65 -1.14
CA VAL A 19 1.95 12.76 -1.08
C VAL A 19 1.18 12.96 0.23
N ALA A 20 1.90 12.92 1.35
CA ALA A 20 1.29 13.10 2.66
C ALA A 20 0.66 14.47 2.78
N LEU A 21 1.31 15.47 2.19
CA LEU A 21 0.79 16.83 2.17
C LEU A 21 -0.53 16.89 1.41
N VAL A 22 -0.61 16.21 0.27
CA VAL A 22 -1.83 16.20 -0.53
C VAL A 22 -2.98 15.59 0.26
N LEU A 23 -2.67 14.54 1.01
CA LEU A 23 -3.65 13.89 1.86
C LEU A 23 -4.21 14.89 2.88
N GLU A 24 -3.30 15.55 3.58
CA GLU A 24 -3.65 16.54 4.58
C GLU A 24 -4.27 17.79 3.94
N LYS A 25 -3.90 18.04 2.70
CA LYS A 25 -4.42 19.16 1.93
C LYS A 25 -5.93 19.01 1.71
N HIS A 26 -6.35 17.78 1.45
CA HIS A 26 -7.77 17.50 1.20
C HIS A 26 -8.44 16.95 2.46
N ALA A 27 -7.71 16.97 3.57
CA ALA A 27 -8.20 16.47 4.86
C ALA A 27 -8.64 15.01 4.76
N ALA A 28 -7.83 14.21 4.08
CA ALA A 28 -8.13 12.80 3.86
C ALA A 28 -8.15 12.02 5.16
N SER A 29 -9.19 11.22 5.33
CA SER A 29 -9.31 10.34 6.48
C SER A 29 -8.38 9.14 6.33
N PRO A 30 -8.11 8.41 7.43
CA PRO A 30 -7.23 7.23 7.40
C PRO A 30 -7.67 6.19 6.37
N GLU A 31 -8.94 5.82 6.40
CA GLU A 31 -9.48 4.85 5.45
C GLU A 31 -9.30 5.34 4.02
N LEU A 32 -9.57 6.63 3.82
CA LEU A 32 -9.39 7.25 2.51
C LEU A 32 -7.92 7.18 2.09
N THR A 33 -7.04 7.58 3.00
CA THR A 33 -5.61 7.59 2.75
C THR A 33 -5.10 6.19 2.38
N LEU A 34 -5.45 5.21 3.19
CA LEU A 34 -4.96 3.86 2.98
C LEU A 34 -5.55 3.24 1.72
N MET A 35 -6.80 3.59 1.40
CA MET A 35 -7.42 3.14 0.17
C MET A 35 -6.67 3.70 -1.03
N ILE A 36 -6.18 4.92 -0.89
CA ILE A 36 -5.35 5.54 -1.91
C ILE A 36 -4.09 4.72 -2.15
N ALA A 37 -3.43 4.31 -1.06
CA ALA A 37 -2.24 3.47 -1.16
C ALA A 37 -2.57 2.14 -1.83
N GLY A 38 -3.73 1.59 -1.50
CA GLY A 38 -4.19 0.37 -2.14
C GLY A 38 -4.47 0.59 -3.61
N ASN A 39 -5.05 1.74 -3.92
CA ASN A 39 -5.33 2.13 -5.30
C ASN A 39 -4.02 2.21 -6.07
N ILE A 40 -2.99 2.76 -5.43
CA ILE A 40 -1.66 2.82 -6.00
C ILE A 40 -1.17 1.41 -6.33
N ALA A 41 -1.06 0.58 -5.31
CA ALA A 41 -0.54 -0.77 -5.45
C ALA A 41 -1.32 -1.57 -6.49
N THR A 42 -2.64 -1.44 -6.47
CA THR A 42 -3.49 -2.14 -7.42
C THR A 42 -3.11 -1.78 -8.85
N ASN A 43 -2.97 -0.49 -9.13
CA ASN A 43 -2.63 -0.03 -10.47
C ASN A 43 -1.20 -0.42 -10.84
N VAL A 44 -0.29 -0.31 -9.88
CA VAL A 44 1.10 -0.69 -10.12
C VAL A 44 1.21 -2.15 -10.49
N LEU A 45 0.53 -3.01 -9.74
CA LEU A 45 0.56 -4.44 -9.98
C LEU A 45 -0.05 -4.78 -11.34
N ASN A 46 -1.14 -4.13 -11.69
CA ASN A 46 -1.83 -4.44 -12.94
C ASN A 46 -1.16 -3.81 -14.15
N GLN A 47 -0.28 -2.85 -13.93
CA GLN A 47 0.34 -2.13 -15.05
C GLN A 47 1.86 -2.18 -15.00
N ARG A 48 2.45 -1.60 -13.97
CA ARG A 48 3.89 -1.38 -13.94
C ARG A 48 4.60 -2.37 -13.02
N VAL A 49 4.51 -3.66 -13.34
CA VAL A 49 5.27 -4.68 -12.62
C VAL A 49 5.19 -6.01 -13.37
N ALA A 50 6.23 -6.83 -13.26
CA ALA A 50 6.28 -8.11 -13.93
C ALA A 50 5.23 -9.07 -13.37
N ALA A 51 4.53 -9.77 -14.25
CA ALA A 51 3.52 -10.73 -13.84
C ALA A 51 4.12 -11.85 -12.99
N SER A 52 5.33 -12.27 -13.33
CA SER A 52 6.02 -13.30 -12.57
C SER A 52 6.42 -12.77 -11.19
N GLN A 53 6.85 -11.52 -11.16
CA GLN A 53 7.30 -10.88 -9.93
C GLN A 53 6.11 -10.46 -9.08
N ARG A 54 4.99 -10.27 -9.76
CA ARG A 54 3.78 -9.67 -9.19
C ARG A 54 3.33 -10.36 -7.91
N LYS A 55 3.25 -11.67 -7.93
CA LYS A 55 2.77 -12.42 -6.78
C LYS A 55 3.77 -12.36 -5.63
N LEU A 56 5.04 -12.55 -5.97
CA LEU A 56 6.09 -12.57 -4.98
C LEU A 56 6.27 -11.20 -4.34
N ILE A 57 6.28 -10.16 -5.18
CA ILE A 57 6.50 -8.80 -4.71
C ILE A 57 5.32 -8.34 -3.86
N ALA A 58 4.14 -8.92 -4.10
CA ALA A 58 2.96 -8.65 -3.29
C ALA A 58 3.06 -9.33 -1.93
N GLU A 59 3.50 -10.58 -1.93
CA GLU A 59 3.72 -11.31 -0.68
C GLU A 59 4.79 -10.62 0.17
N LYS A 60 5.87 -10.23 -0.49
CA LYS A 60 6.97 -9.52 0.16
C LYS A 60 6.50 -8.17 0.67
N PHE A 61 5.61 -7.53 -0.08
CA PHE A 61 5.00 -6.27 0.33
C PHE A 61 4.25 -6.45 1.65
N ALA A 62 3.37 -7.44 1.70
CA ALA A 62 2.59 -7.73 2.90
C ALA A 62 3.51 -8.06 4.07
N GLN A 63 4.53 -8.86 3.80
CA GLN A 63 5.50 -9.23 4.82
C GLN A 63 6.18 -7.99 5.39
N ALA A 64 6.63 -7.11 4.50
CA ALA A 64 7.32 -5.89 4.91
C ALA A 64 6.37 -4.97 5.67
N LEU A 65 5.13 -4.90 5.22
CA LEU A 65 4.12 -4.07 5.86
C LEU A 65 3.79 -4.58 7.25
N MET A 66 3.58 -5.89 7.35
CA MET A 66 3.18 -6.52 8.59
C MET A 66 4.34 -6.55 9.59
N SER A 67 5.56 -6.65 9.08
CA SER A 67 6.72 -6.66 9.95
C SER A 67 7.06 -5.26 10.43
N SER A 68 6.76 -4.25 9.61
CA SER A 68 6.98 -2.86 9.99
C SER A 68 5.78 -2.32 10.76
N LEU A 69 4.78 -3.16 10.92
CA LEU A 69 3.62 -2.82 11.74
C LEU A 69 4.02 -2.84 13.20
N GLU A 70 3.97 -1.68 13.83
CA GLU A 70 4.42 -1.54 15.21
C GLU A 70 3.28 -1.75 16.19
N THR A 71 3.24 -2.91 16.80
CA THR A 71 2.25 -3.20 17.82
C THR A 71 2.84 -2.98 19.21
N PRO A 72 1.99 -2.80 20.23
CA PRO A 72 2.47 -2.64 21.61
C PRO A 72 2.82 -3.97 22.26
N LYS A 73 2.58 -5.05 21.51
CA LYS A 73 2.81 -6.43 21.97
C LYS A 73 1.91 -6.76 23.16
N THR A 74 0.95 -7.63 22.94
CA THR A 74 -0.03 -7.96 23.96
C THR A 74 0.59 -8.86 25.03
N HIS A 75 0.11 -8.71 26.25
CA HIS A 75 0.61 -9.48 27.38
C HIS A 75 -0.33 -10.64 27.66
N LEU A 76 0.04 -11.83 27.21
CA LEU A 76 -0.82 -13.01 27.36
C LEU A 76 -0.41 -13.80 28.59
N GLU A 77 0.78 -13.51 29.09
CA GLU A 77 1.31 -14.15 30.29
C GLU A 77 0.44 -13.82 31.50
N HIS A 78 -0.47 -14.73 31.83
CA HIS A 78 -1.36 -14.54 32.97
C HIS A 78 -1.56 -15.86 33.70
N HIS A 79 -1.16 -15.87 34.96
CA HIS A 79 -1.41 -17.00 35.84
C HIS A 79 -1.66 -16.48 37.24
N HIS A 80 -2.73 -16.96 37.87
CA HIS A 80 -3.18 -16.39 39.12
C HIS A 80 -2.66 -17.17 40.32
N HIS A 81 -2.52 -16.47 41.42
CA HIS A 81 -2.15 -17.09 42.69
C HIS A 81 -3.15 -16.67 43.75
N HIS A 82 -4.32 -17.31 43.76
CA HIS A 82 -5.37 -16.95 44.70
C HIS A 82 -4.97 -17.41 46.10
N HIS A 83 -4.21 -18.49 46.16
CA HIS A 83 -3.73 -19.04 47.43
C HIS A 83 -2.78 -20.19 47.16
N MET B 1 -21.55 -2.47 3.69
CA MET B 1 -20.63 -1.32 3.80
C MET B 1 -19.20 -1.79 4.03
N PRO B 2 -18.25 -1.29 3.24
CA PRO B 2 -16.83 -1.52 3.47
C PRO B 2 -16.24 -0.46 4.42
N ILE B 3 -14.98 -0.67 4.80
CA ILE B 3 -14.29 0.27 5.70
C ILE B 3 -14.21 1.66 5.08
N THR B 4 -13.68 1.72 3.87
CA THR B 4 -13.44 2.97 3.18
C THR B 4 -14.74 3.63 2.71
N SER B 5 -15.77 2.82 2.54
CA SER B 5 -17.06 3.27 2.03
C SER B 5 -16.96 3.73 0.58
N LYS B 6 -16.63 4.99 0.37
CA LYS B 6 -16.61 5.59 -0.96
C LYS B 6 -16.20 7.04 -0.87
N TYR B 7 -16.78 7.75 0.11
CA TYR B 7 -16.59 9.19 0.25
C TYR B 7 -17.07 9.91 -1.02
N THR B 8 -16.69 11.15 -1.17
CA THR B 8 -16.88 11.84 -2.43
C THR B 8 -15.78 11.41 -3.39
N ASP B 9 -16.16 10.67 -4.43
CA ASP B 9 -15.20 10.07 -5.35
C ASP B 9 -14.37 11.12 -6.07
N GLU B 10 -14.92 12.31 -6.26
CA GLU B 10 -14.19 13.40 -6.89
C GLU B 10 -13.08 13.89 -5.99
N GLN B 11 -13.27 13.80 -4.67
CA GLN B 11 -12.21 14.12 -3.73
C GLN B 11 -11.07 13.13 -3.92
N VAL B 12 -11.43 11.84 -3.97
CA VAL B 12 -10.48 10.78 -4.18
C VAL B 12 -9.68 11.02 -5.46
N GLU B 13 -10.40 11.28 -6.55
CA GLU B 13 -9.80 11.53 -7.84
C GLU B 13 -8.78 12.65 -7.78
N LYS B 14 -9.14 13.75 -7.14
CA LYS B 14 -8.28 14.92 -7.08
C LYS B 14 -7.03 14.64 -6.25
N ILE B 15 -7.19 13.86 -5.18
CA ILE B 15 -6.05 13.47 -4.38
C ILE B 15 -5.14 12.55 -5.18
N LEU B 16 -5.74 11.53 -5.80
CA LEU B 16 -5.00 10.58 -6.63
C LEU B 16 -4.23 11.31 -7.73
N ALA B 17 -4.89 12.28 -8.34
CA ALA B 17 -4.30 13.07 -9.42
C ALA B 17 -3.00 13.74 -8.95
N GLU B 18 -3.07 14.46 -7.84
CA GLU B 18 -1.90 15.17 -7.33
C GLU B 18 -0.84 14.20 -6.85
N VAL B 19 -1.25 13.11 -6.22
CA VAL B 19 -0.32 12.09 -5.73
C VAL B 19 0.41 11.41 -6.89
N ALA B 20 -0.34 10.90 -7.85
CA ALA B 20 0.24 10.20 -8.99
C ALA B 20 1.11 11.15 -9.81
N LEU B 21 0.75 12.42 -9.81
CA LEU B 21 1.51 13.44 -10.51
C LEU B 21 2.89 13.60 -9.86
N VAL B 22 2.95 13.46 -8.54
CA VAL B 22 4.21 13.57 -7.81
C VAL B 22 5.11 12.40 -8.16
N LEU B 23 4.53 11.21 -8.20
CA LEU B 23 5.24 9.99 -8.54
C LEU B 23 5.88 10.10 -9.91
N GLU B 24 5.09 10.54 -10.89
CA GLU B 24 5.54 10.63 -12.27
C GLU B 24 6.61 11.71 -12.44
N LYS B 25 6.35 12.89 -11.90
CA LYS B 25 7.26 14.02 -12.06
C LYS B 25 8.56 13.82 -11.32
N HIS B 26 8.58 12.96 -10.32
CA HIS B 26 9.79 12.66 -9.58
C HIS B 26 10.47 11.40 -10.13
N ALA B 27 9.89 10.84 -11.19
CA ALA B 27 10.45 9.67 -11.86
C ALA B 27 10.61 8.50 -10.89
N ALA B 28 9.55 8.23 -10.14
CA ALA B 28 9.54 7.11 -9.21
C ALA B 28 9.49 5.78 -9.96
N SER B 29 10.47 4.92 -9.70
CA SER B 29 10.49 3.59 -10.27
C SER B 29 9.24 2.82 -9.87
N PRO B 30 8.79 1.86 -10.70
CA PRO B 30 7.62 1.04 -10.40
C PRO B 30 7.67 0.39 -9.02
N GLU B 31 8.80 -0.24 -8.70
CA GLU B 31 8.96 -0.89 -7.40
C GLU B 31 8.93 0.13 -6.29
N LEU B 32 9.59 1.26 -6.53
CA LEU B 32 9.61 2.37 -5.58
C LEU B 32 8.20 2.90 -5.35
N THR B 33 7.45 3.01 -6.44
CA THR B 33 6.07 3.46 -6.40
C THR B 33 5.26 2.63 -5.42
N LEU B 34 5.42 1.32 -5.49
CA LEU B 34 4.67 0.41 -4.65
C LEU B 34 5.20 0.43 -3.21
N MET B 35 6.52 0.57 -3.06
CA MET B 35 7.11 0.67 -1.73
C MET B 35 6.67 1.95 -1.04
N ILE B 36 6.45 3.01 -1.83
CA ILE B 36 5.93 4.26 -1.30
C ILE B 36 4.52 4.06 -0.75
N ALA B 37 3.70 3.31 -1.50
CA ALA B 37 2.36 2.95 -1.04
C ALA B 37 2.44 2.17 0.27
N GLY B 38 3.46 1.33 0.37
CA GLY B 38 3.71 0.60 1.59
C GLY B 38 4.04 1.51 2.76
N ASN B 39 4.86 2.53 2.49
CA ASN B 39 5.18 3.52 3.49
C ASN B 39 3.94 4.26 3.95
N ILE B 40 3.05 4.56 3.00
CA ILE B 40 1.77 5.18 3.31
C ILE B 40 1.02 4.33 4.32
N ALA B 41 0.75 3.07 3.96
CA ALA B 41 0.03 2.16 4.83
C ALA B 41 0.73 2.01 6.18
N THR B 42 2.05 1.84 6.17
CA THR B 42 2.82 1.68 7.40
C THR B 42 2.61 2.87 8.35
N ASN B 43 2.84 4.07 7.83
CA ASN B 43 2.72 5.28 8.64
C ASN B 43 1.28 5.46 9.11
N VAL B 44 0.32 5.12 8.26
CA VAL B 44 -1.08 5.22 8.63
C VAL B 44 -1.43 4.20 9.71
N LEU B 45 -0.97 2.97 9.54
CA LEU B 45 -1.28 1.92 10.51
C LEU B 45 -0.73 2.24 11.89
N ASN B 46 0.51 2.70 11.94
CA ASN B 46 1.20 2.89 13.20
C ASN B 46 0.81 4.21 13.88
N GLN B 47 0.34 5.18 13.11
CA GLN B 47 0.09 6.52 13.68
C GLN B 47 -1.33 7.03 13.45
N ARG B 48 -2.02 6.52 12.43
CA ARG B 48 -3.31 7.10 12.04
C ARG B 48 -4.48 6.12 12.15
N VAL B 49 -4.21 4.85 12.45
CA VAL B 49 -5.29 3.87 12.56
C VAL B 49 -5.31 3.27 13.96
N ALA B 50 -6.44 2.64 14.31
CA ALA B 50 -6.63 2.06 15.64
C ALA B 50 -5.66 0.91 15.87
N ALA B 51 -5.12 0.85 17.08
CA ALA B 51 -4.16 -0.19 17.46
C ALA B 51 -4.78 -1.57 17.34
N SER B 52 -6.03 -1.71 17.79
CA SER B 52 -6.75 -2.96 17.71
C SER B 52 -7.01 -3.34 16.26
N GLN B 53 -7.07 -2.34 15.41
CA GLN B 53 -7.48 -2.53 14.04
C GLN B 53 -6.29 -2.77 13.13
N ARG B 54 -5.09 -2.42 13.60
CA ARG B 54 -3.88 -2.43 12.77
C ARG B 54 -3.69 -3.75 12.03
N LYS B 55 -3.58 -4.84 12.76
CA LYS B 55 -3.29 -6.14 12.16
C LYS B 55 -4.48 -6.62 11.33
N LEU B 56 -5.68 -6.30 11.81
CA LEU B 56 -6.91 -6.77 11.17
C LEU B 56 -7.13 -6.06 9.83
N ILE B 57 -7.00 -4.73 9.84
CA ILE B 57 -7.27 -3.94 8.65
C ILE B 57 -6.17 -4.12 7.61
N ALA B 58 -4.94 -4.34 8.08
CA ALA B 58 -3.81 -4.62 7.20
C ALA B 58 -4.00 -5.97 6.52
N GLU B 59 -4.59 -6.90 7.27
CA GLU B 59 -4.92 -8.21 6.73
C GLU B 59 -5.95 -8.08 5.62
N LYS B 60 -7.02 -7.35 5.91
CA LYS B 60 -8.06 -7.09 4.92
C LYS B 60 -7.48 -6.39 3.70
N PHE B 61 -6.61 -5.42 3.95
CA PHE B 61 -5.93 -4.69 2.87
C PHE B 61 -5.17 -5.65 1.97
N ALA B 62 -4.40 -6.54 2.58
CA ALA B 62 -3.61 -7.51 1.83
C ALA B 62 -4.50 -8.46 1.03
N GLN B 63 -5.55 -8.97 1.66
CA GLN B 63 -6.47 -9.88 1.00
C GLN B 63 -7.14 -9.20 -0.20
N ALA B 64 -7.59 -7.96 0.02
CA ALA B 64 -8.22 -7.19 -1.03
C ALA B 64 -7.24 -6.94 -2.18
N LEU B 65 -6.00 -6.61 -1.82
CA LEU B 65 -4.96 -6.32 -2.80
C LEU B 65 -4.67 -7.55 -3.65
N MET B 66 -4.69 -8.72 -3.04
CA MET B 66 -4.47 -9.98 -3.77
C MET B 66 -5.66 -10.31 -4.65
N SER B 67 -6.82 -9.77 -4.28
CA SER B 67 -8.04 -10.02 -5.02
C SER B 67 -8.15 -9.08 -6.23
N SER B 68 -7.50 -7.93 -6.15
CA SER B 68 -7.45 -6.99 -7.26
C SER B 68 -6.16 -7.19 -8.07
N LEU B 69 -5.39 -8.19 -7.67
CA LEU B 69 -4.13 -8.51 -8.33
C LEU B 69 -4.37 -9.52 -9.46
N GLU B 70 -4.29 -9.05 -10.69
CA GLU B 70 -4.42 -9.94 -11.84
C GLU B 70 -3.10 -10.71 -12.01
N THR B 71 -3.20 -12.02 -12.18
CA THR B 71 -2.02 -12.87 -12.16
C THR B 71 -1.95 -13.76 -13.41
N PRO B 72 -1.37 -13.24 -14.49
CA PRO B 72 -1.19 -13.98 -15.73
C PRO B 72 0.19 -14.63 -15.80
N LYS B 73 0.26 -15.92 -15.51
CA LYS B 73 1.51 -16.64 -15.60
C LYS B 73 1.28 -18.02 -16.18
N THR B 74 2.32 -18.58 -16.77
CA THR B 74 2.23 -19.88 -17.40
C THR B 74 2.00 -20.98 -16.36
N HIS B 75 0.96 -21.77 -16.58
CA HIS B 75 0.64 -22.87 -15.68
C HIS B 75 1.13 -24.19 -16.29
N LEU B 76 1.96 -24.08 -17.30
CA LEU B 76 2.47 -25.25 -18.00
C LEU B 76 4.00 -25.21 -18.10
N GLU B 77 4.67 -25.42 -16.97
CA GLU B 77 6.13 -25.50 -16.98
C GLU B 77 6.55 -26.92 -17.31
N HIS B 78 5.60 -27.85 -17.22
CA HIS B 78 5.82 -29.21 -17.67
C HIS B 78 5.62 -29.28 -19.19
N HIS B 79 6.73 -29.43 -19.91
CA HIS B 79 6.70 -29.42 -21.37
C HIS B 79 7.97 -30.05 -21.94
N HIS B 80 7.82 -30.84 -22.99
CA HIS B 80 8.96 -31.44 -23.67
C HIS B 80 8.84 -31.19 -25.17
N HIS B 81 9.63 -30.25 -25.67
CA HIS B 81 9.60 -29.92 -27.09
C HIS B 81 10.39 -30.94 -27.88
N HIS B 82 10.09 -31.04 -29.18
CA HIS B 82 10.64 -32.09 -30.04
C HIS B 82 10.11 -33.46 -29.60
N HIS B 83 8.90 -33.78 -30.05
CA HIS B 83 8.26 -35.03 -29.71
C HIS B 83 7.60 -35.65 -30.94
N MET A 1 16.97 -8.02 -15.60
CA MET A 1 15.76 -7.21 -15.33
C MET A 1 15.59 -7.02 -13.82
N PRO A 2 15.76 -5.79 -13.34
CA PRO A 2 15.62 -5.48 -11.93
C PRO A 2 14.18 -5.20 -11.52
N ILE A 3 13.94 -5.15 -10.22
CA ILE A 3 12.63 -4.81 -9.67
C ILE A 3 12.76 -3.58 -8.78
N THR A 4 11.87 -3.46 -7.78
CA THR A 4 11.88 -2.36 -6.84
C THR A 4 13.30 -2.02 -6.38
N SER A 5 13.78 -0.86 -6.79
CA SER A 5 15.15 -0.45 -6.51
C SER A 5 15.27 0.13 -5.11
N LYS A 6 16.50 0.18 -4.61
CA LYS A 6 16.78 0.74 -3.30
C LYS A 6 16.57 2.26 -3.29
N TYR A 7 17.05 2.92 -4.35
CA TYR A 7 16.97 4.38 -4.48
C TYR A 7 17.70 5.08 -3.34
N THR A 8 17.48 6.37 -3.22
CA THR A 8 18.01 7.13 -2.12
C THR A 8 16.89 7.58 -1.20
N ASP A 9 17.14 7.53 0.10
CA ASP A 9 16.14 7.87 1.10
C ASP A 9 15.72 9.32 0.97
N GLU A 10 16.66 10.15 0.51
CA GLU A 10 16.42 11.58 0.34
C GLU A 10 15.29 11.81 -0.66
N GLN A 11 15.43 11.21 -1.84
CA GLN A 11 14.46 11.37 -2.91
C GLN A 11 13.09 10.84 -2.49
N VAL A 12 13.09 9.65 -1.90
CA VAL A 12 11.87 9.01 -1.47
C VAL A 12 11.16 9.85 -0.40
N GLU A 13 11.95 10.39 0.52
CA GLU A 13 11.42 11.26 1.57
C GLU A 13 10.67 12.44 0.97
N LYS A 14 11.27 13.06 -0.05
CA LYS A 14 10.68 14.24 -0.66
C LYS A 14 9.34 13.89 -1.31
N ILE A 15 9.31 12.76 -1.98
CA ILE A 15 8.08 12.31 -2.61
C ILE A 15 7.01 12.05 -1.56
N LEU A 16 7.36 11.24 -0.55
CA LEU A 16 6.45 10.90 0.54
C LEU A 16 5.94 12.15 1.24
N ALA A 17 6.83 13.11 1.46
CA ALA A 17 6.46 14.35 2.12
C ALA A 17 5.37 15.09 1.37
N GLU A 18 5.52 15.17 0.05
CA GLU A 18 4.54 15.86 -0.77
C GLU A 18 3.27 15.03 -0.95
N VAL A 19 3.41 13.71 -0.97
CA VAL A 19 2.25 12.83 -1.01
C VAL A 19 1.40 13.05 0.23
N ALA A 20 2.05 13.08 1.39
CA ALA A 20 1.37 13.35 2.65
C ALA A 20 0.79 14.76 2.66
N LEU A 21 1.47 15.68 1.98
CA LEU A 21 1.01 17.06 1.86
C LEU A 21 -0.31 17.10 1.08
N VAL A 22 -0.42 16.28 0.04
CA VAL A 22 -1.64 16.20 -0.76
C VAL A 22 -2.78 15.64 0.09
N LEU A 23 -2.45 14.63 0.89
CA LEU A 23 -3.42 14.02 1.79
C LEU A 23 -3.91 15.06 2.79
N GLU A 24 -2.98 15.77 3.41
CA GLU A 24 -3.31 16.82 4.37
C GLU A 24 -4.14 17.92 3.69
N LYS A 25 -3.78 18.22 2.45
CA LYS A 25 -4.45 19.24 1.66
C LYS A 25 -5.94 18.94 1.50
N HIS A 26 -6.25 17.67 1.22
CA HIS A 26 -7.63 17.26 1.00
C HIS A 26 -8.27 16.73 2.27
N ALA A 27 -7.56 16.86 3.40
CA ALA A 27 -8.04 16.35 4.69
C ALA A 27 -8.37 14.87 4.59
N ALA A 28 -7.48 14.14 3.92
CA ALA A 28 -7.68 12.71 3.68
C ALA A 28 -7.70 11.94 4.99
N SER A 29 -8.85 11.34 5.28
CA SER A 29 -9.02 10.51 6.46
C SER A 29 -8.10 9.28 6.39
N PRO A 30 -7.79 8.67 7.55
CA PRO A 30 -6.92 7.49 7.62
C PRO A 30 -7.36 6.40 6.64
N GLU A 31 -8.66 6.14 6.61
CA GLU A 31 -9.22 5.12 5.73
C GLU A 31 -9.02 5.49 4.26
N LEU A 32 -9.29 6.76 3.93
CA LEU A 32 -9.07 7.25 2.58
C LEU A 32 -7.59 7.16 2.20
N THR A 33 -6.75 7.56 3.13
CA THR A 33 -5.30 7.52 2.95
C THR A 33 -4.84 6.11 2.60
N LEU A 34 -5.24 5.15 3.41
CA LEU A 34 -4.80 3.78 3.24
C LEU A 34 -5.44 3.15 2.01
N MET A 35 -6.66 3.58 1.70
CA MET A 35 -7.36 3.11 0.50
C MET A 35 -6.63 3.62 -0.75
N ILE A 36 -6.12 4.83 -0.66
CA ILE A 36 -5.30 5.41 -1.73
C ILE A 36 -4.05 4.55 -1.95
N ALA A 37 -3.39 4.18 -0.86
CA ALA A 37 -2.21 3.31 -0.94
C ALA A 37 -2.56 1.99 -1.61
N GLY A 38 -3.73 1.46 -1.28
CA GLY A 38 -4.22 0.25 -1.91
C GLY A 38 -4.39 0.43 -3.40
N ASN A 39 -4.98 1.54 -3.79
CA ASN A 39 -5.14 1.86 -5.22
C ASN A 39 -3.80 1.93 -5.91
N ILE A 40 -2.85 2.63 -5.29
CA ILE A 40 -1.50 2.76 -5.84
C ILE A 40 -0.90 1.38 -6.13
N ALA A 41 -0.80 0.55 -5.11
CA ALA A 41 -0.21 -0.78 -5.24
C ALA A 41 -0.95 -1.61 -6.30
N THR A 42 -2.28 -1.59 -6.21
CA THR A 42 -3.10 -2.37 -7.13
C THR A 42 -2.91 -1.90 -8.58
N ASN A 43 -2.87 -0.58 -8.78
CA ASN A 43 -2.73 -0.03 -10.12
C ASN A 43 -1.36 -0.37 -10.70
N VAL A 44 -0.33 -0.35 -9.85
CA VAL A 44 1.02 -0.71 -10.27
C VAL A 44 1.07 -2.18 -10.67
N LEU A 45 0.55 -3.04 -9.81
CA LEU A 45 0.57 -4.48 -10.05
C LEU A 45 -0.13 -4.85 -11.35
N ASN A 46 -1.30 -4.27 -11.56
CA ASN A 46 -2.13 -4.63 -12.71
C ASN A 46 -1.61 -3.99 -14.00
N GLN A 47 -0.87 -2.90 -13.88
CA GLN A 47 -0.37 -2.19 -15.06
C GLN A 47 1.12 -2.40 -15.28
N ARG A 48 1.96 -1.81 -14.43
CA ARG A 48 3.39 -1.74 -14.70
C ARG A 48 4.20 -2.58 -13.71
N VAL A 49 4.23 -3.88 -13.94
CA VAL A 49 5.07 -4.80 -13.19
C VAL A 49 5.01 -6.17 -13.83
N ALA A 50 5.99 -7.01 -13.56
CA ALA A 50 6.04 -8.35 -14.14
C ALA A 50 4.89 -9.20 -13.60
N ALA A 51 4.09 -9.76 -14.51
CA ALA A 51 2.98 -10.62 -14.14
C ALA A 51 3.44 -11.79 -13.26
N SER A 52 4.62 -12.32 -13.56
CA SER A 52 5.18 -13.42 -12.80
C SER A 52 5.71 -12.94 -11.45
N GLN A 53 5.89 -11.64 -11.32
CA GLN A 53 6.41 -11.06 -10.10
C GLN A 53 5.28 -10.54 -9.22
N ARG A 54 4.09 -10.43 -9.80
CA ARG A 54 2.94 -9.84 -9.10
C ARG A 54 2.71 -10.48 -7.73
N LYS A 55 2.42 -11.78 -7.71
CA LYS A 55 2.17 -12.49 -6.47
C LYS A 55 3.35 -12.36 -5.51
N LEU A 56 4.55 -12.53 -6.03
CA LEU A 56 5.76 -12.48 -5.22
C LEU A 56 5.95 -11.11 -4.58
N ILE A 57 5.89 -10.07 -5.40
CA ILE A 57 6.17 -8.73 -4.94
C ILE A 57 5.03 -8.20 -4.05
N ALA A 58 3.84 -8.78 -4.21
CA ALA A 58 2.72 -8.47 -3.33
C ALA A 58 2.92 -9.17 -1.98
N GLU A 59 3.47 -10.38 -2.04
CA GLU A 59 3.85 -11.11 -0.84
C GLU A 59 4.93 -10.34 -0.08
N LYS A 60 5.95 -9.92 -0.82
CA LYS A 60 7.03 -9.11 -0.26
C LYS A 60 6.48 -7.82 0.32
N PHE A 61 5.54 -7.22 -0.39
CA PHE A 61 4.86 -6.01 0.05
C PHE A 61 4.16 -6.24 1.39
N ALA A 62 3.29 -7.24 1.43
CA ALA A 62 2.55 -7.59 2.64
C ALA A 62 3.51 -7.90 3.79
N GLN A 63 4.55 -8.65 3.49
CA GLN A 63 5.54 -9.02 4.48
C GLN A 63 6.29 -7.79 5.00
N ALA A 64 6.54 -6.83 4.11
CA ALA A 64 7.19 -5.59 4.48
C ALA A 64 6.34 -4.82 5.48
N LEU A 65 5.05 -4.74 5.20
CA LEU A 65 4.10 -4.08 6.09
C LEU A 65 4.12 -4.71 7.48
N MET A 66 4.19 -6.03 7.52
CA MET A 66 4.13 -6.79 8.76
C MET A 66 5.50 -6.89 9.41
N SER A 67 6.54 -6.56 8.65
CA SER A 67 7.89 -6.52 9.17
C SER A 67 8.12 -5.18 9.86
N SER A 68 7.57 -4.13 9.26
CA SER A 68 7.67 -2.79 9.83
C SER A 68 6.40 -2.48 10.62
N LEU A 69 5.62 -3.52 10.91
CA LEU A 69 4.41 -3.38 11.71
C LEU A 69 4.78 -3.25 13.18
N GLU A 70 5.41 -2.14 13.51
CA GLU A 70 5.89 -1.90 14.85
C GLU A 70 4.77 -1.38 15.74
N THR A 71 4.21 -2.26 16.55
CA THR A 71 3.27 -1.86 17.57
C THR A 71 4.04 -1.13 18.68
N PRO A 72 3.59 0.07 19.07
CA PRO A 72 4.27 0.90 20.07
C PRO A 72 4.77 0.11 21.28
N LYS A 73 6.08 -0.11 21.30
CA LYS A 73 6.73 -0.79 22.41
C LYS A 73 7.75 0.15 23.04
N THR A 74 8.47 -0.33 24.04
CA THR A 74 9.49 0.47 24.68
C THR A 74 10.84 0.23 23.98
N HIS A 75 11.46 1.31 23.52
CA HIS A 75 12.76 1.23 22.88
C HIS A 75 13.84 1.71 23.85
N LEU A 76 13.95 3.02 23.99
CA LEU A 76 14.85 3.63 24.96
C LEU A 76 14.05 4.56 25.86
N GLU A 77 13.38 3.98 26.84
CA GLU A 77 12.47 4.72 27.69
C GLU A 77 12.81 4.53 29.17
N HIS A 78 13.66 5.41 29.67
CA HIS A 78 14.03 5.41 31.09
C HIS A 78 14.69 6.74 31.43
N HIS A 79 14.12 7.82 30.93
CA HIS A 79 14.68 9.15 31.19
C HIS A 79 13.59 10.17 31.50
N HIS A 80 12.38 9.69 31.77
CA HIS A 80 11.34 10.57 32.30
C HIS A 80 11.75 10.95 33.71
N HIS A 81 12.20 9.95 34.46
CA HIS A 81 12.95 10.19 35.68
C HIS A 81 14.30 9.49 35.52
N HIS A 82 15.36 10.28 35.41
CA HIS A 82 16.66 9.73 35.04
C HIS A 82 17.38 9.11 36.24
N HIS A 83 16.85 7.99 36.70
CA HIS A 83 17.44 7.23 37.78
C HIS A 83 16.73 5.88 37.91
N MET B 1 -18.86 -0.22 11.36
CA MET B 1 -17.42 -0.49 11.50
C MET B 1 -16.63 0.24 10.42
N PRO B 2 -15.31 0.43 10.64
CA PRO B 2 -14.44 1.13 9.69
C PRO B 2 -14.45 0.51 8.29
N ILE B 3 -15.04 1.24 7.36
CA ILE B 3 -15.05 0.87 5.96
C ILE B 3 -15.09 2.14 5.10
N THR B 4 -13.98 2.39 4.40
CA THR B 4 -13.85 3.60 3.60
C THR B 4 -14.88 3.65 2.47
N SER B 5 -15.32 2.48 2.03
CA SER B 5 -16.25 2.35 0.90
C SER B 5 -15.61 2.86 -0.39
N LYS B 6 -15.55 4.18 -0.54
CA LYS B 6 -14.94 4.81 -1.70
C LYS B 6 -15.04 6.33 -1.59
N TYR B 7 -16.04 6.80 -0.83
CA TYR B 7 -16.29 8.24 -0.68
C TYR B 7 -16.63 8.87 -2.03
N THR B 8 -16.39 10.16 -2.17
CA THR B 8 -16.57 10.85 -3.43
C THR B 8 -15.64 10.24 -4.48
N ASP B 9 -16.22 9.56 -5.47
CA ASP B 9 -15.45 8.76 -6.42
C ASP B 9 -14.52 9.62 -7.28
N GLU B 10 -15.00 10.79 -7.71
CA GLU B 10 -14.16 11.68 -8.51
C GLU B 10 -13.07 12.29 -7.63
N GLN B 11 -13.41 12.59 -6.39
CA GLN B 11 -12.47 13.21 -5.46
C GLN B 11 -11.25 12.31 -5.25
N VAL B 12 -11.52 11.03 -5.01
CA VAL B 12 -10.44 10.05 -4.84
C VAL B 12 -9.59 9.98 -6.09
N GLU B 13 -10.26 9.94 -7.24
CA GLU B 13 -9.58 9.91 -8.54
C GLU B 13 -8.62 11.10 -8.65
N LYS B 14 -9.10 12.27 -8.29
CA LYS B 14 -8.32 13.49 -8.36
C LYS B 14 -7.13 13.45 -7.40
N ILE B 15 -7.36 12.98 -6.18
CA ILE B 15 -6.29 12.87 -5.21
C ILE B 15 -5.23 11.88 -5.69
N LEU B 16 -5.70 10.76 -6.25
CA LEU B 16 -4.80 9.76 -6.83
C LEU B 16 -3.97 10.38 -7.94
N ALA B 17 -4.62 11.18 -8.77
CA ALA B 17 -3.95 11.87 -9.87
C ALA B 17 -2.88 12.83 -9.34
N GLU B 18 -3.23 13.56 -8.28
CA GLU B 18 -2.29 14.49 -7.65
C GLU B 18 -1.09 13.73 -7.08
N VAL B 19 -1.36 12.65 -6.36
CA VAL B 19 -0.31 11.80 -5.82
C VAL B 19 0.57 11.26 -6.94
N ALA B 20 -0.07 10.77 -8.00
CA ALA B 20 0.64 10.27 -9.18
C ALA B 20 1.50 11.35 -9.81
N LEU B 21 1.01 12.58 -9.80
CA LEU B 21 1.77 13.70 -10.33
C LEU B 21 2.97 14.02 -9.44
N VAL B 22 2.84 13.79 -8.14
CA VAL B 22 3.96 13.96 -7.22
C VAL B 22 5.04 12.95 -7.57
N LEU B 23 4.60 11.73 -7.90
CA LEU B 23 5.50 10.68 -8.35
C LEU B 23 6.19 11.09 -9.64
N GLU B 24 5.39 11.46 -10.62
CA GLU B 24 5.87 11.86 -11.94
C GLU B 24 6.80 13.08 -11.84
N LYS B 25 6.46 13.99 -10.92
CA LYS B 25 7.21 15.22 -10.71
C LYS B 25 8.60 14.92 -10.14
N HIS B 26 8.74 13.79 -9.47
CA HIS B 26 10.03 13.41 -8.88
C HIS B 26 10.64 12.23 -9.60
N ALA B 27 10.07 11.88 -10.76
CA ALA B 27 10.56 10.78 -11.58
C ALA B 27 10.54 9.46 -10.81
N ALA B 28 9.41 9.19 -10.16
CA ALA B 28 9.25 7.95 -9.41
C ALA B 28 8.76 6.83 -10.30
N SER B 29 9.59 5.82 -10.48
CA SER B 29 9.24 4.66 -11.29
C SER B 29 8.15 3.84 -10.60
N PRO B 30 7.44 2.96 -11.35
CA PRO B 30 6.34 2.14 -10.82
C PRO B 30 6.72 1.34 -9.56
N GLU B 31 7.91 0.77 -9.55
CA GLU B 31 8.34 -0.05 -8.43
C GLU B 31 8.58 0.80 -7.19
N LEU B 32 9.17 1.97 -7.37
CA LEU B 32 9.31 2.95 -6.31
C LEU B 32 7.94 3.42 -5.84
N THR B 33 7.06 3.63 -6.81
CA THR B 33 5.68 4.02 -6.55
C THR B 33 5.00 3.05 -5.58
N LEU B 34 5.15 1.75 -5.86
CA LEU B 34 4.52 0.72 -5.05
C LEU B 34 5.18 0.66 -3.67
N MET B 35 6.49 0.86 -3.62
CA MET B 35 7.21 0.89 -2.34
C MET B 35 6.75 2.10 -1.53
N ILE B 36 6.41 3.18 -2.22
CA ILE B 36 5.85 4.36 -1.60
C ILE B 36 4.50 4.06 -0.96
N ALA B 37 3.67 3.30 -1.68
CA ALA B 37 2.37 2.89 -1.16
C ALA B 37 2.53 2.09 0.13
N GLY B 38 3.56 1.25 0.16
CA GLY B 38 3.88 0.49 1.34
C GLY B 38 4.23 1.39 2.51
N ASN B 39 5.01 2.42 2.24
CA ASN B 39 5.38 3.40 3.25
C ASN B 39 4.14 4.09 3.80
N ILE B 40 3.22 4.47 2.90
CA ILE B 40 1.97 5.10 3.28
C ILE B 40 1.19 4.20 4.25
N ALA B 41 0.87 3.00 3.80
CA ALA B 41 0.10 2.05 4.60
C ALA B 41 0.75 1.79 5.95
N THR B 42 2.05 1.51 5.93
CA THR B 42 2.79 1.19 7.15
C THR B 42 2.75 2.36 8.14
N ASN B 43 2.98 3.58 7.64
CA ASN B 43 2.97 4.75 8.50
C ASN B 43 1.58 5.00 9.08
N VAL B 44 0.55 4.71 8.29
CA VAL B 44 -0.82 4.82 8.76
C VAL B 44 -1.08 3.82 9.90
N LEU B 45 -0.60 2.60 9.71
CA LEU B 45 -0.75 1.56 10.71
C LEU B 45 -0.03 1.91 12.00
N ASN B 46 1.03 2.70 11.88
CA ASN B 46 1.79 3.13 13.04
C ASN B 46 1.02 4.19 13.84
N GLN B 47 0.49 5.20 13.16
CA GLN B 47 -0.11 6.32 13.86
C GLN B 47 -1.61 6.46 13.60
N ARG B 48 -2.00 6.68 12.34
CA ARG B 48 -3.38 7.03 12.01
C ARG B 48 -4.28 5.82 11.83
N VAL B 49 -4.40 5.00 12.87
CA VAL B 49 -5.35 3.90 12.89
C VAL B 49 -5.49 3.36 14.31
N ALA B 50 -6.65 2.80 14.62
CA ALA B 50 -6.89 2.24 15.94
C ALA B 50 -5.92 1.10 16.24
N ALA B 51 -5.32 1.15 17.43
CA ALA B 51 -4.34 0.15 17.86
C ALA B 51 -4.85 -1.27 17.69
N SER B 52 -6.09 -1.52 18.11
CA SER B 52 -6.67 -2.86 18.04
C SER B 52 -7.08 -3.21 16.60
N GLN B 53 -7.12 -2.21 15.74
CA GLN B 53 -7.55 -2.43 14.36
C GLN B 53 -6.34 -2.62 13.45
N ARG B 54 -5.16 -2.25 13.96
CA ARG B 54 -3.93 -2.22 13.17
C ARG B 54 -3.69 -3.50 12.37
N LYS B 55 -3.66 -4.64 13.04
CA LYS B 55 -3.33 -5.89 12.36
C LYS B 55 -4.51 -6.40 11.54
N LEU B 56 -5.72 -6.17 12.04
CA LEU B 56 -6.93 -6.61 11.35
C LEU B 56 -7.08 -5.86 10.03
N ILE B 57 -6.91 -4.55 10.09
CA ILE B 57 -7.10 -3.70 8.91
C ILE B 57 -5.96 -3.91 7.90
N ALA B 58 -4.78 -4.31 8.41
CA ALA B 58 -3.67 -4.62 7.54
C ALA B 58 -3.92 -5.93 6.78
N GLU B 59 -4.52 -6.88 7.48
CA GLU B 59 -4.93 -8.14 6.87
C GLU B 59 -6.01 -7.86 5.84
N LYS B 60 -6.99 -7.05 6.24
CA LYS B 60 -8.08 -6.63 5.38
C LYS B 60 -7.55 -5.92 4.13
N PHE B 61 -6.49 -5.15 4.32
CA PHE B 61 -5.83 -4.44 3.23
C PHE B 61 -5.13 -5.43 2.29
N ALA B 62 -4.38 -6.36 2.86
CA ALA B 62 -3.64 -7.34 2.09
C ALA B 62 -4.58 -8.19 1.23
N GLN B 63 -5.69 -8.62 1.83
CA GLN B 63 -6.66 -9.42 1.10
C GLN B 63 -7.33 -8.60 0.02
N ALA B 64 -7.52 -7.31 0.28
CA ALA B 64 -8.09 -6.40 -0.71
C ALA B 64 -7.20 -6.34 -1.95
N LEU B 65 -5.89 -6.31 -1.72
CA LEU B 65 -4.92 -6.31 -2.81
C LEU B 65 -5.02 -7.59 -3.64
N MET B 66 -5.12 -8.72 -2.96
CA MET B 66 -5.15 -10.02 -3.63
C MET B 66 -6.46 -10.24 -4.37
N SER B 67 -7.53 -9.65 -3.87
CA SER B 67 -8.85 -9.79 -4.48
C SER B 67 -9.03 -8.79 -5.61
N SER B 68 -8.31 -7.67 -5.55
CA SER B 68 -8.35 -6.66 -6.60
C SER B 68 -7.24 -6.89 -7.60
N LEU B 69 -6.47 -7.96 -7.37
CA LEU B 69 -5.38 -8.33 -8.24
C LEU B 69 -5.93 -8.92 -9.54
N GLU B 70 -5.67 -8.25 -10.64
CA GLU B 70 -6.21 -8.66 -11.93
C GLU B 70 -5.48 -9.86 -12.49
N THR B 71 -6.05 -11.03 -12.27
CA THR B 71 -5.57 -12.24 -12.91
C THR B 71 -5.88 -12.17 -14.42
N PRO B 72 -4.98 -12.67 -15.27
CA PRO B 72 -5.16 -12.66 -16.72
C PRO B 72 -6.45 -13.36 -17.14
N LYS B 73 -7.43 -12.57 -17.54
CA LYS B 73 -8.73 -13.10 -17.92
C LYS B 73 -8.80 -13.29 -19.43
N THR B 74 -9.51 -14.35 -19.80
CA THR B 74 -9.62 -14.74 -21.19
C THR B 74 -10.46 -13.74 -21.99
N HIS B 75 -9.85 -13.17 -23.02
CA HIS B 75 -10.55 -12.26 -23.91
C HIS B 75 -11.25 -13.04 -25.02
N LEU B 76 -12.53 -12.76 -25.23
CA LEU B 76 -13.31 -13.41 -26.26
C LEU B 76 -12.76 -13.07 -27.64
N GLU B 77 -12.21 -11.87 -27.74
CA GLU B 77 -11.64 -11.39 -28.98
C GLU B 77 -10.20 -11.84 -29.15
N HIS B 78 -9.85 -12.99 -28.57
CA HIS B 78 -8.52 -13.56 -28.70
C HIS B 78 -8.20 -13.87 -30.16
N HIS B 79 -9.23 -14.20 -30.92
CA HIS B 79 -9.07 -14.41 -32.35
C HIS B 79 -9.26 -13.09 -33.09
N HIS B 80 -8.15 -12.49 -33.47
CA HIS B 80 -8.17 -11.18 -34.09
C HIS B 80 -7.48 -11.21 -35.44
N HIS B 81 -7.44 -10.06 -36.12
CA HIS B 81 -6.74 -9.95 -37.39
C HIS B 81 -5.38 -9.34 -37.17
N HIS B 82 -4.48 -9.56 -38.12
CA HIS B 82 -3.14 -9.00 -38.04
C HIS B 82 -2.51 -8.98 -39.42
N HIS B 83 -1.89 -7.86 -39.77
CA HIS B 83 -1.22 -7.73 -41.06
C HIS B 83 0.20 -8.27 -40.95
N MET A 1 12.11 -7.65 -14.56
CA MET A 1 12.00 -7.83 -13.10
C MET A 1 12.46 -6.57 -12.38
N PRO A 2 11.51 -5.80 -11.81
CA PRO A 2 11.83 -4.63 -11.00
C PRO A 2 12.55 -5.04 -9.72
N ILE A 3 13.82 -4.70 -9.64
CA ILE A 3 14.63 -5.03 -8.47
C ILE A 3 14.44 -3.98 -7.38
N THR A 4 14.26 -4.44 -6.15
CA THR A 4 14.04 -3.56 -5.02
C THR A 4 15.33 -2.88 -4.57
N SER A 5 15.20 -1.62 -4.23
CA SER A 5 16.30 -0.86 -3.67
C SER A 5 15.73 0.13 -2.66
N LYS A 6 16.57 0.62 -1.76
CA LYS A 6 16.13 1.59 -0.78
C LYS A 6 16.25 3.00 -1.32
N TYR A 7 16.93 3.12 -2.47
CA TYR A 7 17.09 4.40 -3.17
C TYR A 7 17.71 5.44 -2.25
N THR A 8 17.39 6.70 -2.52
CA THR A 8 17.84 7.79 -1.67
C THR A 8 16.82 8.02 -0.56
N ASP A 9 17.31 8.12 0.68
CA ASP A 9 16.44 8.24 1.85
C ASP A 9 15.46 9.40 1.71
N GLU A 10 16.00 10.60 1.57
CA GLU A 10 15.18 11.79 1.44
C GLU A 10 14.36 11.76 0.17
N GLN A 11 14.86 11.07 -0.86
CA GLN A 11 14.12 10.94 -2.11
C GLN A 11 12.78 10.27 -1.82
N VAL A 12 12.83 9.15 -1.13
CA VAL A 12 11.63 8.42 -0.75
C VAL A 12 10.79 9.25 0.23
N GLU A 13 11.43 9.73 1.27
CA GLU A 13 10.74 10.41 2.38
C GLU A 13 10.09 11.72 1.92
N LYS A 14 10.76 12.45 1.04
CA LYS A 14 10.24 13.74 0.59
C LYS A 14 9.12 13.56 -0.42
N ILE A 15 9.20 12.49 -1.21
CA ILE A 15 8.08 12.13 -2.09
C ILE A 15 6.88 11.75 -1.24
N LEU A 16 7.14 10.99 -0.17
CA LEU A 16 6.11 10.65 0.80
C LEU A 16 5.47 11.92 1.36
N ALA A 17 6.32 12.87 1.73
CA ALA A 17 5.86 14.13 2.31
C ALA A 17 4.96 14.89 1.34
N GLU A 18 5.30 14.88 0.06
CA GLU A 18 4.48 15.54 -0.96
C GLU A 18 3.13 14.82 -1.10
N VAL A 19 3.17 13.49 -1.14
CA VAL A 19 1.95 12.70 -1.20
C VAL A 19 1.09 12.97 0.02
N ALA A 20 1.71 12.96 1.19
CA ALA A 20 1.03 13.24 2.45
C ALA A 20 0.44 14.64 2.45
N LEU A 21 1.14 15.57 1.79
CA LEU A 21 0.66 16.94 1.71
C LEU A 21 -0.58 17.01 0.83
N VAL A 22 -0.62 16.23 -0.25
CA VAL A 22 -1.79 16.19 -1.11
C VAL A 22 -2.98 15.66 -0.32
N LEU A 23 -2.70 14.72 0.56
CA LEU A 23 -3.70 14.18 1.46
C LEU A 23 -4.21 15.27 2.39
N GLU A 24 -3.29 15.96 3.05
CA GLU A 24 -3.64 17.04 3.96
C GLU A 24 -4.29 18.21 3.25
N LYS A 25 -3.81 18.51 2.04
CA LYS A 25 -4.40 19.53 1.18
C LYS A 25 -5.91 19.28 1.03
N HIS A 26 -6.28 18.03 0.86
CA HIS A 26 -7.68 17.66 0.69
C HIS A 26 -8.26 17.13 2.00
N ALA A 27 -7.49 17.24 3.07
CA ALA A 27 -7.89 16.80 4.41
C ALA A 27 -8.34 15.33 4.41
N ALA A 28 -7.61 14.51 3.66
CA ALA A 28 -7.93 13.09 3.53
C ALA A 28 -7.89 12.38 4.89
N SER A 29 -8.94 11.61 5.17
CA SER A 29 -9.03 10.86 6.41
C SER A 29 -8.15 9.61 6.36
N PRO A 30 -7.84 9.01 7.53
CA PRO A 30 -6.96 7.82 7.63
C PRO A 30 -7.32 6.71 6.65
N GLU A 31 -8.61 6.37 6.57
CA GLU A 31 -9.06 5.32 5.67
C GLU A 31 -8.76 5.68 4.22
N LEU A 32 -9.10 6.90 3.84
CA LEU A 32 -8.85 7.39 2.49
C LEU A 32 -7.36 7.34 2.17
N THR A 33 -6.54 7.70 3.16
CA THR A 33 -5.09 7.64 3.04
C THR A 33 -4.62 6.24 2.62
N LEU A 34 -5.05 5.25 3.38
CA LEU A 34 -4.62 3.87 3.16
C LEU A 34 -5.28 3.30 1.91
N MET A 35 -6.50 3.74 1.64
CA MET A 35 -7.22 3.34 0.42
C MET A 35 -6.43 3.77 -0.81
N ILE A 36 -5.90 4.97 -0.75
CA ILE A 36 -5.09 5.51 -1.83
C ILE A 36 -3.81 4.70 -2.02
N ALA A 37 -3.20 4.30 -0.90
CA ALA A 37 -2.03 3.44 -0.95
C ALA A 37 -2.35 2.13 -1.67
N GLY A 38 -3.55 1.60 -1.41
CA GLY A 38 -3.99 0.40 -2.08
C GLY A 38 -4.20 0.61 -3.57
N ASN A 39 -4.78 1.76 -3.91
CA ASN A 39 -4.96 2.14 -5.31
C ASN A 39 -3.62 2.24 -6.01
N ILE A 40 -2.63 2.79 -5.31
CA ILE A 40 -1.29 2.89 -5.87
C ILE A 40 -0.76 1.49 -6.19
N ALA A 41 -0.75 0.60 -5.20
CA ALA A 41 -0.26 -0.75 -5.39
C ALA A 41 -0.95 -1.44 -6.57
N THR A 42 -2.27 -1.42 -6.58
CA THR A 42 -3.04 -2.07 -7.63
C THR A 42 -2.75 -1.47 -9.00
N ASN A 43 -2.79 -0.14 -9.10
CA ASN A 43 -2.58 0.54 -10.37
C ASN A 43 -1.18 0.27 -10.92
N VAL A 44 -0.22 0.12 -10.01
CA VAL A 44 1.14 -0.26 -10.39
C VAL A 44 1.15 -1.68 -10.93
N LEU A 45 0.46 -2.57 -10.23
CA LEU A 45 0.35 -3.96 -10.66
C LEU A 45 -0.28 -4.04 -12.04
N ASN A 46 -1.40 -3.34 -12.21
CA ASN A 46 -2.16 -3.34 -13.46
C ASN A 46 -1.28 -3.00 -14.65
N GLN A 47 -0.66 -1.83 -14.61
CA GLN A 47 -0.01 -1.26 -15.79
C GLN A 47 1.49 -1.52 -15.85
N ARG A 48 2.18 -1.34 -14.73
CA ARG A 48 3.64 -1.27 -14.76
C ARG A 48 4.31 -2.61 -14.51
N VAL A 49 3.75 -3.44 -13.64
CA VAL A 49 4.43 -4.66 -13.26
C VAL A 49 4.02 -5.83 -14.16
N ALA A 50 4.93 -6.78 -14.32
CA ALA A 50 4.70 -7.93 -15.19
C ALA A 50 3.82 -8.97 -14.50
N ALA A 51 3.15 -9.80 -15.30
CA ALA A 51 2.29 -10.86 -14.78
C ALA A 51 3.07 -11.83 -13.91
N SER A 52 4.29 -12.15 -14.31
CA SER A 52 5.15 -13.04 -13.55
C SER A 52 5.50 -12.41 -12.20
N GLN A 53 5.57 -11.09 -12.17
CA GLN A 53 6.00 -10.38 -10.99
C GLN A 53 4.85 -10.19 -10.02
N ARG A 54 3.63 -10.27 -10.54
CA ARG A 54 2.41 -9.99 -9.78
C ARG A 54 2.43 -10.60 -8.38
N LYS A 55 2.54 -11.92 -8.31
CA LYS A 55 2.52 -12.63 -7.04
C LYS A 55 3.66 -12.17 -6.14
N LEU A 56 4.86 -12.14 -6.67
CA LEU A 56 6.05 -11.84 -5.90
C LEU A 56 6.06 -10.40 -5.39
N ILE A 57 5.76 -9.45 -6.26
CA ILE A 57 5.85 -8.05 -5.89
C ILE A 57 4.77 -7.69 -4.87
N ALA A 58 3.63 -8.37 -4.95
CA ALA A 58 2.56 -8.17 -4.00
C ALA A 58 2.96 -8.68 -2.61
N GLU A 59 3.64 -9.83 -2.58
CA GLU A 59 4.08 -10.39 -1.31
C GLU A 59 5.27 -9.61 -0.75
N LYS A 60 6.09 -9.07 -1.65
CA LYS A 60 7.14 -8.13 -1.25
C LYS A 60 6.54 -6.98 -0.45
N PHE A 61 5.45 -6.45 -0.98
CA PHE A 61 4.71 -5.38 -0.33
C PHE A 61 4.20 -5.84 1.04
N ALA A 62 3.50 -6.97 1.03
CA ALA A 62 2.87 -7.49 2.24
C ALA A 62 3.92 -7.81 3.32
N GLN A 63 5.03 -8.41 2.91
CA GLN A 63 6.08 -8.77 3.87
C GLN A 63 6.61 -7.54 4.58
N ALA A 64 7.03 -6.56 3.79
CA ALA A 64 7.57 -5.32 4.33
C ALA A 64 6.55 -4.65 5.24
N LEU A 65 5.28 -4.77 4.89
CA LEU A 65 4.21 -4.17 5.67
C LEU A 65 4.04 -4.91 7.01
N MET A 66 4.14 -6.23 6.98
CA MET A 66 4.00 -7.03 8.19
C MET A 66 5.25 -6.89 9.06
N SER A 67 6.39 -6.73 8.40
CA SER A 67 7.65 -6.53 9.10
C SER A 67 7.72 -5.15 9.73
N SER A 68 6.91 -4.23 9.22
CA SER A 68 6.86 -2.87 9.76
C SER A 68 5.58 -2.65 10.58
N LEU A 69 4.85 -3.74 10.80
CA LEU A 69 3.62 -3.69 11.58
C LEU A 69 3.95 -3.69 13.06
N GLU A 70 4.18 -2.51 13.60
CA GLU A 70 4.54 -2.37 15.01
C GLU A 70 3.37 -2.72 15.91
N THR A 71 3.39 -3.94 16.43
CA THR A 71 2.40 -4.41 17.37
C THR A 71 3.02 -4.52 18.77
N PRO A 72 2.34 -4.03 19.81
CA PRO A 72 2.84 -4.07 21.19
C PRO A 72 2.91 -5.48 21.79
N LYS A 73 3.27 -6.45 20.96
CA LYS A 73 3.42 -7.83 21.39
C LYS A 73 4.68 -8.43 20.78
N THR A 74 5.61 -7.56 20.41
CA THR A 74 6.89 -7.99 19.88
C THR A 74 7.67 -8.77 20.93
N HIS A 75 7.74 -8.20 22.13
CA HIS A 75 8.34 -8.86 23.28
C HIS A 75 7.48 -8.62 24.50
N LEU A 76 6.87 -9.68 25.02
CA LEU A 76 6.00 -9.59 26.17
C LEU A 76 6.72 -10.09 27.40
N GLU A 77 6.74 -9.27 28.45
CA GLU A 77 7.40 -9.66 29.68
C GLU A 77 6.44 -10.41 30.59
N HIS A 78 6.51 -11.73 30.55
CA HIS A 78 5.76 -12.55 31.49
C HIS A 78 6.66 -12.83 32.68
N HIS A 79 6.36 -12.17 33.79
CA HIS A 79 7.27 -12.10 34.93
C HIS A 79 7.67 -13.46 35.46
N HIS A 80 8.98 -13.68 35.47
CA HIS A 80 9.61 -14.85 36.09
C HIS A 80 9.34 -16.13 35.31
N HIS A 81 9.80 -17.24 35.85
CA HIS A 81 9.79 -18.50 35.12
C HIS A 81 8.68 -19.43 35.60
N HIS A 82 7.89 -19.93 34.65
CA HIS A 82 6.85 -20.90 34.94
C HIS A 82 7.10 -22.17 34.13
N HIS A 83 8.12 -22.12 33.31
CA HIS A 83 8.53 -23.27 32.49
C HIS A 83 9.97 -23.62 32.78
N MET B 1 -19.48 -5.81 -2.01
CA MET B 1 -19.57 -5.83 -0.53
C MET B 1 -19.10 -4.50 0.05
N PRO B 2 -19.79 -4.00 1.08
CA PRO B 2 -19.39 -2.76 1.76
C PRO B 2 -18.11 -2.93 2.56
N ILE B 3 -16.99 -2.59 1.93
CA ILE B 3 -15.69 -2.67 2.58
C ILE B 3 -14.92 -1.37 2.37
N THR B 4 -14.49 -0.77 3.48
CA THR B 4 -13.77 0.50 3.45
C THR B 4 -14.71 1.64 3.09
N SER B 5 -14.55 2.78 3.74
CA SER B 5 -15.40 3.94 3.48
C SER B 5 -15.25 4.39 2.02
N LYS B 6 -16.39 4.72 1.41
CA LYS B 6 -16.41 5.09 0.00
C LYS B 6 -15.93 6.53 -0.20
N TYR B 7 -16.37 7.44 0.67
CA TYR B 7 -16.09 8.86 0.53
C TYR B 7 -16.69 9.39 -0.77
N THR B 8 -16.21 10.54 -1.21
CA THR B 8 -16.59 11.06 -2.51
C THR B 8 -15.65 10.51 -3.57
N ASP B 9 -16.21 9.89 -4.62
CA ASP B 9 -15.40 9.23 -5.63
C ASP B 9 -14.54 10.24 -6.38
N GLU B 10 -15.09 11.44 -6.59
CA GLU B 10 -14.36 12.53 -7.24
C GLU B 10 -13.13 12.90 -6.42
N GLN B 11 -13.28 12.83 -5.10
CA GLN B 11 -12.21 13.14 -4.17
C GLN B 11 -11.08 12.14 -4.37
N VAL B 12 -11.39 10.86 -4.18
CA VAL B 12 -10.43 9.78 -4.33
C VAL B 12 -9.71 9.85 -5.68
N GLU B 13 -10.49 9.83 -6.75
CA GLU B 13 -9.98 9.81 -8.12
C GLU B 13 -8.93 10.89 -8.36
N LYS B 14 -9.28 12.12 -8.02
CA LYS B 14 -8.46 13.25 -8.41
C LYS B 14 -7.31 13.49 -7.43
N ILE B 15 -7.42 12.95 -6.22
CA ILE B 15 -6.29 12.95 -5.31
C ILE B 15 -5.25 11.97 -5.83
N LEU B 16 -5.73 10.83 -6.31
CA LEU B 16 -4.87 9.84 -6.95
C LEU B 16 -4.12 10.46 -8.12
N ALA B 17 -4.83 11.28 -8.89
CA ALA B 17 -4.24 11.97 -10.02
C ALA B 17 -3.07 12.85 -9.60
N GLU B 18 -3.26 13.63 -8.54
CA GLU B 18 -2.22 14.50 -8.03
C GLU B 18 -1.05 13.68 -7.46
N VAL B 19 -1.38 12.65 -6.68
CA VAL B 19 -0.36 11.79 -6.09
C VAL B 19 0.48 11.11 -7.17
N ALA B 20 -0.21 10.50 -8.14
CA ALA B 20 0.47 9.80 -9.22
C ALA B 20 1.30 10.76 -10.06
N LEU B 21 0.83 11.99 -10.18
CA LEU B 21 1.55 13.02 -10.94
C LEU B 21 2.88 13.32 -10.26
N VAL B 22 2.87 13.44 -8.94
CA VAL B 22 4.09 13.70 -8.18
C VAL B 22 5.09 12.56 -8.36
N LEU B 23 4.57 11.34 -8.35
CA LEU B 23 5.39 10.16 -8.53
C LEU B 23 5.99 10.13 -9.94
N GLU B 24 5.17 10.40 -10.93
CA GLU B 24 5.62 10.42 -12.31
C GLU B 24 6.60 11.56 -12.55
N LYS B 25 6.33 12.69 -11.89
CA LYS B 25 7.17 13.87 -12.00
C LYS B 25 8.57 13.60 -11.45
N HIS B 26 8.64 12.84 -10.37
CA HIS B 26 9.93 12.52 -9.75
C HIS B 26 10.54 11.28 -10.38
N ALA B 27 9.93 10.79 -11.46
CA ALA B 27 10.44 9.64 -12.20
C ALA B 27 10.49 8.39 -11.32
N ALA B 28 9.50 8.25 -10.45
CA ALA B 28 9.44 7.12 -9.54
C ALA B 28 9.19 5.83 -10.31
N SER B 29 10.18 4.94 -10.27
CA SER B 29 10.06 3.63 -10.89
C SER B 29 9.08 2.76 -10.08
N PRO B 30 8.42 1.77 -10.72
CA PRO B 30 7.48 0.86 -10.07
C PRO B 30 7.85 0.49 -8.63
N GLU B 31 9.06 0.00 -8.41
CA GLU B 31 9.52 -0.40 -7.07
C GLU B 31 9.41 0.77 -6.10
N LEU B 32 9.90 1.93 -6.51
CA LEU B 32 9.87 3.11 -5.67
C LEU B 32 8.43 3.52 -5.41
N THR B 33 7.62 3.57 -6.47
CA THR B 33 6.22 3.91 -6.38
C THR B 33 5.48 3.01 -5.39
N LEU B 34 5.66 1.71 -5.56
CA LEU B 34 4.96 0.73 -4.74
C LEU B 34 5.49 0.77 -3.32
N MET B 35 6.79 1.03 -3.17
CA MET B 35 7.38 1.15 -1.85
C MET B 35 6.87 2.43 -1.16
N ILE B 36 6.58 3.46 -1.96
CA ILE B 36 5.95 4.66 -1.43
C ILE B 36 4.62 4.30 -0.77
N ALA B 37 3.80 3.53 -1.49
CA ALA B 37 2.52 3.09 -0.97
C ALA B 37 2.70 2.23 0.29
N GLY B 38 3.76 1.42 0.29
CA GLY B 38 4.07 0.61 1.45
C GLY B 38 4.36 1.45 2.68
N ASN B 39 5.11 2.53 2.49
CA ASN B 39 5.40 3.47 3.57
C ASN B 39 4.12 4.12 4.05
N ILE B 40 3.26 4.50 3.10
CA ILE B 40 1.97 5.10 3.43
C ILE B 40 1.18 4.22 4.39
N ALA B 41 1.02 2.95 4.02
CA ALA B 41 0.30 2.00 4.84
C ALA B 41 0.97 1.85 6.20
N THR B 42 2.30 1.75 6.18
CA THR B 42 3.09 1.61 7.41
C THR B 42 2.85 2.80 8.35
N ASN B 43 2.95 4.01 7.81
CA ASN B 43 2.72 5.22 8.59
C ASN B 43 1.34 5.21 9.21
N VAL B 44 0.35 4.86 8.41
CA VAL B 44 -1.03 4.79 8.90
C VAL B 44 -1.16 3.75 10.00
N LEU B 45 -0.52 2.60 9.82
CA LEU B 45 -0.56 1.55 10.82
C LEU B 45 0.09 2.01 12.13
N ASN B 46 0.97 2.99 12.03
CA ASN B 46 1.64 3.53 13.21
C ASN B 46 0.85 4.69 13.83
N GLN B 47 0.41 5.63 13.00
CA GLN B 47 -0.10 6.91 13.50
C GLN B 47 -1.40 7.36 12.86
N ARG B 48 -2.21 6.44 12.39
CA ARG B 48 -3.49 6.82 11.78
C ARG B 48 -4.59 5.81 12.12
N VAL B 49 -4.22 4.54 12.19
CA VAL B 49 -5.18 3.47 12.46
C VAL B 49 -5.32 3.24 13.98
N ALA B 50 -6.49 2.75 14.38
CA ALA B 50 -6.74 2.42 15.78
C ALA B 50 -5.93 1.21 16.19
N ALA B 51 -5.60 1.13 17.48
CA ALA B 51 -4.82 0.01 18.01
C ALA B 51 -5.52 -1.32 17.77
N SER B 52 -6.81 -1.37 18.08
CA SER B 52 -7.58 -2.60 17.90
C SER B 52 -7.72 -2.92 16.41
N GLN B 53 -7.71 -1.87 15.59
CA GLN B 53 -7.90 -2.01 14.16
C GLN B 53 -6.57 -2.25 13.45
N ARG B 54 -5.49 -2.16 14.22
CA ARG B 54 -4.14 -2.12 13.66
C ARG B 54 -3.82 -3.38 12.85
N LYS B 55 -3.72 -4.53 13.51
CA LYS B 55 -3.40 -5.76 12.81
C LYS B 55 -4.58 -6.24 11.96
N LEU B 56 -5.79 -5.92 12.42
CA LEU B 56 -6.99 -6.33 11.71
C LEU B 56 -7.03 -5.68 10.33
N ILE B 57 -6.74 -4.39 10.28
CA ILE B 57 -6.76 -3.66 9.01
C ILE B 57 -5.56 -4.07 8.15
N ALA B 58 -4.49 -4.51 8.81
CA ALA B 58 -3.32 -5.02 8.11
C ALA B 58 -3.71 -6.23 7.27
N GLU B 59 -4.44 -7.15 7.89
CA GLU B 59 -4.95 -8.32 7.20
C GLU B 59 -6.00 -7.92 6.17
N LYS B 60 -6.92 -7.06 6.61
CA LYS B 60 -8.01 -6.57 5.76
C LYS B 60 -7.48 -5.98 4.45
N PHE B 61 -6.49 -5.11 4.57
CA PHE B 61 -5.92 -4.43 3.41
C PHE B 61 -5.14 -5.41 2.53
N ALA B 62 -4.28 -6.20 3.15
CA ALA B 62 -3.42 -7.13 2.41
C ALA B 62 -4.27 -8.13 1.63
N GLN B 63 -5.31 -8.66 2.26
CA GLN B 63 -6.18 -9.63 1.61
C GLN B 63 -6.97 -9.00 0.47
N ALA B 64 -7.39 -7.75 0.68
CA ALA B 64 -8.10 -7.01 -0.36
C ALA B 64 -7.18 -6.80 -1.57
N LEU B 65 -5.93 -6.48 -1.28
CA LEU B 65 -4.92 -6.28 -2.31
C LEU B 65 -4.70 -7.59 -3.08
N MET B 66 -4.66 -8.70 -2.36
CA MET B 66 -4.45 -10.02 -2.97
C MET B 66 -5.68 -10.48 -3.74
N SER B 67 -6.85 -10.05 -3.30
CA SER B 67 -8.07 -10.37 -4.02
C SER B 67 -8.15 -9.57 -5.32
N SER B 68 -7.45 -8.44 -5.34
CA SER B 68 -7.41 -7.58 -6.52
C SER B 68 -6.15 -7.85 -7.33
N LEU B 69 -5.43 -8.90 -6.95
CA LEU B 69 -4.19 -9.27 -7.63
C LEU B 69 -4.51 -9.88 -9.00
N GLU B 70 -4.25 -9.12 -10.05
CA GLU B 70 -4.48 -9.59 -11.40
C GLU B 70 -3.49 -10.69 -11.77
N THR B 71 -3.97 -11.92 -11.79
CA THR B 71 -3.17 -13.04 -12.25
C THR B 71 -3.91 -13.80 -13.35
N PRO B 72 -3.81 -13.30 -14.60
CA PRO B 72 -4.48 -13.90 -15.74
C PRO B 72 -3.59 -14.92 -16.45
N LYS B 73 -3.95 -16.18 -16.33
CA LYS B 73 -3.17 -17.27 -16.94
C LYS B 73 -3.56 -17.45 -18.40
N THR B 74 -4.36 -16.52 -18.92
CA THR B 74 -4.85 -16.58 -20.27
C THR B 74 -3.76 -16.27 -21.29
N HIS B 75 -3.23 -17.30 -21.91
CA HIS B 75 -2.26 -17.15 -22.98
C HIS B 75 -2.85 -17.75 -24.25
N LEU B 76 -4.11 -18.14 -24.16
CA LEU B 76 -4.83 -18.73 -25.28
C LEU B 76 -5.34 -17.63 -26.21
N GLU B 77 -5.18 -16.39 -25.78
CA GLU B 77 -5.58 -15.24 -26.57
C GLU B 77 -4.36 -14.44 -27.01
N HIS B 78 -4.48 -13.80 -28.16
CA HIS B 78 -3.40 -12.96 -28.68
C HIS B 78 -3.82 -11.50 -28.60
N HIS B 79 -2.92 -10.65 -28.11
CA HIS B 79 -3.16 -9.20 -27.93
C HIS B 79 -4.44 -8.90 -27.15
N HIS B 80 -4.91 -9.87 -26.38
CA HIS B 80 -6.03 -9.66 -25.45
C HIS B 80 -5.55 -9.96 -24.04
N HIS B 81 -4.25 -9.91 -23.88
CA HIS B 81 -3.60 -10.15 -22.60
C HIS B 81 -2.62 -9.01 -22.33
N HIS B 82 -2.99 -7.83 -22.83
CA HIS B 82 -2.14 -6.67 -22.82
C HIS B 82 -2.55 -5.72 -21.71
N HIS B 83 -1.59 -5.35 -20.86
CA HIS B 83 -1.86 -4.40 -19.80
C HIS B 83 -1.75 -2.97 -20.33
#